data_8DED
#
_entry.id   8DED
#
_cell.length_a   1.00
_cell.length_b   1.00
_cell.length_c   1.00
_cell.angle_alpha   90.00
_cell.angle_beta   90.00
_cell.angle_gamma   90.00
#
_symmetry.space_group_name_H-M   'P 1'
#
loop_
_entity.id
_entity.type
_entity.pdbx_description
1 polymer 'Spike glycoprotein E1'
2 polymer 'Spike glycoprotein E2'
3 polymer 'SKW19 Fab heavy chain'
4 polymer 'SKW19 Fab light chain'
#
loop_
_entity_poly.entity_id
_entity_poly.type
_entity_poly.pdbx_seq_one_letter_code
_entity_poly.pdbx_strand_id
1 'polypeptide(L)'
;FEHATTVPNVPGIPYKALVERAGYAPLNLEITVVSSELTPSTNKEYVTCRFHTVIPSPQVKCCGSLECKASSKADYTCRV
FGGVYPFMWGGAQCFCDSENTQLSEAYVEFAPDCTIDHAVALKVHTAALKVGLRIVYGNTTAHLDTFVNGVTPGSSRDLK
VIAGPISAAFSPFDHKVVIRKGLVYNYDFPEYGAMKPGAFGDIQASSLDATDIVARTDIRLLKPSVKNIHVPYTQAVSGY
EMWKNNSGRPLQETAPFGCKIEVEPLRASNCAYGHIPISIDIPDAAFVRSSESPTILEVSCTVADCIYSADFGGSLTLQY
KADREGHCPVHSHSTTAVLKEATTHVTAVGSITLHFSTSSPQANFIVSLCGKKTTCNAECKPPADHIIGEPHKVDQEFQA
AVSKTSWNWLLALFGGASSLIVVGLIVLVCSSMLINTRR
;
A,F,J
2 'polypeptide(L)'
;SITDDFTLTSPYLGFCPYCRHSAPCFSPIKIENVWDESDDGSIRIQVSAQFGYNQAGTADVTKFRYMSFDHDHDIKEDSM
DKIAISTSGPCRRLGHKGYFLLAQCPPGDSVTVSITSGASENSCTVEKKIRRKFVGREEYLFPPVHGKLVKCHVYDHLKE
TSAGYITMHRPGPHAYKSYLEEASGEVYIKPPSGKNVTYECKCGDYSTGIVSTRTKMNGCTKAKQCIAYKSDQTKWVFNS
PDLIRHTDHSVQGKLHIPFRLTPTVCPVPLAHTPTVTKWFKGITLHLTATRPTLLTTRKLGLRADATAEWITGTTSRNFS
VGREGLEYVWGNHEPVRVWAQESAPGDPHGWPHEIIIHYYHRHPVYTVIVLCGVALAILVGTASSAACIAKARRDCLTPY
ALAPNATVPTALAVLCCI
;
B,G,K
3 'polypeptide(L)'
;EVQLVESGGGLAKPGGSLRLSCAASGFTFSSYAMHWVRQAPGKGLEWVSVISSHYSTYYADSVKGRFTISRDNSKNTVSL
QVNSLRAEDTAVYYCAKVGRSGYCTASGCNALLFDWFDVWGPGVLVTVSSASTKGPSVFPLAPSSRSTSESTAALGCLVK
DYFPEPVTVSWNSGSLTSGVHTFPAVLQSSGLYSLSSVVTVPSSSLGTQTYVCNVNHKPSNTKVDKRVEIKTCGGLEVLF
Q
;
H,U
4 'polypeptide(L)'
;DVVMTQSPLSLPVTPGQPASISCRSSQSLVHSNGNTSLSWYQQKAGHPPRLLIYQVSNRYSGVPDRFSGTGAGTDFTLTI
SRVETEDVGVYYCGQGAHLPPAFGQGTKVEIKRTVAAPSVFIFPPSEDQVKSGTVSVVCLLNNFYPREASVKWKVDGALK
TGNSQESVTEQDSKDNTYSLSSTLTLSSTEYQSHKVYACEVTHQGLSSPVTKSFNRGEC
;
L,V
#
# COMPACT_ATOMS: atom_id res chain seq x y z
N PHE A 1 -27.64 -54.49 -51.21
CA PHE A 1 -26.58 -55.29 -50.61
C PHE A 1 -26.28 -54.82 -49.19
N GLU A 2 -25.81 -55.74 -48.35
CA GLU A 2 -25.44 -55.43 -46.97
C GLU A 2 -23.94 -55.61 -46.78
N HIS A 3 -23.31 -54.62 -46.14
CA HIS A 3 -21.92 -54.70 -45.71
C HIS A 3 -21.82 -54.30 -44.25
N ALA A 4 -21.01 -55.04 -43.49
CA ALA A 4 -20.76 -54.79 -42.08
C ALA A 4 -19.28 -54.54 -41.84
N THR A 5 -18.99 -53.62 -40.94
CA THR A 5 -17.62 -53.30 -40.54
C THR A 5 -17.69 -52.75 -39.12
N THR A 6 -16.55 -52.29 -38.61
CA THR A 6 -16.48 -51.65 -37.29
C THR A 6 -15.63 -50.39 -37.43
N VAL A 7 -16.29 -49.23 -37.31
CA VAL A 7 -15.62 -47.94 -37.43
C VAL A 7 -14.98 -47.59 -36.10
N PRO A 8 -13.92 -46.77 -36.06
CA PRO A 8 -13.42 -46.28 -34.77
C PRO A 8 -14.19 -45.04 -34.32
N ASN A 9 -14.64 -45.05 -33.07
CA ASN A 9 -15.43 -43.94 -32.53
C ASN A 9 -14.50 -42.77 -32.26
N VAL A 10 -14.23 -42.00 -33.31
CA VAL A 10 -13.48 -40.76 -33.21
C VAL A 10 -14.24 -39.73 -34.05
N PRO A 11 -14.71 -38.61 -33.47
CA PRO A 11 -15.46 -37.66 -34.28
C PRO A 11 -14.62 -37.04 -35.40
N GLY A 12 -15.27 -36.82 -36.54
CA GLY A 12 -14.71 -36.03 -37.61
C GLY A 12 -13.66 -36.72 -38.46
N ILE A 13 -13.27 -37.95 -38.14
CA ILE A 13 -12.20 -38.64 -38.88
C ILE A 13 -12.82 -39.46 -40.00
N PRO A 14 -12.35 -39.33 -41.24
CA PRO A 14 -12.82 -40.26 -42.28
C PRO A 14 -12.34 -41.68 -42.06
N TYR A 15 -13.20 -42.63 -42.42
CA TYR A 15 -12.84 -44.05 -42.42
C TYR A 15 -13.33 -44.66 -43.73
N LYS A 16 -12.39 -45.23 -44.49
CA LYS A 16 -12.63 -45.71 -45.84
C LYS A 16 -12.67 -47.24 -45.89
N ALA A 17 -13.48 -47.77 -46.80
CA ALA A 17 -13.39 -49.18 -47.19
C ALA A 17 -13.98 -49.35 -48.58
N LEU A 18 -13.94 -50.58 -49.08
CA LEU A 18 -14.32 -50.91 -50.44
C LEU A 18 -15.20 -52.16 -50.41
N VAL A 19 -16.49 -52.02 -50.69
CA VAL A 19 -17.34 -53.20 -50.83
C VAL A 19 -17.12 -53.80 -52.20
N GLU A 20 -16.84 -55.09 -52.25
CA GLU A 20 -16.55 -55.82 -53.48
C GLU A 20 -17.60 -56.90 -53.64
N ARG A 21 -18.69 -56.57 -54.32
CA ARG A 21 -19.71 -57.58 -54.58
C ARG A 21 -19.16 -58.63 -55.55
N ALA A 22 -19.89 -59.74 -55.66
CA ALA A 22 -19.33 -60.94 -56.28
C ALA A 22 -18.87 -60.70 -57.71
N GLY A 23 -19.67 -59.99 -58.50
CA GLY A 23 -19.32 -59.69 -59.87
C GLY A 23 -19.37 -58.21 -60.21
N TYR A 24 -20.00 -57.42 -59.33
CA TYR A 24 -20.22 -56.01 -59.61
C TYR A 24 -18.96 -55.20 -59.31
N ALA A 25 -18.94 -53.99 -59.86
CA ALA A 25 -17.77 -53.13 -59.72
C ALA A 25 -17.55 -52.79 -58.25
N PRO A 26 -16.30 -52.77 -57.76
CA PRO A 26 -16.08 -52.38 -56.36
C PRO A 26 -16.54 -50.96 -56.11
N LEU A 27 -17.16 -50.75 -54.95
CA LEU A 27 -17.77 -49.47 -54.60
C LEU A 27 -17.12 -48.92 -53.34
N ASN A 28 -16.66 -47.68 -53.43
CA ASN A 28 -16.07 -47.02 -52.28
C ASN A 28 -17.13 -46.75 -51.22
N LEU A 29 -16.69 -46.75 -49.96
CA LEU A 29 -17.52 -46.26 -48.88
C LEU A 29 -16.65 -45.45 -47.93
N GLU A 30 -17.15 -44.29 -47.54
CA GLU A 30 -16.45 -43.42 -46.60
C GLU A 30 -17.43 -42.89 -45.56
N ILE A 31 -17.06 -43.04 -44.28
CA ILE A 31 -17.90 -42.65 -43.16
C ILE A 31 -17.15 -41.67 -42.26
N THR A 32 -17.81 -40.57 -41.90
CA THR A 32 -17.34 -39.65 -40.88
C THR A 32 -18.35 -39.61 -39.74
N VAL A 33 -17.85 -39.70 -38.51
CA VAL A 33 -18.63 -39.41 -37.32
C VAL A 33 -18.62 -37.90 -37.12
N VAL A 34 -19.60 -37.20 -37.73
CA VAL A 34 -19.54 -35.74 -37.71
C VAL A 34 -19.78 -35.22 -36.30
N SER A 35 -20.64 -35.92 -35.53
CA SER A 35 -20.87 -35.54 -34.15
C SER A 35 -21.37 -36.74 -33.36
N SER A 36 -21.12 -36.71 -32.05
CA SER A 36 -21.61 -37.70 -31.11
C SER A 36 -22.16 -36.98 -29.89
N GLU A 37 -23.17 -37.57 -29.27
CA GLU A 37 -23.79 -36.99 -28.08
C GLU A 37 -24.13 -38.13 -27.12
N LEU A 38 -23.36 -38.25 -26.04
CA LEU A 38 -23.62 -39.23 -24.99
C LEU A 38 -24.51 -38.57 -23.94
N THR A 39 -25.81 -38.89 -23.98
CA THR A 39 -26.79 -38.30 -23.09
C THR A 39 -27.43 -39.38 -22.21
N PRO A 40 -27.41 -39.24 -20.87
CA PRO A 40 -28.18 -40.18 -20.03
C PRO A 40 -29.56 -39.66 -19.70
N SER A 41 -30.37 -40.51 -19.06
CA SER A 41 -31.68 -40.13 -18.55
C SER A 41 -31.52 -39.66 -17.11
N THR A 42 -32.03 -38.46 -16.82
CA THR A 42 -31.82 -37.82 -15.53
C THR A 42 -33.16 -37.45 -14.91
N ASN A 43 -33.18 -37.43 -13.58
CA ASN A 43 -34.34 -37.01 -12.80
C ASN A 43 -33.94 -35.90 -11.86
N LYS A 44 -34.83 -34.93 -11.68
CA LYS A 44 -34.56 -33.75 -10.87
C LYS A 44 -34.86 -34.07 -9.41
N GLU A 45 -33.81 -34.13 -8.59
CA GLU A 45 -34.00 -34.36 -7.17
C GLU A 45 -34.52 -33.10 -6.47
N TYR A 46 -33.77 -32.01 -6.55
CA TYR A 46 -34.19 -30.76 -5.93
C TYR A 46 -33.27 -29.65 -6.42
N VAL A 47 -33.56 -28.43 -5.95
CA VAL A 47 -32.75 -27.25 -6.19
C VAL A 47 -32.26 -26.74 -4.84
N THR A 48 -31.15 -26.03 -4.87
CA THR A 48 -30.61 -25.42 -3.66
C THR A 48 -29.94 -24.11 -4.04
N CYS A 49 -29.90 -23.21 -3.09
CA CYS A 49 -29.27 -21.91 -3.28
C CYS A 49 -28.99 -21.32 -1.90
N ARG A 50 -28.51 -20.07 -1.88
CA ARG A 50 -28.26 -19.40 -0.62
C ARG A 50 -29.59 -19.07 0.02
N PHE A 51 -29.86 -19.65 1.18
CA PHE A 51 -31.08 -19.32 1.86
C PHE A 51 -31.05 -17.85 2.28
N HIS A 52 -32.23 -17.25 2.33
CA HIS A 52 -32.45 -15.99 3.01
C HIS A 52 -33.13 -16.30 4.33
N THR A 53 -32.51 -15.90 5.43
CA THR A 53 -33.04 -16.15 6.77
C THR A 53 -34.04 -15.04 7.09
N VAL A 54 -35.33 -15.34 6.95
CA VAL A 54 -36.38 -14.39 7.25
C VAL A 54 -36.79 -14.56 8.70
N ILE A 55 -36.77 -13.47 9.44
CA ILE A 55 -37.15 -13.44 10.85
C ILE A 55 -38.42 -12.62 10.95
N PRO A 56 -39.57 -13.21 11.28
CA PRO A 56 -40.78 -12.38 11.46
C PRO A 56 -40.62 -11.40 12.60
N SER A 57 -41.48 -10.41 12.60
CA SER A 57 -41.48 -9.42 13.67
C SER A 57 -41.75 -10.09 15.01
N PRO A 58 -41.04 -9.74 16.08
CA PRO A 58 -41.27 -10.41 17.37
C PRO A 58 -42.62 -10.04 17.97
N GLN A 59 -43.04 -10.88 18.93
CA GLN A 59 -44.30 -10.72 19.64
C GLN A 59 -44.04 -10.69 21.13
N VAL A 60 -44.85 -9.93 21.85
CA VAL A 60 -44.78 -9.85 23.31
C VAL A 60 -46.19 -9.90 23.87
N LYS A 61 -46.40 -10.79 24.84
CA LYS A 61 -47.59 -10.78 25.69
C LYS A 61 -47.00 -10.48 27.07
N CYS A 62 -47.16 -9.26 27.51
CA CYS A 62 -46.23 -8.71 28.49
C CYS A 62 -46.54 -9.01 29.95
N CYS A 63 -47.74 -9.36 30.35
CA CYS A 63 -47.69 -10.25 31.50
C CYS A 63 -48.81 -11.26 31.38
N GLY A 64 -48.94 -11.86 30.20
CA GLY A 64 -49.74 -13.05 30.03
C GLY A 64 -48.85 -14.27 29.84
N SER A 65 -49.14 -15.10 28.85
CA SER A 65 -48.29 -16.23 28.54
C SER A 65 -48.43 -16.58 27.06
N LEU A 66 -47.31 -16.94 26.43
CA LEU A 66 -47.27 -17.34 25.04
C LEU A 66 -46.62 -18.70 24.92
N GLU A 67 -46.99 -19.42 23.86
CA GLU A 67 -46.46 -20.73 23.56
C GLU A 67 -45.98 -20.75 22.11
N CYS A 68 -44.94 -21.53 21.85
CA CYS A 68 -44.43 -21.67 20.49
C CYS A 68 -45.24 -22.74 19.75
N LYS A 69 -46.05 -22.30 18.79
CA LYS A 69 -46.82 -23.22 17.98
C LYS A 69 -45.91 -23.89 16.96
N ALA A 70 -46.48 -24.78 16.15
CA ALA A 70 -45.76 -25.50 15.11
C ALA A 70 -46.21 -24.99 13.76
N SER A 71 -45.26 -24.48 12.98
CA SER A 71 -45.49 -24.04 11.61
C SER A 71 -44.92 -25.07 10.64
N SER A 72 -45.16 -24.85 9.35
CA SER A 72 -44.69 -25.73 8.29
C SER A 72 -43.51 -25.15 7.53
N LYS A 73 -42.90 -24.09 8.04
CA LYS A 73 -41.87 -23.41 7.27
C LYS A 73 -40.55 -24.16 7.30
N ALA A 74 -39.71 -23.84 6.33
CA ALA A 74 -38.42 -24.50 6.18
C ALA A 74 -37.51 -24.19 7.36
N ASP A 75 -37.03 -25.24 8.04
CA ASP A 75 -36.19 -25.10 9.23
C ASP A 75 -36.81 -24.13 10.22
N TYR A 76 -38.13 -24.23 10.38
CA TYR A 76 -38.84 -23.33 11.27
C TYR A 76 -38.33 -23.49 12.69
N THR A 77 -38.14 -22.35 13.37
CA THR A 77 -37.70 -22.39 14.76
C THR A 77 -38.42 -21.29 15.53
N CYS A 78 -38.90 -21.64 16.71
CA CYS A 78 -39.60 -20.71 17.59
C CYS A 78 -39.27 -21.06 19.03
N ARG A 79 -39.28 -20.03 19.88
CA ARG A 79 -38.99 -20.21 21.30
C ARG A 79 -39.67 -19.09 22.08
N VAL A 80 -39.73 -19.29 23.40
CA VAL A 80 -40.43 -18.39 24.31
C VAL A 80 -39.50 -17.98 25.43
N PHE A 81 -39.59 -16.70 25.80
CA PHE A 81 -38.76 -16.13 26.85
C PHE A 81 -39.65 -15.43 27.87
N GLY A 82 -39.17 -15.36 29.10
CA GLY A 82 -39.91 -14.74 30.18
C GLY A 82 -39.67 -13.24 30.26
N GLY A 83 -39.26 -12.77 31.44
CA GLY A 83 -39.02 -11.36 31.68
C GLY A 83 -38.02 -10.73 30.72
N VAL A 84 -38.50 -9.81 29.88
CA VAL A 84 -37.66 -9.11 28.91
C VAL A 84 -37.78 -7.59 29.04
N TYR A 85 -39.01 -7.07 29.03
CA TYR A 85 -39.29 -5.65 29.23
C TYR A 85 -38.55 -4.83 28.17
N PRO A 86 -38.95 -4.94 26.92
CA PRO A 86 -38.14 -4.41 25.83
C PRO A 86 -38.52 -2.98 25.45
N PHE A 87 -37.52 -2.28 24.90
CA PHE A 87 -37.66 -0.91 24.45
C PHE A 87 -37.49 -0.87 22.94
N MET A 88 -38.27 -0.03 22.27
CA MET A 88 -38.03 0.22 20.84
C MET A 88 -37.75 1.70 20.56
N TRP A 89 -38.64 2.63 20.91
CA TRP A 89 -38.29 4.04 20.81
C TRP A 89 -38.80 4.91 21.95
N GLY A 90 -39.88 4.54 22.64
CA GLY A 90 -40.34 5.34 23.77
C GLY A 90 -39.58 5.08 25.05
N GLY A 91 -38.83 4.00 25.11
CA GLY A 91 -38.19 3.57 26.34
C GLY A 91 -39.02 2.62 27.18
N ALA A 92 -40.18 2.19 26.69
CA ALA A 92 -40.95 1.11 27.31
C ALA A 92 -42.09 0.73 26.37
N GLN A 93 -42.31 -0.57 26.18
CA GLN A 93 -43.41 -1.06 25.37
C GLN A 93 -44.30 -2.01 26.16
N CYS A 94 -44.37 -1.83 27.47
CA CYS A 94 -44.98 -2.88 28.25
C CYS A 94 -45.41 -2.39 29.63
N PHE A 95 -46.35 -3.11 30.25
CA PHE A 95 -46.86 -2.83 31.59
C PHE A 95 -46.66 -4.07 32.45
N CYS A 96 -46.58 -3.91 33.77
CA CYS A 96 -46.47 -5.08 34.63
C CYS A 96 -45.22 -5.89 34.32
N ASP A 97 -44.09 -5.25 34.65
CA ASP A 97 -42.79 -5.53 34.05
C ASP A 97 -42.34 -6.98 34.14
N SER A 98 -42.72 -7.71 35.17
CA SER A 98 -42.27 -9.08 35.33
C SER A 98 -43.16 -10.03 34.54
N GLU A 99 -42.74 -11.29 34.47
CA GLU A 99 -43.41 -12.37 33.73
C GLU A 99 -43.86 -11.91 32.35
N ASN A 100 -42.90 -11.57 31.48
CA ASN A 100 -43.10 -10.58 30.42
C ASN A 100 -43.00 -11.18 29.02
N THR A 101 -43.75 -12.25 28.77
CA THR A 101 -43.29 -13.25 27.81
C THR A 101 -43.14 -12.69 26.40
N GLN A 102 -42.12 -13.19 25.70
CA GLN A 102 -41.83 -12.86 24.32
C GLN A 102 -41.79 -14.14 23.51
N LEU A 103 -42.35 -14.08 22.31
CA LEU A 103 -42.28 -15.18 21.33
C LEU A 103 -41.29 -14.78 20.25
N SER A 104 -40.18 -15.52 20.16
CA SER A 104 -39.13 -15.25 19.19
C SER A 104 -39.16 -16.33 18.12
N GLU A 105 -39.20 -15.91 16.86
CA GLU A 105 -39.51 -16.78 15.73
C GLU A 105 -38.55 -16.49 14.59
N ALA A 106 -38.24 -17.52 13.81
CA ALA A 106 -37.42 -17.33 12.63
C ALA A 106 -37.51 -18.57 11.73
N TYR A 107 -37.27 -18.36 10.45
CA TYR A 107 -37.19 -19.47 9.50
C TYR A 107 -36.41 -18.98 8.28
N VAL A 108 -36.31 -19.86 7.28
CA VAL A 108 -35.51 -19.59 6.09
C VAL A 108 -36.36 -19.84 4.84
N GLU A 109 -35.94 -19.22 3.74
CA GLU A 109 -36.54 -19.44 2.44
C GLU A 109 -35.44 -19.23 1.39
N PHE A 110 -35.84 -19.14 0.13
CA PHE A 110 -34.89 -18.88 -0.95
C PHE A 110 -34.61 -17.39 -1.05
N ALA A 111 -33.34 -17.05 -1.29
CA ALA A 111 -32.99 -15.65 -1.49
C ALA A 111 -33.66 -15.13 -2.75
N PRO A 112 -34.01 -13.84 -2.80
CA PRO A 112 -34.83 -13.36 -3.92
C PRO A 112 -34.20 -13.53 -5.29
N ASP A 113 -32.87 -13.46 -5.39
CA ASP A 113 -32.19 -13.61 -6.67
C ASP A 113 -31.71 -15.05 -6.91
N CYS A 114 -32.24 -16.02 -6.17
CA CYS A 114 -31.87 -17.41 -6.38
C CYS A 114 -32.32 -17.94 -7.73
N THR A 115 -33.24 -17.24 -8.42
CA THR A 115 -33.81 -17.74 -9.65
C THR A 115 -32.77 -17.91 -10.76
N ILE A 116 -31.62 -17.24 -10.65
CA ILE A 116 -30.53 -17.40 -11.61
C ILE A 116 -29.35 -18.11 -10.99
N ASP A 117 -29.03 -17.79 -9.74
CA ASP A 117 -27.91 -18.39 -9.02
C ASP A 117 -28.48 -19.51 -8.16
N HIS A 118 -28.52 -20.72 -8.73
CA HIS A 118 -29.03 -21.89 -8.02
C HIS A 118 -28.42 -23.14 -8.62
N ALA A 119 -28.19 -24.13 -7.76
CA ALA A 119 -27.69 -25.45 -8.18
C ALA A 119 -28.84 -26.45 -8.21
N VAL A 120 -28.76 -27.38 -9.15
CA VAL A 120 -29.77 -28.42 -9.34
C VAL A 120 -29.09 -29.76 -9.12
N ALA A 121 -29.72 -30.61 -8.31
CA ALA A 121 -29.19 -31.93 -7.99
C ALA A 121 -29.89 -32.97 -8.87
N LEU A 122 -29.11 -33.74 -9.63
CA LEU A 122 -29.65 -34.74 -10.54
C LEU A 122 -29.01 -36.09 -10.28
N LYS A 123 -29.74 -37.15 -10.65
CA LYS A 123 -29.22 -38.51 -10.68
C LYS A 123 -29.36 -39.04 -12.09
N VAL A 124 -28.27 -39.54 -12.66
CA VAL A 124 -28.25 -40.01 -14.03
C VAL A 124 -28.41 -41.52 -14.04
N HIS A 125 -28.68 -42.07 -15.23
CA HIS A 125 -28.78 -43.51 -15.44
C HIS A 125 -27.88 -43.90 -16.60
N THR A 126 -28.04 -45.11 -17.13
CA THR A 126 -27.27 -45.56 -18.29
C THR A 126 -27.28 -44.50 -19.39
N ALA A 127 -26.10 -44.22 -19.92
CA ALA A 127 -25.92 -43.14 -20.88
C ALA A 127 -26.14 -43.66 -22.30
N ALA A 128 -27.14 -43.10 -22.98
CA ALA A 128 -27.43 -43.45 -24.36
C ALA A 128 -26.65 -42.53 -25.29
N LEU A 129 -25.96 -43.13 -26.26
CA LEU A 129 -25.12 -42.41 -27.20
C LEU A 129 -25.82 -42.35 -28.56
N LYS A 130 -25.92 -41.14 -29.11
CA LYS A 130 -26.47 -40.90 -30.43
C LYS A 130 -25.44 -40.14 -31.25
N VAL A 131 -25.28 -40.54 -32.52
CA VAL A 131 -24.21 -40.05 -33.36
C VAL A 131 -24.76 -39.56 -34.69
N GLY A 132 -24.23 -38.44 -35.17
CA GLY A 132 -24.46 -37.98 -36.52
C GLY A 132 -23.36 -38.52 -37.43
N LEU A 133 -23.77 -39.00 -38.60
CA LEU A 133 -22.90 -39.70 -39.54
C LEU A 133 -23.09 -39.13 -40.92
N ARG A 134 -21.97 -38.92 -41.62
CA ARG A 134 -21.99 -38.67 -43.06
C ARG A 134 -21.39 -39.88 -43.76
N ILE A 135 -22.18 -40.47 -44.65
CA ILE A 135 -21.75 -41.61 -45.46
C ILE A 135 -21.75 -41.17 -46.91
N VAL A 136 -20.64 -41.41 -47.62
CA VAL A 136 -20.59 -41.24 -49.06
C VAL A 136 -20.21 -42.57 -49.69
N TYR A 137 -21.05 -43.03 -50.62
CA TYR A 137 -20.84 -44.26 -51.37
C TYR A 137 -20.86 -43.90 -52.84
N GLY A 138 -19.79 -44.25 -53.55
CA GLY A 138 -19.72 -43.95 -54.97
C GLY A 138 -19.82 -42.46 -55.21
N ASN A 139 -20.98 -42.03 -55.72
CA ASN A 139 -21.24 -40.64 -56.01
C ASN A 139 -22.22 -39.98 -55.03
N THR A 140 -22.95 -40.77 -54.25
CA THR A 140 -24.04 -40.26 -53.42
C THR A 140 -23.63 -40.20 -51.96
N THR A 141 -23.86 -39.06 -51.32
CA THR A 141 -23.60 -38.88 -49.90
C THR A 141 -24.89 -38.54 -49.16
N ALA A 142 -24.87 -38.75 -47.84
CA ALA A 142 -26.04 -38.60 -47.01
C ALA A 142 -25.63 -38.36 -45.57
N HIS A 143 -26.40 -37.52 -44.88
CA HIS A 143 -26.24 -37.25 -43.45
C HIS A 143 -27.40 -37.87 -42.69
N LEU A 144 -27.12 -38.42 -41.51
CA LEU A 144 -28.19 -38.99 -40.71
C LEU A 144 -27.73 -39.17 -39.27
N ASP A 145 -28.67 -39.17 -38.35
CA ASP A 145 -28.41 -39.38 -36.93
C ASP A 145 -29.00 -40.72 -36.51
N THR A 146 -28.26 -41.46 -35.69
CA THR A 146 -28.66 -42.81 -35.31
C THR A 146 -28.20 -43.12 -33.88
N PHE A 147 -28.86 -44.09 -33.27
CA PHE A 147 -28.56 -44.54 -31.92
C PHE A 147 -27.66 -45.77 -32.00
N VAL A 148 -26.58 -45.75 -31.21
CA VAL A 148 -25.62 -46.85 -31.17
C VAL A 148 -26.13 -47.83 -30.12
N ASN A 149 -27.02 -48.73 -30.54
CA ASN A 149 -27.55 -49.78 -29.68
C ASN A 149 -27.64 -51.13 -30.35
N GLY A 150 -27.49 -51.21 -31.67
CA GLY A 150 -27.70 -52.44 -32.40
C GLY A 150 -29.15 -52.74 -32.74
N VAL A 151 -30.08 -51.85 -32.41
CA VAL A 151 -31.51 -52.10 -32.60
C VAL A 151 -32.17 -50.98 -33.40
N THR A 152 -31.86 -49.73 -33.08
CA THR A 152 -32.51 -48.59 -33.74
C THR A 152 -31.84 -48.27 -35.07
N PRO A 153 -32.54 -48.35 -36.21
CA PRO A 153 -31.90 -48.04 -37.49
C PRO A 153 -32.03 -46.57 -37.89
N GLY A 154 -30.97 -46.08 -38.53
CA GLY A 154 -30.97 -44.77 -39.16
C GLY A 154 -31.22 -44.91 -40.65
N SER A 155 -32.04 -44.02 -41.20
CA SER A 155 -32.48 -44.10 -42.59
C SER A 155 -32.29 -42.77 -43.30
N SER A 156 -31.77 -42.83 -44.53
CA SER A 156 -31.76 -41.70 -45.46
C SER A 156 -32.31 -42.17 -46.80
N ARG A 157 -33.64 -42.25 -46.90
CA ARG A 157 -34.44 -42.19 -48.13
C ARG A 157 -34.21 -43.33 -49.13
N ASP A 158 -33.04 -43.98 -49.09
CA ASP A 158 -32.83 -45.28 -49.69
C ASP A 158 -31.91 -46.14 -48.83
N LEU A 159 -31.20 -45.51 -47.88
CA LEU A 159 -30.14 -46.14 -47.13
C LEU A 159 -30.66 -46.46 -45.74
N LYS A 160 -30.45 -47.70 -45.30
CA LYS A 160 -30.72 -48.08 -43.92
C LYS A 160 -29.42 -48.59 -43.29
N VAL A 161 -29.17 -48.19 -42.05
CA VAL A 161 -27.95 -48.56 -41.35
C VAL A 161 -28.31 -48.87 -39.91
N ILE A 162 -27.57 -49.81 -39.32
CA ILE A 162 -27.71 -50.16 -37.92
C ILE A 162 -26.35 -50.08 -37.26
N ALA A 163 -26.33 -49.49 -36.07
CA ALA A 163 -25.10 -49.15 -35.37
C ALA A 163 -25.09 -49.80 -33.98
N GLY A 164 -23.89 -50.13 -33.52
CA GLY A 164 -23.68 -50.49 -32.14
C GLY A 164 -23.96 -51.94 -31.79
N PRO A 165 -23.90 -52.25 -30.48
CA PRO A 165 -23.59 -51.34 -29.35
C PRO A 165 -22.11 -51.00 -29.29
N ILE A 166 -21.75 -49.96 -28.53
CA ILE A 166 -20.36 -49.51 -28.40
C ILE A 166 -19.47 -50.68 -27.96
N SER A 167 -18.22 -50.68 -28.43
CA SER A 167 -17.29 -51.74 -28.03
C SER A 167 -17.06 -51.72 -26.53
N ALA A 168 -16.89 -50.54 -25.94
CA ALA A 168 -16.68 -50.37 -24.51
C ALA A 168 -17.63 -49.29 -24.00
N ALA A 169 -18.49 -49.65 -23.06
CA ALA A 169 -19.39 -48.68 -22.45
C ALA A 169 -18.60 -47.69 -21.59
N PHE A 170 -19.04 -46.44 -21.60
CA PHE A 170 -18.39 -45.40 -20.81
C PHE A 170 -19.41 -44.31 -20.52
N SER A 171 -19.17 -43.57 -19.44
CA SER A 171 -19.94 -42.38 -19.12
C SER A 171 -19.10 -41.45 -18.23
N PRO A 172 -18.85 -40.20 -18.62
CA PRO A 172 -18.09 -39.31 -17.73
C PRO A 172 -18.84 -38.97 -16.45
N PHE A 173 -20.14 -39.21 -16.40
CA PHE A 173 -20.97 -38.83 -15.26
C PHE A 173 -21.05 -39.98 -14.26
N ASP A 174 -20.90 -39.65 -12.98
CA ASP A 174 -21.15 -40.63 -11.93
C ASP A 174 -22.66 -40.74 -11.75
N HIS A 175 -23.09 -41.44 -10.68
CA HIS A 175 -24.52 -41.63 -10.47
C HIS A 175 -25.24 -40.30 -10.30
N LYS A 176 -24.68 -39.38 -9.50
CA LYS A 176 -25.38 -38.17 -9.11
C LYS A 176 -24.48 -36.96 -9.32
N VAL A 177 -25.04 -35.91 -9.93
CA VAL A 177 -24.30 -34.74 -10.39
C VAL A 177 -25.02 -33.47 -9.93
N VAL A 178 -24.30 -32.36 -10.04
CA VAL A 178 -24.82 -31.03 -9.70
C VAL A 178 -24.61 -30.11 -10.89
N ILE A 179 -25.65 -29.33 -11.21
CA ILE A 179 -25.67 -28.41 -12.35
C ILE A 179 -25.77 -26.99 -11.80
N ARG A 180 -24.93 -26.10 -12.31
CA ARG A 180 -24.90 -24.72 -11.85
C ARG A 180 -24.46 -23.83 -13.00
N LYS A 181 -25.39 -23.09 -13.60
CA LYS A 181 -25.07 -22.09 -14.62
C LYS A 181 -24.30 -22.71 -15.78
N GLY A 182 -24.68 -23.93 -16.16
CA GLY A 182 -24.01 -24.65 -17.22
C GLY A 182 -22.80 -25.44 -16.80
N LEU A 183 -22.35 -25.29 -15.55
CA LEU A 183 -21.22 -26.03 -15.03
C LEU A 183 -21.70 -27.30 -14.35
N VAL A 184 -20.93 -28.36 -14.50
CA VAL A 184 -21.31 -29.69 -14.07
C VAL A 184 -20.31 -30.16 -13.03
N TYR A 185 -20.77 -30.91 -12.02
CA TYR A 185 -19.89 -31.44 -10.98
C TYR A 185 -20.31 -32.85 -10.56
N ASN A 186 -19.34 -33.75 -10.36
CA ASN A 186 -19.60 -35.02 -9.68
C ASN A 186 -19.57 -34.82 -8.17
N TYR A 187 -20.61 -34.18 -7.67
CA TYR A 187 -20.74 -34.01 -6.23
C TYR A 187 -21.76 -35.01 -5.70
N ASP A 188 -21.36 -35.72 -4.65
CA ASP A 188 -22.25 -36.67 -3.98
C ASP A 188 -23.16 -35.88 -3.04
N PHE A 189 -24.16 -35.23 -3.64
CA PHE A 189 -25.05 -34.40 -2.84
C PHE A 189 -25.92 -35.28 -1.93
N PRO A 190 -26.35 -34.75 -0.78
CA PRO A 190 -27.23 -35.54 0.09
C PRO A 190 -28.58 -35.79 -0.57
N GLU A 191 -29.17 -36.94 -0.24
CA GLU A 191 -30.46 -37.29 -0.81
C GLU A 191 -31.54 -36.34 -0.30
N TYR A 192 -32.65 -36.28 -1.04
CA TYR A 192 -33.73 -35.36 -0.72
C TYR A 192 -34.26 -35.62 0.69
N GLY A 193 -34.47 -34.55 1.45
CA GLY A 193 -34.93 -34.65 2.81
C GLY A 193 -33.84 -34.88 3.85
N ALA A 194 -32.64 -35.23 3.42
CA ALA A 194 -31.50 -35.44 4.34
C ALA A 194 -30.61 -34.20 4.38
N MET A 195 -31.20 -33.07 4.77
CA MET A 195 -30.44 -31.83 4.88
C MET A 195 -29.48 -31.91 6.05
N LYS A 196 -28.24 -31.49 5.81
CA LYS A 196 -27.21 -31.39 6.84
C LYS A 196 -26.75 -29.92 6.88
N PRO A 197 -26.74 -29.27 8.04
CA PRO A 197 -26.38 -27.85 8.07
C PRO A 197 -24.92 -27.63 7.68
N GLY A 198 -24.66 -26.50 7.04
CA GLY A 198 -23.31 -26.16 6.64
C GLY A 198 -22.75 -26.96 5.50
N ALA A 199 -23.59 -27.73 4.79
CA ALA A 199 -23.17 -28.58 3.69
C ALA A 199 -24.10 -28.36 2.51
N PHE A 200 -23.64 -28.80 1.34
CA PHE A 200 -24.41 -28.60 0.12
C PHE A 200 -25.78 -29.26 0.23
N GLY A 201 -26.79 -28.59 -0.30
CA GLY A 201 -28.14 -29.08 -0.17
C GLY A 201 -28.73 -28.94 1.22
N ASP A 202 -28.19 -28.03 2.03
CA ASP A 202 -28.76 -27.78 3.35
C ASP A 202 -30.21 -27.29 3.24
N ILE A 203 -30.56 -26.64 2.14
CA ILE A 203 -31.94 -26.26 1.83
C ILE A 203 -32.31 -26.93 0.51
N GLN A 204 -33.47 -27.58 0.48
CA GLN A 204 -33.89 -28.37 -0.67
C GLN A 204 -35.34 -28.06 -1.01
N ALA A 205 -35.67 -28.23 -2.29
CA ALA A 205 -37.03 -28.04 -2.76
C ALA A 205 -37.17 -28.63 -4.16
N SER A 206 -38.40 -29.02 -4.50
CA SER A 206 -38.66 -29.58 -5.82
C SER A 206 -38.44 -28.55 -6.91
N SER A 207 -38.68 -27.26 -6.63
CA SER A 207 -38.57 -26.22 -7.63
C SER A 207 -38.28 -24.89 -6.93
N LEU A 208 -37.85 -23.90 -7.73
CA LEU A 208 -37.62 -22.57 -7.19
C LEU A 208 -38.90 -21.98 -6.61
N ASP A 209 -40.00 -22.11 -7.33
CA ASP A 209 -41.29 -21.59 -6.87
C ASP A 209 -42.02 -22.55 -5.93
N ALA A 210 -41.48 -23.74 -5.71
CA ALA A 210 -42.13 -24.71 -4.83
C ALA A 210 -42.25 -24.15 -3.42
N THR A 211 -43.43 -24.29 -2.83
CA THR A 211 -43.70 -23.81 -1.48
C THR A 211 -43.33 -24.82 -0.40
N ASP A 212 -42.98 -26.04 -0.76
CA ASP A 212 -42.58 -27.07 0.20
C ASP A 212 -41.07 -27.03 0.46
N ILE A 213 -40.57 -25.85 0.83
CA ILE A 213 -39.16 -25.70 1.14
C ILE A 213 -38.84 -26.48 2.41
N VAL A 214 -37.77 -27.27 2.36
CA VAL A 214 -37.28 -28.02 3.52
C VAL A 214 -35.81 -27.70 3.70
N ALA A 215 -35.41 -27.37 4.92
CA ALA A 215 -34.04 -26.98 5.20
C ALA A 215 -33.67 -27.40 6.62
N ARG A 216 -32.37 -27.56 6.86
CA ARG A 216 -31.81 -27.84 8.18
C ARG A 216 -30.50 -27.08 8.26
N THR A 217 -30.55 -25.86 8.79
CA THR A 217 -29.43 -24.94 8.82
C THR A 217 -28.81 -24.78 10.20
N ASP A 218 -29.28 -25.54 11.19
CA ASP A 218 -28.83 -25.41 12.57
C ASP A 218 -28.96 -23.97 13.05
N ILE A 219 -30.15 -23.41 12.81
CA ILE A 219 -30.49 -22.08 13.31
C ILE A 219 -31.01 -22.24 14.73
N ARG A 220 -30.41 -21.51 15.67
CA ARG A 220 -30.88 -21.50 17.05
C ARG A 220 -30.95 -20.06 17.54
N LEU A 221 -32.12 -19.67 18.03
CA LEU A 221 -32.32 -18.35 18.60
C LEU A 221 -31.69 -18.29 19.99
N LEU A 222 -31.34 -17.08 20.42
CA LEU A 222 -30.71 -16.82 21.71
C LEU A 222 -31.56 -15.86 22.52
N LYS A 223 -31.34 -15.86 23.84
CA LYS A 223 -32.10 -14.98 24.72
C LYS A 223 -31.67 -13.53 24.54
N PRO A 224 -32.62 -12.58 24.35
CA PRO A 224 -32.23 -11.17 24.24
C PRO A 224 -31.58 -10.72 25.52
N SER A 225 -30.58 -9.86 25.37
CA SER A 225 -29.79 -9.38 26.48
C SER A 225 -29.91 -7.88 26.66
N VAL A 226 -29.66 -7.11 25.60
CA VAL A 226 -29.73 -5.66 25.74
C VAL A 226 -31.19 -5.25 25.88
N LYS A 227 -31.40 -4.09 26.50
CA LYS A 227 -32.76 -3.67 26.86
C LYS A 227 -33.64 -3.49 25.63
N ASN A 228 -33.07 -2.96 24.55
CA ASN A 228 -33.87 -2.64 23.38
C ASN A 228 -34.38 -3.91 22.71
N ILE A 229 -35.54 -3.79 22.05
CA ILE A 229 -36.15 -4.94 21.42
C ILE A 229 -35.32 -5.38 20.22
N HIS A 230 -35.13 -6.69 20.10
CA HIS A 230 -34.46 -7.28 18.95
C HIS A 230 -34.65 -8.79 19.06
N VAL A 231 -34.05 -9.50 18.13
CA VAL A 231 -34.00 -10.97 18.15
C VAL A 231 -32.57 -11.40 17.87
N PRO A 232 -31.86 -11.99 18.84
CA PRO A 232 -30.55 -12.56 18.55
C PRO A 232 -30.65 -14.03 18.19
N TYR A 233 -29.73 -14.46 17.33
CA TYR A 233 -29.71 -15.85 16.89
C TYR A 233 -28.34 -16.17 16.33
N THR A 234 -28.06 -17.47 16.23
CA THR A 234 -26.85 -17.94 15.58
C THR A 234 -27.24 -19.07 14.62
N GLN A 235 -26.40 -19.28 13.62
CA GLN A 235 -26.77 -20.16 12.52
C GLN A 235 -25.54 -20.51 11.71
N ALA A 236 -25.57 -21.71 11.13
CA ALA A 236 -24.46 -22.17 10.31
C ALA A 236 -24.45 -21.44 8.97
N VAL A 237 -23.26 -21.37 8.36
CA VAL A 237 -23.09 -20.71 7.07
C VAL A 237 -23.91 -21.46 6.03
N SER A 238 -24.26 -20.79 4.94
CA SER A 238 -24.97 -21.43 3.84
C SER A 238 -24.04 -22.46 3.19
N GLY A 239 -24.41 -23.73 3.32
CA GLY A 239 -23.62 -24.81 2.74
C GLY A 239 -23.44 -24.68 1.25
N TYR A 240 -24.36 -23.99 0.59
CA TYR A 240 -24.23 -23.66 -0.82
C TYR A 240 -22.99 -22.83 -1.09
N GLU A 241 -22.81 -21.74 -0.36
CA GLU A 241 -21.63 -20.91 -0.52
C GLU A 241 -20.37 -21.68 -0.12
N MET A 242 -20.48 -22.55 0.89
CA MET A 242 -19.34 -23.36 1.29
C MET A 242 -18.92 -24.30 0.16
N TRP A 243 -19.90 -24.92 -0.51
CA TRP A 243 -19.60 -25.71 -1.69
C TRP A 243 -19.01 -24.84 -2.80
N LYS A 244 -19.53 -23.62 -2.95
CA LYS A 244 -19.06 -22.71 -3.98
C LYS A 244 -17.58 -22.42 -3.81
N ASN A 245 -17.16 -22.17 -2.58
CA ASN A 245 -15.75 -21.91 -2.32
C ASN A 245 -14.91 -23.15 -2.64
N ASN A 246 -15.44 -24.34 -2.37
CA ASN A 246 -14.74 -25.61 -2.55
C ASN A 246 -15.45 -26.49 -3.57
N SER A 247 -16.03 -25.88 -4.61
CA SER A 247 -16.71 -26.67 -5.63
C SER A 247 -15.70 -27.51 -6.43
N GLY A 248 -14.53 -26.96 -6.71
CA GLY A 248 -13.55 -27.65 -7.53
C GLY A 248 -13.82 -27.45 -9.01
N ARG A 249 -13.00 -28.10 -9.82
CA ARG A 249 -13.10 -27.92 -11.27
C ARG A 249 -14.28 -28.69 -11.83
N PRO A 250 -15.22 -28.05 -12.54
CA PRO A 250 -16.35 -28.79 -13.09
C PRO A 250 -15.93 -29.72 -14.22
N LEU A 251 -16.94 -30.43 -14.78
CA LEU A 251 -16.65 -31.52 -15.71
C LEU A 251 -16.29 -31.02 -17.09
N GLN A 252 -16.49 -29.73 -17.36
CA GLN A 252 -16.11 -29.19 -18.65
C GLN A 252 -14.61 -29.26 -18.89
N GLU A 253 -13.81 -29.50 -17.83
CA GLU A 253 -12.38 -29.72 -17.94
C GLU A 253 -11.92 -31.07 -17.40
N THR A 254 -12.79 -31.84 -16.74
CA THR A 254 -12.38 -33.06 -16.07
C THR A 254 -12.76 -34.34 -16.82
N ALA A 255 -13.77 -34.30 -17.68
CA ALA A 255 -14.21 -35.52 -18.36
C ALA A 255 -13.10 -36.03 -19.26
N PRO A 256 -12.67 -37.30 -19.13
CA PRO A 256 -11.61 -37.80 -20.02
C PRO A 256 -12.12 -38.01 -21.43
N PHE A 257 -11.24 -38.46 -22.33
CA PHE A 257 -11.50 -38.60 -23.75
C PHE A 257 -11.79 -37.26 -24.44
N GLY A 258 -11.54 -36.14 -23.76
CA GLY A 258 -11.59 -34.83 -24.41
C GLY A 258 -12.93 -34.48 -25.02
N CYS A 259 -14.02 -34.71 -24.31
CA CYS A 259 -15.36 -34.52 -24.88
C CYS A 259 -16.15 -33.53 -24.05
N LYS A 260 -16.93 -32.71 -24.76
CA LYS A 260 -17.40 -31.42 -24.27
C LYS A 260 -18.75 -31.58 -23.58
N ILE A 261 -18.83 -31.19 -22.31
CA ILE A 261 -20.06 -31.33 -21.55
C ILE A 261 -20.99 -30.16 -21.87
N GLU A 262 -22.25 -30.47 -22.14
CA GLU A 262 -23.26 -29.49 -22.49
C GLU A 262 -24.54 -29.83 -21.74
N VAL A 263 -25.33 -28.79 -21.43
CA VAL A 263 -26.50 -28.91 -20.57
C VAL A 263 -27.75 -28.53 -21.37
N GLU A 264 -28.92 -28.89 -20.82
CA GLU A 264 -30.25 -28.76 -21.43
C GLU A 264 -30.26 -29.31 -22.85
N PRO A 265 -30.22 -30.65 -23.01
CA PRO A 265 -30.10 -31.70 -21.99
C PRO A 265 -28.65 -31.96 -21.59
N LEU A 266 -28.41 -32.55 -20.42
CA LEU A 266 -27.07 -32.93 -20.04
C LEU A 266 -26.54 -34.01 -20.98
N ARG A 267 -25.32 -33.84 -21.45
CA ARG A 267 -24.72 -34.76 -22.40
C ARG A 267 -23.25 -34.42 -22.57
N ALA A 268 -22.51 -35.37 -23.16
CA ALA A 268 -21.12 -35.18 -23.56
C ALA A 268 -21.05 -35.32 -25.07
N SER A 269 -20.50 -34.31 -25.73
CA SER A 269 -20.48 -34.21 -27.18
C SER A 269 -19.07 -34.50 -27.71
N ASN A 270 -19.02 -35.20 -28.85
CA ASN A 270 -17.78 -35.48 -29.57
C ASN A 270 -16.79 -36.23 -28.67
N CYS A 271 -17.19 -37.44 -28.27
CA CYS A 271 -16.45 -38.20 -27.27
C CYS A 271 -15.88 -39.45 -27.93
N ALA A 272 -14.55 -39.43 -28.10
CA ALA A 272 -13.83 -40.45 -28.84
C ALA A 272 -13.40 -41.57 -27.88
N TYR A 273 -14.00 -42.75 -28.05
CA TYR A 273 -13.65 -43.92 -27.26
C TYR A 273 -14.32 -45.14 -27.87
N GLY A 274 -13.57 -46.22 -27.96
CA GLY A 274 -14.13 -47.47 -28.43
C GLY A 274 -14.38 -47.48 -29.94
N HIS A 275 -15.16 -48.47 -30.36
CA HIS A 275 -15.46 -48.69 -31.76
C HIS A 275 -16.94 -49.01 -31.91
N ILE A 276 -17.48 -48.70 -33.08
CA ILE A 276 -18.90 -48.89 -33.36
C ILE A 276 -19.02 -49.97 -34.44
N PRO A 277 -19.75 -51.07 -34.20
CA PRO A 277 -20.05 -52.00 -35.29
C PRO A 277 -21.20 -51.48 -36.14
N ILE A 278 -20.89 -51.10 -37.38
CA ILE A 278 -21.84 -50.47 -38.30
C ILE A 278 -22.11 -51.43 -39.44
N SER A 279 -23.39 -51.64 -39.76
CA SER A 279 -23.76 -52.42 -40.94
C SER A 279 -24.84 -51.69 -41.73
N ILE A 280 -24.62 -51.60 -43.05
CA ILE A 280 -25.41 -50.80 -43.98
C ILE A 280 -26.03 -51.76 -44.97
N ASP A 281 -27.30 -51.52 -45.34
CA ASP A 281 -27.87 -52.21 -46.51
C ASP A 281 -27.75 -51.28 -47.71
N ILE A 282 -26.66 -51.42 -48.44
CA ILE A 282 -26.37 -50.50 -49.55
C ILE A 282 -27.42 -50.73 -50.65
N PRO A 283 -28.09 -49.70 -51.16
CA PRO A 283 -29.03 -49.94 -52.27
C PRO A 283 -28.28 -50.47 -53.48
N ASP A 284 -28.90 -51.45 -54.16
CA ASP A 284 -28.25 -52.09 -55.30
C ASP A 284 -28.04 -51.12 -56.45
N ALA A 285 -28.91 -50.10 -56.56
CA ALA A 285 -28.74 -49.11 -57.63
C ALA A 285 -27.45 -48.32 -57.49
N ALA A 286 -26.87 -48.26 -56.28
CA ALA A 286 -25.61 -47.56 -56.10
C ALA A 286 -24.50 -48.24 -56.90
N PHE A 287 -24.48 -49.57 -56.93
CA PHE A 287 -23.46 -50.30 -57.66
C PHE A 287 -23.64 -50.12 -59.16
N VAL A 288 -22.57 -50.44 -59.90
CA VAL A 288 -22.57 -50.39 -61.36
C VAL A 288 -21.92 -51.67 -61.88
N ARG A 289 -22.49 -52.22 -62.96
CA ARG A 289 -21.98 -53.45 -63.54
C ARG A 289 -20.52 -53.28 -63.95
N SER A 290 -19.68 -54.25 -63.58
CA SER A 290 -18.25 -54.16 -63.82
C SER A 290 -17.92 -54.07 -65.31
N SER A 291 -18.80 -54.56 -66.18
CA SER A 291 -18.59 -54.41 -67.61
C SER A 291 -18.48 -52.94 -68.03
N GLU A 292 -19.08 -52.03 -67.27
CA GLU A 292 -18.98 -50.60 -67.54
C GLU A 292 -17.77 -49.96 -66.89
N SER A 293 -17.28 -50.52 -65.78
CA SER A 293 -16.09 -49.98 -65.14
C SER A 293 -14.89 -50.15 -66.08
N PRO A 294 -14.02 -49.15 -66.21
CA PRO A 294 -12.86 -49.31 -67.11
C PRO A 294 -11.83 -50.22 -66.47
N THR A 295 -11.61 -51.39 -67.07
CA THR A 295 -10.62 -52.31 -66.54
C THR A 295 -9.23 -51.80 -66.86
N ILE A 296 -8.38 -51.72 -65.84
CA ILE A 296 -7.02 -51.21 -66.00
C ILE A 296 -6.11 -52.37 -66.35
N LEU A 297 -5.42 -52.26 -67.50
CA LEU A 297 -4.68 -53.40 -68.04
C LEU A 297 -3.47 -53.73 -67.17
N GLU A 298 -2.77 -52.70 -66.71
CA GLU A 298 -1.59 -52.92 -65.87
C GLU A 298 -1.40 -51.68 -64.99
N VAL A 299 -0.81 -51.90 -63.82
CA VAL A 299 -0.45 -50.80 -62.94
C VAL A 299 0.86 -51.16 -62.23
N SER A 300 1.69 -50.15 -62.01
CA SER A 300 2.92 -50.28 -61.22
C SER A 300 2.95 -49.18 -60.18
N CYS A 301 3.22 -49.55 -58.93
CA CYS A 301 3.24 -48.61 -57.82
C CYS A 301 4.68 -48.20 -57.53
N THR A 302 4.92 -46.90 -57.36
CA THR A 302 6.20 -46.38 -56.91
C THR A 302 5.92 -45.40 -55.77
N VAL A 303 6.42 -45.72 -54.59
CA VAL A 303 6.18 -44.91 -53.40
C VAL A 303 7.16 -43.74 -53.41
N ALA A 304 6.64 -42.54 -53.24
CA ALA A 304 7.47 -41.34 -53.13
C ALA A 304 8.00 -41.25 -51.70
N ASP A 305 8.58 -40.10 -51.35
CA ASP A 305 9.00 -39.89 -49.97
C ASP A 305 7.81 -40.00 -49.05
N CYS A 306 7.92 -40.85 -48.04
CA CYS A 306 6.84 -41.09 -47.08
C CYS A 306 7.38 -41.00 -45.66
N ILE A 307 6.52 -40.49 -44.77
CA ILE A 307 6.85 -40.32 -43.36
C ILE A 307 5.63 -40.76 -42.57
N TYR A 308 5.83 -41.60 -41.56
CA TYR A 308 4.70 -42.09 -40.75
C TYR A 308 4.41 -41.04 -39.69
N SER A 309 3.36 -40.26 -39.95
CA SER A 309 2.93 -39.18 -39.08
C SER A 309 1.41 -39.21 -38.97
N ALA A 310 0.89 -38.41 -38.04
CA ALA A 310 -0.56 -38.33 -37.87
C ALA A 310 -1.26 -37.75 -39.10
N ASP A 311 -0.55 -36.95 -39.90
CA ASP A 311 -1.14 -36.31 -41.07
C ASP A 311 -0.86 -37.16 -42.31
N PHE A 312 -1.33 -36.67 -43.47
CA PHE A 312 -1.05 -37.33 -44.75
C PHE A 312 0.39 -37.07 -45.14
N GLY A 313 1.33 -37.70 -44.44
CA GLY A 313 2.74 -37.47 -44.63
C GLY A 313 3.40 -38.27 -45.72
N GLY A 314 2.66 -39.08 -46.46
CA GLY A 314 3.22 -39.90 -47.51
C GLY A 314 2.50 -39.69 -48.82
N SER A 315 3.21 -39.99 -49.92
CA SER A 315 2.65 -39.91 -51.24
C SER A 315 3.27 -40.99 -52.11
N LEU A 316 2.60 -41.29 -53.22
CA LEU A 316 3.01 -42.35 -54.13
C LEU A 316 2.46 -42.02 -55.51
N THR A 317 2.87 -42.79 -56.51
CA THR A 317 2.29 -42.65 -57.84
C THR A 317 2.15 -44.01 -58.49
N LEU A 318 1.00 -44.20 -59.14
CA LEU A 318 0.66 -45.41 -59.86
C LEU A 318 0.71 -45.11 -61.35
N GLN A 319 1.57 -45.83 -62.07
CA GLN A 319 1.66 -45.75 -63.53
C GLN A 319 0.76 -46.83 -64.11
N TYR A 320 -0.25 -46.42 -64.88
CA TYR A 320 -1.34 -47.32 -65.28
C TYR A 320 -1.53 -47.30 -66.79
N LYS A 321 -1.89 -48.46 -67.32
CA LYS A 321 -2.44 -48.62 -68.66
C LYS A 321 -3.83 -49.24 -68.52
N ALA A 322 -4.85 -48.50 -68.96
CA ALA A 322 -6.24 -48.94 -68.98
C ALA A 322 -6.77 -48.96 -70.41
N ASP A 323 -8.03 -49.34 -70.54
CA ASP A 323 -8.71 -49.41 -71.83
C ASP A 323 -9.66 -48.27 -72.09
N ARG A 324 -10.21 -47.65 -71.04
CA ARG A 324 -11.29 -46.69 -71.19
C ARG A 324 -11.14 -45.59 -70.15
N GLU A 325 -11.87 -44.51 -70.37
CA GLU A 325 -11.80 -43.33 -69.51
C GLU A 325 -12.95 -43.41 -68.50
N GLY A 326 -12.61 -43.40 -67.21
CA GLY A 326 -13.64 -43.51 -66.20
C GLY A 326 -13.23 -42.95 -64.84
N HIS A 327 -13.78 -43.54 -63.78
CA HIS A 327 -13.74 -43.00 -62.42
C HIS A 327 -13.36 -44.10 -61.42
N CYS A 328 -12.18 -44.71 -61.62
CA CYS A 328 -11.82 -45.87 -60.84
C CYS A 328 -11.80 -45.55 -59.34
N PRO A 329 -12.37 -46.40 -58.48
CA PRO A 329 -12.21 -46.20 -57.03
C PRO A 329 -10.91 -46.82 -56.55
N VAL A 330 -10.21 -46.08 -55.68
CA VAL A 330 -8.92 -46.50 -55.15
C VAL A 330 -9.06 -46.74 -53.65
N HIS A 331 -8.37 -47.76 -53.16
CA HIS A 331 -8.42 -48.12 -51.75
C HIS A 331 -7.09 -48.71 -51.32
N SER A 332 -6.79 -48.59 -50.03
CA SER A 332 -5.64 -49.24 -49.41
C SER A 332 -6.12 -50.45 -48.61
N HIS A 333 -5.55 -51.62 -48.89
CA HIS A 333 -5.97 -52.87 -48.27
C HIS A 333 -5.17 -53.21 -47.01
N SER A 334 -4.59 -52.22 -46.35
CA SER A 334 -3.87 -52.42 -45.10
C SER A 334 -4.53 -51.60 -43.99
N THR A 335 -4.40 -52.10 -42.76
CA THR A 335 -4.95 -51.43 -41.59
C THR A 335 -4.04 -50.35 -41.02
N THR A 336 -2.82 -50.20 -41.56
CA THR A 336 -1.84 -49.22 -41.09
C THR A 336 -1.55 -48.17 -42.17
N ALA A 337 -2.42 -48.04 -43.16
CA ALA A 337 -2.20 -47.02 -44.18
C ALA A 337 -3.55 -46.64 -44.77
N VAL A 338 -3.81 -45.33 -44.85
CA VAL A 338 -5.09 -44.81 -45.31
C VAL A 338 -4.83 -43.74 -46.36
N LEU A 339 -5.55 -43.83 -47.47
CA LEU A 339 -5.38 -42.88 -48.56
C LEU A 339 -6.08 -41.56 -48.25
N LYS A 340 -5.75 -40.54 -49.05
CA LYS A 340 -6.44 -39.27 -49.03
C LYS A 340 -7.53 -39.18 -50.08
N GLU A 341 -7.37 -39.90 -51.18
CA GLU A 341 -8.35 -39.96 -52.26
C GLU A 341 -9.11 -41.27 -52.18
N ALA A 342 -10.34 -41.25 -52.70
CA ALA A 342 -11.21 -42.42 -52.76
C ALA A 342 -11.45 -42.88 -54.18
N THR A 343 -11.75 -41.95 -55.09
CA THR A 343 -11.98 -42.23 -56.49
C THR A 343 -11.20 -41.23 -57.33
N THR A 344 -10.62 -41.72 -58.42
CA THR A 344 -9.83 -40.89 -59.33
C THR A 344 -10.28 -41.12 -60.76
N HIS A 345 -10.33 -40.04 -61.53
CA HIS A 345 -10.53 -40.18 -62.96
C HIS A 345 -9.32 -40.85 -63.58
N VAL A 346 -9.57 -41.76 -64.50
CA VAL A 346 -8.56 -42.63 -65.08
C VAL A 346 -8.67 -42.58 -66.59
N THR A 347 -7.53 -42.42 -67.25
CA THR A 347 -7.46 -42.41 -68.71
C THR A 347 -7.08 -43.80 -69.21
N ALA A 348 -6.88 -43.91 -70.52
CA ALA A 348 -6.42 -45.18 -71.10
C ALA A 348 -5.00 -45.48 -70.65
N VAL A 349 -4.15 -44.47 -70.58
CA VAL A 349 -2.77 -44.62 -70.10
C VAL A 349 -2.37 -43.33 -69.38
N GLY A 350 -1.58 -43.47 -68.32
CA GLY A 350 -1.10 -42.30 -67.61
C GLY A 350 -0.48 -42.66 -66.27
N SER A 351 -0.48 -41.68 -65.37
CA SER A 351 -0.08 -41.89 -63.99
C SER A 351 -0.90 -41.00 -63.07
N ILE A 352 -1.22 -41.52 -61.88
CA ILE A 352 -1.93 -40.77 -60.85
C ILE A 352 -1.07 -40.77 -59.59
N THR A 353 -0.84 -39.57 -59.05
CA THR A 353 -0.21 -39.44 -57.74
C THR A 353 -1.30 -39.40 -56.66
N LEU A 354 -0.98 -40.00 -55.52
CA LEU A 354 -1.92 -40.14 -54.42
C LEU A 354 -1.20 -39.82 -53.12
N HIS A 355 -1.99 -39.48 -52.10
CA HIS A 355 -1.51 -39.14 -50.77
C HIS A 355 -2.10 -40.09 -49.75
N PHE A 356 -1.32 -40.37 -48.69
CA PHE A 356 -1.71 -41.34 -47.69
C PHE A 356 -0.99 -41.05 -46.39
N SER A 357 -1.55 -41.60 -45.30
CA SER A 357 -1.01 -41.51 -43.96
C SER A 357 -0.82 -42.92 -43.41
N THR A 358 0.30 -43.13 -42.71
CA THR A 358 0.62 -44.43 -42.13
C THR A 358 1.25 -44.25 -40.76
N SER A 359 1.25 -45.33 -39.98
CA SER A 359 1.91 -45.38 -38.69
C SER A 359 3.13 -46.28 -38.66
N SER A 360 3.36 -47.10 -39.72
CA SER A 360 4.45 -48.05 -39.73
C SER A 360 5.72 -47.42 -40.30
N PRO A 361 6.91 -47.74 -39.77
CA PRO A 361 8.14 -47.24 -40.41
C PRO A 361 8.37 -47.82 -41.80
N GLN A 362 7.72 -48.94 -42.14
CA GLN A 362 7.82 -49.54 -43.46
C GLN A 362 6.45 -49.54 -44.10
N ALA A 363 6.35 -49.00 -45.32
CA ALA A 363 5.11 -48.94 -46.08
C ALA A 363 5.17 -50.07 -47.10
N ASN A 364 4.59 -51.22 -46.74
CA ASN A 364 4.65 -52.44 -47.54
C ASN A 364 3.24 -52.99 -47.76
N PHE A 365 2.35 -52.13 -48.22
CA PHE A 365 0.92 -52.43 -48.20
C PHE A 365 0.39 -52.65 -49.61
N ILE A 366 -0.92 -52.88 -49.70
CA ILE A 366 -1.59 -53.26 -50.95
C ILE A 366 -2.60 -52.18 -51.29
N VAL A 367 -2.60 -51.78 -52.57
CA VAL A 367 -3.52 -50.78 -53.08
C VAL A 367 -4.34 -51.40 -54.19
N SER A 368 -5.66 -51.16 -54.15
CA SER A 368 -6.58 -51.63 -55.19
C SER A 368 -7.09 -50.44 -55.99
N LEU A 369 -7.06 -50.58 -57.31
CA LEU A 369 -7.66 -49.62 -58.23
C LEU A 369 -8.54 -50.41 -59.20
N CYS A 370 -9.78 -49.94 -59.39
CA CYS A 370 -10.83 -50.70 -60.09
C CYS A 370 -10.75 -52.19 -59.75
N GLY A 371 -10.58 -52.47 -58.47
CA GLY A 371 -10.42 -53.84 -57.97
C GLY A 371 -9.00 -54.37 -57.88
N LYS A 372 -8.23 -54.30 -58.96
CA LYS A 372 -6.98 -55.04 -59.03
C LYS A 372 -5.93 -54.43 -58.12
N LYS A 373 -5.01 -55.28 -57.65
CA LYS A 373 -4.12 -54.99 -56.54
C LYS A 373 -2.70 -54.72 -57.00
N THR A 374 -1.94 -54.05 -56.13
CA THR A 374 -0.52 -53.84 -56.33
C THR A 374 0.14 -53.57 -54.98
N THR A 375 1.34 -54.10 -54.80
CA THR A 375 2.09 -53.88 -53.56
C THR A 375 2.93 -52.62 -53.68
N CYS A 376 2.77 -51.73 -52.71
CA CYS A 376 3.57 -50.52 -52.57
C CYS A 376 4.56 -50.75 -51.44
N ASN A 377 5.85 -50.69 -51.77
CA ASN A 377 6.95 -51.09 -50.90
C ASN A 377 7.94 -49.94 -50.77
N ALA A 378 8.22 -49.54 -49.53
CA ALA A 378 9.16 -48.45 -49.26
C ALA A 378 9.35 -48.33 -47.76
N GLU A 379 10.23 -47.40 -47.37
CA GLU A 379 10.56 -47.13 -45.97
C GLU A 379 10.07 -45.73 -45.62
N CYS A 380 9.36 -45.61 -44.50
CA CYS A 380 8.87 -44.34 -44.01
C CYS A 380 9.73 -43.87 -42.83
N LYS A 381 10.23 -42.65 -42.93
CA LYS A 381 11.12 -42.07 -41.94
C LYS A 381 10.35 -41.67 -40.68
N PRO A 382 11.00 -41.56 -39.53
CA PRO A 382 10.32 -41.02 -38.36
C PRO A 382 9.90 -39.58 -38.60
N PRO A 383 8.80 -39.14 -37.98
CA PRO A 383 8.33 -37.77 -38.23
C PRO A 383 9.37 -36.74 -37.80
N ALA A 384 9.56 -35.73 -38.64
CA ALA A 384 10.49 -34.65 -38.31
C ALA A 384 9.96 -33.81 -37.16
N ASP A 385 8.69 -33.42 -37.23
CA ASP A 385 8.08 -32.70 -36.13
C ASP A 385 7.70 -33.66 -35.01
N HIS A 386 7.56 -33.11 -33.80
CA HIS A 386 7.16 -33.88 -32.64
C HIS A 386 5.65 -33.88 -32.42
N ILE A 387 4.88 -33.21 -33.27
CA ILE A 387 3.47 -32.93 -33.00
C ILE A 387 2.74 -32.64 -34.31
N ILE A 388 1.41 -32.74 -34.24
CA ILE A 388 0.52 -31.98 -35.10
C ILE A 388 -0.78 -31.80 -34.33
N GLY A 389 -1.43 -30.66 -34.55
CA GLY A 389 -2.74 -30.43 -33.97
C GLY A 389 -3.84 -31.15 -34.73
N GLU A 390 -3.65 -32.46 -34.92
CA GLU A 390 -4.52 -33.28 -35.74
C GLU A 390 -4.39 -34.69 -35.18
N PRO A 391 -5.48 -35.36 -34.80
CA PRO A 391 -5.35 -36.70 -34.24
C PRO A 391 -4.81 -37.69 -35.25
N HIS A 392 -4.11 -38.70 -34.74
CA HIS A 392 -3.60 -39.76 -35.60
C HIS A 392 -4.75 -40.46 -36.31
N LYS A 393 -4.72 -40.41 -37.64
CA LYS A 393 -5.78 -41.01 -38.44
C LYS A 393 -5.71 -42.53 -38.47
N VAL A 394 -4.62 -43.12 -37.98
CA VAL A 394 -4.42 -44.56 -37.99
C VAL A 394 -3.78 -44.98 -36.68
N ASP A 395 -4.19 -46.14 -36.18
CA ASP A 395 -3.64 -46.67 -34.94
C ASP A 395 -2.22 -47.19 -35.15
N PRO B 11 -42.40 3.95 6.51
CA PRO B 11 -41.17 4.52 7.07
C PRO B 11 -40.91 4.09 8.51
N TYR B 12 -40.78 2.81 8.81
CA TYR B 12 -40.43 2.44 10.17
C TYR B 12 -38.99 2.84 10.49
N LEU B 13 -38.71 3.03 11.77
CA LEU B 13 -37.35 3.17 12.28
C LEU B 13 -37.02 1.91 13.06
N GLY B 14 -35.76 1.50 13.02
CA GLY B 14 -35.32 0.33 13.75
C GLY B 14 -33.91 0.47 14.33
N PHE B 15 -33.44 -0.66 14.86
CA PHE B 15 -32.30 -0.71 15.76
C PHE B 15 -31.03 -1.06 14.97
N CYS B 16 -30.34 -0.02 14.49
CA CYS B 16 -29.09 -0.24 13.79
C CYS B 16 -28.01 -0.67 14.79
N PRO B 17 -27.15 -1.64 14.45
CA PRO B 17 -26.06 -2.01 15.38
C PRO B 17 -25.02 -0.92 15.57
N TYR B 18 -24.85 -0.01 14.61
CA TYR B 18 -23.82 1.02 14.70
C TYR B 18 -24.40 2.32 14.15
N CYS B 19 -24.74 3.23 15.06
CA CYS B 19 -25.17 4.57 14.69
C CYS B 19 -23.93 5.41 14.40
N ARG B 20 -24.10 6.73 14.36
CA ARG B 20 -23.01 7.64 14.08
C ARG B 20 -21.80 7.41 14.99
N HIS B 21 -22.01 7.39 16.31
CA HIS B 21 -20.87 7.52 17.21
C HIS B 21 -20.17 6.20 17.53
N SER B 22 -20.78 5.34 18.35
CA SER B 22 -20.22 4.02 18.63
C SER B 22 -21.28 2.96 18.82
N ALA B 23 -22.49 3.36 19.26
CA ALA B 23 -23.40 2.44 19.89
C ALA B 23 -24.54 2.03 18.95
N PRO B 24 -25.10 0.84 19.12
CA PRO B 24 -26.37 0.55 18.46
C PRO B 24 -27.44 1.54 18.93
N CYS B 25 -28.26 2.01 18.00
CA CYS B 25 -29.38 2.85 18.40
C CYS B 25 -30.40 2.89 17.28
N PHE B 26 -31.45 3.66 17.50
CA PHE B 26 -32.65 3.60 16.66
C PHE B 26 -32.62 4.71 15.63
N SER B 27 -32.60 4.32 14.36
CA SER B 27 -32.52 5.23 13.23
C SER B 27 -33.56 4.85 12.18
N PRO B 28 -33.95 5.80 11.31
CA PRO B 28 -34.88 5.45 10.23
C PRO B 28 -34.23 4.76 9.04
N ILE B 29 -32.90 4.68 9.00
CA ILE B 29 -32.18 4.24 7.80
C ILE B 29 -31.38 2.99 8.10
N LYS B 30 -31.83 2.16 9.05
CA LYS B 30 -31.10 0.93 9.33
C LYS B 30 -31.14 0.03 8.11
N ILE B 31 -29.99 -0.55 7.77
CA ILE B 31 -29.99 -1.69 6.87
C ILE B 31 -30.44 -2.92 7.65
N GLU B 32 -31.05 -3.89 6.98
CA GLU B 32 -31.11 -5.23 7.60
C GLU B 32 -30.42 -6.31 6.79
N ASN B 33 -30.38 -6.19 5.47
CA ASN B 33 -29.80 -7.24 4.65
C ASN B 33 -29.22 -6.64 3.39
N VAL B 34 -28.26 -7.34 2.81
CA VAL B 34 -27.50 -6.86 1.68
C VAL B 34 -27.29 -8.02 0.71
N TRP B 35 -27.33 -7.70 -0.59
CA TRP B 35 -27.05 -8.65 -1.65
C TRP B 35 -25.89 -8.11 -2.49
N ASP B 36 -24.94 -9.00 -2.83
CA ASP B 36 -23.72 -8.59 -3.51
C ASP B 36 -23.35 -9.55 -4.64
N GLU B 37 -24.33 -10.22 -5.24
CA GLU B 37 -24.08 -11.31 -6.18
C GLU B 37 -23.88 -10.85 -7.62
N SER B 38 -24.15 -9.59 -7.95
CA SER B 38 -23.99 -9.16 -9.33
C SER B 38 -22.54 -9.17 -9.75
N ASP B 39 -22.32 -9.63 -10.97
CA ASP B 39 -20.97 -9.82 -11.47
C ASP B 39 -20.20 -8.51 -11.57
N ASP B 40 -20.87 -7.38 -11.73
CA ASP B 40 -20.20 -6.10 -11.85
C ASP B 40 -19.90 -5.44 -10.51
N GLY B 41 -20.23 -6.09 -9.40
CA GLY B 41 -20.05 -5.51 -8.09
C GLY B 41 -21.14 -4.56 -7.66
N SER B 42 -22.20 -4.42 -8.45
CA SER B 42 -23.35 -3.64 -8.03
C SER B 42 -23.98 -4.25 -6.78
N ILE B 43 -24.31 -3.40 -5.82
CA ILE B 43 -24.77 -3.81 -4.50
C ILE B 43 -26.17 -3.27 -4.27
N ARG B 44 -27.10 -4.16 -3.92
CA ARG B 44 -28.49 -3.82 -3.63
C ARG B 44 -28.71 -3.83 -2.13
N ILE B 45 -29.22 -2.71 -1.59
CA ILE B 45 -29.36 -2.49 -0.15
C ILE B 45 -30.84 -2.29 0.19
N GLN B 46 -31.23 -2.74 1.40
CA GLN B 46 -32.55 -2.47 1.95
C GLN B 46 -32.43 -1.85 3.33
N VAL B 47 -32.92 -0.61 3.44
CA VAL B 47 -33.06 0.10 4.70
C VAL B 47 -34.54 0.33 4.97
N SER B 48 -34.83 0.73 6.22
CA SER B 48 -36.20 0.97 6.65
C SER B 48 -36.82 2.22 6.03
N ALA B 49 -36.01 3.09 5.44
CA ALA B 49 -36.51 4.28 4.79
C ALA B 49 -37.02 3.94 3.40
N GLN B 50 -37.74 4.92 2.80
CA GLN B 50 -38.27 4.70 1.47
C GLN B 50 -37.98 5.96 0.63
N PHE B 51 -37.56 5.75 -0.60
CA PHE B 51 -36.99 6.80 -1.45
C PHE B 51 -37.76 6.92 -2.76
N GLY B 52 -37.69 8.11 -3.36
CA GLY B 52 -38.37 8.36 -4.60
C GLY B 52 -39.85 8.66 -4.46
N TYR B 53 -40.35 8.82 -3.23
CA TYR B 53 -41.75 9.14 -2.98
C TYR B 53 -41.86 10.43 -2.18
N ASN B 54 -42.92 11.18 -2.46
CA ASN B 54 -43.18 12.42 -1.76
C ASN B 54 -43.92 12.12 -0.47
N GLN B 55 -44.36 13.17 0.24
CA GLN B 55 -44.87 13.01 1.60
C GLN B 55 -46.05 12.06 1.65
N ALA B 56 -46.99 12.19 0.71
CA ALA B 56 -48.13 11.29 0.66
C ALA B 56 -47.78 9.91 0.09
N GLY B 57 -46.56 9.75 -0.43
CA GLY B 57 -46.15 8.52 -1.07
C GLY B 57 -46.11 8.57 -2.59
N THR B 58 -46.59 9.66 -3.19
CA THR B 58 -46.57 9.77 -4.64
C THR B 58 -45.14 9.86 -5.15
N ALA B 59 -44.89 9.28 -6.32
CA ALA B 59 -43.54 9.17 -6.84
C ALA B 59 -42.91 10.53 -7.09
N ASP B 60 -41.79 10.78 -6.42
CA ASP B 60 -40.98 11.98 -6.66
C ASP B 60 -39.53 11.58 -6.47
N VAL B 61 -38.79 11.49 -7.58
CA VAL B 61 -37.42 10.96 -7.56
C VAL B 61 -36.53 11.81 -6.66
N THR B 62 -36.69 13.14 -6.73
CA THR B 62 -35.72 14.03 -6.11
C THR B 62 -35.70 13.95 -4.58
N LYS B 63 -36.79 13.50 -3.96
CA LYS B 63 -36.92 13.57 -2.51
C LYS B 63 -37.33 12.22 -1.96
N PHE B 64 -37.24 12.10 -0.62
CA PHE B 64 -37.66 10.90 0.09
C PHE B 64 -38.29 11.28 1.42
N ARG B 65 -39.05 10.32 1.96
CA ARG B 65 -39.66 10.45 3.26
C ARG B 65 -39.17 9.34 4.18
N TYR B 66 -39.21 9.63 5.48
CA TYR B 66 -38.60 8.78 6.50
C TYR B 66 -39.29 9.09 7.83
N MET B 67 -38.80 8.46 8.89
CA MET B 67 -39.45 8.54 10.19
C MET B 67 -38.94 9.71 11.01
N SER B 68 -39.78 10.19 11.92
CA SER B 68 -39.50 11.36 12.73
C SER B 68 -38.91 10.99 14.08
N PHE B 69 -38.03 11.88 14.57
CA PHE B 69 -37.50 11.81 15.93
C PHE B 69 -38.30 12.69 16.89
N ASP B 70 -39.60 12.44 17.02
CA ASP B 70 -40.41 13.19 17.98
C ASP B 70 -41.55 12.31 18.47
N HIS B 71 -42.19 12.77 19.55
CA HIS B 71 -43.23 11.99 20.19
C HIS B 71 -44.53 11.97 19.39
N ASP B 72 -44.70 12.90 18.46
CA ASP B 72 -45.76 12.77 17.46
C ASP B 72 -45.41 11.73 16.41
N HIS B 73 -44.12 11.54 16.15
CA HIS B 73 -43.57 10.56 15.22
C HIS B 73 -44.36 10.49 13.91
N ASP B 74 -44.40 11.64 13.24
CA ASP B 74 -44.98 11.73 11.91
C ASP B 74 -43.93 11.29 10.89
N ILE B 75 -44.24 11.43 9.60
CA ILE B 75 -43.32 11.09 8.52
C ILE B 75 -42.74 12.40 7.98
N LYS B 76 -41.41 12.54 8.06
CA LYS B 76 -40.71 13.73 7.58
C LYS B 76 -40.06 13.43 6.24
N GLU B 77 -39.35 14.42 5.71
CA GLU B 77 -38.81 14.33 4.36
C GLU B 77 -37.45 15.02 4.26
N ASP B 78 -36.71 14.63 3.22
CA ASP B 78 -35.49 15.33 2.82
C ASP B 78 -35.27 15.06 1.34
N SER B 79 -34.15 15.55 0.82
CA SER B 79 -33.84 15.43 -0.60
C SER B 79 -32.83 14.32 -0.83
N MET B 80 -32.64 13.98 -2.12
CA MET B 80 -31.76 12.88 -2.49
C MET B 80 -30.30 13.27 -2.36
N ASP B 81 -29.98 14.55 -2.53
CA ASP B 81 -28.59 14.99 -2.58
C ASP B 81 -27.86 14.88 -1.25
N LYS B 82 -28.56 14.61 -0.14
CA LYS B 82 -27.97 14.59 1.18
C LYS B 82 -27.79 13.17 1.75
N ILE B 83 -28.06 12.13 0.96
CA ILE B 83 -27.77 10.76 1.37
C ILE B 83 -26.46 10.34 0.72
N ALA B 84 -25.76 9.43 1.40
CA ALA B 84 -24.46 8.95 0.95
C ALA B 84 -24.31 7.51 1.36
N ILE B 85 -23.61 6.75 0.51
CA ILE B 85 -23.34 5.33 0.72
C ILE B 85 -21.83 5.16 0.68
N SER B 86 -21.26 4.41 1.63
CA SER B 86 -19.81 4.28 1.74
C SER B 86 -19.44 2.97 2.40
N THR B 87 -18.45 2.27 1.83
CA THR B 87 -17.92 1.05 2.44
C THR B 87 -16.48 1.23 2.93
N SER B 88 -15.57 1.57 2.04
CA SER B 88 -14.22 2.01 2.37
C SER B 88 -13.96 3.43 1.87
N GLY B 89 -14.38 3.73 0.65
CA GLY B 89 -14.55 5.08 0.19
C GLY B 89 -16.00 5.31 -0.15
N PRO B 90 -16.34 6.49 -0.67
CA PRO B 90 -17.73 6.75 -1.02
C PRO B 90 -18.23 5.81 -2.11
N CYS B 91 -19.48 5.39 -1.97
CA CYS B 91 -20.14 4.54 -2.95
C CYS B 91 -20.94 5.42 -3.91
N ARG B 92 -20.81 5.16 -5.21
CA ARG B 92 -21.61 5.85 -6.21
C ARG B 92 -22.98 5.20 -6.26
N ARG B 93 -24.01 5.97 -6.01
CA ARG B 93 -25.37 5.47 -6.17
C ARG B 93 -25.68 5.21 -7.63
N LEU B 94 -26.47 4.15 -7.88
CA LEU B 94 -26.91 3.79 -9.21
C LEU B 94 -28.41 3.91 -9.39
N GLY B 95 -29.19 3.65 -8.35
CA GLY B 95 -30.62 3.79 -8.46
C GLY B 95 -31.30 3.58 -7.13
N HIS B 96 -32.57 3.96 -7.10
CA HIS B 96 -33.36 3.86 -5.88
C HIS B 96 -34.83 3.69 -6.24
N LYS B 97 -35.51 2.82 -5.51
CA LYS B 97 -36.95 2.63 -5.65
C LYS B 97 -37.47 2.37 -4.25
N GLY B 98 -38.15 3.35 -3.67
CA GLY B 98 -38.81 3.16 -2.40
C GLY B 98 -37.91 2.55 -1.35
N TYR B 99 -38.26 1.34 -0.92
CA TYR B 99 -37.55 0.68 0.17
C TYR B 99 -36.13 0.26 -0.20
N PHE B 100 -35.74 0.32 -1.47
CA PHE B 100 -34.52 -0.31 -1.94
C PHE B 100 -33.58 0.69 -2.61
N LEU B 101 -32.28 0.41 -2.46
CA LEU B 101 -31.20 1.15 -3.09
C LEU B 101 -30.33 0.21 -3.90
N LEU B 102 -29.59 0.79 -4.84
CA LEU B 102 -28.53 0.07 -5.52
C LEU B 102 -27.40 1.03 -5.81
N ALA B 103 -26.16 0.59 -5.55
CA ALA B 103 -24.98 1.43 -5.71
C ALA B 103 -23.76 0.57 -6.05
N GLN B 104 -22.76 1.21 -6.68
CA GLN B 104 -21.45 0.63 -6.98
C GLN B 104 -20.48 1.23 -5.98
N CYS B 105 -19.68 0.39 -5.35
CA CYS B 105 -18.72 1.02 -4.46
C CYS B 105 -17.50 0.17 -4.13
N PRO B 106 -16.47 0.81 -3.56
CA PRO B 106 -15.18 0.13 -3.44
C PRO B 106 -15.23 -0.98 -2.42
N PRO B 107 -14.20 -1.81 -2.35
CA PRO B 107 -14.23 -2.96 -1.43
C PRO B 107 -14.16 -2.52 0.02
N GLY B 108 -14.75 -3.34 0.88
CA GLY B 108 -14.72 -3.06 2.30
C GLY B 108 -15.24 -4.24 3.10
N ASP B 109 -15.23 -4.07 4.42
CA ASP B 109 -15.76 -5.06 5.33
C ASP B 109 -17.14 -4.73 5.87
N SER B 110 -17.63 -3.51 5.65
CA SER B 110 -18.95 -3.12 6.11
C SER B 110 -19.50 -2.05 5.17
N VAL B 111 -20.82 -1.89 5.19
CA VAL B 111 -21.53 -0.94 4.35
C VAL B 111 -22.18 0.10 5.26
N THR B 112 -22.16 1.37 4.84
CA THR B 112 -22.65 2.48 5.63
C THR B 112 -23.59 3.32 4.78
N VAL B 113 -24.79 3.57 5.31
CA VAL B 113 -25.71 4.57 4.78
C VAL B 113 -25.68 5.75 5.73
N SER B 114 -25.65 6.96 5.18
CA SER B 114 -25.61 8.16 6.00
C SER B 114 -26.48 9.24 5.39
N ILE B 115 -27.37 9.82 6.21
CA ILE B 115 -28.15 10.98 5.85
C ILE B 115 -27.56 12.17 6.56
N THR B 116 -27.35 13.26 5.83
CA THR B 116 -26.75 14.49 6.34
C THR B 116 -27.76 15.60 6.20
N SER B 117 -28.67 15.71 7.18
CA SER B 117 -29.61 16.82 7.24
C SER B 117 -28.89 18.01 7.88
N GLY B 118 -28.06 18.65 7.06
CA GLY B 118 -27.18 19.68 7.59
C GLY B 118 -26.21 19.06 8.57
N ALA B 119 -26.18 19.61 9.78
CA ALA B 119 -25.37 19.04 10.85
C ALA B 119 -26.01 17.81 11.48
N SER B 120 -27.30 17.56 11.22
CA SER B 120 -27.99 16.39 11.75
C SER B 120 -27.54 15.18 10.95
N GLU B 121 -26.54 14.48 11.45
CA GLU B 121 -26.00 13.30 10.79
C GLU B 121 -26.59 12.05 11.43
N ASN B 122 -27.13 11.15 10.59
CA ASN B 122 -27.63 9.87 11.08
C ASN B 122 -27.15 8.80 10.11
N SER B 123 -26.42 7.81 10.63
CA SER B 123 -25.84 6.76 9.82
C SER B 123 -26.17 5.40 10.41
N CYS B 124 -26.23 4.40 9.53
CA CYS B 124 -26.24 3.00 9.93
C CYS B 124 -25.12 2.25 9.20
N THR B 125 -24.42 1.41 9.94
CA THR B 125 -23.35 0.58 9.41
C THR B 125 -23.63 -0.87 9.75
N VAL B 126 -23.45 -1.75 8.77
CA VAL B 126 -23.63 -3.19 8.98
C VAL B 126 -22.52 -3.94 8.27
N GLU B 127 -22.00 -4.97 8.94
CA GLU B 127 -20.90 -5.75 8.40
C GLU B 127 -21.32 -6.49 7.14
N LYS B 128 -20.46 -6.45 6.12
CA LYS B 128 -20.61 -7.31 4.95
C LYS B 128 -19.28 -7.29 4.20
N LYS B 129 -18.64 -8.46 4.11
CA LYS B 129 -17.38 -8.59 3.37
C LYS B 129 -17.71 -8.53 1.89
N ILE B 130 -17.69 -7.32 1.35
CA ILE B 130 -17.83 -7.12 -0.09
C ILE B 130 -16.43 -7.23 -0.69
N ARG B 131 -16.26 -8.17 -1.61
CA ARG B 131 -14.99 -8.41 -2.28
C ARG B 131 -15.12 -8.06 -3.76
N ARG B 132 -14.04 -7.58 -4.35
CA ARG B 132 -14.01 -7.42 -5.79
C ARG B 132 -14.14 -8.79 -6.44
N LYS B 133 -15.19 -8.97 -7.22
CA LYS B 133 -15.40 -10.18 -8.01
C LYS B 133 -15.24 -9.85 -9.48
N PHE B 134 -14.99 -10.90 -10.26
CA PHE B 134 -14.72 -10.77 -11.68
C PHE B 134 -15.30 -11.99 -12.38
N VAL B 135 -15.40 -11.89 -13.70
CA VAL B 135 -15.94 -12.96 -14.54
C VAL B 135 -14.90 -13.35 -15.57
N GLY B 136 -14.71 -14.65 -15.74
CA GLY B 136 -13.73 -15.21 -16.64
C GLY B 136 -12.75 -16.10 -15.90
N ARG B 137 -11.66 -16.42 -16.58
CA ARG B 137 -10.61 -17.28 -16.04
C ARG B 137 -9.34 -16.50 -15.69
N GLU B 138 -9.43 -15.17 -15.62
CA GLU B 138 -8.29 -14.35 -15.24
C GLU B 138 -8.80 -13.16 -14.43
N GLU B 139 -8.05 -12.80 -13.39
CA GLU B 139 -8.37 -11.60 -12.64
C GLU B 139 -8.10 -10.37 -13.50
N TYR B 140 -8.86 -9.32 -13.23
CA TYR B 140 -8.64 -8.01 -13.83
C TYR B 140 -9.25 -6.99 -12.90
N LEU B 141 -8.63 -5.81 -12.81
CA LEU B 141 -9.20 -4.77 -11.97
C LEU B 141 -10.52 -4.33 -12.54
N PHE B 142 -10.49 -4.05 -13.83
CA PHE B 142 -11.43 -3.22 -14.55
C PHE B 142 -11.72 -3.90 -15.88
N PRO B 143 -12.97 -3.91 -16.32
CA PRO B 143 -13.29 -4.50 -17.66
C PRO B 143 -12.50 -3.86 -18.78
N PRO B 144 -11.70 -4.63 -19.53
CA PRO B 144 -10.87 -4.02 -20.58
C PRO B 144 -11.69 -3.57 -21.78
N VAL B 145 -11.11 -2.63 -22.53
CA VAL B 145 -11.79 -2.12 -23.73
C VAL B 145 -11.92 -3.22 -24.78
N HIS B 146 -10.86 -4.01 -24.98
CA HIS B 146 -10.85 -5.10 -25.95
C HIS B 146 -10.83 -6.43 -25.23
N GLY B 147 -11.59 -7.38 -25.75
CA GLY B 147 -11.61 -8.71 -25.18
C GLY B 147 -12.84 -9.47 -25.60
N LYS B 148 -12.92 -10.71 -25.13
CA LYS B 148 -14.04 -11.57 -25.47
C LYS B 148 -15.29 -11.12 -24.71
N LEU B 149 -16.46 -11.36 -25.32
CA LEU B 149 -17.74 -11.06 -24.71
C LEU B 149 -18.34 -12.37 -24.21
N VAL B 150 -18.55 -12.46 -22.89
CA VAL B 150 -18.99 -13.69 -22.25
C VAL B 150 -20.27 -13.45 -21.46
N LYS B 151 -20.89 -14.52 -20.99
CA LYS B 151 -22.15 -14.43 -20.26
C LYS B 151 -21.88 -13.97 -18.83
N CYS B 152 -22.63 -12.97 -18.38
CA CYS B 152 -22.53 -12.47 -17.01
C CYS B 152 -23.94 -12.12 -16.54
N HIS B 153 -24.04 -11.77 -15.26
CA HIS B 153 -25.30 -11.40 -14.64
C HIS B 153 -25.07 -10.15 -13.80
N VAL B 154 -25.79 -9.07 -14.12
CA VAL B 154 -25.64 -7.80 -13.43
C VAL B 154 -27.02 -7.32 -12.99
N TYR B 155 -27.07 -6.63 -11.85
CA TYR B 155 -28.33 -6.06 -11.40
C TYR B 155 -28.80 -5.02 -12.41
N ASP B 156 -30.01 -5.19 -12.90
CA ASP B 156 -30.56 -4.28 -13.92
C ASP B 156 -30.82 -2.92 -13.32
N HIS B 157 -30.19 -1.87 -13.89
CA HIS B 157 -30.34 -0.52 -13.36
C HIS B 157 -31.75 0.04 -13.48
N LEU B 158 -32.64 -0.64 -14.20
CA LEU B 158 -33.99 -0.12 -14.41
C LEU B 158 -34.80 -0.19 -13.12
N LYS B 159 -35.48 0.92 -12.81
CA LYS B 159 -36.21 1.00 -11.55
C LYS B 159 -37.41 0.06 -11.52
N GLU B 160 -37.96 -0.29 -12.68
CA GLU B 160 -39.23 -1.00 -12.77
C GLU B 160 -39.06 -2.50 -13.01
N THR B 161 -37.89 -3.05 -12.74
CA THR B 161 -37.70 -4.49 -12.73
C THR B 161 -38.18 -5.06 -11.40
N SER B 162 -38.14 -6.39 -11.29
CA SER B 162 -38.59 -7.06 -10.07
C SER B 162 -37.82 -8.36 -9.89
N ALA B 163 -37.04 -8.45 -8.82
CA ALA B 163 -36.36 -9.67 -8.43
C ALA B 163 -37.19 -10.55 -7.50
N GLY B 164 -38.39 -10.11 -7.16
CA GLY B 164 -39.22 -10.85 -6.21
C GLY B 164 -40.23 -9.91 -5.57
N TYR B 165 -40.61 -10.24 -4.33
CA TYR B 165 -41.53 -9.41 -3.57
C TYR B 165 -41.21 -9.53 -2.09
N ILE B 166 -41.59 -8.49 -1.35
CA ILE B 166 -41.47 -8.46 0.10
C ILE B 166 -42.85 -8.21 0.69
N THR B 167 -43.11 -8.86 1.82
CA THR B 167 -44.43 -8.87 2.45
C THR B 167 -44.50 -7.82 3.55
N MET B 168 -45.56 -7.03 3.54
CA MET B 168 -45.82 -5.99 4.54
C MET B 168 -47.14 -6.28 5.26
N HIS B 169 -47.18 -5.82 6.50
CA HIS B 169 -48.28 -6.06 7.43
C HIS B 169 -48.70 -4.73 8.04
N ARG B 170 -49.76 -4.76 8.85
CA ARG B 170 -50.15 -3.57 9.59
C ARG B 170 -49.16 -3.33 10.73
N PRO B 171 -48.81 -2.07 11.03
CA PRO B 171 -47.91 -1.82 12.15
C PRO B 171 -48.55 -2.21 13.47
N GLY B 172 -47.71 -2.68 14.40
CA GLY B 172 -48.17 -3.03 15.72
C GLY B 172 -48.11 -1.86 16.66
N PRO B 173 -48.40 -2.10 17.95
CA PRO B 173 -48.39 -1.00 18.92
C PRO B 173 -47.03 -0.35 19.05
N HIS B 174 -47.04 0.97 19.21
CA HIS B 174 -45.82 1.77 19.44
C HIS B 174 -46.10 2.67 20.63
N ALA B 175 -45.67 2.24 21.81
CA ALA B 175 -45.88 3.00 23.03
C ALA B 175 -45.00 4.26 23.05
N TYR B 176 -45.44 5.24 23.84
CA TYR B 176 -44.70 6.48 24.02
C TYR B 176 -44.86 6.94 25.47
N LYS B 177 -43.95 7.81 25.90
CA LYS B 177 -43.91 8.29 27.28
C LYS B 177 -44.32 9.75 27.42
N SER B 178 -44.23 10.55 26.37
CA SER B 178 -44.87 11.87 26.40
C SER B 178 -46.37 11.74 26.49
N TYR B 179 -46.92 10.63 25.95
CA TYR B 179 -48.34 10.38 26.09
C TYR B 179 -48.73 10.19 27.55
N LEU B 180 -47.82 9.67 28.38
CA LEU B 180 -48.06 9.43 29.79
C LEU B 180 -47.42 10.51 30.64
N GLU B 181 -47.94 10.67 31.86
CA GLU B 181 -47.32 11.55 32.84
C GLU B 181 -47.78 11.15 34.23
N GLU B 182 -46.97 11.51 35.23
CA GLU B 182 -47.29 11.34 36.64
C GLU B 182 -47.47 12.70 37.28
N ALA B 183 -48.51 12.83 38.10
CA ALA B 183 -48.77 14.07 38.83
C ALA B 183 -49.47 13.71 40.13
N SER B 184 -48.86 14.08 41.25
CA SER B 184 -49.44 13.86 42.58
C SER B 184 -49.77 12.38 42.79
N GLY B 185 -48.89 11.51 42.32
CA GLY B 185 -49.10 10.09 42.47
C GLY B 185 -50.24 9.52 41.66
N GLU B 186 -50.68 10.23 40.62
CA GLU B 186 -51.73 9.77 39.72
C GLU B 186 -51.25 9.87 38.29
N VAL B 187 -51.54 8.85 37.50
CA VAL B 187 -51.08 8.77 36.12
C VAL B 187 -52.16 9.39 35.25
N TYR B 188 -51.77 10.34 34.40
CA TYR B 188 -52.66 10.89 33.36
C TYR B 188 -52.03 10.65 31.99
N ILE B 189 -52.89 10.63 30.97
CA ILE B 189 -52.47 10.52 29.58
C ILE B 189 -52.61 11.90 28.96
N LYS B 190 -51.75 12.21 27.99
CA LYS B 190 -51.80 13.49 27.25
C LYS B 190 -51.68 13.20 25.76
N PRO B 191 -52.77 12.80 25.10
CA PRO B 191 -52.69 12.57 23.67
C PRO B 191 -52.42 13.85 22.92
N PRO B 192 -51.72 13.80 21.79
CA PRO B 192 -51.61 14.99 20.94
C PRO B 192 -52.96 15.36 20.35
N SER B 193 -52.99 16.51 19.69
CA SER B 193 -54.26 17.14 19.32
C SER B 193 -55.04 16.27 18.33
N GLY B 194 -56.30 15.99 18.67
CA GLY B 194 -57.26 15.43 17.74
C GLY B 194 -57.03 14.00 17.33
N LYS B 195 -56.06 13.31 17.92
CA LYS B 195 -55.73 11.93 17.55
C LYS B 195 -56.24 11.01 18.64
N ASN B 196 -57.18 10.14 18.28
CA ASN B 196 -57.75 9.17 19.22
C ASN B 196 -56.69 8.15 19.61
N VAL B 197 -56.18 8.23 20.83
CA VAL B 197 -55.03 7.45 21.27
C VAL B 197 -55.54 6.35 22.20
N THR B 198 -55.28 5.10 21.83
CA THR B 198 -55.69 3.97 22.65
C THR B 198 -54.68 3.73 23.77
N TYR B 199 -55.21 3.43 24.95
CA TYR B 199 -54.42 3.25 26.16
C TYR B 199 -54.90 1.99 26.88
N GLU B 200 -54.00 1.43 27.70
CA GLU B 200 -54.36 0.26 28.49
C GLU B 200 -53.35 0.09 29.62
N CYS B 201 -53.81 -0.59 30.69
CA CYS B 201 -52.94 -1.07 31.76
C CYS B 201 -53.70 -1.85 32.82
N LYS B 202 -52.91 -2.55 33.65
CA LYS B 202 -53.35 -3.17 34.89
C LYS B 202 -52.78 -2.33 36.03
N CYS B 203 -53.66 -1.59 36.72
CA CYS B 203 -53.29 -0.77 37.87
C CYS B 203 -53.95 -1.35 39.10
N GLY B 204 -53.85 -2.67 39.25
CA GLY B 204 -54.82 -3.43 40.01
C GLY B 204 -55.53 -4.36 39.03
N ASP B 205 -56.76 -4.03 38.68
CA ASP B 205 -57.49 -4.74 37.64
C ASP B 205 -57.21 -4.13 36.27
N TYR B 206 -57.47 -4.92 35.23
CA TYR B 206 -57.18 -4.51 33.85
C TYR B 206 -58.12 -3.41 33.40
N SER B 207 -57.64 -2.58 32.47
CA SER B 207 -58.43 -1.48 31.93
C SER B 207 -57.87 -1.10 30.56
N THR B 208 -58.76 -0.73 29.66
CA THR B 208 -58.40 -0.37 28.28
C THR B 208 -59.41 0.64 27.76
N GLY B 209 -58.99 1.41 26.77
CA GLY B 209 -59.89 2.35 26.14
C GLY B 209 -59.16 3.22 25.14
N ILE B 210 -59.84 4.27 24.70
CA ILE B 210 -59.25 5.29 23.83
C ILE B 210 -59.58 6.66 24.39
N VAL B 211 -58.57 7.50 24.51
CA VAL B 211 -58.72 8.89 24.94
C VAL B 211 -58.11 9.78 23.86
N SER B 212 -58.85 10.83 23.48
CA SER B 212 -58.37 11.85 22.57
C SER B 212 -57.96 13.13 23.30
N THR B 213 -58.08 13.16 24.62
CA THR B 213 -57.79 14.35 25.41
C THR B 213 -57.23 13.89 26.75
N ARG B 214 -56.58 14.83 27.45
CA ARG B 214 -55.97 14.55 28.74
C ARG B 214 -56.95 13.90 29.70
N THR B 215 -56.65 12.67 30.12
CA THR B 215 -57.56 11.85 30.90
C THR B 215 -56.82 11.27 32.11
N LYS B 216 -57.57 11.11 33.20
CA LYS B 216 -57.02 10.59 34.44
C LYS B 216 -57.39 9.11 34.59
N MET B 217 -56.50 8.36 35.24
CA MET B 217 -56.74 6.95 35.56
C MET B 217 -56.77 6.76 37.06
N ASN B 218 -57.54 5.76 37.49
CA ASN B 218 -57.73 5.45 38.90
C ASN B 218 -56.96 4.20 39.29
N GLY B 219 -56.42 4.22 40.51
CA GLY B 219 -55.65 3.11 41.00
C GLY B 219 -54.24 3.02 40.45
N CYS B 220 -53.84 3.96 39.58
CA CYS B 220 -52.53 3.94 38.95
C CYS B 220 -51.58 4.79 39.78
N THR B 221 -50.50 4.17 40.26
CA THR B 221 -49.55 4.82 41.16
C THR B 221 -48.20 5.13 40.53
N LYS B 222 -47.84 4.48 39.42
CA LYS B 222 -46.54 4.65 38.78
C LYS B 222 -46.71 4.89 37.29
N ALA B 223 -45.79 5.68 36.70
CA ALA B 223 -45.81 5.94 35.25
C ALA B 223 -45.62 4.70 34.45
N LYS B 224 -44.81 3.82 34.91
CA LYS B 224 -44.46 2.65 34.15
C LYS B 224 -45.61 1.69 34.01
N GLN B 225 -46.74 1.88 34.69
CA GLN B 225 -47.80 0.90 34.70
C GLN B 225 -48.63 0.87 33.42
N CYS B 226 -48.63 1.92 32.62
CA CYS B 226 -49.57 2.00 31.50
C CYS B 226 -48.89 2.34 30.18
N ILE B 227 -49.68 2.16 29.11
CA ILE B 227 -49.22 2.40 27.76
C ILE B 227 -50.30 3.16 27.00
N ALA B 228 -49.87 4.07 26.13
CA ALA B 228 -50.76 4.80 25.22
C ALA B 228 -50.07 4.94 23.87
N TYR B 229 -50.87 4.91 22.81
CA TYR B 229 -50.36 4.99 21.45
C TYR B 229 -51.53 5.21 20.50
N LYS B 230 -51.27 5.92 19.40
CA LYS B 230 -52.35 6.22 18.47
C LYS B 230 -52.56 5.06 17.49
N SER B 231 -53.83 4.85 17.13
CA SER B 231 -54.21 3.76 16.23
C SER B 231 -53.93 4.20 14.80
N ASP B 232 -52.74 3.89 14.30
CA ASP B 232 -52.33 4.21 12.93
C ASP B 232 -52.38 2.93 12.11
N GLN B 233 -53.58 2.62 11.61
CA GLN B 233 -53.80 1.48 10.73
C GLN B 233 -53.75 1.86 9.26
N THR B 234 -53.52 3.13 8.93
CA THR B 234 -53.50 3.61 7.56
C THR B 234 -52.15 3.42 6.87
N LYS B 235 -51.28 2.57 7.41
CA LYS B 235 -49.96 2.35 6.83
C LYS B 235 -49.60 0.88 6.92
N TRP B 236 -48.67 0.46 6.05
CA TRP B 236 -48.14 -0.90 6.01
C TRP B 236 -46.64 -0.85 6.21
N VAL B 237 -46.12 -1.77 7.01
CA VAL B 237 -44.71 -1.81 7.40
C VAL B 237 -44.13 -3.17 7.03
N PHE B 238 -42.84 -3.16 6.71
CA PHE B 238 -42.12 -4.40 6.43
C PHE B 238 -42.12 -5.30 7.67
N ASN B 239 -42.08 -6.61 7.42
CA ASN B 239 -41.99 -7.58 8.50
C ASN B 239 -40.59 -7.56 9.09
N SER B 240 -40.22 -6.45 9.72
CA SER B 240 -38.88 -6.27 10.24
C SER B 240 -38.76 -6.93 11.62
N PRO B 241 -37.57 -7.41 11.99
CA PRO B 241 -37.42 -8.10 13.28
C PRO B 241 -37.23 -7.17 14.49
N ASP B 242 -37.33 -5.85 14.33
CA ASP B 242 -37.17 -4.91 15.43
C ASP B 242 -38.47 -4.23 15.82
N LEU B 243 -39.61 -4.70 15.33
CA LEU B 243 -40.90 -4.11 15.61
C LEU B 243 -41.81 -5.15 16.26
N ILE B 244 -42.58 -4.71 17.25
CA ILE B 244 -43.61 -5.58 17.85
C ILE B 244 -44.83 -5.51 16.93
N ARG B 245 -45.21 -6.65 16.37
CA ARG B 245 -46.22 -6.68 15.33
C ARG B 245 -47.63 -6.54 15.92
N HIS B 246 -48.57 -6.24 15.03
CA HIS B 246 -49.98 -6.23 15.38
C HIS B 246 -50.42 -7.63 15.80
N THR B 247 -51.58 -7.70 16.46
CA THR B 247 -52.10 -8.99 16.89
C THR B 247 -52.40 -9.89 15.70
N ASP B 248 -52.86 -9.31 14.59
CA ASP B 248 -53.16 -10.05 13.36
C ASP B 248 -52.05 -9.76 12.36
N HIS B 249 -51.07 -10.67 12.28
CA HIS B 249 -49.99 -10.56 11.31
C HIS B 249 -50.30 -11.29 10.02
N SER B 250 -51.48 -11.02 9.46
CA SER B 250 -51.81 -11.53 8.14
C SER B 250 -50.99 -10.78 7.10
N VAL B 251 -50.61 -11.48 6.03
CA VAL B 251 -49.94 -10.82 4.92
C VAL B 251 -50.96 -9.94 4.22
N GLN B 252 -50.65 -8.64 4.10
CA GLN B 252 -51.58 -7.67 3.53
C GLN B 252 -51.02 -6.92 2.33
N GLY B 253 -49.70 -6.83 2.18
CA GLY B 253 -49.13 -6.14 1.03
C GLY B 253 -47.93 -6.89 0.51
N LYS B 254 -47.71 -6.80 -0.80
CA LYS B 254 -46.50 -7.27 -1.44
C LYS B 254 -45.96 -6.17 -2.33
N LEU B 255 -44.69 -5.82 -2.16
CA LEU B 255 -44.04 -4.85 -3.04
C LEU B 255 -42.81 -5.48 -3.69
N HIS B 256 -42.59 -5.10 -4.94
CA HIS B 256 -41.56 -5.73 -5.75
C HIS B 256 -40.17 -5.41 -5.21
N ILE B 257 -39.25 -6.34 -5.45
CA ILE B 257 -37.83 -6.13 -5.15
C ILE B 257 -37.17 -5.62 -6.43
N PRO B 258 -36.88 -4.32 -6.56
CA PRO B 258 -36.40 -3.78 -7.84
C PRO B 258 -35.02 -4.31 -8.22
N PHE B 259 -34.56 -3.91 -9.41
CA PHE B 259 -33.20 -4.19 -9.86
C PHE B 259 -32.94 -5.70 -9.92
N ARG B 260 -33.74 -6.37 -10.75
CA ARG B 260 -33.60 -7.82 -10.94
C ARG B 260 -32.24 -8.15 -11.54
N LEU B 261 -31.62 -9.22 -11.01
CA LEU B 261 -30.30 -9.65 -11.47
C LEU B 261 -30.45 -10.25 -12.86
N THR B 262 -30.27 -9.41 -13.92
CA THR B 262 -30.54 -9.84 -15.27
C THR B 262 -29.28 -10.39 -15.94
N PRO B 263 -29.39 -11.37 -16.83
CA PRO B 263 -28.22 -11.79 -17.61
C PRO B 263 -27.94 -10.84 -18.75
N THR B 264 -26.66 -10.76 -19.11
CA THR B 264 -26.20 -9.90 -20.20
C THR B 264 -24.81 -10.36 -20.62
N VAL B 265 -24.17 -9.57 -21.45
CA VAL B 265 -22.81 -9.83 -21.93
C VAL B 265 -21.86 -8.90 -21.19
N CYS B 266 -20.66 -9.41 -20.91
CA CYS B 266 -19.61 -8.65 -20.26
C CYS B 266 -18.30 -8.83 -21.02
N PRO B 267 -17.47 -7.79 -21.11
CA PRO B 267 -16.16 -7.95 -21.73
C PRO B 267 -15.10 -8.42 -20.74
N VAL B 268 -14.26 -9.34 -21.21
CA VAL B 268 -13.21 -9.93 -20.39
C VAL B 268 -11.91 -9.93 -21.20
N PRO B 269 -10.75 -9.73 -20.57
CA PRO B 269 -9.50 -9.66 -21.35
C PRO B 269 -9.18 -10.99 -22.03
N LEU B 270 -8.23 -10.92 -22.96
CA LEU B 270 -7.61 -12.09 -23.55
C LEU B 270 -6.13 -12.04 -23.24
N ALA B 271 -5.65 -13.02 -22.49
CA ALA B 271 -4.29 -12.98 -21.98
C ALA B 271 -3.29 -13.22 -23.11
N HIS B 272 -2.01 -13.00 -22.80
CA HIS B 272 -0.95 -13.21 -23.77
C HIS B 272 -0.91 -14.66 -24.20
N THR B 273 -0.93 -14.89 -25.51
CA THR B 273 -0.89 -16.25 -26.03
C THR B 273 0.45 -16.88 -25.67
N PRO B 274 0.48 -18.13 -25.18
CA PRO B 274 1.76 -18.73 -24.78
C PRO B 274 2.72 -18.85 -25.94
N THR B 275 3.97 -19.18 -25.61
CA THR B 275 4.96 -19.61 -26.59
C THR B 275 5.27 -21.07 -26.33
N VAL B 276 5.11 -21.91 -27.34
CA VAL B 276 5.28 -23.35 -27.20
C VAL B 276 6.69 -23.73 -27.61
N THR B 277 7.43 -24.37 -26.69
CA THR B 277 8.76 -24.89 -26.93
C THR B 277 8.70 -26.40 -26.78
N LYS B 278 9.08 -27.13 -27.82
CA LYS B 278 8.59 -28.48 -28.00
C LYS B 278 9.71 -29.52 -27.87
N TRP B 279 9.34 -30.73 -27.46
CA TRP B 279 10.32 -31.80 -27.32
C TRP B 279 9.58 -33.14 -27.35
N PHE B 280 10.37 -34.22 -27.30
CA PHE B 280 9.89 -35.57 -27.57
C PHE B 280 8.74 -35.91 -26.63
N LYS B 281 7.55 -36.06 -27.20
CA LYS B 281 6.32 -36.32 -26.46
C LYS B 281 6.12 -35.30 -25.34
N GLY B 282 6.10 -34.02 -25.70
CA GLY B 282 5.63 -33.04 -24.75
C GLY B 282 6.02 -31.61 -25.09
N ILE B 283 5.50 -30.72 -24.25
CA ILE B 283 5.44 -29.29 -24.48
C ILE B 283 6.10 -28.59 -23.30
N THR B 284 6.58 -27.38 -23.55
CA THR B 284 6.99 -26.43 -22.52
C THR B 284 6.37 -25.10 -22.90
N LEU B 285 5.29 -24.74 -22.22
CA LEU B 285 4.58 -23.50 -22.51
C LEU B 285 5.20 -22.38 -21.69
N HIS B 286 5.60 -21.31 -22.38
CA HIS B 286 6.12 -20.11 -21.75
C HIS B 286 4.97 -19.11 -21.65
N LEU B 287 4.75 -18.60 -20.44
CA LEU B 287 3.57 -17.85 -20.09
C LEU B 287 3.92 -16.52 -19.47
N THR B 288 3.17 -15.49 -19.86
CA THR B 288 3.24 -14.16 -19.28
C THR B 288 1.84 -13.72 -18.92
N ALA B 289 1.65 -13.24 -17.69
CA ALA B 289 0.34 -12.79 -17.23
C ALA B 289 0.58 -11.83 -16.09
N THR B 290 0.26 -10.55 -16.32
CA THR B 290 0.44 -9.55 -15.27
C THR B 290 -0.41 -9.88 -14.05
N ARG B 291 -1.54 -10.56 -14.24
CA ARG B 291 -2.55 -10.79 -13.22
C ARG B 291 -2.76 -12.29 -13.02
N PRO B 292 -3.28 -12.72 -11.86
CA PRO B 292 -3.65 -14.12 -11.72
C PRO B 292 -4.55 -14.63 -12.83
N THR B 293 -4.03 -15.57 -13.63
CA THR B 293 -4.77 -16.17 -14.72
C THR B 293 -4.72 -17.69 -14.60
N LEU B 294 -5.83 -18.33 -14.96
CA LEU B 294 -6.02 -19.77 -14.79
C LEU B 294 -5.61 -20.52 -16.05
N LEU B 295 -4.76 -21.52 -15.88
CA LEU B 295 -4.43 -22.48 -16.92
C LEU B 295 -5.00 -23.83 -16.53
N THR B 296 -5.67 -24.48 -17.47
CA THR B 296 -6.35 -25.75 -17.20
C THR B 296 -6.07 -26.73 -18.33
N THR B 297 -5.43 -27.85 -17.99
CA THR B 297 -5.05 -28.86 -18.98
C THR B 297 -5.63 -30.20 -18.58
N ARG B 298 -5.78 -31.08 -19.58
CA ARG B 298 -6.27 -32.43 -19.35
C ARG B 298 -5.86 -33.33 -20.51
N LYS B 299 -5.54 -34.58 -20.20
CA LYS B 299 -5.21 -35.55 -21.24
C LYS B 299 -6.47 -36.05 -21.93
N LEU B 300 -6.30 -36.48 -23.17
CA LEU B 300 -7.41 -36.84 -24.05
C LEU B 300 -7.63 -38.35 -24.12
N GLY B 301 -7.08 -39.12 -23.17
CA GLY B 301 -7.22 -40.56 -23.16
C GLY B 301 -8.21 -41.05 -22.12
N LEU B 302 -8.03 -42.29 -21.65
CA LEU B 302 -8.94 -42.84 -20.64
C LEU B 302 -8.85 -42.05 -19.34
N ARG B 303 -7.65 -41.70 -18.91
CA ARG B 303 -7.45 -40.92 -17.68
C ARG B 303 -7.30 -39.46 -18.06
N ALA B 304 -8.09 -38.60 -17.41
CA ALA B 304 -8.01 -37.17 -17.68
C ALA B 304 -6.69 -36.59 -17.19
N ASP B 305 -6.33 -36.88 -15.93
CA ASP B 305 -5.15 -36.27 -15.30
C ASP B 305 -5.21 -34.74 -15.40
N ALA B 306 -6.42 -34.20 -15.23
CA ALA B 306 -6.60 -32.76 -15.42
C ALA B 306 -5.99 -31.99 -14.27
N THR B 307 -5.41 -30.83 -14.59
CA THR B 307 -4.84 -29.93 -13.61
C THR B 307 -5.26 -28.50 -13.92
N ALA B 308 -5.52 -27.73 -12.86
CA ALA B 308 -5.94 -26.34 -12.95
C ALA B 308 -5.12 -25.52 -11.97
N GLU B 309 -4.65 -24.36 -12.41
CA GLU B 309 -3.84 -23.54 -11.50
C GLU B 309 -3.79 -22.08 -11.96
N TRP B 310 -3.73 -21.18 -10.99
CA TRP B 310 -3.59 -19.74 -11.23
C TRP B 310 -2.10 -19.38 -11.18
N ILE B 311 -1.66 -18.53 -12.10
CA ILE B 311 -0.29 -18.02 -12.08
C ILE B 311 -0.30 -16.50 -12.25
N THR B 312 0.77 -15.89 -11.76
CA THR B 312 1.08 -14.49 -11.97
C THR B 312 2.49 -14.39 -12.56
N GLY B 313 2.85 -13.18 -12.98
CA GLY B 313 4.18 -12.97 -13.51
C GLY B 313 4.41 -13.75 -14.79
N THR B 314 5.66 -14.15 -14.99
CA THR B 314 6.07 -14.89 -16.17
C THR B 314 6.78 -16.17 -15.76
N THR B 315 6.33 -17.30 -16.30
CA THR B 315 6.83 -18.61 -15.90
C THR B 315 6.84 -19.54 -17.11
N SER B 316 7.12 -20.82 -16.86
CA SER B 316 7.08 -21.85 -17.89
C SER B 316 6.66 -23.16 -17.25
N ARG B 317 5.90 -23.96 -18.00
CA ARG B 317 5.37 -25.23 -17.52
C ARG B 317 5.62 -26.33 -18.53
N ASN B 318 6.17 -27.45 -18.05
CA ASN B 318 6.38 -28.64 -18.87
C ASN B 318 5.19 -29.57 -18.72
N PHE B 319 4.70 -30.09 -19.86
CA PHE B 319 3.55 -30.98 -19.89
C PHE B 319 3.85 -32.14 -20.83
N SER B 320 3.77 -33.36 -20.31
CA SER B 320 3.92 -34.55 -21.14
C SER B 320 2.68 -34.74 -22.00
N VAL B 321 2.89 -35.02 -23.29
CA VAL B 321 1.82 -35.25 -24.24
C VAL B 321 1.94 -36.67 -24.76
N GLY B 322 0.85 -37.43 -24.67
CA GLY B 322 0.80 -38.78 -25.20
C GLY B 322 0.26 -38.82 -26.62
N ARG B 323 0.28 -40.02 -27.20
CA ARG B 323 -0.28 -40.22 -28.53
C ARG B 323 -1.76 -39.87 -28.55
N GLU B 324 -2.48 -40.21 -27.47
CA GLU B 324 -3.87 -39.80 -27.34
C GLU B 324 -4.02 -38.28 -27.40
N GLY B 325 -3.00 -37.54 -26.98
CA GLY B 325 -2.98 -36.10 -27.08
C GLY B 325 -3.20 -35.43 -25.73
N LEU B 326 -3.24 -34.10 -25.78
CA LEU B 326 -3.43 -33.26 -24.61
C LEU B 326 -4.27 -32.06 -25.02
N GLU B 327 -4.99 -31.49 -24.05
CA GLU B 327 -5.78 -30.29 -24.25
C GLU B 327 -5.38 -29.28 -23.19
N TYR B 328 -5.29 -28.00 -23.59
CA TYR B 328 -5.03 -26.94 -22.64
C TYR B 328 -5.90 -25.73 -22.97
N VAL B 329 -6.33 -25.03 -21.92
CA VAL B 329 -7.07 -23.79 -22.01
C VAL B 329 -6.28 -22.75 -21.21
N TRP B 330 -5.92 -21.66 -21.86
CA TRP B 330 -5.14 -20.58 -21.26
C TRP B 330 -6.04 -19.37 -21.11
N GLY B 331 -6.36 -19.01 -19.87
CA GLY B 331 -7.22 -17.87 -19.62
C GLY B 331 -8.56 -18.05 -20.31
N ASN B 332 -9.02 -16.98 -20.97
CA ASN B 332 -10.28 -17.02 -21.71
C ASN B 332 -10.12 -17.53 -23.13
N HIS B 333 -8.90 -17.85 -23.56
CA HIS B 333 -8.71 -18.34 -24.91
C HIS B 333 -9.37 -19.71 -25.09
N GLU B 334 -9.68 -20.03 -26.34
CA GLU B 334 -10.39 -21.26 -26.63
C GLU B 334 -9.50 -22.48 -26.36
N PRO B 335 -10.09 -23.64 -26.11
CA PRO B 335 -9.26 -24.84 -25.89
C PRO B 335 -8.42 -25.19 -27.10
N VAL B 336 -7.24 -25.74 -26.84
CA VAL B 336 -6.28 -26.11 -27.88
C VAL B 336 -5.86 -27.55 -27.65
N ARG B 337 -5.84 -28.32 -28.73
CA ARG B 337 -5.58 -29.77 -28.69
C ARG B 337 -4.28 -30.08 -29.40
N VAL B 338 -3.64 -31.18 -28.98
CA VAL B 338 -2.34 -31.60 -29.50
C VAL B 338 -2.28 -33.12 -29.46
N TRP B 339 -1.48 -33.69 -30.37
CA TRP B 339 -1.29 -35.13 -30.43
C TRP B 339 0.18 -35.44 -30.72
N ALA B 340 0.80 -36.20 -29.82
CA ALA B 340 2.22 -36.50 -29.94
C ALA B 340 2.50 -37.46 -31.10
N GLN B 341 3.75 -37.46 -31.54
CA GLN B 341 4.20 -38.32 -32.63
C GLN B 341 4.86 -39.58 -32.07
N PHE C 1 -18.15 -39.25 69.79
CA PHE C 1 -17.44 -40.34 69.14
C PHE C 1 -16.56 -39.81 68.01
N GLU C 2 -15.48 -40.54 67.73
CA GLU C 2 -14.54 -40.19 66.67
C GLU C 2 -14.62 -41.26 65.58
N HIS C 3 -14.72 -40.82 64.33
CA HIS C 3 -14.57 -41.69 63.17
C HIS C 3 -13.60 -41.06 62.18
N ALA C 4 -12.69 -41.88 61.65
CA ALA C 4 -11.67 -41.44 60.71
C ALA C 4 -11.83 -42.18 59.40
N THR C 5 -11.62 -41.47 58.30
CA THR C 5 -11.68 -42.03 56.96
C THR C 5 -10.77 -41.19 56.06
N THR C 6 -10.80 -41.48 54.76
CA THR C 6 -10.01 -40.72 53.78
C THR C 6 -10.92 -40.47 52.57
N VAL C 7 -11.39 -39.23 52.44
CA VAL C 7 -12.26 -38.86 51.34
C VAL C 7 -11.41 -38.60 50.09
N PRO C 8 -11.96 -38.68 48.88
CA PRO C 8 -11.20 -38.27 47.70
C PRO C 8 -11.34 -36.78 47.43
N ASN C 9 -10.21 -36.12 47.18
CA ASN C 9 -10.20 -34.68 46.94
C ASN C 9 -10.76 -34.41 45.56
N VAL C 10 -12.10 -34.34 45.49
CA VAL C 10 -12.82 -33.99 44.27
C VAL C 10 -13.90 -33.00 44.68
N PRO C 11 -13.91 -31.78 44.15
CA PRO C 11 -14.95 -30.82 44.58
C PRO C 11 -16.35 -31.29 44.18
N GLY C 12 -17.29 -31.04 45.08
CA GLY C 12 -18.71 -31.20 44.78
C GLY C 12 -19.24 -32.62 44.78
N ILE C 13 -18.40 -33.62 44.98
CA ILE C 13 -18.85 -35.01 44.96
C ILE C 13 -19.29 -35.41 46.36
N PRO C 14 -20.44 -36.09 46.54
CA PRO C 14 -20.73 -36.69 47.84
C PRO C 14 -19.93 -37.96 48.06
N TYR C 15 -19.50 -38.15 49.30
CA TYR C 15 -18.88 -39.39 49.76
C TYR C 15 -19.64 -39.82 50.99
N LYS C 16 -20.08 -41.08 51.02
CA LYS C 16 -20.92 -41.60 52.08
C LYS C 16 -20.20 -42.71 52.86
N ALA C 17 -20.47 -42.75 54.16
CA ALA C 17 -19.95 -43.78 55.03
C ALA C 17 -20.98 -44.01 56.13
N LEU C 18 -20.83 -45.14 56.82
CA LEU C 18 -21.75 -45.54 57.89
C LEU C 18 -20.92 -45.79 59.14
N VAL C 19 -20.93 -44.83 60.07
CA VAL C 19 -20.22 -45.02 61.33
C VAL C 19 -21.07 -45.88 62.24
N GLU C 20 -20.50 -46.99 62.71
CA GLU C 20 -21.20 -47.95 63.56
C GLU C 20 -20.51 -47.93 64.92
N ARG C 21 -21.25 -47.48 65.94
CA ARG C 21 -20.76 -47.62 67.30
C ARG C 21 -21.16 -48.99 67.84
N ALA C 22 -20.53 -49.37 68.96
CA ALA C 22 -20.49 -50.77 69.38
C ALA C 22 -21.88 -51.34 69.56
N GLY C 23 -22.79 -50.58 70.16
CA GLY C 23 -24.15 -51.05 70.42
C GLY C 23 -25.23 -50.13 69.88
N TYR C 24 -24.87 -48.91 69.48
CA TYR C 24 -25.84 -47.92 69.06
C TYR C 24 -26.29 -48.17 67.63
N ALA C 25 -27.34 -47.46 67.23
CA ALA C 25 -27.82 -47.52 65.85
C ALA C 25 -26.75 -46.96 64.92
N PRO C 26 -26.58 -47.52 63.71
CA PRO C 26 -25.51 -47.00 62.85
C PRO C 26 -25.95 -45.69 62.23
N LEU C 27 -24.99 -44.79 62.05
CA LEU C 27 -25.28 -43.41 61.68
C LEU C 27 -24.65 -43.10 60.32
N ASN C 28 -25.44 -42.53 59.43
CA ASN C 28 -24.94 -42.11 58.13
C ASN C 28 -24.00 -40.91 58.29
N LEU C 29 -23.09 -40.77 57.34
CA LEU C 29 -22.16 -39.64 57.33
C LEU C 29 -21.79 -39.35 55.89
N GLU C 30 -22.24 -38.21 55.36
CA GLU C 30 -21.94 -37.81 53.99
C GLU C 30 -21.15 -36.50 54.04
N ILE C 31 -20.11 -36.44 53.19
CA ILE C 31 -19.22 -35.29 53.09
C ILE C 31 -19.18 -34.84 51.64
N THR C 32 -19.32 -33.55 51.42
CA THR C 32 -19.09 -32.93 50.12
C THR C 32 -18.02 -31.87 50.26
N VAL C 33 -17.01 -31.92 49.37
CA VAL C 33 -16.02 -30.86 49.25
C VAL C 33 -16.64 -29.78 48.37
N VAL C 34 -17.35 -28.82 48.99
CA VAL C 34 -18.10 -27.85 48.20
C VAL C 34 -17.15 -26.94 47.44
N SER C 35 -16.00 -26.61 48.04
CA SER C 35 -15.02 -25.77 47.37
C SER C 35 -13.65 -26.01 47.98
N SER C 36 -12.63 -25.66 47.21
CA SER C 36 -11.25 -25.73 47.66
C SER C 36 -10.52 -24.48 47.16
N GLU C 37 -9.41 -24.15 47.80
CA GLU C 37 -8.58 -23.04 47.37
C GLU C 37 -7.15 -23.30 47.78
N LEU C 38 -6.29 -23.60 46.80
CA LEU C 38 -4.86 -23.80 47.02
C LEU C 38 -4.17 -22.44 46.90
N THR C 39 -3.90 -21.81 48.05
CA THR C 39 -3.31 -20.48 48.14
C THR C 39 -1.88 -20.58 48.64
N PRO C 40 -0.85 -20.12 47.88
CA PRO C 40 0.49 -20.02 48.49
C PRO C 40 0.76 -18.65 49.09
N SER C 41 1.86 -18.52 49.82
CA SER C 41 2.32 -17.25 50.36
C SER C 41 3.27 -16.63 49.35
N THR C 42 3.00 -15.37 48.99
CA THR C 42 3.70 -14.70 47.89
C THR C 42 4.25 -13.37 48.39
N ASN C 43 5.34 -12.93 47.74
CA ASN C 43 5.96 -11.65 48.01
C ASN C 43 6.10 -10.87 46.71
N LYS C 44 5.89 -9.57 46.79
CA LYS C 44 5.89 -8.69 45.62
C LYS C 44 7.32 -8.27 45.33
N GLU C 45 7.86 -8.75 44.20
CA GLU C 45 9.21 -8.35 43.79
C GLU C 45 9.20 -6.93 43.23
N TYR C 46 8.44 -6.71 42.16
CA TYR C 46 8.38 -5.38 41.54
C TYR C 46 7.24 -5.37 40.53
N VAL C 47 7.05 -4.21 39.90
CA VAL C 47 6.09 -4.01 38.84
C VAL C 47 6.85 -3.59 37.59
N THR C 48 6.23 -3.82 36.43
CA THR C 48 6.80 -3.41 35.16
C THR C 48 5.67 -3.10 34.20
N CYS C 49 5.99 -2.30 33.19
CA CYS C 49 5.04 -1.88 32.17
C CYS C 49 5.86 -1.34 31.00
N ARG C 50 5.19 -0.73 30.03
CA ARG C 50 5.90 -0.02 28.98
C ARG C 50 6.49 1.25 29.57
N PHE C 51 7.81 1.40 29.46
CA PHE C 51 8.42 2.65 29.88
C PHE C 51 8.02 3.76 28.94
N HIS C 52 7.86 4.96 29.50
CA HIS C 52 7.80 6.19 28.73
C HIS C 52 9.18 6.82 28.80
N THR C 53 9.78 7.05 27.63
CA THR C 53 11.15 7.55 27.54
C THR C 53 11.06 9.07 27.50
N VAL C 54 11.34 9.70 28.63
CA VAL C 54 11.28 11.15 28.74
C VAL C 54 12.67 11.72 28.45
N ILE C 55 12.71 12.67 27.52
CA ILE C 55 13.94 13.35 27.13
C ILE C 55 13.81 14.80 27.60
N PRO C 56 14.55 15.23 28.61
CA PRO C 56 14.46 16.63 29.02
C PRO C 56 14.87 17.58 27.90
N SER C 57 14.47 18.83 28.07
CA SER C 57 14.83 19.86 27.11
C SER C 57 16.35 19.97 27.01
N PRO C 58 16.93 20.10 25.81
CA PRO C 58 18.40 20.18 25.72
C PRO C 58 18.95 21.52 26.17
N GLN C 59 20.27 21.53 26.38
CA GLN C 59 21.00 22.69 26.86
C GLN C 59 22.22 22.93 25.99
N VAL C 60 22.58 24.20 25.87
CA VAL C 60 23.75 24.61 25.12
C VAL C 60 24.50 25.65 25.94
N LYS C 61 25.79 25.40 26.17
CA LYS C 61 26.74 26.43 26.59
C LYS C 61 27.63 26.59 25.36
N CYS C 62 27.25 27.51 24.49
CA CYS C 62 27.71 27.37 23.13
C CYS C 62 28.91 28.24 22.77
N CYS C 63 29.59 28.85 23.76
CA CYS C 63 31.05 28.84 23.72
C CYS C 63 31.65 28.83 25.12
N GLY C 64 31.18 27.90 25.95
CA GLY C 64 31.92 27.49 27.13
C GLY C 64 32.17 26.01 27.11
N SER C 65 31.85 25.34 28.21
CA SER C 65 32.06 23.91 28.34
C SER C 65 31.03 23.36 29.33
N LEU C 66 30.49 22.19 29.02
CA LEU C 66 29.54 21.49 29.87
C LEU C 66 30.05 20.09 30.16
N GLU C 67 29.63 19.56 31.29
CA GLU C 67 29.97 18.22 31.70
C GLU C 67 28.68 17.49 32.05
N CYS C 68 28.64 16.20 31.74
CA CYS C 68 27.50 15.36 32.09
C CYS C 68 27.57 14.97 33.56
N LYS C 69 26.66 15.51 34.37
CA LYS C 69 26.61 15.14 35.77
C LYS C 69 25.96 13.77 35.93
N ALA C 70 25.86 13.32 37.18
CA ALA C 70 25.24 12.03 37.50
C ALA C 70 23.93 12.27 38.22
N SER C 71 22.85 11.71 37.68
CA SER C 71 21.52 11.80 38.25
C SER C 71 21.10 10.43 38.79
N SER C 72 19.92 10.39 39.39
CA SER C 72 19.37 9.17 40.00
C SER C 72 18.17 8.62 39.24
N LYS C 73 17.95 9.09 38.01
CA LYS C 73 16.79 8.66 37.25
C LYS C 73 16.98 7.24 36.73
N ALA C 74 15.86 6.60 36.42
CA ALA C 74 15.90 5.24 35.89
C ALA C 74 16.60 5.23 34.53
N ASP C 75 17.67 4.45 34.43
CA ASP C 75 18.45 4.33 33.20
C ASP C 75 18.84 5.70 32.66
N TYR C 76 19.27 6.57 33.56
CA TYR C 76 19.69 7.90 33.15
C TYR C 76 20.87 7.82 32.20
N THR C 77 20.85 8.67 31.17
CA THR C 77 21.96 8.75 30.24
C THR C 77 22.17 10.20 29.84
N CYS C 78 23.43 10.62 29.83
CA CYS C 78 23.78 11.98 29.45
C CYS C 78 25.11 11.95 28.70
N ARG C 79 25.27 12.91 27.79
CA ARG C 79 26.47 13.01 26.98
C ARG C 79 26.66 14.47 26.58
N VAL C 80 27.89 14.78 26.17
CA VAL C 80 28.28 16.14 25.78
C VAL C 80 28.75 16.10 24.33
N PHE C 81 28.44 17.16 23.60
CA PHE C 81 28.85 17.32 22.22
C PHE C 81 29.53 18.68 22.05
N GLY C 82 30.46 18.75 21.10
CA GLY C 82 31.18 19.98 20.84
C GLY C 82 30.45 20.88 19.86
N GLY C 83 31.14 21.26 18.78
CA GLY C 83 30.57 22.15 17.79
C GLY C 83 29.28 21.64 17.17
N VAL C 84 28.17 22.29 17.50
CA VAL C 84 26.86 21.96 16.97
C VAL C 84 26.20 23.16 16.29
N TYR C 85 26.25 24.34 16.92
CA TYR C 85 25.69 25.56 16.39
C TYR C 85 24.22 25.36 15.96
N PRO C 86 23.31 25.16 16.90
CA PRO C 86 21.98 24.69 16.54
C PRO C 86 20.99 25.82 16.31
N PHE C 87 20.10 25.59 15.33
CA PHE C 87 19.08 26.55 14.94
C PHE C 87 17.73 26.02 15.38
N MET C 88 16.87 26.90 15.89
CA MET C 88 15.51 26.48 16.24
C MET C 88 14.43 27.20 15.42
N TRP C 89 14.30 28.53 15.51
CA TRP C 89 13.33 29.21 14.65
C TRP C 89 13.85 30.50 14.03
N GLY C 90 14.82 31.18 14.61
CA GLY C 90 15.48 32.25 13.90
C GLY C 90 16.39 31.76 12.80
N GLY C 91 17.05 30.62 13.01
CA GLY C 91 18.19 30.23 12.22
C GLY C 91 19.52 30.42 12.92
N ALA C 92 19.49 30.83 14.19
CA ALA C 92 20.70 30.85 15.03
C ALA C 92 20.29 31.08 16.48
N GLN C 93 20.77 30.25 17.38
CA GLN C 93 20.53 30.40 18.81
C GLN C 93 21.83 30.65 19.57
N CYS C 94 22.87 31.09 18.86
CA CYS C 94 24.19 31.12 19.48
C CYS C 94 25.09 32.17 18.86
N PHE C 95 26.08 32.54 19.65
CA PHE C 95 27.27 33.24 19.21
C PHE C 95 28.40 32.23 19.35
N CYS C 96 29.52 32.47 18.67
CA CYS C 96 30.65 31.53 18.68
C CYS C 96 30.26 30.17 18.09
N ASP C 97 30.02 30.14 16.77
CA ASP C 97 29.58 28.90 16.14
C ASP C 97 30.50 27.70 16.41
N SER C 98 31.75 27.92 16.84
CA SER C 98 32.67 26.85 17.17
C SER C 98 32.74 26.62 18.69
N GLU C 99 33.28 25.45 19.07
CA GLU C 99 33.39 24.97 20.45
C GLU C 99 32.12 25.31 21.22
N ASN C 100 31.03 24.66 20.81
CA ASN C 100 29.67 25.16 20.91
C ASN C 100 28.81 24.25 21.78
N THR C 101 29.27 23.93 22.99
CA THR C 101 28.95 22.64 23.57
C THR C 101 27.47 22.48 23.89
N GLN C 102 26.99 21.24 23.77
CA GLN C 102 25.62 20.86 24.05
C GLN C 102 25.61 19.72 25.05
N LEU C 103 24.70 19.78 26.01
CA LEU C 103 24.40 18.68 26.91
C LEU C 103 23.15 17.99 26.39
N SER C 104 23.26 16.70 26.10
CA SER C 104 22.11 15.89 25.67
C SER C 104 21.86 14.81 26.71
N GLU C 105 20.65 14.80 27.25
CA GLU C 105 20.25 13.93 28.34
C GLU C 105 18.91 13.27 28.05
N ALA C 106 18.71 12.09 28.63
CA ALA C 106 17.44 11.40 28.53
C ALA C 106 17.37 10.34 29.63
N TYR C 107 16.14 9.95 29.97
CA TYR C 107 15.91 8.86 30.90
C TYR C 107 14.51 8.31 30.66
N VAL C 108 14.11 7.36 31.51
CA VAL C 108 12.84 6.65 31.35
C VAL C 108 12.07 6.70 32.67
N GLU C 109 10.77 6.50 32.56
CA GLU C 109 9.89 6.39 33.71
C GLU C 109 8.71 5.51 33.28
N PHE C 110 7.67 5.47 34.11
CA PHE C 110 6.48 4.71 33.80
C PHE C 110 5.56 5.52 32.88
N ALA C 111 4.98 4.84 31.90
CA ALA C 111 4.01 5.51 31.04
C ALA C 111 2.81 5.94 31.88
N PRO C 112 2.13 7.02 31.50
CA PRO C 112 1.12 7.59 32.41
C PRO C 112 -0.05 6.66 32.68
N ASP C 113 -0.36 5.76 31.76
CA ASP C 113 -1.46 4.81 31.91
C ASP C 113 -0.99 3.42 32.32
N CYS C 114 0.23 3.29 32.85
CA CYS C 114 0.66 2.00 33.40
C CYS C 114 -0.13 1.60 34.64
N THR C 115 -0.87 2.53 35.25
CA THR C 115 -1.56 2.22 36.50
C THR C 115 -2.56 1.09 36.35
N ILE C 116 -3.04 0.81 35.13
CA ILE C 116 -3.92 -0.31 34.86
C ILE C 116 -3.23 -1.38 34.01
N ASP C 117 -2.39 -0.97 33.07
CA ASP C 117 -1.65 -1.90 32.22
C ASP C 117 -0.26 -2.06 32.83
N HIS C 118 -0.12 -3.04 33.72
CA HIS C 118 1.15 -3.32 34.36
C HIS C 118 1.17 -4.77 34.80
N ALA C 119 2.34 -5.39 34.69
CA ALA C 119 2.57 -6.73 35.21
C ALA C 119 3.29 -6.65 36.55
N VAL C 120 2.99 -7.61 37.42
CA VAL C 120 3.58 -7.69 38.76
C VAL C 120 4.32 -9.02 38.86
N ALA C 121 5.55 -8.97 39.37
CA ALA C 121 6.40 -10.13 39.49
C ALA C 121 6.35 -10.64 40.93
N LEU C 122 5.95 -11.90 41.11
CA LEU C 122 5.80 -12.51 42.42
C LEU C 122 6.64 -13.78 42.51
N LYS C 123 7.02 -14.13 43.74
CA LYS C 123 7.62 -15.43 44.03
C LYS C 123 6.76 -16.13 45.07
N VAL C 124 6.37 -17.36 44.77
CA VAL C 124 5.45 -18.11 45.62
C VAL C 124 6.25 -19.06 46.51
N HIS C 125 5.58 -19.58 47.54
CA HIS C 125 6.16 -20.56 48.45
C HIS C 125 5.22 -21.77 48.52
N THR C 126 5.43 -22.65 49.50
CA THR C 126 4.56 -23.81 49.70
C THR C 126 3.09 -23.40 49.67
N ALA C 127 2.31 -24.15 48.89
CA ALA C 127 0.92 -23.81 48.64
C ALA C 127 0.03 -24.42 49.72
N ALA C 128 -0.59 -23.56 50.53
CA ALA C 128 -1.50 -23.99 51.57
C ALA C 128 -2.90 -24.14 51.00
N LEU C 129 -3.51 -25.29 51.23
CA LEU C 129 -4.83 -25.59 50.71
C LEU C 129 -5.84 -25.45 51.83
N LYS C 130 -6.95 -24.77 51.55
CA LYS C 130 -8.09 -24.65 52.45
C LYS C 130 -9.34 -25.10 51.70
N VAL C 131 -10.20 -25.85 52.38
CA VAL C 131 -11.34 -26.53 51.76
C VAL C 131 -12.61 -26.24 52.54
N GLY C 132 -13.69 -26.00 51.80
CA GLY C 132 -15.01 -25.91 52.37
C GLY C 132 -15.71 -27.24 52.27
N LEU C 133 -16.33 -27.65 53.38
CA LEU C 133 -16.95 -28.95 53.53
C LEU C 133 -18.39 -28.78 53.99
N ARG C 134 -19.28 -29.61 53.45
CA ARG C 134 -20.60 -29.84 54.03
C ARG C 134 -20.63 -31.26 54.55
N ILE C 135 -20.91 -31.41 55.83
CA ILE C 135 -21.06 -32.71 56.49
C ILE C 135 -22.51 -32.84 56.92
N VAL C 136 -23.16 -33.93 56.53
CA VAL C 136 -24.47 -34.29 57.06
C VAL C 136 -24.37 -35.63 57.75
N TYR C 137 -24.79 -35.67 59.02
CA TYR C 137 -24.80 -36.86 59.86
C TYR C 137 -26.20 -36.99 60.44
N GLY C 138 -26.81 -38.15 60.27
CA GLY C 138 -28.17 -38.36 60.73
C GLY C 138 -29.14 -37.37 60.11
N ASN C 139 -29.61 -36.43 60.93
CA ASN C 139 -30.52 -35.39 60.47
C ASN C 139 -29.86 -34.03 60.35
N THR C 140 -28.66 -33.84 60.91
CA THR C 140 -28.05 -32.54 61.06
C THR C 140 -26.92 -32.36 60.05
N THR C 141 -26.95 -31.22 59.34
CA THR C 141 -25.90 -30.86 58.40
C THR C 141 -25.23 -29.57 58.83
N ALA C 142 -24.01 -29.36 58.33
CA ALA C 142 -23.21 -28.22 58.74
C ALA C 142 -22.18 -27.91 57.65
N HIS C 143 -21.94 -26.61 57.46
CA HIS C 143 -20.93 -26.09 56.55
C HIS C 143 -19.75 -25.57 57.35
N LEU C 144 -18.53 -25.79 56.86
CA LEU C 144 -17.37 -25.24 57.54
C LEU C 144 -16.17 -25.26 56.61
N ASP C 145 -15.26 -24.31 56.84
CA ASP C 145 -14.01 -24.21 56.09
C ASP C 145 -12.85 -24.60 57.00
N THR C 146 -11.95 -25.44 56.49
CA THR C 146 -10.85 -25.97 57.28
C THR C 146 -9.59 -26.05 56.44
N PHE C 147 -8.45 -26.06 57.13
CA PHE C 147 -7.14 -26.17 56.50
C PHE C 147 -6.70 -27.63 56.51
N VAL C 148 -6.20 -28.10 55.37
CA VAL C 148 -5.74 -29.49 55.24
C VAL C 148 -4.27 -29.52 55.63
N ASN C 149 -4.02 -29.72 56.93
CA ASN C 149 -2.67 -29.85 57.43
C ASN C 149 -2.50 -30.96 58.46
N GLY C 150 -3.60 -31.52 58.97
CA GLY C 150 -3.53 -32.44 60.08
C GLY C 150 -3.38 -31.80 61.44
N VAL C 151 -3.44 -30.46 61.52
CA VAL C 151 -3.22 -29.74 62.76
C VAL C 151 -4.38 -28.78 63.04
N THR C 152 -4.73 -27.96 62.05
CA THR C 152 -5.77 -26.94 62.25
C THR C 152 -7.15 -27.58 62.22
N PRO C 153 -7.93 -27.53 63.31
CA PRO C 153 -9.26 -28.13 63.28
C PRO C 153 -10.35 -27.17 62.84
N GLY C 154 -11.34 -27.73 62.15
CA GLY C 154 -12.56 -27.01 61.80
C GLY C 154 -13.67 -27.35 62.77
N SER C 155 -14.45 -26.34 63.14
CA SER C 155 -15.49 -26.49 64.14
C SER C 155 -16.81 -25.90 63.65
N SER C 156 -17.90 -26.65 63.90
CA SER C 156 -19.27 -26.13 63.73
C SER C 156 -20.07 -26.47 64.99
N ARG C 157 -19.87 -25.65 66.04
CA ARG C 157 -20.78 -25.43 67.16
C ARG C 157 -21.06 -26.65 68.04
N ASP C 158 -20.92 -27.86 67.50
CA ASP C 158 -20.78 -29.08 68.27
C ASP C 158 -19.78 -30.03 67.62
N LEU C 159 -19.46 -29.79 66.34
CA LEU C 159 -18.70 -30.72 65.54
C LEU C 159 -17.25 -30.24 65.49
N LYS C 160 -16.32 -31.14 65.80
CA LYS C 160 -14.89 -30.91 65.64
C LYS C 160 -14.38 -31.88 64.60
N VAL C 161 -13.54 -31.39 63.67
CA VAL C 161 -13.00 -32.23 62.62
C VAL C 161 -11.58 -31.77 62.32
N ILE C 162 -10.74 -32.71 61.88
CA ILE C 162 -9.38 -32.41 61.49
C ILE C 162 -9.06 -33.12 60.19
N ALA C 163 -8.43 -32.40 59.27
CA ALA C 163 -8.24 -32.83 57.89
C ALA C 163 -6.77 -32.96 57.56
N GLY C 164 -6.44 -33.91 56.70
CA GLY C 164 -5.17 -33.93 56.02
C GLY C 164 -4.03 -34.55 56.80
N PRO C 165 -2.79 -34.34 56.31
CA PRO C 165 -2.41 -33.54 55.13
C PRO C 165 -2.77 -34.24 53.81
N ILE C 166 -2.67 -33.53 52.69
CA ILE C 166 -3.00 -34.06 51.38
C ILE C 166 -2.19 -35.33 51.11
N SER C 167 -2.79 -36.30 50.42
CA SER C 167 -2.06 -37.51 50.09
C SER C 167 -0.86 -37.22 49.21
N ALA C 168 -1.02 -36.35 48.22
CA ALA C 168 0.06 -35.95 47.32
C ALA C 168 0.08 -34.43 47.23
N ALA C 169 1.20 -33.82 47.59
CA ALA C 169 1.34 -32.38 47.47
C ALA C 169 1.41 -31.96 46.01
N PHE C 170 0.82 -30.81 45.71
CA PHE C 170 0.82 -30.30 44.34
C PHE C 170 0.65 -28.78 44.38
N SER C 171 1.18 -28.13 43.35
CA SER C 171 0.97 -26.70 43.16
C SER C 171 1.09 -26.37 41.67
N PRO C 172 0.06 -25.80 41.03
CA PRO C 172 0.21 -25.44 39.61
C PRO C 172 1.22 -24.32 39.38
N PHE C 173 1.61 -23.60 40.43
CA PHE C 173 2.49 -22.44 40.30
C PHE C 173 3.94 -22.88 40.49
N ASP C 174 4.80 -22.48 39.55
CA ASP C 174 6.23 -22.63 39.72
C ASP C 174 6.70 -21.58 40.73
N HIS C 175 8.02 -21.52 40.95
CA HIS C 175 8.54 -20.71 42.05
C HIS C 175 8.20 -19.24 41.88
N LYS C 176 8.26 -18.73 40.64
CA LYS C 176 8.07 -17.30 40.37
C LYS C 176 7.10 -17.13 39.20
N VAL C 177 6.18 -16.17 39.36
CA VAL C 177 5.06 -15.97 38.44
C VAL C 177 4.89 -14.50 38.14
N VAL C 178 4.06 -14.22 37.13
CA VAL C 178 3.75 -12.87 36.67
C VAL C 178 2.24 -12.73 36.60
N ILE C 179 1.73 -11.61 37.10
CA ILE C 179 0.29 -11.33 37.17
C ILE C 179 0.00 -10.09 36.34
N ARG C 180 -1.04 -10.17 35.51
CA ARG C 180 -1.31 -9.12 34.53
C ARG C 180 -2.81 -9.15 34.23
N LYS C 181 -3.56 -8.18 34.78
CA LYS C 181 -5.03 -8.08 34.62
C LYS C 181 -5.71 -9.41 34.92
N GLY C 182 -5.31 -10.04 36.03
CA GLY C 182 -5.89 -11.29 36.44
C GLY C 182 -5.35 -12.50 35.70
N LEU C 183 -4.51 -12.31 34.69
CA LEU C 183 -3.90 -13.40 33.97
C LEU C 183 -2.58 -13.77 34.62
N VAL C 184 -2.36 -15.07 34.78
CA VAL C 184 -1.24 -15.60 35.54
C VAL C 184 -0.33 -16.36 34.58
N TYR C 185 0.96 -16.07 34.64
CA TYR C 185 1.95 -16.72 33.79
C TYR C 185 3.09 -17.24 34.65
N ASN C 186 3.57 -18.45 34.31
CA ASN C 186 4.75 -19.01 34.98
C ASN C 186 6.00 -18.64 34.20
N TYR C 187 6.35 -17.35 34.29
CA TYR C 187 7.49 -16.80 33.59
C TYR C 187 8.66 -16.64 34.57
N ASP C 188 9.85 -17.02 34.12
CA ASP C 188 11.07 -16.87 34.91
C ASP C 188 11.58 -15.44 34.73
N PHE C 189 10.94 -14.51 35.42
CA PHE C 189 11.31 -13.11 35.27
C PHE C 189 12.68 -12.86 35.91
N PRO C 190 13.41 -11.85 35.43
CA PRO C 190 14.70 -11.53 36.07
C PRO C 190 14.50 -11.00 37.48
N GLU C 191 15.50 -11.25 38.32
CA GLU C 191 15.43 -10.87 39.72
C GLU C 191 15.57 -9.36 39.86
N TYR C 192 15.19 -8.84 41.02
CA TYR C 192 15.14 -7.39 41.19
C TYR C 192 16.53 -6.79 41.05
N GLY C 193 16.60 -5.70 40.28
CA GLY C 193 17.86 -5.04 39.98
C GLY C 193 18.62 -5.62 38.80
N ALA C 194 18.27 -6.82 38.36
CA ALA C 194 18.93 -7.47 37.23
C ALA C 194 18.15 -7.23 35.93
N MET C 195 17.97 -5.96 35.61
CA MET C 195 17.33 -5.61 34.34
C MET C 195 18.22 -6.01 33.17
N LYS C 196 17.59 -6.47 32.09
CA LYS C 196 18.27 -6.69 30.83
C LYS C 196 17.42 -6.07 29.73
N PRO C 197 18.00 -5.26 28.84
CA PRO C 197 17.18 -4.51 27.88
C PRO C 197 16.47 -5.41 26.89
N GLY C 198 15.30 -4.96 26.44
CA GLY C 198 14.56 -5.68 25.43
C GLY C 198 13.85 -6.92 25.91
N ALA C 199 13.75 -7.12 27.22
CA ALA C 199 13.13 -8.30 27.80
C ALA C 199 12.23 -7.89 28.97
N PHE C 200 11.44 -8.86 29.44
CA PHE C 200 10.51 -8.58 30.52
C PHE C 200 11.24 -8.10 31.76
N GLY C 201 10.63 -7.14 32.46
CA GLY C 201 11.27 -6.57 33.63
C GLY C 201 12.45 -5.68 33.32
N ASP C 202 12.56 -5.18 32.09
CA ASP C 202 13.63 -4.25 31.76
C ASP C 202 13.55 -2.98 32.61
N ILE C 203 12.36 -2.60 33.06
CA ILE C 203 12.15 -1.50 33.99
C ILE C 203 11.47 -2.05 35.22
N GLN C 204 11.94 -1.65 36.40
CA GLN C 204 11.47 -2.21 37.65
C GLN C 204 11.31 -1.11 38.70
N ALA C 205 10.35 -1.31 39.58
CA ALA C 205 10.15 -0.44 40.74
C ALA C 205 9.32 -1.20 41.76
N SER C 206 9.48 -0.82 43.03
CA SER C 206 8.73 -1.49 44.09
C SER C 206 7.23 -1.28 43.95
N SER C 207 6.82 -0.15 43.37
CA SER C 207 5.41 0.16 43.23
C SER C 207 5.22 1.10 42.05
N LEU C 208 3.97 1.25 41.62
CA LEU C 208 3.67 2.17 40.52
C LEU C 208 4.05 3.61 40.89
N ASP C 209 3.75 4.02 42.12
CA ASP C 209 4.09 5.35 42.60
C ASP C 209 5.49 5.44 43.19
N ALA C 210 6.18 4.31 43.36
CA ALA C 210 7.52 4.32 43.93
C ALA C 210 8.43 5.17 43.07
N THR C 211 9.22 6.04 43.70
CA THR C 211 10.12 6.93 42.99
C THR C 211 11.50 6.33 42.72
N ASP C 212 11.77 5.13 43.22
CA ASP C 212 13.05 4.45 42.99
C ASP C 212 12.98 3.54 41.76
N ILE C 213 12.60 4.10 40.61
CA ILE C 213 12.50 3.31 39.40
C ILE C 213 13.90 3.00 38.91
N VAL C 214 14.13 1.74 38.57
CA VAL C 214 15.41 1.28 38.03
C VAL C 214 15.14 0.58 36.71
N ALA C 215 15.93 0.91 35.69
CA ALA C 215 15.72 0.34 34.37
C ALA C 215 17.07 0.20 33.67
N ARG C 216 17.12 -0.74 32.72
CA ARG C 216 18.27 -0.91 31.83
C ARG C 216 17.68 -1.23 30.45
N THR C 217 17.48 -0.19 29.65
CA THR C 217 16.79 -0.29 28.37
C THR C 217 17.72 -0.12 27.17
N ASP C 218 19.03 -0.01 27.42
CA ASP C 218 20.02 0.17 26.35
C ASP C 218 19.65 1.38 25.47
N ILE C 219 19.45 2.51 26.15
CA ILE C 219 19.28 3.79 25.47
C ILE C 219 20.67 4.40 25.29
N ARG C 220 21.01 4.74 24.05
CA ARG C 220 22.23 5.47 23.77
C ARG C 220 21.88 6.65 22.87
N LEU C 221 22.29 7.84 23.30
CA LEU C 221 22.10 9.04 22.52
C LEU C 221 23.09 9.08 21.35
N LEU C 222 22.71 9.79 20.30
CA LEU C 222 23.52 9.92 19.09
C LEU C 222 23.87 11.38 18.89
N LYS C 223 25.01 11.62 18.27
CA LYS C 223 25.46 12.98 18.02
C LYS C 223 24.48 13.66 17.06
N PRO C 224 24.02 14.89 17.35
CA PRO C 224 23.13 15.56 16.40
C PRO C 224 23.82 15.79 15.07
N SER C 225 23.07 15.59 13.99
CA SER C 225 23.58 15.73 12.63
C SER C 225 22.92 16.87 11.88
N VAL C 226 21.59 16.98 11.94
CA VAL C 226 20.89 18.03 11.22
C VAL C 226 21.21 19.38 11.84
N LYS C 227 21.19 20.42 11.00
CA LYS C 227 21.51 21.78 11.45
C LYS C 227 20.56 22.22 12.57
N ASN C 228 19.29 21.87 12.47
CA ASN C 228 18.30 22.28 13.46
C ASN C 228 18.56 21.61 14.80
N ILE C 229 18.12 22.28 15.87
CA ILE C 229 18.23 21.71 17.21
C ILE C 229 17.30 20.50 17.32
N HIS C 230 17.84 19.40 17.84
CA HIS C 230 17.06 18.24 18.23
C HIS C 230 18.02 17.27 18.92
N VAL C 231 17.45 16.22 19.50
CA VAL C 231 18.20 15.18 20.19
C VAL C 231 17.94 13.86 19.48
N PRO C 232 18.92 13.27 18.79
CA PRO C 232 18.75 11.90 18.32
C PRO C 232 19.21 10.87 19.35
N TYR C 233 18.55 9.73 19.33
CA TYR C 233 18.89 8.63 20.23
C TYR C 233 18.31 7.35 19.67
N THR C 234 18.84 6.23 20.14
CA THR C 234 18.31 4.92 19.79
C THR C 234 18.20 4.09 21.06
N GLN C 235 17.31 3.10 21.03
CA GLN C 235 16.97 2.37 22.23
C GLN C 235 16.32 1.04 21.86
N ALA C 236 16.46 0.08 22.76
CA ALA C 236 15.79 -1.20 22.59
C ALA C 236 14.29 -1.04 22.81
N VAL C 237 13.53 -1.97 22.23
CA VAL C 237 12.08 -1.96 22.37
C VAL C 237 11.74 -2.22 23.82
N SER C 238 10.51 -1.89 24.21
CA SER C 238 10.05 -2.15 25.58
C SER C 238 9.80 -3.64 25.73
N GLY C 239 10.66 -4.32 26.50
CA GLY C 239 10.54 -5.75 26.68
C GLY C 239 9.23 -6.18 27.31
N TYR C 240 8.54 -5.26 27.99
CA TYR C 240 7.17 -5.53 28.42
C TYR C 240 6.29 -5.86 27.23
N GLU C 241 6.35 -5.03 26.18
CA GLU C 241 5.59 -5.30 24.97
C GLU C 241 6.08 -6.58 24.29
N MET C 242 7.39 -6.81 24.30
CA MET C 242 7.94 -8.01 23.69
C MET C 242 7.39 -9.27 24.37
N TRP C 243 7.32 -9.25 25.71
CA TRP C 243 6.71 -10.35 26.43
C TRP C 243 5.22 -10.44 26.13
N LYS C 244 4.55 -9.29 26.01
CA LYS C 244 3.12 -9.29 25.71
C LYS C 244 2.83 -9.98 24.39
N ASN C 245 3.67 -9.72 23.38
CA ASN C 245 3.50 -10.41 22.10
C ASN C 245 3.71 -11.92 22.25
N ASN C 246 4.71 -12.33 23.04
CA ASN C 246 5.06 -13.73 23.23
C ASN C 246 4.81 -14.18 24.67
N SER C 247 3.78 -13.64 25.31
CA SER C 247 3.46 -14.05 26.67
C SER C 247 3.05 -15.52 26.71
N GLY C 248 2.33 -15.98 25.69
CA GLY C 248 1.84 -17.35 25.67
C GLY C 248 0.56 -17.50 26.46
N ARG C 249 0.12 -18.75 26.58
CA ARG C 249 -1.15 -19.03 27.23
C ARG C 249 -1.00 -18.90 28.74
N PRO C 250 -1.77 -18.05 29.42
CA PRO C 250 -1.66 -17.95 30.88
C PRO C 250 -2.13 -19.21 31.59
N LEU C 251 -1.98 -19.19 32.91
CA LEU C 251 -2.21 -20.39 33.70
C LEU C 251 -3.69 -20.72 33.85
N GLN C 252 -4.57 -19.77 33.54
CA GLN C 252 -6.01 -20.03 33.67
C GLN C 252 -6.47 -21.17 32.77
N GLU C 253 -5.69 -21.54 31.76
CA GLU C 253 -5.99 -22.68 30.89
C GLU C 253 -4.89 -23.72 30.85
N THR C 254 -3.78 -23.52 31.56
CA THR C 254 -2.66 -24.46 31.55
C THR C 254 -2.59 -25.33 32.80
N ALA C 255 -3.13 -24.86 33.93
CA ALA C 255 -3.01 -25.61 35.17
C ALA C 255 -3.69 -26.98 35.03
N PRO C 256 -3.00 -28.09 35.32
CA PRO C 256 -3.66 -29.40 35.20
C PRO C 256 -4.66 -29.62 36.31
N PHE C 257 -5.33 -30.76 36.30
CA PHE C 257 -6.41 -31.11 37.23
C PHE C 257 -7.63 -30.20 37.08
N GLY C 258 -7.71 -29.43 36.02
CA GLY C 258 -8.92 -28.69 35.69
C GLY C 258 -9.40 -27.74 36.77
N CYS C 259 -8.50 -26.93 37.32
CA CYS C 259 -8.82 -26.09 38.46
C CYS C 259 -8.50 -24.63 38.20
N LYS C 260 -9.34 -23.75 38.73
CA LYS C 260 -9.51 -22.40 38.21
C LYS C 260 -8.62 -21.41 38.96
N ILE C 261 -7.80 -20.67 38.22
CA ILE C 261 -6.87 -19.72 38.83
C ILE C 261 -7.61 -18.40 39.08
N GLU C 262 -7.42 -17.85 40.28
CA GLU C 262 -8.05 -16.60 40.67
C GLU C 262 -7.04 -15.77 41.45
N VAL C 263 -7.20 -14.45 41.41
CA VAL C 263 -6.21 -13.52 41.90
C VAL C 263 -6.82 -12.77 43.09
N GLU C 264 -5.98 -12.05 43.83
CA GLU C 264 -6.30 -11.21 44.99
C GLU C 264 -7.15 -12.01 45.99
N PRO C 265 -6.56 -12.99 46.67
CA PRO C 265 -5.19 -13.50 46.57
C PRO C 265 -5.00 -14.50 45.44
N LEU C 266 -3.76 -14.72 45.00
CA LEU C 266 -3.48 -15.74 44.00
C LEU C 266 -3.80 -17.12 44.55
N ARG C 267 -4.48 -17.94 43.74
CA ARG C 267 -4.92 -19.25 44.21
C ARG C 267 -5.48 -20.06 43.06
N ALA C 268 -5.61 -21.36 43.31
CA ALA C 268 -6.30 -22.30 42.44
C ALA C 268 -7.50 -22.87 43.19
N SER C 269 -8.68 -22.74 42.61
CA SER C 269 -9.94 -23.11 43.24
C SER C 269 -10.49 -24.38 42.62
N ASN C 270 -11.07 -25.22 43.47
CA ASN C 270 -11.75 -26.46 43.08
C ASN C 270 -10.80 -27.35 42.29
N CYS C 271 -9.75 -27.81 42.96
CA CYS C 271 -8.66 -28.52 42.30
C CYS C 271 -8.64 -29.95 42.82
N ALA C 272 -9.02 -30.88 41.94
CA ALA C 272 -9.22 -32.27 42.28
C ALA C 272 -7.92 -33.05 42.10
N TYR C 273 -7.35 -33.51 43.21
CA TYR C 273 -6.14 -34.31 43.18
C TYR C 273 -5.89 -34.88 44.56
N GLY C 274 -5.53 -36.16 44.62
CA GLY C 274 -5.19 -36.77 45.89
C GLY C 274 -6.41 -37.04 46.76
N HIS C 275 -6.12 -37.32 48.03
CA HIS C 275 -7.14 -37.69 49.00
C HIS C 275 -6.88 -36.97 50.32
N ILE C 276 -7.95 -36.78 51.08
CA ILE C 276 -7.93 -36.07 52.36
C ILE C 276 -8.19 -37.09 53.46
N PRO C 277 -7.19 -37.44 54.28
CA PRO C 277 -7.51 -38.10 55.56
C PRO C 277 -8.25 -37.15 56.48
N ILE C 278 -9.50 -37.50 56.79
CA ILE C 278 -10.39 -36.65 57.57
C ILE C 278 -10.89 -37.46 58.77
N SER C 279 -10.82 -36.86 59.96
CA SER C 279 -11.31 -37.50 61.17
C SER C 279 -12.20 -36.54 61.94
N ILE C 280 -13.38 -37.01 62.31
CA ILE C 280 -14.45 -36.20 62.88
C ILE C 280 -14.77 -36.74 64.26
N ASP C 281 -14.78 -35.87 65.26
CA ASP C 281 -15.30 -36.20 66.59
C ASP C 281 -16.81 -35.97 66.56
N ILE C 282 -17.56 -37.00 66.23
CA ILE C 282 -19.01 -36.88 66.13
C ILE C 282 -19.59 -36.65 67.53
N PRO C 283 -20.47 -35.68 67.75
CA PRO C 283 -21.13 -35.58 69.06
C PRO C 283 -21.96 -36.81 69.35
N ASP C 284 -21.95 -37.24 70.62
CA ASP C 284 -22.68 -38.45 70.99
C ASP C 284 -24.18 -38.25 70.85
N ALA C 285 -24.68 -37.03 71.06
CA ALA C 285 -26.11 -36.77 70.94
C ALA C 285 -26.63 -37.04 69.53
N ALA C 286 -25.76 -37.03 68.53
CA ALA C 286 -26.19 -37.36 67.17
C ALA C 286 -26.69 -38.80 67.10
N PHE C 287 -26.01 -39.72 67.78
CA PHE C 287 -26.42 -41.11 67.78
C PHE C 287 -27.72 -41.29 68.55
N VAL C 288 -28.41 -42.38 68.25
CA VAL C 288 -29.64 -42.77 68.92
C VAL C 288 -29.50 -44.22 69.34
N ARG C 289 -30.10 -44.58 70.48
CA ARG C 289 -29.99 -45.94 70.97
C ARG C 289 -30.61 -46.90 69.95
N SER C 290 -29.94 -48.04 69.73
CA SER C 290 -30.43 -49.02 68.76
C SER C 290 -31.76 -49.62 69.19
N SER C 291 -32.11 -49.53 70.47
CA SER C 291 -33.42 -50.01 70.92
C SER C 291 -34.56 -49.22 70.29
N GLU C 292 -34.32 -47.96 69.87
CA GLU C 292 -35.34 -47.18 69.17
C GLU C 292 -35.29 -47.33 67.67
N SER C 293 -34.17 -47.75 67.09
CA SER C 293 -34.11 -47.96 65.65
C SER C 293 -35.01 -49.14 65.28
N PRO C 294 -35.76 -49.06 64.18
CA PRO C 294 -36.65 -50.18 63.83
C PRO C 294 -35.84 -51.33 63.25
N THR C 295 -35.90 -52.47 63.93
CA THR C 295 -35.13 -53.63 63.50
C THR C 295 -35.86 -54.36 62.39
N ILE C 296 -35.15 -54.60 61.31
CA ILE C 296 -35.71 -55.28 60.16
C ILE C 296 -35.64 -56.79 60.39
N LEU C 297 -36.79 -57.45 60.28
CA LEU C 297 -36.78 -58.90 60.49
C LEU C 297 -36.12 -59.62 59.33
N GLU C 298 -36.39 -59.18 58.10
CA GLU C 298 -35.83 -59.82 56.92
C GLU C 298 -35.74 -58.82 55.78
N VAL C 299 -34.75 -59.01 54.92
CA VAL C 299 -34.61 -58.22 53.69
C VAL C 299 -34.05 -59.10 52.59
N SER C 300 -34.53 -58.85 51.37
CA SER C 300 -34.06 -59.54 50.19
C SER C 300 -33.79 -58.51 49.11
N CYS C 301 -32.64 -58.63 48.46
CA CYS C 301 -32.20 -57.68 47.45
C CYS C 301 -32.40 -58.25 46.05
N THR C 302 -33.00 -57.45 45.17
CA THR C 302 -33.15 -57.79 43.76
C THR C 302 -32.63 -56.61 42.94
N VAL C 303 -31.54 -56.83 42.22
CA VAL C 303 -30.93 -55.77 41.42
C VAL C 303 -31.69 -55.62 40.13
N ALA C 304 -32.10 -54.40 39.83
CA ALA C 304 -32.78 -54.09 38.58
C ALA C 304 -31.73 -53.97 37.47
N ASP C 305 -32.14 -53.46 36.31
CA ASP C 305 -31.18 -53.19 35.25
C ASP C 305 -30.14 -52.19 35.74
N CYS C 306 -28.86 -52.55 35.61
CA CYS C 306 -27.78 -51.72 36.06
C CYS C 306 -26.72 -51.59 34.98
N ILE C 307 -26.09 -50.43 34.93
CA ILE C 307 -25.06 -50.09 33.96
C ILE C 307 -23.96 -49.35 34.70
N TYR C 308 -22.70 -49.75 34.46
CA TYR C 308 -21.58 -49.16 35.20
C TYR C 308 -21.12 -47.93 34.44
N SER C 309 -21.67 -46.78 34.83
CA SER C 309 -21.39 -45.50 34.21
C SER C 309 -21.00 -44.49 35.29
N ALA C 310 -20.60 -43.30 34.85
CA ALA C 310 -20.21 -42.25 35.78
C ALA C 310 -21.38 -41.77 36.64
N ASP C 311 -22.61 -41.91 36.16
CA ASP C 311 -23.79 -41.44 36.87
C ASP C 311 -24.47 -42.59 37.60
N PHE C 312 -25.60 -42.28 38.23
CA PHE C 312 -26.39 -43.31 38.90
C PHE C 312 -27.13 -44.15 37.86
N GLY C 313 -26.38 -44.98 37.16
CA GLY C 313 -26.90 -45.81 36.09
C GLY C 313 -27.47 -47.15 36.53
N GLY C 314 -27.55 -47.40 37.83
CA GLY C 314 -28.09 -48.65 38.32
C GLY C 314 -29.16 -48.42 39.37
N SER C 315 -30.04 -49.40 39.50
CA SER C 315 -31.11 -49.36 40.49
C SER C 315 -31.37 -50.77 41.00
N LEU C 316 -32.00 -50.85 42.17
CA LEU C 316 -32.27 -52.13 42.81
C LEU C 316 -33.49 -51.94 43.71
N THR C 317 -33.96 -53.05 44.28
CA THR C 317 -35.08 -53.02 45.19
C THR C 317 -34.81 -53.96 46.36
N LEU C 318 -35.20 -53.52 47.56
CA LEU C 318 -35.08 -54.30 48.78
C LEU C 318 -36.49 -54.58 49.29
N GLN C 319 -36.88 -55.85 49.30
CA GLN C 319 -38.14 -56.29 49.90
C GLN C 319 -37.87 -56.60 51.36
N TYR C 320 -38.55 -55.87 52.25
CA TYR C 320 -38.22 -55.89 53.67
C TYR C 320 -39.45 -56.15 54.52
N LYS C 321 -39.23 -56.89 55.60
CA LYS C 321 -40.19 -57.04 56.69
C LYS C 321 -39.50 -56.56 57.95
N ALA C 322 -40.03 -55.47 58.53
CA ALA C 322 -39.55 -54.89 59.77
C ALA C 322 -40.65 -54.90 60.82
N ASP C 323 -40.32 -54.35 62.00
CA ASP C 323 -41.23 -54.37 63.14
C ASP C 323 -41.89 -53.02 63.41
N ARG C 324 -41.30 -51.91 62.95
CA ARG C 324 -41.78 -50.59 63.31
C ARG C 324 -41.50 -49.62 62.18
N GLU C 325 -42.20 -48.50 62.20
CA GLU C 325 -42.07 -47.46 61.18
C GLU C 325 -40.98 -46.47 61.60
N GLY C 326 -39.94 -46.36 60.78
CA GLY C 326 -38.85 -45.44 61.11
C GLY C 326 -38.08 -44.92 59.92
N HIS C 327 -36.78 -44.65 60.09
CA HIS C 327 -35.95 -43.89 59.17
C HIS C 327 -34.61 -44.61 58.95
N CYS C 328 -34.64 -45.87 58.51
CA CYS C 328 -33.39 -46.62 58.41
C CYS C 328 -32.33 -45.96 57.53
N PRO C 329 -31.07 -45.92 57.98
CA PRO C 329 -29.99 -45.49 57.12
C PRO C 329 -29.50 -46.64 56.25
N VAL C 330 -29.27 -46.35 54.98
CA VAL C 330 -28.85 -47.35 54.01
C VAL C 330 -27.45 -46.99 53.50
N HIS C 331 -26.65 -48.03 53.24
CA HIS C 331 -25.27 -47.84 52.81
C HIS C 331 -24.84 -49.01 51.94
N SER C 332 -23.83 -48.78 51.10
CA SER C 332 -23.14 -49.83 50.38
C SER C 332 -21.79 -50.08 51.04
N HIS C 333 -21.50 -51.36 51.31
CA HIS C 333 -20.24 -51.77 51.94
C HIS C 333 -19.19 -52.15 50.91
N SER C 334 -19.27 -51.63 49.68
CA SER C 334 -18.28 -51.86 48.65
C SER C 334 -17.69 -50.53 48.19
N THR C 335 -16.44 -50.59 47.75
CA THR C 335 -15.73 -49.42 47.26
C THR C 335 -16.05 -49.10 45.80
N THR C 336 -16.73 -50.00 45.08
CA THR C 336 -17.01 -49.86 43.65
C THR C 336 -18.50 -49.59 43.41
N ALA C 337 -19.24 -49.24 44.46
CA ALA C 337 -20.67 -48.97 44.30
C ALA C 337 -21.11 -47.99 45.37
N VAL C 338 -21.82 -46.94 44.96
CA VAL C 338 -22.27 -45.87 45.84
C VAL C 338 -23.75 -45.60 45.59
N LEU C 339 -24.52 -45.49 46.67
CA LEU C 339 -25.95 -45.25 46.56
C LEU C 339 -26.23 -43.79 46.24
N LYS C 340 -27.47 -43.54 45.83
CA LYS C 340 -27.99 -42.17 45.71
C LYS C 340 -28.69 -41.71 46.99
N GLU C 341 -29.31 -42.63 47.73
CA GLU C 341 -29.98 -42.32 48.98
C GLU C 341 -29.12 -42.74 50.17
N ALA C 342 -29.35 -42.07 51.30
CA ALA C 342 -28.62 -42.34 52.54
C ALA C 342 -29.52 -42.92 53.61
N THR C 343 -30.71 -42.35 53.82
CA THR C 343 -31.69 -42.88 54.75
C THR C 343 -33.07 -42.88 54.09
N THR C 344 -33.84 -43.91 54.39
CA THR C 344 -35.16 -44.11 53.83
C THR C 344 -36.16 -44.39 54.94
N HIS C 345 -37.37 -43.85 54.79
CA HIS C 345 -38.44 -44.23 55.68
C HIS C 345 -38.82 -45.68 55.43
N VAL C 346 -39.01 -46.41 56.52
CA VAL C 346 -39.23 -47.85 56.50
C VAL C 346 -40.52 -48.14 57.21
N THR C 347 -41.33 -49.04 56.63
CA THR C 347 -42.58 -49.50 57.22
C THR C 347 -42.36 -50.85 57.89
N ALA C 348 -43.43 -51.43 58.43
CA ALA C 348 -43.33 -52.77 58.99
C ALA C 348 -43.05 -53.80 57.91
N VAL C 349 -43.69 -53.65 56.75
CA VAL C 349 -43.45 -54.53 55.59
C VAL C 349 -43.59 -53.70 54.33
N GLY C 350 -42.78 -54.01 53.32
CA GLY C 350 -42.91 -53.34 52.04
C GLY C 350 -41.71 -53.63 51.16
N SER C 351 -41.44 -52.69 50.24
CA SER C 351 -40.23 -52.72 49.43
C SER C 351 -39.81 -51.30 49.08
N ILE C 352 -38.49 -51.06 49.05
CA ILE C 352 -37.93 -49.76 48.70
C ILE C 352 -37.02 -49.94 47.49
N THR C 353 -37.22 -49.10 46.47
CA THR C 353 -36.29 -49.01 45.36
C THR C 353 -35.20 -47.99 45.66
N LEU C 354 -34.00 -48.27 45.19
CA LEU C 354 -32.83 -47.44 45.42
C LEU C 354 -32.03 -47.30 44.13
N HIS C 355 -31.24 -46.23 44.07
CA HIS C 355 -30.40 -45.93 42.91
C HIS C 355 -28.94 -45.88 43.32
N PHE C 356 -28.07 -46.28 42.41
CA PHE C 356 -26.64 -46.39 42.71
C PHE C 356 -25.83 -46.28 41.44
N SER C 357 -24.54 -45.97 41.62
CA SER C 357 -23.56 -45.89 40.56
C SER C 357 -22.40 -46.84 40.88
N THR C 358 -21.89 -47.51 39.84
CA THR C 358 -20.81 -48.47 40.00
C THR C 358 -19.88 -48.39 38.79
N SER C 359 -18.67 -48.90 38.98
CA SER C 359 -17.67 -48.99 37.92
C SER C 359 -17.38 -50.42 37.47
N SER C 360 -17.88 -51.45 38.21
CA SER C 360 -17.57 -52.83 37.87
C SER C 360 -18.58 -53.39 36.88
N PRO C 361 -18.17 -54.27 35.96
CA PRO C 361 -19.17 -54.95 35.11
C PRO C 361 -20.09 -55.87 35.89
N GLN C 362 -19.68 -56.32 37.08
CA GLN C 362 -20.48 -57.19 37.92
C GLN C 362 -20.77 -56.47 39.23
N ALA C 363 -22.05 -56.37 39.59
CA ALA C 363 -22.49 -55.73 40.83
C ALA C 363 -22.78 -56.84 41.83
N ASN C 364 -21.79 -57.17 42.65
CA ASN C 364 -21.85 -58.27 43.62
C ASN C 364 -21.50 -57.75 45.00
N PHE C 365 -22.16 -56.69 45.43
CA PHE C 365 -21.73 -55.93 46.61
C PHE C 365 -22.70 -56.15 47.77
N ILE C 366 -22.41 -55.49 48.88
CA ILE C 366 -23.14 -55.67 50.14
C ILE C 366 -23.81 -54.36 50.50
N VAL C 367 -25.08 -54.43 50.88
CA VAL C 367 -25.89 -53.29 51.26
C VAL C 367 -26.34 -53.49 52.71
N SER C 368 -26.23 -52.42 53.50
CA SER C 368 -26.66 -52.42 54.89
C SER C 368 -27.86 -51.49 55.05
N LEU C 369 -28.88 -52.00 55.75
CA LEU C 369 -30.04 -51.22 56.14
C LEU C 369 -30.29 -51.48 57.61
N CYS C 370 -30.45 -50.40 58.39
CA CYS C 370 -30.57 -50.46 59.85
C CYS C 370 -29.56 -51.48 60.42
N GLY C 371 -28.35 -51.45 59.87
CA GLY C 371 -27.27 -52.37 60.26
C GLY C 371 -27.15 -53.68 59.51
N LYS C 372 -28.28 -54.34 59.24
CA LYS C 372 -28.24 -55.68 58.69
C LYS C 372 -27.91 -55.68 57.20
N LYS C 373 -27.21 -56.72 56.76
CA LYS C 373 -26.57 -56.79 55.46
C LYS C 373 -27.35 -57.65 54.49
N THR C 374 -27.07 -57.45 53.19
CA THR C 374 -27.55 -58.33 52.13
C THR C 374 -26.60 -58.22 50.94
N THR C 375 -26.44 -59.32 50.23
CA THR C 375 -25.64 -59.33 49.01
C THR C 375 -26.53 -59.07 47.80
N CYS C 376 -26.20 -58.03 47.05
CA CYS C 376 -26.85 -57.70 45.79
C CYS C 376 -25.95 -58.16 44.65
N ASN C 377 -26.49 -59.07 43.83
CA ASN C 377 -25.74 -59.80 42.82
C ASN C 377 -26.41 -59.63 41.46
N ALA C 378 -25.64 -59.19 40.47
CA ALA C 378 -26.16 -58.99 39.11
C ALA C 378 -24.99 -58.60 38.21
N GLU C 379 -25.29 -58.43 36.92
CA GLU C 379 -24.33 -58.05 35.91
C GLU C 379 -24.69 -56.68 35.37
N CYS C 380 -23.71 -55.77 35.34
CA CYS C 380 -23.90 -54.43 34.83
C CYS C 380 -23.32 -54.32 33.43
N LYS C 381 -24.15 -53.85 32.49
CA LYS C 381 -23.75 -53.78 31.09
C LYS C 381 -22.81 -52.60 30.84
N PRO C 382 -22.05 -52.63 29.75
CA PRO C 382 -21.22 -51.47 29.42
C PRO C 382 -22.08 -50.26 29.15
N PRO C 383 -21.59 -49.05 29.46
CA PRO C 383 -22.39 -47.85 29.21
C PRO C 383 -22.72 -47.70 27.73
N ALA C 384 -23.98 -47.34 27.46
CA ALA C 384 -24.41 -47.13 26.08
C ALA C 384 -23.78 -45.88 25.49
N ASP C 385 -23.79 -44.78 26.25
CA ASP C 385 -23.15 -43.55 25.81
C ASP C 385 -21.64 -43.64 25.98
N HIS C 386 -20.93 -42.81 25.23
CA HIS C 386 -19.48 -42.71 25.32
C HIS C 386 -19.02 -41.65 26.30
N ILE C 387 -19.94 -40.94 26.95
CA ILE C 387 -19.62 -39.74 27.71
C ILE C 387 -20.77 -39.42 28.64
N ILE C 388 -20.46 -38.75 29.75
CA ILE C 388 -21.40 -37.89 30.49
C ILE C 388 -20.59 -36.70 30.98
N GLY C 389 -21.23 -35.53 31.00
CA GLY C 389 -20.61 -34.34 31.55
C GLY C 389 -20.71 -34.27 33.06
N GLU C 390 -20.28 -35.35 33.74
CA GLU C 390 -20.35 -35.48 35.18
C GLU C 390 -19.20 -36.41 35.57
N PRO C 391 -18.36 -36.04 36.53
CA PRO C 391 -17.22 -36.90 36.87
C PRO C 391 -17.65 -38.25 37.40
N HIS C 392 -16.83 -39.25 37.12
CA HIS C 392 -17.10 -40.60 37.63
C HIS C 392 -17.17 -40.56 39.15
N LYS C 393 -18.33 -40.94 39.68
CA LYS C 393 -18.56 -40.89 41.11
C LYS C 393 -17.77 -41.95 41.88
N VAL C 394 -17.15 -42.91 41.18
CA VAL C 394 -16.40 -43.99 41.81
C VAL C 394 -15.22 -44.34 40.93
N ASP C 395 -14.12 -44.73 41.57
CA ASP C 395 -12.91 -45.11 40.85
C ASP C 395 -13.09 -46.48 40.19
N PRO D 11 1.48 27.52 25.00
CA PRO D 11 1.30 27.23 23.57
C PRO D 11 2.59 27.11 22.76
N TYR D 12 3.58 26.33 23.19
CA TYR D 12 4.86 26.32 22.48
C TYR D 12 4.70 25.73 21.07
N LEU D 13 5.63 26.10 20.19
CA LEU D 13 5.72 25.54 18.85
C LEU D 13 7.01 24.75 18.75
N GLY D 14 6.95 23.56 18.15
CA GLY D 14 8.10 22.70 18.03
C GLY D 14 8.18 21.98 16.69
N PHE D 15 9.18 21.09 16.62
CA PHE D 15 9.71 20.58 15.36
C PHE D 15 9.02 19.27 15.00
N CYS D 16 7.96 19.37 14.20
CA CYS D 16 7.26 18.17 13.74
C CYS D 16 8.08 17.47 12.66
N PRO D 17 8.13 16.12 12.66
CA PRO D 17 8.85 15.42 11.58
C PRO D 17 8.18 15.52 10.22
N TYR D 18 6.88 15.83 10.15
CA TYR D 18 6.19 15.87 8.87
C TYR D 18 5.16 16.99 8.91
N CYS D 19 5.48 18.11 8.27
CA CYS D 19 4.56 19.21 8.10
C CYS D 19 3.63 18.90 6.94
N ARG D 20 2.92 19.92 6.44
CA ARG D 20 2.01 19.76 5.31
C ARG D 20 2.68 19.09 4.12
N HIS D 21 3.77 19.67 3.62
CA HIS D 21 4.19 19.32 2.26
C HIS D 21 5.03 18.05 2.18
N SER D 22 6.29 18.10 2.62
CA SER D 22 7.13 16.90 2.71
C SER D 22 8.07 16.92 3.90
N ALA D 23 8.43 18.14 4.37
CA ALA D 23 9.62 18.29 5.20
C ALA D 23 9.26 18.40 6.67
N PRO D 24 10.13 17.95 7.56
CA PRO D 24 10.01 18.36 8.97
C PRO D 24 10.08 19.87 9.10
N CYS D 25 9.26 20.44 9.98
CA CYS D 25 9.36 21.87 10.24
C CYS D 25 8.59 22.20 11.50
N PHE D 26 8.59 23.48 11.86
CA PHE D 26 8.07 23.92 13.15
C PHE D 26 6.60 24.28 13.04
N SER D 27 5.79 23.65 13.87
CA SER D 27 4.36 23.88 13.96
C SER D 27 3.94 24.02 15.41
N PRO D 28 2.81 24.68 15.68
CA PRO D 28 2.27 24.67 17.06
C PRO D 28 1.57 23.37 17.44
N ILE D 29 1.35 22.46 16.50
CA ILE D 29 0.49 21.31 16.72
C ILE D 29 1.27 20.04 16.42
N LYS D 30 2.56 20.05 16.73
CA LYS D 30 3.34 18.82 16.67
C LYS D 30 2.79 17.83 17.69
N ILE D 31 2.68 16.56 17.29
CA ILE D 31 2.50 15.51 18.27
C ILE D 31 3.86 15.19 18.85
N GLU D 32 3.90 14.72 20.11
CA GLU D 32 5.14 14.07 20.56
C GLU D 32 4.95 12.63 20.99
N ASN D 33 3.79 12.26 21.52
CA ASN D 33 3.59 10.91 21.99
C ASN D 33 2.11 10.57 21.94
N VAL D 34 1.83 9.27 21.83
CA VAL D 34 0.48 8.77 21.59
C VAL D 34 0.27 7.53 22.44
N TRP D 35 -0.96 7.36 22.91
CA TRP D 35 -1.38 6.18 23.65
C TRP D 35 -2.57 5.54 22.94
N ASP D 36 -2.56 4.21 22.85
CA ASP D 36 -3.55 3.48 22.09
C ASP D 36 -4.04 2.22 22.81
N GLU D 37 -3.95 2.18 24.13
CA GLU D 37 -4.22 0.96 24.88
C GLU D 37 -5.69 0.76 25.23
N SER D 38 -6.55 1.75 25.00
CA SER D 38 -7.96 1.62 25.32
C SER D 38 -8.60 0.53 24.47
N ASP D 39 -9.39 -0.34 25.13
CA ASP D 39 -9.94 -1.51 24.46
C ASP D 39 -10.88 -1.15 23.32
N ASP D 40 -11.50 0.02 23.38
CA ASP D 40 -12.38 0.51 22.32
C ASP D 40 -11.61 1.02 21.11
N GLY D 41 -10.29 1.17 21.23
CA GLY D 41 -9.51 1.85 20.21
C GLY D 41 -9.51 3.35 20.33
N SER D 42 -10.06 3.90 21.40
CA SER D 42 -9.97 5.34 21.63
C SER D 42 -8.52 5.74 21.82
N ILE D 43 -8.14 6.87 21.20
CA ILE D 43 -6.75 7.29 21.08
C ILE D 43 -6.59 8.64 21.75
N ARG D 44 -5.61 8.75 22.66
CA ARG D 44 -5.27 9.98 23.35
C ARG D 44 -4.00 10.57 22.75
N ILE D 45 -4.05 11.85 22.35
CA ILE D 45 -2.96 12.53 21.66
C ILE D 45 -2.52 13.73 22.47
N GLN D 46 -1.20 14.02 22.44
CA GLN D 46 -0.64 15.23 23.02
C GLN D 46 0.13 16.01 21.95
N VAL D 47 -0.34 17.24 21.73
CA VAL D 47 0.32 18.22 20.87
C VAL D 47 0.75 19.40 21.72
N SER D 48 1.65 20.21 21.15
CA SER D 48 2.10 21.42 21.83
C SER D 48 1.01 22.48 21.94
N ALA D 49 -0.07 22.35 21.18
CA ALA D 49 -1.16 23.31 21.22
C ALA D 49 -2.06 23.06 22.43
N GLN D 50 -3.04 23.93 22.61
CA GLN D 50 -3.99 23.86 23.70
C GLN D 50 -5.39 23.77 23.12
N PHE D 51 -6.35 23.39 23.99
CA PHE D 51 -7.73 23.21 23.58
C PHE D 51 -8.68 23.52 24.74
N GLY D 52 -9.79 24.16 24.41
CA GLY D 52 -10.81 24.48 25.39
C GLY D 52 -10.55 25.70 26.23
N TYR D 53 -9.54 26.49 25.91
CA TYR D 53 -9.21 27.71 26.64
C TYR D 53 -9.26 28.91 25.70
N ASN D 54 -9.70 30.05 26.24
CA ASN D 54 -9.73 31.29 25.47
C ASN D 54 -8.38 31.99 25.61
N GLN D 55 -8.30 33.23 25.10
CA GLN D 55 -7.00 33.89 24.89
C GLN D 55 -6.22 34.01 26.20
N ALA D 56 -6.87 34.42 27.28
CA ALA D 56 -6.20 34.51 28.57
C ALA D 56 -5.99 33.15 29.21
N GLY D 57 -6.54 32.08 28.64
CA GLY D 57 -6.45 30.76 29.23
C GLY D 57 -7.72 30.28 29.92
N THR D 58 -8.71 31.15 30.11
CA THR D 58 -9.94 30.75 30.76
C THR D 58 -10.70 29.76 29.89
N ALA D 59 -11.40 28.83 30.54
CA ALA D 59 -12.04 27.73 29.82
C ALA D 59 -13.12 28.25 28.88
N ASP D 60 -13.00 27.87 27.61
CA ASP D 60 -14.03 28.16 26.61
C ASP D 60 -13.94 27.06 25.56
N VAL D 61 -14.95 26.19 25.53
CA VAL D 61 -14.85 24.93 24.79
C VAL D 61 -14.75 25.19 23.29
N THR D 62 -15.48 26.18 22.78
CA THR D 62 -15.63 26.32 21.34
C THR D 62 -14.36 26.76 20.64
N LYS D 63 -13.35 27.26 21.37
CA LYS D 63 -12.15 27.80 20.76
C LYS D 63 -10.91 27.26 21.46
N PHE D 64 -9.77 27.52 20.83
CA PHE D 64 -8.47 27.11 21.34
C PHE D 64 -7.43 28.17 20.98
N ARG D 65 -6.32 28.14 21.70
CA ARG D 65 -5.21 29.06 21.49
C ARG D 65 -3.95 28.27 21.17
N TYR D 66 -3.05 28.93 20.47
CA TYR D 66 -1.87 28.29 19.90
C TYR D 66 -0.83 29.38 19.61
N MET D 67 0.26 28.97 18.97
CA MET D 67 1.41 29.83 18.78
C MET D 67 1.37 30.59 17.46
N SER D 68 1.98 31.76 17.47
CA SER D 68 1.96 32.67 16.34
C SER D 68 3.18 32.45 15.44
N PHE D 69 2.95 32.62 14.14
CA PHE D 69 4.01 32.58 13.13
C PHE D 69 4.55 33.99 12.83
N ASP D 70 5.00 34.72 13.84
CA ASP D 70 5.52 36.07 13.62
C ASP D 70 6.61 36.38 14.63
N HIS D 71 7.34 37.45 14.35
CA HIS D 71 8.47 37.85 15.18
C HIS D 71 8.04 38.47 16.50
N ASP D 72 6.78 38.90 16.61
CA ASP D 72 6.22 39.21 17.92
C ASP D 72 5.86 37.95 18.69
N HIS D 73 5.54 36.87 17.97
CA HIS D 73 5.25 35.53 18.51
C HIS D 73 4.37 35.59 19.77
N ASP D 74 3.20 36.18 19.59
CA ASP D 74 2.19 36.19 20.64
C ASP D 74 1.42 34.88 20.58
N ILE D 75 0.30 34.82 21.31
CA ILE D 75 -0.59 33.66 21.33
C ILE D 75 -1.82 34.01 20.50
N LYS D 76 -2.08 33.23 19.46
CA LYS D 76 -3.24 33.42 18.57
C LYS D 76 -4.28 32.36 18.88
N GLU D 77 -5.41 32.42 18.15
CA GLU D 77 -6.57 31.61 18.49
C GLU D 77 -7.31 31.16 17.25
N ASP D 78 -8.11 30.12 17.43
CA ASP D 78 -9.05 29.70 16.40
C ASP D 78 -10.12 28.83 17.07
N SER D 79 -10.97 28.20 16.26
CA SER D 79 -12.14 27.47 16.71
C SER D 79 -11.94 25.97 16.56
N MET D 80 -12.80 25.22 17.23
CA MET D 80 -12.73 23.77 17.20
C MET D 80 -13.17 23.20 15.85
N ASP D 81 -14.00 23.96 15.11
CA ASP D 81 -14.59 23.44 13.89
C ASP D 81 -13.58 23.26 12.77
N LYS D 82 -12.35 23.74 12.93
CA LYS D 82 -11.35 23.70 11.86
C LYS D 82 -10.12 22.88 12.22
N ILE D 83 -10.17 22.11 13.31
CA ILE D 83 -9.16 21.10 13.59
C ILE D 83 -9.71 19.76 13.12
N ALA D 84 -8.81 18.89 12.67
CA ALA D 84 -9.19 17.58 12.16
C ALA D 84 -8.12 16.57 12.54
N ILE D 85 -8.56 15.34 12.78
CA ILE D 85 -7.71 14.22 13.13
C ILE D 85 -7.93 13.13 12.09
N SER D 86 -6.84 12.53 11.60
CA SER D 86 -6.97 11.51 10.57
C SER D 86 -5.75 10.59 10.61
N THR D 87 -6.00 9.28 10.57
CA THR D 87 -4.93 8.29 10.52
C THR D 87 -4.88 7.59 9.17
N SER D 88 -5.98 6.96 8.76
CA SER D 88 -6.18 6.50 7.39
C SER D 88 -7.37 7.19 6.74
N GLY D 89 -8.48 7.31 7.45
CA GLY D 89 -9.55 8.20 7.11
C GLY D 89 -9.73 9.24 8.20
N PRO D 90 -10.73 10.10 8.08
CA PRO D 90 -10.96 11.11 9.12
C PRO D 90 -11.33 10.44 10.45
N CYS D 91 -10.87 11.05 11.54
CA CYS D 91 -11.11 10.56 12.89
C CYS D 91 -12.14 11.45 13.58
N ARG D 92 -13.02 10.83 14.36
CA ARG D 92 -14.04 11.57 15.09
C ARG D 92 -13.50 11.98 16.45
N ARG D 93 -13.39 13.29 16.67
CA ARG D 93 -12.96 13.79 17.97
C ARG D 93 -13.97 13.42 19.04
N LEU D 94 -13.47 12.89 20.15
CA LEU D 94 -14.29 12.57 21.31
C LEU D 94 -14.21 13.60 22.42
N GLY D 95 -13.04 14.20 22.63
CA GLY D 95 -12.90 15.18 23.69
C GLY D 95 -11.56 15.88 23.62
N HIS D 96 -11.46 16.93 24.44
CA HIS D 96 -10.30 17.82 24.42
C HIS D 96 -10.20 18.49 25.78
N LYS D 97 -8.96 18.68 26.26
CA LYS D 97 -8.74 19.32 27.55
C LYS D 97 -7.34 19.92 27.50
N GLY D 98 -7.27 21.23 27.28
CA GLY D 98 -6.01 21.94 27.28
C GLY D 98 -4.99 21.30 26.37
N TYR D 99 -3.96 20.70 26.96
CA TYR D 99 -2.86 20.13 26.21
C TYR D 99 -3.23 18.87 25.44
N PHE D 100 -4.38 18.24 25.74
CA PHE D 100 -4.65 16.88 25.30
C PHE D 100 -5.89 16.79 24.42
N LEU D 101 -5.87 15.81 23.52
CA LEU D 101 -6.99 15.46 22.67
C LEU D 101 -7.30 13.98 22.82
N LEU D 102 -8.52 13.59 22.45
CA LEU D 102 -8.87 12.19 22.35
C LEU D 102 -9.92 12.00 21.28
N ALA D 103 -9.73 10.95 20.47
CA ALA D 103 -10.58 10.71 19.31
C ALA D 103 -10.59 9.23 18.99
N GLN D 104 -11.64 8.81 18.26
CA GLN D 104 -11.68 7.50 17.63
C GLN D 104 -11.09 7.60 16.22
N CYS D 105 -10.25 6.63 15.88
CA CYS D 105 -9.58 6.64 14.58
C CYS D 105 -9.72 5.29 13.89
N PRO D 106 -9.81 5.26 12.55
CA PRO D 106 -9.72 3.98 11.86
C PRO D 106 -8.31 3.45 11.89
N PRO D 107 -8.11 2.15 11.63
CA PRO D 107 -6.75 1.60 11.65
C PRO D 107 -5.86 2.24 10.61
N GLY D 108 -4.57 2.29 10.91
CA GLY D 108 -3.63 2.97 10.07
C GLY D 108 -2.22 2.83 10.61
N ASP D 109 -1.27 3.49 9.94
CA ASP D 109 0.13 3.44 10.30
C ASP D 109 0.67 4.72 10.92
N SER D 110 -0.02 5.85 10.75
CA SER D 110 0.41 7.11 11.33
C SER D 110 -0.82 7.96 11.63
N VAL D 111 -0.63 8.95 12.49
CA VAL D 111 -1.70 9.83 12.94
C VAL D 111 -1.36 11.26 12.55
N THR D 112 -2.36 12.01 12.08
CA THR D 112 -2.22 13.36 11.56
C THR D 112 -3.19 14.28 12.29
N VAL D 113 -2.67 15.39 12.80
CA VAL D 113 -3.48 16.50 13.31
C VAL D 113 -3.31 17.65 12.33
N SER D 114 -4.43 18.24 11.90
CA SER D 114 -4.39 19.31 10.91
C SER D 114 -5.31 20.44 11.32
N ILE D 115 -4.82 21.67 11.27
CA ILE D 115 -5.65 22.86 11.40
C ILE D 115 -5.77 23.51 10.02
N THR D 116 -7.01 23.87 9.68
CA THR D 116 -7.34 24.47 8.40
C THR D 116 -7.88 25.86 8.70
N SER D 117 -6.97 26.81 8.89
CA SER D 117 -7.35 28.21 9.08
C SER D 117 -7.61 28.83 7.71
N GLY D 118 -8.78 28.48 7.17
CA GLY D 118 -9.07 28.81 5.79
C GLY D 118 -8.07 28.10 4.90
N ALA D 119 -7.36 28.86 4.07
CA ALA D 119 -6.32 28.32 3.22
C ALA D 119 -4.97 28.20 3.92
N SER D 120 -4.90 28.53 5.21
CA SER D 120 -3.70 28.29 6.01
C SER D 120 -3.80 26.90 6.62
N GLU D 121 -3.18 25.92 5.96
CA GLU D 121 -3.17 24.54 6.45
C GLU D 121 -1.86 24.29 7.17
N ASN D 122 -1.95 23.85 8.43
CA ASN D 122 -0.78 23.44 9.20
C ASN D 122 -1.08 22.09 9.82
N SER D 123 -0.28 21.09 9.47
CA SER D 123 -0.49 19.72 9.94
C SER D 123 0.80 19.17 10.51
N CYS D 124 0.65 18.24 11.47
CA CYS D 124 1.74 17.39 11.90
C CYS D 124 1.30 15.94 11.84
N THR D 125 2.20 15.08 11.39
CA THR D 125 1.96 13.66 11.31
C THR D 125 3.08 12.94 12.05
N VAL D 126 2.73 11.87 12.76
CA VAL D 126 3.71 11.06 13.48
C VAL D 126 3.33 9.59 13.33
N GLU D 127 4.35 8.74 13.22
CA GLU D 127 4.11 7.32 12.97
C GLU D 127 3.59 6.64 14.23
N LYS D 128 2.56 5.81 14.06
CA LYS D 128 2.07 4.97 15.15
C LYS D 128 1.22 3.89 14.53
N LYS D 129 1.66 2.64 14.64
CA LYS D 129 0.91 1.50 14.10
C LYS D 129 -0.29 1.26 15.00
N ILE D 130 -1.36 2.02 14.76
CA ILE D 130 -2.63 1.77 15.42
C ILE D 130 -3.28 0.58 14.74
N ARG D 131 -3.63 -0.43 15.54
CA ARG D 131 -4.23 -1.66 15.05
C ARG D 131 -5.61 -1.83 15.68
N ARG D 132 -6.58 -2.20 14.85
CA ARG D 132 -7.91 -2.53 15.35
C ARG D 132 -7.78 -3.66 16.37
N LYS D 133 -8.07 -3.34 17.63
CA LYS D 133 -8.00 -4.30 18.71
C LYS D 133 -9.41 -4.65 19.18
N PHE D 134 -9.50 -5.74 19.93
CA PHE D 134 -10.77 -6.27 20.39
C PHE D 134 -10.56 -6.91 21.75
N VAL D 135 -11.67 -7.23 22.41
CA VAL D 135 -11.66 -7.88 23.72
C VAL D 135 -12.49 -9.15 23.63
N GLY D 136 -11.97 -10.23 24.21
CA GLY D 136 -12.60 -11.53 24.19
C GLY D 136 -11.71 -12.56 23.54
N ARG D 137 -12.31 -13.69 23.21
CA ARG D 137 -11.62 -14.82 22.59
C ARG D 137 -12.00 -15.00 21.12
N GLU D 138 -12.59 -13.98 20.50
CA GLU D 138 -12.95 -14.03 19.09
C GLU D 138 -12.85 -12.63 18.50
N GLU D 139 -12.45 -12.57 17.23
CA GLU D 139 -12.45 -11.29 16.54
C GLU D 139 -13.86 -10.86 16.20
N TYR D 140 -14.04 -9.55 16.09
CA TYR D 140 -15.31 -8.97 15.68
C TYR D 140 -15.05 -7.56 15.21
N LEU D 141 -15.78 -7.13 14.18
CA LEU D 141 -15.60 -5.77 13.67
C LEU D 141 -16.19 -4.74 14.62
N PHE D 142 -17.40 -4.99 15.13
CA PHE D 142 -18.14 -4.07 15.97
C PHE D 142 -18.61 -4.78 17.22
N PRO D 143 -18.85 -4.06 18.31
CA PRO D 143 -19.49 -4.68 19.49
C PRO D 143 -20.90 -5.13 19.13
N PRO D 144 -21.20 -6.43 19.17
CA PRO D 144 -22.53 -6.89 18.75
C PRO D 144 -23.61 -6.44 19.71
N VAL D 145 -24.84 -6.37 19.18
CA VAL D 145 -25.98 -5.97 20.00
C VAL D 145 -26.19 -6.96 21.13
N HIS D 146 -26.09 -8.26 20.85
CA HIS D 146 -26.28 -9.31 21.83
C HIS D 146 -24.97 -10.00 22.11
N GLY D 147 -24.72 -10.29 23.38
CA GLY D 147 -23.50 -10.98 23.76
C GLY D 147 -23.24 -10.88 25.24
N LYS D 148 -22.15 -11.51 25.65
CA LYS D 148 -21.76 -11.49 27.06
C LYS D 148 -21.12 -10.15 27.41
N LEU D 149 -21.30 -9.72 28.65
CA LEU D 149 -20.72 -8.49 29.16
C LEU D 149 -19.49 -8.84 29.98
N VAL D 150 -18.31 -8.43 29.49
CA VAL D 150 -17.05 -8.81 30.10
C VAL D 150 -16.29 -7.57 30.53
N LYS D 151 -15.21 -7.75 31.28
CA LYS D 151 -14.41 -6.65 31.80
C LYS D 151 -13.53 -6.07 30.70
N CYS D 152 -13.58 -4.75 30.54
CA CYS D 152 -12.73 -4.05 29.58
C CYS D 152 -12.28 -2.73 30.21
N HIS D 153 -11.42 -2.03 29.49
CA HIS D 153 -10.88 -0.75 29.94
C HIS D 153 -10.91 0.23 28.78
N VAL D 154 -11.61 1.34 28.95
CA VAL D 154 -11.78 2.34 27.91
C VAL D 154 -11.41 3.70 28.49
N TYR D 155 -10.85 4.56 27.66
CA TYR D 155 -10.53 5.91 28.11
C TYR D 155 -11.82 6.64 28.45
N ASP D 156 -11.89 7.16 29.67
CA ASP D 156 -13.09 7.84 30.13
C ASP D 156 -13.28 9.13 29.35
N HIS D 157 -14.41 9.25 28.66
CA HIS D 157 -14.68 10.43 27.85
C HIS D 157 -14.80 11.70 28.68
N LEU D 158 -14.97 11.59 30.00
CA LEU D 158 -15.16 12.76 30.84
C LEU D 158 -13.90 13.63 30.82
N LYS D 159 -14.12 14.94 30.69
CA LYS D 159 -13.00 15.88 30.58
C LYS D 159 -12.22 15.99 31.87
N GLU D 160 -12.86 15.76 33.02
CA GLU D 160 -12.29 16.08 34.31
C GLU D 160 -11.71 14.86 35.03
N THR D 161 -11.41 13.79 34.29
CA THR D 161 -10.67 12.66 34.85
C THR D 161 -9.18 12.97 34.80
N SER D 162 -8.38 12.05 35.35
CA SER D 162 -6.94 12.24 35.41
C SER D 162 -6.23 10.89 35.38
N ALA D 163 -5.49 10.64 34.31
CA ALA D 163 -4.65 9.45 34.20
C ALA D 163 -3.26 9.67 34.78
N GLY D 164 -2.96 10.86 35.26
CA GLY D 164 -1.62 11.17 35.75
C GLY D 164 -1.42 12.67 35.76
N TYR D 165 -0.14 13.07 35.69
CA TYR D 165 0.20 14.48 35.64
C TYR D 165 1.43 14.65 34.76
N ILE D 166 1.58 15.85 34.20
CA ILE D 166 2.75 16.23 33.44
C ILE D 166 3.31 17.52 34.01
N THR D 167 4.63 17.65 33.94
CA THR D 167 5.39 18.70 34.61
C THR D 167 5.72 19.81 33.62
N MET D 168 5.54 21.05 34.07
CA MET D 168 5.79 22.25 33.27
C MET D 168 6.76 23.16 34.01
N HIS D 169 7.51 23.92 33.21
CA HIS D 169 8.66 24.72 33.65
C HIS D 169 8.59 26.09 32.98
N ARG D 170 9.40 27.02 33.48
CA ARG D 170 9.46 28.33 32.82
C ARG D 170 10.10 28.18 31.44
N PRO D 171 9.61 28.89 30.43
CA PRO D 171 10.23 28.78 29.10
C PRO D 171 11.64 29.36 29.10
N GLY D 172 12.50 28.77 28.27
CA GLY D 172 13.87 29.21 28.15
C GLY D 172 14.02 30.29 27.09
N PRO D 173 15.27 30.67 26.80
CA PRO D 173 15.49 31.72 25.80
C PRO D 173 14.96 31.31 24.43
N HIS D 174 14.42 32.29 23.72
CA HIS D 174 13.75 32.09 22.43
C HIS D 174 14.20 33.23 21.51
N ALA D 175 15.30 33.00 20.79
CA ALA D 175 15.96 34.07 20.05
C ALA D 175 15.19 34.40 18.77
N TYR D 176 15.52 35.57 18.21
CA TYR D 176 14.93 36.02 16.96
C TYR D 176 15.95 36.87 16.19
N LYS D 177 15.65 37.10 14.91
CA LYS D 177 16.51 37.90 14.05
C LYS D 177 15.92 39.24 13.66
N SER D 178 14.58 39.38 13.63
CA SER D 178 14.00 40.70 13.46
C SER D 178 14.41 41.63 14.58
N TYR D 179 14.68 41.07 15.76
CA TYR D 179 15.21 41.86 16.86
C TYR D 179 16.57 42.44 16.52
N LEU D 180 17.34 41.77 15.67
CA LEU D 180 18.69 42.18 15.32
C LEU D 180 18.72 42.76 13.91
N GLU D 181 19.77 43.53 13.63
CA GLU D 181 19.91 44.13 12.31
C GLU D 181 21.34 44.59 12.11
N GLU D 182 21.79 44.52 10.87
CA GLU D 182 23.14 44.95 10.47
C GLU D 182 23.05 46.21 9.63
N ALA D 183 23.76 47.25 10.06
CA ALA D 183 23.75 48.52 9.33
C ALA D 183 25.14 49.12 9.39
N SER D 184 25.75 49.34 8.22
CA SER D 184 27.06 49.97 8.11
C SER D 184 28.10 49.22 8.95
N GLY D 185 28.02 47.90 8.94
CA GLY D 185 28.96 47.09 9.69
C GLY D 185 28.81 47.19 11.19
N GLU D 186 27.63 47.61 11.68
CA GLU D 186 27.35 47.69 13.11
C GLU D 186 26.04 46.96 13.41
N VAL D 187 26.03 46.26 14.54
CA VAL D 187 24.87 45.46 14.95
C VAL D 187 23.99 46.33 15.84
N TYR D 188 22.72 46.48 15.45
CA TYR D 188 21.72 47.14 16.27
C TYR D 188 20.64 46.14 16.64
N ILE D 189 19.95 46.43 17.73
CA ILE D 189 18.80 45.66 18.18
C ILE D 189 17.56 46.52 17.94
N LYS D 190 16.43 45.87 17.63
CA LYS D 190 15.15 46.55 17.40
C LYS D 190 14.06 45.83 18.16
N PRO D 191 13.93 46.06 19.47
CA PRO D 191 12.86 45.39 20.21
C PRO D 191 11.51 45.89 19.76
N PRO D 192 10.47 45.06 19.83
CA PRO D 192 9.11 45.56 19.58
C PRO D 192 8.70 46.54 20.68
N SER D 193 7.53 47.14 20.46
CA SER D 193 7.11 48.28 21.27
C SER D 193 6.91 47.89 22.73
N GLY D 194 7.58 48.62 23.63
CA GLY D 194 7.30 48.55 25.04
C GLY D 194 7.70 47.28 25.76
N LYS D 195 8.35 46.35 25.08
CA LYS D 195 8.74 45.06 25.66
C LYS D 195 10.23 45.10 25.97
N ASN D 196 10.57 45.00 27.25
CA ASN D 196 11.96 44.98 27.68
C ASN D 196 12.64 43.70 27.20
N VAL D 197 13.50 43.80 26.19
CA VAL D 197 14.07 42.64 25.51
C VAL D 197 15.51 42.47 25.95
N THR D 198 15.83 41.32 26.53
CA THR D 198 17.20 41.04 26.96
C THR D 198 18.04 40.54 25.80
N TYR D 199 19.28 41.01 25.77
CA TYR D 199 20.22 40.73 24.69
C TYR D 199 21.57 40.38 25.30
N GLU D 200 22.37 39.66 24.52
CA GLU D 200 23.73 39.32 24.95
C GLU D 200 24.57 38.91 23.75
N CYS D 201 25.89 39.09 23.90
CA CYS D 201 26.90 38.54 23.00
C CYS D 201 28.30 38.93 23.45
N LYS D 202 29.29 38.21 22.92
CA LYS D 202 30.68 38.67 22.89
C LYS D 202 30.92 39.21 21.48
N CYS D 203 31.43 40.43 21.41
CA CYS D 203 31.86 41.03 20.15
C CYS D 203 33.33 41.38 20.31
N GLY D 204 34.10 40.40 20.79
CA GLY D 204 35.30 40.66 21.54
C GLY D 204 35.08 40.18 22.95
N ASP D 205 34.90 41.09 23.89
CA ASP D 205 34.53 40.74 25.25
C ASP D 205 33.02 40.57 25.38
N TYR D 206 32.62 39.83 26.41
CA TYR D 206 31.21 39.50 26.61
C TYR D 206 30.43 40.71 27.12
N SER D 207 29.12 40.69 26.86
CA SER D 207 28.25 41.83 27.09
C SER D 207 26.81 41.35 27.18
N THR D 208 26.04 41.95 28.07
CA THR D 208 24.65 41.54 28.30
C THR D 208 23.86 42.73 28.82
N GLY D 209 22.56 42.69 28.58
CA GLY D 209 21.69 43.70 29.15
C GLY D 209 20.26 43.54 28.66
N ILE D 210 19.47 44.58 28.87
CA ILE D 210 18.11 44.66 28.37
C ILE D 210 17.91 46.00 27.69
N VAL D 211 17.35 45.97 26.48
CA VAL D 211 16.98 47.16 25.73
C VAL D 211 15.49 47.05 25.40
N SER D 212 14.77 48.15 25.65
CA SER D 212 13.37 48.27 25.24
C SER D 212 13.22 49.10 23.98
N THR D 213 14.31 49.64 23.43
CA THR D 213 14.27 50.49 22.26
C THR D 213 15.48 50.19 21.39
N ARG D 214 15.45 50.71 20.18
CA ARG D 214 16.54 50.49 19.22
C ARG D 214 17.87 50.97 19.80
N THR D 215 18.81 50.05 19.96
CA THR D 215 20.08 50.30 20.62
C THR D 215 21.23 49.81 19.77
N LYS D 216 22.36 50.50 19.85
CA LYS D 216 23.53 50.17 19.04
C LYS D 216 24.52 49.36 19.88
N MET D 217 25.38 48.61 19.20
CA MET D 217 26.38 47.77 19.83
C MET D 217 27.77 48.13 19.30
N ASN D 218 28.74 48.08 20.21
CA ASN D 218 30.12 48.46 19.92
C ASN D 218 30.99 47.21 19.78
N GLY D 219 31.92 47.26 18.82
CA GLY D 219 32.78 46.13 18.54
C GLY D 219 32.10 45.00 17.80
N CYS D 220 30.81 45.11 17.52
CA CYS D 220 30.04 44.05 16.88
C CYS D 220 30.09 44.26 15.38
N THR D 221 30.70 43.30 14.67
CA THR D 221 30.89 43.41 13.23
C THR D 221 29.92 42.58 12.43
N LYS D 222 29.34 41.53 13.00
CA LYS D 222 28.42 40.67 12.29
C LYS D 222 27.11 40.48 13.04
N ALA D 223 26.01 40.34 12.28
CA ALA D 223 24.70 40.18 12.87
C ALA D 223 24.57 38.83 13.59
N LYS D 224 25.29 37.82 13.13
CA LYS D 224 25.22 36.50 13.75
C LYS D 224 25.87 36.46 15.12
N GLN D 225 26.55 37.53 15.54
CA GLN D 225 27.30 37.51 16.78
C GLN D 225 26.45 37.60 18.03
N CYS D 226 25.20 38.05 17.93
CA CYS D 226 24.42 38.34 19.12
C CYS D 226 23.03 37.72 19.10
N ILE D 227 22.38 37.81 20.27
CA ILE D 227 21.06 37.24 20.48
C ILE D 227 20.23 38.21 21.30
N ALA D 228 18.94 38.31 20.97
CA ALA D 228 17.98 39.11 21.71
C ALA D 228 16.65 38.36 21.78
N TYR D 229 15.93 38.58 22.88
CA TYR D 229 14.66 37.89 23.12
C TYR D 229 14.00 38.53 24.34
N LYS D 230 12.67 38.52 24.36
CA LYS D 230 11.96 39.15 25.47
C LYS D 230 11.82 38.19 26.64
N SER D 231 11.84 38.76 27.85
CA SER D 231 11.77 37.99 29.08
C SER D 231 10.30 37.68 29.37
N ASP D 232 9.83 36.53 28.87
CA ASP D 232 8.46 36.07 29.08
C ASP D 232 8.47 34.99 30.14
N GLN D 233 8.48 35.40 31.40
CA GLN D 233 8.41 34.49 32.53
C GLN D 233 6.99 34.27 33.03
N THR D 234 5.99 34.90 32.40
CA THR D 234 4.61 34.80 32.83
C THR D 234 3.88 33.58 32.27
N LYS D 235 4.62 32.56 31.80
CA LYS D 235 4.01 31.38 31.22
C LYS D 235 4.82 30.14 31.61
N TRP D 236 4.15 28.99 31.56
CA TRP D 236 4.77 27.70 31.81
C TRP D 236 4.61 26.83 30.58
N VAL D 237 5.67 26.09 30.23
CA VAL D 237 5.73 25.27 29.04
C VAL D 237 6.05 23.84 29.43
N PHE D 238 5.58 22.90 28.62
CA PHE D 238 5.87 21.49 28.83
C PHE D 238 7.36 21.23 28.70
N ASN D 239 7.82 20.14 29.32
CA ASN D 239 9.21 19.71 29.19
C ASN D 239 9.43 19.07 27.81
N SER D 240 9.24 19.85 26.75
CA SER D 240 9.36 19.30 25.41
C SER D 240 10.83 19.14 25.04
N PRO D 241 11.17 18.13 24.23
CA PRO D 241 12.57 17.96 23.81
C PRO D 241 13.02 18.86 22.67
N ASP D 242 12.17 19.75 22.19
CA ASP D 242 12.49 20.65 21.08
C ASP D 242 12.55 22.12 21.52
N LEU D 243 12.86 22.37 22.79
CA LEU D 243 13.04 23.72 23.31
C LEU D 243 14.32 23.75 24.13
N ILE D 244 15.02 24.89 24.08
CA ILE D 244 16.14 25.12 24.97
C ILE D 244 15.58 25.68 26.27
N ARG D 245 15.74 24.93 27.35
CA ARG D 245 15.14 25.29 28.62
C ARG D 245 15.82 26.49 29.26
N HIS D 246 15.16 27.04 30.26
CA HIS D 246 15.75 28.09 31.09
C HIS D 246 16.92 27.54 31.89
N THR D 247 17.71 28.45 32.47
CA THR D 247 18.83 28.03 33.31
C THR D 247 18.35 27.19 34.49
N ASP D 248 17.27 27.61 35.14
CA ASP D 248 16.70 26.91 36.29
C ASP D 248 15.50 26.08 35.83
N HIS D 249 15.71 24.78 35.65
CA HIS D 249 14.64 23.86 35.22
C HIS D 249 13.96 23.17 36.40
N SER D 250 13.55 23.94 37.38
CA SER D 250 12.82 23.38 38.51
C SER D 250 11.38 23.06 38.10
N VAL D 251 10.82 21.99 38.68
CA VAL D 251 9.40 21.72 38.45
C VAL D 251 8.56 22.81 39.08
N GLN D 252 7.70 23.44 38.26
CA GLN D 252 6.94 24.61 38.65
C GLN D 252 5.45 24.47 38.38
N GLY D 253 5.03 23.49 37.61
CA GLY D 253 3.61 23.21 37.46
C GLY D 253 3.37 21.75 37.17
N LYS D 254 2.23 21.25 37.61
CA LYS D 254 1.75 19.94 37.20
C LYS D 254 0.33 20.14 36.68
N LEU D 255 0.02 19.52 35.55
CA LEU D 255 -1.36 19.49 35.06
C LEU D 255 -1.79 18.06 34.79
N HIS D 256 -3.07 17.80 35.04
CA HIS D 256 -3.61 16.45 34.99
C HIS D 256 -3.62 15.93 33.55
N ILE D 257 -3.49 14.61 33.44
CA ILE D 257 -3.56 13.93 32.14
C ILE D 257 -5.00 13.45 31.97
N PRO D 258 -5.85 14.15 31.22
CA PRO D 258 -7.27 13.80 31.20
C PRO D 258 -7.55 12.44 30.58
N PHE D 259 -8.81 12.01 30.66
CA PHE D 259 -9.27 10.79 30.01
C PHE D 259 -8.54 9.56 30.57
N ARG D 260 -8.71 9.37 31.87
CA ARG D 260 -8.16 8.22 32.56
C ARG D 260 -8.73 6.93 32.00
N LEU D 261 -7.86 5.93 31.81
CA LEU D 261 -8.26 4.64 31.25
C LEU D 261 -9.04 3.88 32.31
N THR D 262 -10.40 4.05 32.30
CA THR D 262 -11.23 3.51 33.37
C THR D 262 -11.72 2.10 33.03
N PRO D 263 -11.91 1.22 34.01
CA PRO D 263 -12.54 -0.08 33.73
C PRO D 263 -14.04 0.06 33.60
N THR D 264 -14.62 -0.84 32.81
CA THR D 264 -16.06 -0.87 32.59
C THR D 264 -16.42 -2.22 31.98
N VAL D 265 -17.67 -2.35 31.53
CA VAL D 265 -18.16 -3.56 30.88
C VAL D 265 -18.23 -3.31 29.39
N CYS D 266 -17.95 -4.36 28.62
CA CYS D 266 -18.03 -4.33 27.17
C CYS D 266 -18.80 -5.54 26.66
N PRO D 267 -19.60 -5.39 25.59
CA PRO D 267 -20.28 -6.55 25.02
C PRO D 267 -19.41 -7.26 24.00
N VAL D 268 -19.47 -8.59 24.04
CA VAL D 268 -18.69 -9.44 23.15
C VAL D 268 -19.58 -10.54 22.59
N PRO D 269 -19.40 -10.97 21.33
CA PRO D 269 -20.31 -11.97 20.76
C PRO D 269 -20.19 -13.31 21.46
N LEU D 270 -21.16 -14.18 21.16
CA LEU D 270 -21.11 -15.59 21.53
C LEU D 270 -21.09 -16.41 20.25
N ALA D 271 -20.04 -17.20 20.07
CA ALA D 271 -19.87 -17.94 18.83
C ALA D 271 -20.92 -19.04 18.71
N HIS D 272 -21.03 -19.59 17.51
CA HIS D 272 -21.93 -20.71 17.27
C HIS D 272 -21.53 -21.90 18.15
N THR D 273 -22.50 -22.41 18.92
CA THR D 273 -22.23 -23.55 19.77
C THR D 273 -21.88 -24.76 18.89
N PRO D 274 -20.76 -25.43 19.13
CA PRO D 274 -20.36 -26.52 18.23
C PRO D 274 -21.29 -27.71 18.35
N THR D 275 -21.17 -28.61 17.38
CA THR D 275 -21.94 -29.86 17.38
C THR D 275 -20.99 -31.00 17.71
N VAL D 276 -21.31 -31.76 18.74
CA VAL D 276 -20.42 -32.81 19.24
C VAL D 276 -20.84 -34.14 18.63
N THR D 277 -19.87 -34.83 18.03
CA THR D 277 -20.06 -36.17 17.46
C THR D 277 -19.12 -37.13 18.17
N LYS D 278 -19.69 -38.13 18.84
CA LYS D 278 -19.00 -38.84 19.90
C LYS D 278 -18.58 -40.23 19.45
N TRP D 279 -17.48 -40.72 20.02
CA TRP D 279 -17.00 -42.06 19.69
C TRP D 279 -16.15 -42.55 20.86
N PHE D 280 -15.66 -43.79 20.73
CA PHE D 280 -15.05 -44.52 21.84
C PHE D 280 -13.89 -43.72 22.41
N LYS D 281 -14.07 -43.20 23.62
CA LYS D 281 -13.10 -42.35 24.29
C LYS D 281 -12.70 -41.17 23.42
N GLY D 282 -13.67 -40.37 23.01
CA GLY D 282 -13.33 -39.09 22.43
C GLY D 282 -14.46 -38.45 21.67
N ILE D 283 -14.15 -37.25 21.16
CA ILE D 283 -15.10 -36.28 20.66
C ILE D 283 -14.63 -35.80 19.28
N THR D 284 -15.59 -35.39 18.47
CA THR D 284 -15.33 -34.65 17.23
C THR D 284 -16.22 -33.42 17.28
N LEU D 285 -15.63 -32.25 17.53
CA LEU D 285 -16.36 -31.00 17.57
C LEU D 285 -16.45 -30.42 16.18
N HIS D 286 -17.67 -30.13 15.73
CA HIS D 286 -17.92 -29.43 14.47
C HIS D 286 -18.13 -27.95 14.80
N LEU D 287 -17.31 -27.10 14.19
CA LEU D 287 -17.21 -25.70 14.54
C LEU D 287 -17.54 -24.84 13.33
N THR D 288 -18.29 -23.76 13.58
CA THR D 288 -18.54 -22.72 12.59
C THR D 288 -18.23 -21.37 13.25
N ALA D 289 -17.45 -20.55 12.57
CA ALA D 289 -17.07 -19.24 13.10
C ALA D 289 -16.70 -18.35 11.93
N THR D 290 -17.50 -17.30 11.71
CA THR D 290 -17.22 -16.40 10.59
C THR D 290 -15.89 -15.68 10.76
N ARG D 291 -15.48 -15.41 12.00
CA ARG D 291 -14.29 -14.65 12.32
C ARG D 291 -13.31 -15.54 13.07
N PRO D 292 -12.01 -15.17 13.09
CA PRO D 292 -11.06 -15.89 13.95
C PRO D 292 -11.53 -15.99 15.40
N THR D 293 -11.81 -17.21 15.84
CA THR D 293 -12.28 -17.48 17.18
C THR D 293 -11.39 -18.53 17.82
N LEU D 294 -11.14 -18.37 19.11
CA LEU D 294 -10.16 -19.15 19.84
C LEU D 294 -10.84 -20.34 20.52
N LEU D 295 -10.32 -21.54 20.26
CA LEU D 295 -10.72 -22.76 20.95
C LEU D 295 -9.56 -23.20 21.82
N THR D 296 -9.84 -23.51 23.08
CA THR D 296 -8.80 -23.88 24.04
C THR D 296 -9.27 -25.07 24.86
N THR D 297 -8.53 -26.18 24.79
CA THR D 297 -8.88 -27.39 25.52
C THR D 297 -7.70 -27.82 26.38
N ARG D 298 -8.01 -28.64 27.39
CA ARG D 298 -7.00 -29.20 28.28
C ARG D 298 -7.54 -30.44 28.97
N LYS D 299 -6.67 -31.44 29.17
CA LYS D 299 -7.02 -32.63 29.91
C LYS D 299 -7.04 -32.33 31.41
N LEU D 300 -7.81 -33.13 32.15
CA LEU D 300 -8.11 -32.86 33.55
C LEU D 300 -7.28 -33.72 34.50
N GLY D 301 -6.16 -34.25 34.02
CA GLY D 301 -5.32 -35.10 34.84
C GLY D 301 -4.05 -34.49 35.35
N LEU D 302 -3.06 -35.37 35.54
CA LEU D 302 -1.71 -34.91 35.87
C LEU D 302 -1.17 -34.03 34.76
N ARG D 303 -1.32 -34.47 33.52
CA ARG D 303 -0.75 -33.81 32.35
C ARG D 303 -1.87 -33.02 31.66
N ALA D 304 -1.69 -31.70 31.56
CA ALA D 304 -2.74 -30.86 31.00
C ALA D 304 -2.98 -31.16 29.53
N ASP D 305 -1.90 -31.28 28.75
CA ASP D 305 -2.02 -31.43 27.29
C ASP D 305 -2.85 -30.32 26.68
N ALA D 306 -2.75 -29.12 27.23
CA ALA D 306 -3.59 -28.04 26.78
C ALA D 306 -3.14 -27.55 25.42
N THR D 307 -4.12 -27.26 24.55
CA THR D 307 -3.85 -26.65 23.26
C THR D 307 -4.83 -25.49 23.03
N ALA D 308 -4.36 -24.49 22.29
CA ALA D 308 -5.11 -23.29 21.98
C ALA D 308 -4.90 -22.96 20.51
N GLU D 309 -5.97 -22.57 19.82
CA GLU D 309 -5.82 -22.25 18.41
C GLU D 309 -7.00 -21.45 17.90
N TRP D 310 -6.73 -20.58 16.93
CA TRP D 310 -7.74 -19.74 16.31
C TRP D 310 -8.21 -20.38 15.01
N ILE D 311 -9.53 -20.42 14.81
CA ILE D 311 -10.13 -20.97 13.59
C ILE D 311 -11.01 -19.93 12.92
N THR D 312 -11.09 -20.04 11.60
CA THR D 312 -12.03 -19.30 10.76
C THR D 312 -12.83 -20.30 9.95
N GLY D 313 -13.90 -19.82 9.33
CA GLY D 313 -14.72 -20.69 8.52
C GLY D 313 -15.37 -21.78 9.34
N THR D 314 -15.55 -22.94 8.71
CA THR D 314 -16.14 -24.11 9.35
C THR D 314 -15.18 -25.29 9.24
N THR D 315 -15.06 -26.06 10.33
CA THR D 315 -14.11 -27.16 10.37
C THR D 315 -14.56 -28.16 11.43
N SER D 316 -13.72 -29.15 11.68
CA SER D 316 -13.99 -30.16 12.70
C SER D 316 -12.67 -30.61 13.32
N ARG D 317 -12.72 -30.89 14.63
CA ARG D 317 -11.53 -31.28 15.39
C ARG D 317 -11.81 -32.52 16.22
N ASN D 318 -10.93 -33.51 16.11
CA ASN D 318 -11.00 -34.71 16.92
C ASN D 318 -10.16 -34.53 18.18
N PHE D 319 -10.72 -34.90 19.33
CA PHE D 319 -10.06 -34.77 20.62
C PHE D 319 -10.27 -36.06 21.42
N SER D 320 -9.17 -36.70 21.80
CA SER D 320 -9.25 -37.88 22.66
C SER D 320 -9.64 -37.46 24.08
N VAL D 321 -10.59 -38.18 24.66
CA VAL D 321 -11.07 -37.92 26.01
C VAL D 321 -10.76 -39.13 26.87
N GLY D 322 -10.04 -38.91 27.98
CA GLY D 322 -9.74 -39.97 28.90
C GLY D 322 -10.80 -40.11 29.97
N ARG D 323 -10.65 -41.17 30.78
CA ARG D 323 -11.52 -41.32 31.94
C ARG D 323 -11.46 -40.09 32.82
N GLU D 324 -10.25 -39.57 33.04
CA GLU D 324 -10.08 -38.38 33.86
C GLU D 324 -10.87 -37.20 33.32
N GLY D 325 -11.11 -37.17 32.01
CA GLY D 325 -11.96 -36.17 31.38
C GLY D 325 -11.18 -35.18 30.54
N LEU D 326 -11.95 -34.31 29.88
CA LEU D 326 -11.41 -33.25 29.03
C LEU D 326 -12.25 -32.00 29.22
N GLU D 327 -11.61 -30.83 29.08
CA GLU D 327 -12.27 -29.54 29.20
C GLU D 327 -12.02 -28.77 27.93
N TYR D 328 -13.04 -28.05 27.46
CA TYR D 328 -12.89 -27.17 26.31
C TYR D 328 -13.65 -25.87 26.54
N VAL D 329 -13.06 -24.78 26.03
CA VAL D 329 -13.66 -23.46 26.00
C VAL D 329 -13.71 -23.03 24.55
N TRP D 330 -14.92 -22.71 24.07
CA TRP D 330 -15.14 -22.27 22.69
C TRP D 330 -15.49 -20.79 22.72
N GLY D 331 -14.59 -19.96 22.19
CA GLY D 331 -14.84 -18.52 22.16
C GLY D 331 -15.08 -17.99 23.56
N ASN D 332 -16.14 -17.19 23.71
CA ASN D 332 -16.50 -16.63 25.00
C ASN D 332 -17.43 -17.52 25.80
N HIS D 333 -17.81 -18.68 25.28
CA HIS D 333 -18.68 -19.57 26.01
C HIS D 333 -17.98 -20.13 27.24
N GLU D 334 -18.77 -20.53 28.22
CA GLU D 334 -18.22 -21.00 29.48
C GLU D 334 -17.51 -22.34 29.26
N PRO D 335 -16.56 -22.69 30.13
CA PRO D 335 -15.90 -24.00 29.98
C PRO D 335 -16.87 -25.15 30.12
N VAL D 336 -16.59 -26.22 29.37
CA VAL D 336 -17.41 -27.41 29.34
C VAL D 336 -16.53 -28.62 29.63
N ARG D 337 -16.98 -29.49 30.53
CA ARG D 337 -16.23 -30.63 31.00
C ARG D 337 -16.89 -31.92 30.53
N VAL D 338 -16.07 -32.95 30.35
CA VAL D 338 -16.52 -34.24 29.84
C VAL D 338 -15.67 -35.34 30.49
N TRP D 339 -16.26 -36.52 30.63
CA TRP D 339 -15.56 -37.68 31.19
C TRP D 339 -15.89 -38.93 30.38
N ALA D 340 -14.85 -39.58 29.87
CA ALA D 340 -15.05 -40.75 29.02
C ALA D 340 -15.55 -41.94 29.84
N GLN D 341 -16.11 -42.91 29.13
CA GLN D 341 -16.63 -44.12 29.74
C GLN D 341 -15.64 -45.27 29.58
N PHE E 1 71.62 0.82 -3.62
CA PHE E 1 71.52 -0.61 -3.34
C PHE E 1 70.14 -1.15 -3.69
N GLU E 2 70.08 -2.43 -4.03
CA GLU E 2 68.83 -3.12 -4.35
C GLU E 2 68.54 -4.18 -3.31
N HIS E 3 67.31 -4.19 -2.80
CA HIS E 3 66.81 -5.25 -1.93
C HIS E 3 65.46 -5.73 -2.44
N ALA E 4 65.27 -7.05 -2.43
CA ALA E 4 64.06 -7.68 -2.91
C ALA E 4 63.41 -8.48 -1.80
N THR E 5 62.08 -8.47 -1.76
CA THR E 5 61.31 -9.23 -0.78
C THR E 5 59.94 -9.51 -1.39
N THR E 6 59.04 -10.04 -0.57
CA THR E 6 57.67 -10.35 -1.02
C THR E 6 56.72 -9.99 0.12
N VAL E 7 56.04 -8.87 -0.03
CA VAL E 7 55.11 -8.38 0.99
C VAL E 7 53.79 -9.14 0.87
N PRO E 8 52.96 -9.20 1.92
CA PRO E 8 51.61 -9.76 1.75
C PRO E 8 50.63 -8.69 1.29
N ASN E 9 49.83 -9.03 0.28
CA ASN E 9 48.86 -8.10 -0.29
C ASN E 9 47.70 -7.96 0.70
N VAL E 10 47.89 -7.08 1.67
CA VAL E 10 46.87 -6.75 2.65
C VAL E 10 46.88 -5.23 2.79
N PRO E 11 45.79 -4.52 2.48
CA PRO E 11 45.83 -3.05 2.58
C PRO E 11 46.05 -2.59 4.01
N GLY E 12 46.84 -1.52 4.15
CA GLY E 12 46.97 -0.81 5.40
C GLY E 12 47.85 -1.45 6.44
N ILE E 13 48.37 -2.65 6.20
CA ILE E 13 49.18 -3.34 7.20
C ILE E 13 50.65 -2.94 7.03
N PRO E 14 51.37 -2.62 8.11
CA PRO E 14 52.82 -2.47 7.98
C PRO E 14 53.54 -3.80 7.84
N TYR E 15 54.59 -3.80 7.01
CA TYR E 15 55.49 -4.95 6.88
C TYR E 15 56.92 -4.42 6.99
N LYS E 16 57.69 -5.01 7.90
CA LYS E 16 59.00 -4.51 8.29
C LYS E 16 60.10 -5.47 7.86
N ALA E 17 61.23 -4.89 7.45
CA ALA E 17 62.42 -5.66 7.09
C ALA E 17 63.63 -4.82 7.42
N LEU E 18 64.79 -5.47 7.49
CA LEU E 18 66.05 -4.83 7.81
C LEU E 18 67.04 -5.18 6.69
N VAL E 19 67.30 -4.21 5.81
CA VAL E 19 68.29 -4.43 4.75
C VAL E 19 69.68 -4.24 5.37
N GLU E 20 70.52 -5.26 5.20
CA GLU E 20 71.84 -5.32 5.83
C GLU E 20 72.88 -5.38 4.72
N ARG E 21 73.47 -4.24 4.39
CA ARG E 21 74.53 -4.25 3.40
C ARG E 21 75.81 -4.81 4.03
N ALA E 22 76.80 -5.06 3.16
CA ALA E 22 77.94 -5.89 3.54
C ALA E 22 78.69 -5.32 4.74
N GLY E 23 78.92 -4.02 4.77
CA GLY E 23 79.62 -3.37 5.86
C GLY E 23 78.86 -2.23 6.48
N TYR E 24 77.89 -1.69 5.75
CA TYR E 24 77.22 -0.48 6.20
C TYR E 24 76.17 -0.79 7.25
N ALA E 25 75.73 0.27 7.93
CA ALA E 25 74.81 0.11 9.06
C ALA E 25 73.50 -0.48 8.57
N PRO E 26 72.89 -1.42 9.30
CA PRO E 26 71.60 -1.95 8.86
C PRO E 26 70.54 -0.87 8.82
N LEU E 27 69.69 -0.92 7.80
CA LEU E 27 68.68 0.10 7.55
C LEU E 27 67.29 -0.51 7.62
N ASN E 28 66.41 0.14 8.37
CA ASN E 28 65.01 -0.28 8.43
C ASN E 28 64.33 -0.01 7.10
N LEU E 29 63.32 -0.83 6.80
CA LEU E 29 62.52 -0.66 5.59
C LEU E 29 61.12 -1.13 5.90
N GLU E 30 60.16 -0.21 5.94
CA GLU E 30 58.78 -0.59 6.25
C GLU E 30 57.89 -0.13 5.10
N ILE E 31 56.91 -0.97 4.78
CA ILE E 31 56.03 -0.78 3.64
C ILE E 31 54.61 -0.96 4.11
N THR E 32 53.72 -0.02 3.72
CA THR E 32 52.28 -0.19 3.84
C THR E 32 51.67 -0.13 2.45
N VAL E 33 50.78 -1.09 2.18
CA VAL E 33 49.89 -1.03 1.03
C VAL E 33 48.74 -0.10 1.42
N VAL E 34 48.91 1.19 1.16
CA VAL E 34 47.92 2.17 1.60
C VAL E 34 46.59 1.93 0.91
N SER E 35 46.63 1.65 -0.39
CA SER E 35 45.41 1.37 -1.15
C SER E 35 45.77 0.50 -2.34
N SER E 36 44.77 -0.25 -2.80
CA SER E 36 44.87 -1.08 -3.99
C SER E 36 43.61 -0.88 -4.82
N GLU E 37 43.75 -1.04 -6.14
CA GLU E 37 42.63 -0.89 -7.05
C GLU E 37 42.80 -1.90 -8.17
N LEU E 38 41.95 -2.93 -8.17
CA LEU E 38 41.92 -3.93 -9.23
C LEU E 38 40.91 -3.47 -10.27
N THR E 39 41.40 -2.92 -11.38
CA THR E 39 40.57 -2.38 -12.44
C THR E 39 40.80 -3.15 -13.73
N PRO E 40 39.75 -3.72 -14.37
CA PRO E 40 39.93 -4.32 -15.70
C PRO E 40 39.62 -3.34 -16.83
N SER E 41 39.91 -3.75 -18.06
CA SER E 41 39.53 -2.99 -19.25
C SER E 41 38.17 -3.46 -19.72
N THR E 42 37.25 -2.51 -19.91
CA THR E 42 35.86 -2.81 -20.19
C THR E 42 35.42 -2.10 -21.46
N ASN E 43 34.46 -2.71 -22.16
CA ASN E 43 33.85 -2.15 -23.35
C ASN E 43 32.35 -2.09 -23.16
N LYS E 44 31.74 -1.03 -23.68
CA LYS E 44 30.32 -0.79 -23.53
C LYS E 44 29.57 -1.54 -24.63
N GLU E 45 28.77 -2.53 -24.23
CA GLU E 45 27.97 -3.26 -25.20
C GLU E 45 26.71 -2.47 -25.57
N TYR E 46 25.89 -2.13 -24.59
CA TYR E 46 24.68 -1.35 -24.83
C TYR E 46 24.10 -0.90 -23.50
N VAL E 47 22.99 -0.16 -23.59
CA VAL E 47 22.21 0.28 -22.45
C VAL E 47 20.81 -0.29 -22.59
N THR E 48 20.13 -0.40 -21.46
CA THR E 48 18.75 -0.89 -21.44
C THR E 48 18.02 -0.25 -20.27
N CYS E 49 16.71 -0.23 -20.36
CA CYS E 49 15.84 0.35 -19.34
C CYS E 49 14.43 -0.11 -19.63
N ARG E 50 13.46 0.43 -18.88
CA ARG E 50 12.06 0.18 -19.21
C ARG E 50 11.71 0.87 -20.51
N PHE E 51 11.27 0.10 -21.50
CA PHE E 51 10.81 0.71 -22.74
C PHE E 51 9.51 1.46 -22.51
N HIS E 52 9.32 2.54 -23.26
CA HIS E 52 8.04 3.19 -23.41
C HIS E 52 7.46 2.75 -24.75
N THR E 53 6.28 2.14 -24.71
CA THR E 53 5.63 1.64 -25.93
C THR E 53 4.84 2.81 -26.51
N VAL E 54 5.36 3.38 -27.59
CA VAL E 54 4.70 4.48 -28.29
C VAL E 54 3.87 3.89 -29.41
N ILE E 55 2.59 4.25 -29.43
CA ILE E 55 1.67 3.83 -30.47
C ILE E 55 1.29 5.08 -31.26
N PRO E 56 1.73 5.22 -32.53
CA PRO E 56 1.29 6.36 -33.31
C PRO E 56 -0.23 6.38 -33.46
N SER E 57 -0.75 7.53 -33.84
CA SER E 57 -2.18 7.66 -34.08
C SER E 57 -2.60 6.72 -35.20
N PRO E 58 -3.74 6.04 -35.10
CA PRO E 58 -4.14 5.12 -36.17
C PRO E 58 -4.52 5.85 -37.44
N GLN E 59 -4.67 5.07 -38.51
CA GLN E 59 -5.07 5.58 -39.83
C GLN E 59 -6.13 4.69 -40.45
N VAL E 60 -7.00 5.33 -41.23
CA VAL E 60 -8.11 4.65 -41.88
C VAL E 60 -8.25 5.16 -43.32
N LYS E 61 -8.38 4.24 -44.26
CA LYS E 61 -8.87 4.51 -45.62
C LYS E 61 -10.13 3.65 -45.73
N CYS E 62 -11.30 4.25 -45.59
CA CYS E 62 -12.42 3.42 -45.15
C CYS E 62 -13.33 2.93 -46.28
N CYS E 63 -13.02 3.18 -47.56
CA CYS E 63 -13.13 2.08 -48.52
C CYS E 63 -12.09 2.21 -49.63
N GLY E 64 -10.82 2.45 -49.25
CA GLY E 64 -9.69 2.22 -50.15
C GLY E 64 -8.96 0.94 -49.79
N SER E 65 -7.63 0.96 -49.84
CA SER E 65 -6.82 -0.17 -49.40
C SER E 65 -5.50 0.36 -48.88
N LEU E 66 -5.00 -0.27 -47.82
CA LEU E 66 -3.76 0.12 -47.17
C LEU E 66 -2.86 -1.09 -46.98
N GLU E 67 -1.56 -0.83 -46.97
CA GLU E 67 -0.54 -1.84 -46.80
C GLU E 67 0.43 -1.37 -45.72
N CYS E 68 0.98 -2.34 -44.99
CA CYS E 68 1.98 -2.04 -43.98
C CYS E 68 3.33 -1.85 -44.66
N LYS E 69 3.87 -0.65 -44.58
CA LYS E 69 5.24 -0.42 -45.01
C LYS E 69 6.20 -0.95 -43.93
N ALA E 70 7.49 -0.88 -44.23
CA ALA E 70 8.53 -1.31 -43.30
C ALA E 70 9.27 -0.09 -42.78
N SER E 71 9.29 0.08 -41.47
CA SER E 71 9.98 1.17 -40.81
C SER E 71 11.24 0.65 -40.12
N SER E 72 12.00 1.58 -39.53
CA SER E 72 13.25 1.26 -38.86
C SER E 72 13.16 1.45 -37.35
N LYS E 73 11.96 1.55 -36.80
CA LYS E 73 11.81 1.75 -35.37
C LYS E 73 12.14 0.47 -34.61
N ALA E 74 12.45 0.65 -33.32
CA ALA E 74 12.76 -0.49 -32.46
C ALA E 74 11.53 -1.35 -32.29
N ASP E 75 11.64 -2.63 -32.66
CA ASP E 75 10.54 -3.59 -32.56
C ASP E 75 9.28 -3.06 -33.23
N TYR E 76 9.45 -2.46 -34.40
CA TYR E 76 8.31 -1.91 -35.12
C TYR E 76 7.34 -3.03 -35.49
N THR E 77 6.05 -2.75 -35.35
CA THR E 77 5.02 -3.71 -35.74
C THR E 77 3.86 -2.96 -36.37
N CYS E 78 3.32 -3.53 -37.44
CA CYS E 78 2.23 -2.92 -38.18
C CYS E 78 1.35 -4.01 -38.76
N ARG E 79 0.03 -3.79 -38.73
CA ARG E 79 -0.93 -4.74 -39.26
C ARG E 79 -2.07 -3.97 -39.89
N VAL E 80 -2.83 -4.68 -40.74
CA VAL E 80 -3.96 -4.12 -41.46
C VAL E 80 -5.23 -4.85 -41.04
N PHE E 81 -6.34 -4.12 -41.03
CA PHE E 81 -7.65 -4.68 -40.73
C PHE E 81 -8.63 -4.21 -41.78
N GLY E 82 -9.64 -5.04 -42.03
CA GLY E 82 -10.63 -4.73 -43.05
C GLY E 82 -11.76 -3.90 -42.50
N GLY E 83 -12.98 -4.40 -42.61
CA GLY E 83 -14.15 -3.67 -42.13
C GLY E 83 -14.11 -3.40 -40.64
N VAL E 84 -13.99 -2.11 -40.28
CA VAL E 84 -13.97 -1.67 -38.90
C VAL E 84 -15.05 -0.63 -38.62
N TYR E 85 -15.19 0.37 -39.50
CA TYR E 85 -16.18 1.43 -39.36
C TYR E 85 -16.12 2.07 -37.97
N PRO E 86 -15.05 2.83 -37.67
CA PRO E 86 -14.80 3.23 -36.30
C PRO E 86 -15.39 4.59 -35.96
N PHE E 87 -15.85 4.71 -34.71
CA PHE E 87 -16.45 5.93 -34.19
C PHE E 87 -15.51 6.56 -33.17
N MET E 88 -15.42 7.89 -33.19
CA MET E 88 -14.61 8.63 -32.23
C MET E 88 -15.44 9.56 -31.35
N TRP E 89 -16.11 10.57 -31.92
CA TRP E 89 -17.04 11.35 -31.10
C TRP E 89 -18.34 11.72 -31.80
N GLY E 90 -18.37 11.82 -33.14
CA GLY E 90 -19.62 12.07 -33.82
C GLY E 90 -20.48 10.84 -33.95
N GLY E 91 -19.91 9.65 -33.81
CA GLY E 91 -20.61 8.42 -34.07
C GLY E 91 -20.42 7.86 -35.46
N ALA E 92 -19.58 8.50 -36.29
CA ALA E 92 -19.17 7.92 -37.56
C ALA E 92 -18.04 8.74 -38.16
N GLN E 93 -16.92 8.10 -38.49
CA GLN E 93 -15.76 8.78 -39.04
C GLN E 93 -15.50 8.30 -40.47
N CYS E 94 -16.55 7.83 -41.13
CA CYS E 94 -16.34 7.10 -42.37
C CYS E 94 -17.58 7.11 -43.24
N PHE E 95 -17.36 6.86 -44.54
CA PHE E 95 -18.39 6.67 -45.55
C PHE E 95 -18.17 5.32 -46.20
N CYS E 96 -19.21 4.73 -46.80
CA CYS E 96 -19.02 3.46 -47.50
C CYS E 96 -18.57 2.37 -46.52
N ASP E 97 -19.49 2.05 -45.60
CA ASP E 97 -19.14 1.44 -44.32
C ASP E 97 -18.55 0.04 -44.39
N SER E 98 -18.46 -0.57 -45.57
CA SER E 98 -17.77 -1.84 -45.72
C SER E 98 -16.36 -1.63 -46.30
N GLU E 99 -15.55 -2.68 -46.23
CA GLU E 99 -14.16 -2.71 -46.70
C GLU E 99 -13.35 -1.49 -46.23
N ASN E 100 -13.17 -1.35 -44.91
CA ASN E 100 -12.89 -0.04 -44.31
C ASN E 100 -11.47 0.13 -43.80
N THR E 101 -10.48 -0.20 -44.62
CA THR E 101 -9.21 -0.67 -44.09
C THR E 101 -8.58 0.29 -43.08
N GLN E 102 -8.01 -0.29 -42.04
CA GLN E 102 -7.33 0.44 -40.97
C GLN E 102 -5.91 -0.07 -40.85
N LEU E 103 -4.96 0.86 -40.77
CA LEU E 103 -3.56 0.56 -40.50
C LEU E 103 -3.32 0.78 -39.02
N SER E 104 -2.90 -0.26 -38.31
CA SER E 104 -2.60 -0.18 -36.89
C SER E 104 -1.11 -0.43 -36.69
N GLU E 105 -0.42 0.54 -36.10
CA GLU E 105 1.04 0.51 -35.98
C GLU E 105 1.44 0.82 -34.55
N ALA E 106 2.59 0.28 -34.15
CA ALA E 106 3.12 0.54 -32.82
C ALA E 106 4.61 0.21 -32.82
N TYR E 107 5.32 0.84 -31.88
CA TYR E 107 6.73 0.51 -31.67
C TYR E 107 7.12 0.95 -30.26
N VAL E 108 8.40 0.79 -29.93
CA VAL E 108 8.91 1.06 -28.60
C VAL E 108 10.11 1.99 -28.71
N GLU E 109 10.39 2.68 -27.61
CA GLU E 109 11.56 3.54 -27.49
C GLU E 109 11.93 3.59 -26.01
N PHE E 110 12.80 4.53 -25.65
CA PHE E 110 13.27 4.65 -24.28
C PHE E 110 12.31 5.53 -23.49
N ALA E 111 11.99 5.11 -22.27
CA ALA E 111 11.13 5.91 -21.42
C ALA E 111 11.81 7.25 -21.15
N PRO E 112 11.04 8.35 -21.03
CA PRO E 112 11.68 9.67 -20.96
C PRO E 112 12.64 9.85 -19.79
N ASP E 113 12.39 9.19 -18.67
CA ASP E 113 13.27 9.27 -17.51
C ASP E 113 14.29 8.15 -17.45
N CYS E 114 14.51 7.45 -18.56
CA CYS E 114 15.54 6.40 -18.60
C CYS E 114 16.94 6.96 -18.46
N THR E 115 17.12 8.27 -18.63
CA THR E 115 18.46 8.86 -18.60
C THR E 115 19.17 8.65 -17.27
N ILE E 116 18.42 8.43 -16.19
CA ILE E 116 19.00 8.17 -14.88
C ILE E 116 18.82 6.70 -14.45
N ASP E 117 17.64 6.13 -14.69
CA ASP E 117 17.35 4.74 -14.34
C ASP E 117 17.60 3.91 -15.61
N HIS E 118 18.83 3.43 -15.75
CA HIS E 118 19.20 2.61 -16.89
C HIS E 118 20.36 1.70 -16.48
N ALA E 119 20.37 0.49 -17.04
CA ALA E 119 21.46 -0.45 -16.85
C ALA E 119 22.37 -0.44 -18.08
N VAL E 120 23.67 -0.62 -17.82
CA VAL E 120 24.69 -0.65 -18.85
C VAL E 120 25.35 -2.02 -18.84
N ALA E 121 25.46 -2.63 -20.01
CA ALA E 121 26.02 -3.97 -20.15
C ALA E 121 27.47 -3.86 -20.60
N LEU E 122 28.38 -4.45 -19.82
CA LEU E 122 29.81 -4.37 -20.10
C LEU E 122 30.41 -5.77 -20.15
N LYS E 123 31.52 -5.90 -20.88
CA LYS E 123 32.34 -7.10 -20.87
C LYS E 123 33.74 -6.71 -20.43
N VAL E 124 34.26 -7.41 -19.42
CA VAL E 124 35.54 -7.06 -18.82
C VAL E 124 36.62 -7.96 -19.41
N HIS E 125 37.88 -7.59 -19.17
CA HIS E 125 39.04 -8.37 -19.58
C HIS E 125 39.94 -8.58 -18.36
N THR E 126 41.17 -9.03 -18.60
CA THR E 126 42.14 -9.22 -17.52
C THR E 126 42.20 -8.00 -16.62
N ALA E 127 42.15 -8.25 -15.31
CA ALA E 127 42.05 -7.18 -14.32
C ALA E 127 43.44 -6.71 -13.91
N ALA E 128 43.75 -5.46 -14.21
CA ALA E 128 45.03 -4.86 -13.85
C ALA E 128 44.92 -4.22 -12.47
N LEU E 129 45.87 -4.55 -11.60
CA LEU E 129 45.87 -4.08 -10.22
C LEU E 129 46.93 -3.00 -10.07
N LYS E 130 46.55 -1.89 -9.44
CA LYS E 130 47.46 -0.78 -9.14
C LYS E 130 47.36 -0.46 -7.66
N VAL E 131 48.50 -0.12 -7.05
CA VAL E 131 48.60 0.00 -5.59
C VAL E 131 49.30 1.30 -5.22
N GLY E 132 48.77 1.96 -4.19
CA GLY E 132 49.48 3.03 -3.51
C GLY E 132 50.26 2.45 -2.34
N LEU E 133 51.51 2.88 -2.23
CA LEU E 133 52.44 2.37 -1.23
C LEU E 133 53.02 3.54 -0.46
N ARG E 134 53.22 3.35 0.84
CA ARG E 134 54.09 4.22 1.63
C ARG E 134 55.30 3.39 2.06
N ILE E 135 56.49 3.87 1.69
CA ILE E 135 57.75 3.24 2.08
C ILE E 135 58.47 4.23 3.02
N VAL E 136 58.92 3.77 4.20
CA VAL E 136 59.85 4.62 5.00
C VAL E 136 61.10 3.75 5.19
N TYR E 137 62.23 4.36 4.86
CA TYR E 137 63.54 3.74 5.00
C TYR E 137 64.39 4.70 5.80
N GLY E 138 65.01 4.20 6.86
CA GLY E 138 65.79 5.05 7.74
C GLY E 138 64.96 6.18 8.31
N ASN E 139 65.20 7.40 7.82
CA ASN E 139 64.48 8.59 8.26
C ASN E 139 63.51 9.11 7.20
N THR E 140 63.62 8.68 5.96
CA THR E 140 62.88 9.28 4.84
C THR E 140 61.73 8.37 4.43
N THR E 141 60.55 8.95 4.27
CA THR E 141 59.37 8.24 3.79
C THR E 141 58.86 8.86 2.49
N ALA E 142 58.09 8.06 1.75
CA ALA E 142 57.62 8.46 0.43
C ALA E 142 56.36 7.68 0.09
N HIS E 143 55.45 8.37 -0.61
CA HIS E 143 54.22 7.78 -1.14
C HIS E 143 54.34 7.66 -2.65
N LEU E 144 53.82 6.56 -3.20
CA LEU E 144 53.84 6.41 -4.65
C LEU E 144 52.85 5.35 -5.09
N ASP E 145 52.36 5.49 -6.33
CA ASP E 145 51.45 4.52 -6.93
C ASP E 145 52.20 3.75 -8.01
N THR E 146 51.97 2.44 -8.08
CA THR E 146 52.69 1.58 -9.01
C THR E 146 51.79 0.47 -9.50
N PHE E 147 52.17 -0.10 -10.65
CA PHE E 147 51.47 -1.20 -11.29
C PHE E 147 52.21 -2.49 -10.96
N VAL E 148 51.48 -3.50 -10.53
CA VAL E 148 52.08 -4.76 -10.08
C VAL E 148 52.08 -5.71 -11.27
N ASN E 149 53.12 -5.62 -12.09
CA ASN E 149 53.28 -6.46 -13.26
C ASN E 149 54.69 -7.02 -13.42
N GLY E 150 55.64 -6.64 -12.57
CA GLY E 150 57.02 -7.01 -12.75
C GLY E 150 57.76 -6.23 -13.82
N VAL E 151 57.13 -5.20 -14.40
CA VAL E 151 57.72 -4.42 -15.48
C VAL E 151 57.69 -2.94 -15.13
N THR E 152 56.50 -2.42 -14.84
CA THR E 152 56.33 -0.98 -14.63
C THR E 152 56.98 -0.55 -13.32
N PRO E 153 57.92 0.40 -13.32
CA PRO E 153 58.47 0.89 -12.06
C PRO E 153 57.77 2.12 -11.52
N GLY E 154 57.66 2.17 -10.20
CA GLY E 154 57.23 3.36 -9.48
C GLY E 154 58.44 4.12 -8.98
N SER E 155 58.34 5.46 -9.07
CA SER E 155 59.46 6.34 -8.75
C SER E 155 59.02 7.45 -7.81
N SER E 156 59.83 7.70 -6.77
CA SER E 156 59.70 8.89 -5.92
C SER E 156 61.08 9.54 -5.80
N ARG E 157 61.47 10.28 -6.84
CA ARG E 157 62.46 11.35 -6.82
C ARG E 157 63.89 10.93 -6.47
N ASP E 158 64.06 9.83 -5.74
CA ASP E 158 65.31 9.11 -5.65
C ASP E 158 65.09 7.60 -5.59
N LEU E 159 63.85 7.18 -5.30
CA LEU E 159 63.54 5.78 -5.02
C LEU E 159 62.90 5.18 -6.26
N LYS E 160 63.46 4.08 -6.75
CA LYS E 160 62.87 3.31 -7.83
C LYS E 160 62.49 1.94 -7.29
N VAL E 161 61.30 1.47 -7.66
CA VAL E 161 60.79 0.19 -7.16
C VAL E 161 60.01 -0.49 -8.29
N ILE E 162 60.00 -1.82 -8.26
CA ILE E 162 59.25 -2.60 -9.22
C ILE E 162 58.52 -3.72 -8.48
N ALA E 163 57.25 -3.91 -8.81
CA ALA E 163 56.35 -4.78 -8.07
C ALA E 163 55.87 -5.93 -8.94
N GLY E 164 55.68 -7.09 -8.31
CA GLY E 164 54.86 -8.13 -8.88
C GLY E 164 55.58 -9.11 -9.78
N PRO E 165 54.80 -9.91 -10.53
CA PRO E 165 53.32 -9.94 -10.59
C PRO E 165 52.69 -10.58 -9.36
N ILE E 166 51.36 -10.52 -9.23
CA ILE E 166 50.65 -11.10 -8.08
C ILE E 166 51.03 -12.57 -7.95
N SER E 167 51.07 -13.07 -6.71
CA SER E 167 51.30 -14.50 -6.51
C SER E 167 50.18 -15.33 -7.11
N ALA E 168 48.93 -15.00 -6.80
CA ALA E 168 47.76 -15.66 -7.38
C ALA E 168 46.86 -14.61 -8.02
N ALA E 169 46.61 -14.75 -9.32
CA ALA E 169 45.72 -13.84 -10.02
C ALA E 169 44.28 -14.02 -9.54
N PHE E 170 43.52 -12.93 -9.53
CA PHE E 170 42.13 -12.97 -9.10
C PHE E 170 41.37 -11.80 -9.71
N SER E 171 40.06 -11.99 -9.89
CA SER E 171 39.17 -10.92 -10.29
C SER E 171 37.76 -11.22 -9.79
N PRO E 172 37.13 -10.34 -8.99
CA PRO E 172 35.75 -10.61 -8.57
C PRO E 172 34.74 -10.57 -9.71
N PHE E 173 35.13 -10.00 -10.85
CA PHE E 173 34.22 -9.81 -11.97
C PHE E 173 34.29 -10.98 -12.93
N ASP E 174 33.12 -11.51 -13.30
CA ASP E 174 33.05 -12.52 -14.34
C ASP E 174 33.27 -11.81 -15.69
N HIS E 175 33.12 -12.54 -16.78
CA HIS E 175 33.45 -11.99 -18.09
C HIS E 175 32.58 -10.78 -18.43
N LYS E 176 31.30 -10.83 -18.08
CA LYS E 176 30.34 -9.79 -18.46
C LYS E 176 29.50 -9.38 -17.25
N VAL E 177 29.29 -8.07 -17.10
CA VAL E 177 28.68 -7.48 -15.91
C VAL E 177 27.64 -6.45 -16.34
N VAL E 178 26.84 -6.03 -15.35
CA VAL E 178 25.80 -5.02 -15.53
C VAL E 178 25.96 -3.94 -14.47
N ILE E 179 25.84 -2.69 -14.89
CA ILE E 179 26.00 -1.51 -14.05
C ILE E 179 24.65 -0.82 -13.94
N ARG E 180 24.24 -0.51 -12.72
CA ARG E 180 22.96 0.19 -12.51
C ARG E 180 23.10 1.07 -11.26
N LYS E 181 23.22 2.38 -11.47
CA LYS E 181 23.22 3.35 -10.38
C LYS E 181 24.32 3.05 -9.35
N GLY E 182 25.49 2.65 -9.84
CA GLY E 182 26.60 2.30 -9.00
C GLY E 182 26.60 0.87 -8.49
N LEU E 183 25.53 0.13 -8.74
CA LEU E 183 25.44 -1.27 -8.33
C LEU E 183 25.92 -2.17 -9.45
N VAL E 184 26.67 -3.19 -9.09
CA VAL E 184 27.32 -4.08 -10.05
C VAL E 184 26.72 -5.47 -9.90
N TYR E 185 26.46 -6.13 -11.03
CA TYR E 185 25.94 -7.49 -11.03
C TYR E 185 26.70 -8.34 -12.04
N ASN E 186 26.99 -9.58 -11.63
CA ASN E 186 27.50 -10.59 -12.56
C ASN E 186 26.32 -11.30 -13.23
N TYR E 187 25.72 -10.60 -14.19
CA TYR E 187 24.59 -11.10 -14.95
C TYR E 187 25.04 -11.44 -16.36
N ASP E 188 24.68 -12.63 -16.83
CA ASP E 188 25.00 -13.08 -18.18
C ASP E 188 23.97 -12.48 -19.14
N PHE E 189 24.16 -11.19 -19.43
CA PHE E 189 23.21 -10.51 -20.29
C PHE E 189 23.32 -11.03 -21.73
N PRO E 190 22.23 -10.97 -22.50
CA PRO E 190 22.32 -11.39 -23.90
C PRO E 190 23.24 -10.47 -24.69
N GLU E 191 23.91 -11.04 -25.69
CA GLU E 191 24.81 -10.26 -26.52
C GLU E 191 24.03 -9.25 -27.34
N TYR E 192 24.75 -8.23 -27.84
CA TYR E 192 24.10 -7.17 -28.59
C TYR E 192 23.43 -7.74 -29.84
N GLY E 193 22.20 -7.28 -30.09
CA GLY E 193 21.41 -7.76 -31.20
C GLY E 193 20.60 -9.00 -30.91
N ALA E 194 20.89 -9.71 -29.83
CA ALA E 194 20.16 -10.93 -29.45
C ALA E 194 19.12 -10.63 -28.37
N MET E 195 18.20 -9.73 -28.69
CA MET E 195 17.11 -9.43 -27.77
C MET E 195 16.20 -10.64 -27.63
N LYS E 196 15.71 -10.86 -26.41
CA LYS E 196 14.70 -11.88 -26.15
C LYS E 196 13.62 -11.24 -25.27
N PRO E 197 12.34 -11.34 -25.64
CA PRO E 197 11.32 -10.59 -24.90
C PRO E 197 11.16 -11.09 -23.48
N GLY E 198 10.79 -10.17 -22.59
CA GLY E 198 10.54 -10.52 -21.21
C GLY E 198 11.77 -10.79 -20.37
N ALA E 199 12.96 -10.47 -20.88
CA ALA E 199 14.20 -10.71 -20.17
C ALA E 199 15.07 -9.46 -20.27
N PHE E 200 16.15 -9.46 -19.48
CA PHE E 200 17.04 -8.31 -19.43
C PHE E 200 17.64 -8.06 -20.81
N GLY E 201 17.81 -6.78 -21.15
CA GLY E 201 18.31 -6.42 -22.46
C GLY E 201 17.34 -6.67 -23.59
N ASP E 202 16.04 -6.77 -23.29
CA ASP E 202 15.04 -6.90 -24.35
C ASP E 202 15.07 -5.72 -25.31
N ILE E 203 15.48 -4.54 -24.83
CA ILE E 203 15.69 -3.36 -25.65
C ILE E 203 17.14 -2.93 -25.49
N GLN E 204 17.81 -2.66 -26.61
CA GLN E 204 19.22 -2.33 -26.61
C GLN E 204 19.49 -1.15 -27.53
N ALA E 205 20.51 -0.37 -27.18
CA ALA E 205 21.01 0.70 -28.02
C ALA E 205 22.42 1.04 -27.57
N SER E 206 23.20 1.61 -28.49
CA SER E 206 24.58 1.95 -28.17
C SER E 206 24.66 3.03 -27.09
N SER E 207 23.66 3.90 -27.01
CA SER E 207 23.66 4.99 -26.05
C SER E 207 22.22 5.41 -25.77
N LEU E 208 22.05 6.19 -24.70
CA LEU E 208 20.72 6.69 -24.37
C LEU E 208 20.16 7.56 -25.49
N ASP E 209 20.99 8.42 -26.07
CA ASP E 209 20.57 9.27 -27.18
C ASP E 209 20.71 8.60 -28.53
N ALA E 210 21.26 7.39 -28.59
CA ALA E 210 21.44 6.70 -29.86
C ALA E 210 20.10 6.44 -30.51
N THR E 211 19.99 6.75 -31.80
CA THR E 211 18.76 6.57 -32.56
C THR E 211 18.60 5.17 -33.14
N ASP E 212 19.61 4.32 -33.02
CA ASP E 212 19.54 2.95 -33.53
C ASP E 212 19.07 1.98 -32.45
N ILE E 213 17.92 2.28 -31.84
CA ILE E 213 17.38 1.41 -30.80
C ILE E 213 16.87 0.13 -31.45
N VAL E 214 17.22 -1.01 -30.86
CA VAL E 214 16.77 -2.32 -31.30
C VAL E 214 16.13 -3.03 -30.12
N ALA E 215 14.96 -3.62 -30.35
CA ALA E 215 14.23 -4.28 -29.29
C ALA E 215 13.44 -5.45 -29.86
N ARG E 216 13.12 -6.41 -28.99
CA ARG E 216 12.24 -7.54 -29.32
C ARG E 216 11.41 -7.81 -28.07
N THR E 217 10.23 -7.18 -28.00
CA THR E 217 9.37 -7.22 -26.83
C THR E 217 8.16 -8.15 -27.01
N ASP E 218 8.08 -8.87 -28.13
CA ASP E 218 6.92 -9.71 -28.45
C ASP E 218 5.63 -8.90 -28.35
N ILE E 219 5.64 -7.74 -29.01
CA ILE E 219 4.46 -6.90 -29.11
C ILE E 219 3.64 -7.37 -30.31
N ARG E 220 2.37 -7.69 -30.07
CA ARG E 220 1.47 -8.12 -31.14
C ARG E 220 0.17 -7.34 -31.02
N LEU E 221 -0.21 -6.69 -32.12
CA LEU E 221 -1.43 -5.92 -32.18
C LEU E 221 -2.62 -6.84 -32.42
N LEU E 222 -3.77 -6.48 -31.86
CA LEU E 222 -4.99 -7.28 -31.94
C LEU E 222 -6.03 -6.55 -32.77
N LYS E 223 -6.95 -7.31 -33.35
CA LYS E 223 -8.01 -6.73 -34.15
C LYS E 223 -8.92 -5.88 -33.29
N PRO E 224 -9.26 -4.65 -33.69
CA PRO E 224 -10.21 -3.88 -32.87
C PRO E 224 -11.56 -4.57 -32.86
N SER E 225 -12.19 -4.56 -31.69
CA SER E 225 -13.50 -5.18 -31.49
C SER E 225 -14.57 -4.16 -31.16
N VAL E 226 -14.31 -3.27 -30.20
CA VAL E 226 -15.32 -2.32 -29.79
C VAL E 226 -15.60 -1.33 -30.90
N LYS E 227 -16.79 -0.74 -30.86
CA LYS E 227 -17.24 0.16 -31.91
C LYS E 227 -16.36 1.39 -32.00
N ASN E 228 -15.97 1.95 -30.86
CA ASN E 228 -15.19 3.19 -30.85
C ASN E 228 -13.78 2.93 -31.37
N ILE E 229 -13.18 3.98 -31.94
CA ILE E 229 -11.82 3.85 -32.47
C ILE E 229 -10.85 3.65 -31.33
N HIS E 230 -9.99 2.64 -31.47
CA HIS E 230 -8.89 2.40 -30.54
C HIS E 230 -8.00 1.32 -31.16
N VAL E 231 -6.84 1.13 -30.56
CA VAL E 231 -5.87 0.12 -30.98
C VAL E 231 -5.66 -0.83 -29.80
N PRO E 232 -6.11 -2.08 -29.88
CA PRO E 232 -5.73 -3.06 -28.86
C PRO E 232 -4.45 -3.81 -29.23
N TYR E 233 -3.72 -4.20 -28.19
CA TYR E 233 -2.45 -4.89 -28.40
C TYR E 233 -2.07 -5.60 -27.11
N THR E 234 -1.18 -6.58 -27.23
CA THR E 234 -0.59 -7.25 -26.09
C THR E 234 0.91 -7.26 -26.27
N GLN E 235 1.62 -7.39 -25.15
CA GLN E 235 3.08 -7.33 -25.17
C GLN E 235 3.61 -7.97 -23.90
N ALA E 236 4.85 -8.43 -23.97
CA ALA E 236 5.53 -8.95 -22.79
C ALA E 236 5.93 -7.80 -21.87
N VAL E 237 6.10 -8.15 -20.59
CA VAL E 237 6.54 -7.18 -19.59
C VAL E 237 7.94 -6.70 -19.95
N SER E 238 8.31 -5.52 -19.47
CA SER E 238 9.67 -5.05 -19.67
C SER E 238 10.63 -5.91 -18.86
N GLY E 239 11.45 -6.69 -19.55
CA GLY E 239 12.40 -7.55 -18.88
C GLY E 239 13.42 -6.79 -18.04
N TYR E 240 13.59 -5.50 -18.29
CA TYR E 240 14.39 -4.66 -17.40
C TYR E 240 13.80 -4.69 -16.00
N GLU E 241 12.50 -4.44 -15.87
CA GLU E 241 11.85 -4.47 -14.56
C GLU E 241 11.83 -5.89 -13.99
N MET E 242 11.69 -6.90 -14.85
CA MET E 242 11.71 -8.27 -14.36
C MET E 242 13.07 -8.60 -13.74
N TRP E 243 14.16 -8.15 -14.38
CA TRP E 243 15.47 -8.31 -13.78
C TRP E 243 15.59 -7.50 -12.50
N LYS E 244 14.99 -6.30 -12.48
CA LYS E 244 15.05 -5.47 -11.28
C LYS E 244 14.41 -6.18 -10.10
N ASN E 245 13.28 -6.85 -10.33
CA ASN E 245 12.65 -7.62 -9.27
C ASN E 245 13.54 -8.77 -8.82
N ASN E 246 14.21 -9.44 -9.77
CA ASN E 246 15.06 -10.60 -9.49
C ASN E 246 16.52 -10.29 -9.82
N SER E 247 16.96 -9.07 -9.54
CA SER E 247 18.36 -8.72 -9.79
C SER E 247 19.29 -9.50 -8.86
N GLY E 248 18.86 -9.72 -7.62
CA GLY E 248 19.71 -10.35 -6.63
C GLY E 248 20.66 -9.35 -6.02
N ARG E 249 21.52 -9.85 -5.14
CA ARG E 249 22.43 -8.97 -4.42
C ARG E 249 23.58 -8.55 -5.33
N PRO E 250 23.82 -7.26 -5.54
CA PRO E 250 24.94 -6.85 -6.39
C PRO E 250 26.27 -7.18 -5.75
N LEU E 251 27.36 -6.85 -6.47
CA LEU E 251 28.68 -7.31 -6.08
C LEU E 251 29.22 -6.58 -4.87
N GLN E 252 28.67 -5.40 -4.53
CA GLN E 252 29.16 -4.64 -3.39
C GLN E 252 29.08 -5.42 -2.08
N GLU E 253 28.31 -6.51 -2.04
CA GLU E 253 28.28 -7.42 -0.90
C GLU E 253 28.73 -8.83 -1.22
N THR E 254 28.95 -9.16 -2.50
CA THR E 254 29.23 -10.53 -2.92
C THR E 254 30.71 -10.78 -3.22
N ALA E 255 31.47 -9.77 -3.60
CA ALA E 255 32.85 -10.00 -3.99
C ALA E 255 33.64 -10.55 -2.79
N PRO E 256 34.33 -11.69 -2.93
CA PRO E 256 35.09 -12.20 -1.78
C PRO E 256 36.33 -11.37 -1.53
N PHE E 257 37.09 -11.76 -0.51
CA PHE E 257 38.25 -11.02 0.01
C PHE E 257 37.88 -9.65 0.57
N GLY E 258 36.58 -9.37 0.76
CA GLY E 258 36.16 -8.17 1.45
C GLY E 258 36.64 -6.87 0.84
N CYS E 259 36.49 -6.71 -0.47
CA CYS E 259 37.03 -5.56 -1.18
C CYS E 259 35.95 -4.82 -1.93
N LYS E 260 36.06 -3.49 -1.93
CA LYS E 260 34.92 -2.60 -2.17
C LYS E 260 34.85 -2.25 -3.64
N ILE E 261 33.68 -2.45 -4.25
CA ILE E 261 33.51 -2.26 -5.68
C ILE E 261 33.08 -0.82 -5.93
N GLU E 262 33.72 -0.19 -6.91
CA GLU E 262 33.49 1.21 -7.22
C GLU E 262 33.41 1.34 -8.74
N VAL E 263 32.68 2.36 -9.19
CA VAL E 263 32.34 2.53 -10.60
C VAL E 263 32.88 3.88 -11.08
N GLU E 264 33.03 4.00 -12.40
CA GLU E 264 33.64 5.16 -13.07
C GLU E 264 35.04 5.44 -12.52
N PRO E 265 36.04 4.61 -12.85
CA PRO E 265 35.97 3.35 -13.62
C PRO E 265 35.57 2.19 -12.74
N LEU E 266 35.08 1.11 -13.33
CA LEU E 266 34.82 -0.10 -12.56
C LEU E 266 36.13 -0.63 -11.98
N ARG E 267 36.10 -0.99 -10.70
CA ARG E 267 37.29 -1.52 -10.04
C ARG E 267 36.90 -2.05 -8.67
N ALA E 268 37.81 -2.82 -8.08
CA ALA E 268 37.70 -3.30 -6.71
C ALA E 268 38.86 -2.72 -5.91
N SER E 269 38.55 -2.05 -4.80
CA SER E 269 39.51 -1.31 -4.01
C SER E 269 39.79 -2.05 -2.70
N ASN E 270 41.05 -2.00 -2.28
CA ASN E 270 41.50 -2.55 -0.99
C ASN E 270 41.17 -4.04 -0.91
N CYS E 271 41.78 -4.81 -1.82
CA CYS E 271 41.44 -6.21 -1.98
C CYS E 271 42.64 -7.07 -1.59
N ALA E 272 42.49 -7.74 -0.44
CA ALA E 272 43.57 -8.48 0.20
C ALA E 272 43.57 -9.92 -0.31
N TYR E 273 44.59 -10.28 -1.06
CA TYR E 273 44.75 -11.64 -1.56
C TYR E 273 46.15 -11.78 -2.16
N GLY E 274 46.79 -12.89 -1.87
CA GLY E 274 48.10 -13.16 -2.45
C GLY E 274 49.20 -12.29 -1.85
N HIS E 275 50.33 -12.27 -2.57
CA HIS E 275 51.52 -11.57 -2.12
C HIS E 275 52.13 -10.82 -3.31
N ILE E 276 52.85 -9.75 -3.02
CA ILE E 276 53.47 -8.88 -4.00
C ILE E 276 55.00 -9.07 -3.89
N PRO E 277 55.65 -9.71 -4.86
CA PRO E 277 57.12 -9.60 -4.93
C PRO E 277 57.53 -8.18 -5.30
N ILE E 278 58.22 -7.52 -4.38
CA ILE E 278 58.59 -6.11 -4.51
C ILE E 278 60.10 -6.00 -4.39
N SER E 279 60.73 -5.29 -5.33
CA SER E 279 62.17 -5.06 -5.28
C SER E 279 62.45 -3.57 -5.46
N ILE E 280 63.28 -3.03 -4.57
CA ILE E 280 63.51 -1.60 -4.41
C ILE E 280 64.99 -1.34 -4.61
N ASP E 281 65.31 -0.36 -5.45
CA ASP E 281 66.68 0.16 -5.57
C ASP E 281 66.82 1.27 -4.53
N ILE E 282 67.29 0.93 -3.33
CA ILE E 282 67.45 1.93 -2.29
C ILE E 282 68.59 2.88 -2.67
N PRO E 283 68.42 4.20 -2.59
CA PRO E 283 69.57 5.09 -2.81
C PRO E 283 70.66 4.87 -1.77
N ASP E 284 71.91 4.93 -2.21
CA ASP E 284 73.02 4.68 -1.31
C ASP E 284 73.12 5.75 -0.23
N ALA E 285 72.72 6.99 -0.54
CA ALA E 285 72.78 8.06 0.45
C ALA E 285 71.89 7.79 1.66
N ALA E 286 70.87 6.94 1.51
CA ALA E 286 70.02 6.60 2.65
C ALA E 286 70.83 5.92 3.74
N PHE E 287 71.74 5.03 3.35
CA PHE E 287 72.54 4.30 4.32
C PHE E 287 73.56 5.21 4.98
N VAL E 288 74.07 4.75 6.12
CA VAL E 288 75.09 5.47 6.88
C VAL E 288 76.19 4.50 7.24
N ARG E 289 77.43 4.97 7.15
CA ARG E 289 78.58 4.14 7.47
C ARG E 289 78.48 3.63 8.91
N SER E 290 78.69 2.32 9.08
CA SER E 290 78.51 1.67 10.37
C SER E 290 79.46 2.21 11.44
N SER E 291 80.52 2.92 11.05
CA SER E 291 81.39 3.55 12.03
C SER E 291 80.63 4.60 12.84
N GLU E 292 79.47 5.06 12.37
CA GLU E 292 78.67 6.07 13.05
C GLU E 292 77.47 5.53 13.86
N SER E 293 77.04 4.27 13.66
CA SER E 293 75.88 3.70 14.37
C SER E 293 76.32 3.19 15.75
N PRO E 294 75.50 3.34 16.81
CA PRO E 294 76.18 3.30 18.18
C PRO E 294 76.41 1.89 18.70
N THR E 295 77.64 1.38 18.59
CA THR E 295 77.82 -0.06 18.76
C THR E 295 77.49 -0.49 20.19
N ILE E 296 76.41 -1.23 20.32
CA ILE E 296 75.98 -1.72 21.62
C ILE E 296 76.96 -2.78 22.10
N LEU E 297 77.49 -2.60 23.31
CA LEU E 297 78.48 -3.55 23.82
C LEU E 297 77.83 -4.86 24.22
N GLU E 298 76.64 -4.80 24.81
CA GLU E 298 75.93 -5.99 25.25
C GLU E 298 74.44 -5.71 25.27
N VAL E 299 73.64 -6.74 25.04
CA VAL E 299 72.19 -6.66 25.18
C VAL E 299 71.66 -7.98 25.72
N SER E 300 70.67 -7.88 26.60
CA SER E 300 69.96 -9.03 27.14
C SER E 300 68.46 -8.80 27.01
N CYS E 301 67.76 -9.80 26.48
CA CYS E 301 66.33 -9.71 26.23
C CYS E 301 65.55 -10.42 27.34
N THR E 302 64.51 -9.76 27.84
CA THR E 302 63.59 -10.32 28.83
C THR E 302 62.18 -10.09 28.32
N VAL E 303 61.49 -11.18 27.99
CA VAL E 303 60.13 -11.08 27.45
C VAL E 303 59.15 -10.87 28.59
N ALA E 304 58.33 -9.84 28.47
CA ALA E 304 57.27 -9.57 29.45
C ALA E 304 56.10 -10.50 29.16
N ASP E 305 54.97 -10.25 29.80
CA ASP E 305 53.75 -11.00 29.50
C ASP E 305 53.40 -10.82 28.04
N CYS E 306 53.23 -11.95 27.33
CA CYS E 306 52.93 -11.93 25.91
C CYS E 306 51.76 -12.86 25.63
N ILE E 307 50.95 -12.46 24.65
CA ILE E 307 49.76 -13.19 24.24
C ILE E 307 49.73 -13.18 22.71
N TYR E 308 49.54 -14.36 22.10
CA TYR E 308 49.58 -14.45 20.64
C TYR E 308 48.19 -14.12 20.12
N SER E 309 47.98 -12.85 19.82
CA SER E 309 46.73 -12.33 19.30
C SER E 309 47.02 -11.55 18.02
N ALA E 310 45.95 -11.13 17.36
CA ALA E 310 46.09 -10.33 16.15
C ALA E 310 46.73 -8.98 16.41
N ASP E 311 46.61 -8.45 17.64
CA ASP E 311 47.12 -7.13 17.97
C ASP E 311 48.50 -7.24 18.60
N PHE E 312 49.07 -6.09 18.96
CA PHE E 312 50.35 -6.06 19.66
C PHE E 312 50.15 -6.51 21.09
N GLY E 313 49.86 -7.79 21.28
CA GLY E 313 49.57 -8.36 22.57
C GLY E 313 50.76 -8.79 23.39
N GLY E 314 51.97 -8.54 22.90
CA GLY E 314 53.17 -8.91 23.63
C GLY E 314 54.10 -7.72 23.80
N SER E 315 54.93 -7.79 24.83
CA SER E 315 55.92 -6.77 25.09
C SER E 315 57.16 -7.43 25.69
N LEU E 316 58.28 -6.71 25.61
CA LEU E 316 59.56 -7.21 26.07
C LEU E 316 60.42 -6.02 26.46
N THR E 317 61.60 -6.32 27.01
CA THR E 317 62.55 -5.28 27.38
C THR E 317 63.97 -5.76 27.09
N LEU E 318 64.76 -4.87 26.52
CA LEU E 318 66.16 -5.13 26.20
C LEU E 318 67.02 -4.25 27.09
N GLN E 319 67.82 -4.88 27.95
CA GLN E 319 68.80 -4.17 28.78
C GLN E 319 70.10 -4.10 27.98
N TYR E 320 70.56 -2.89 27.70
CA TYR E 320 71.66 -2.66 26.77
C TYR E 320 72.76 -1.82 27.41
N LYS E 321 74.00 -2.15 27.05
CA LYS E 321 75.16 -1.32 27.29
C LYS E 321 75.78 -0.99 25.94
N ALA E 322 75.84 0.29 25.61
CA ALA E 322 76.39 0.79 24.37
C ALA E 322 77.48 1.84 24.64
N ASP E 323 78.05 2.34 23.55
CA ASP E 323 79.19 3.26 23.60
C ASP E 323 78.82 4.71 23.28
N ARG E 324 77.69 4.95 22.62
CA ARG E 324 77.36 6.30 22.18
C ARG E 324 75.84 6.41 22.06
N GLU E 325 75.36 7.65 22.10
CA GLU E 325 73.93 7.95 22.02
C GLU E 325 73.50 8.07 20.56
N GLY E 326 72.62 7.18 20.12
CA GLY E 326 72.17 7.21 18.74
C GLY E 326 70.74 6.72 18.51
N HIS E 327 70.47 6.18 17.32
CA HIS E 327 69.12 5.92 16.81
C HIS E 327 69.01 4.48 16.29
N CYS E 328 69.35 3.48 17.11
CA CYS E 328 69.51 2.13 16.61
C CYS E 328 68.24 1.62 15.94
N PRO E 329 68.33 0.97 14.76
CA PRO E 329 67.15 0.30 14.20
C PRO E 329 66.99 -1.09 14.81
N VAL E 330 65.74 -1.43 15.14
CA VAL E 330 65.42 -2.70 15.79
C VAL E 330 64.52 -3.50 14.86
N HIS E 331 64.73 -4.81 14.84
CA HIS E 331 63.98 -5.69 13.96
C HIS E 331 63.84 -7.06 14.60
N SER E 332 62.78 -7.77 14.19
CA SER E 332 62.54 -9.16 14.60
C SER E 332 62.84 -10.07 13.42
N HIS E 333 63.69 -11.08 13.65
CA HIS E 333 64.14 -11.99 12.60
C HIS E 333 63.34 -13.29 12.55
N SER E 334 62.09 -13.27 12.99
CA SER E 334 61.19 -14.41 12.84
C SER E 334 60.00 -14.00 12.00
N THR E 335 59.47 -14.96 11.26
CA THR E 335 58.29 -14.73 10.42
C THR E 335 56.99 -14.83 11.21
N THR E 336 57.05 -15.16 12.50
CA THR E 336 55.86 -15.31 13.34
C THR E 336 55.82 -14.28 14.46
N ALA E 337 56.58 -13.19 14.32
CA ALA E 337 56.59 -12.14 15.33
C ALA E 337 57.04 -10.84 14.68
N VAL E 338 56.29 -9.76 14.92
CA VAL E 338 56.55 -8.46 14.30
C VAL E 338 56.50 -7.39 15.38
N LEU E 339 57.48 -6.49 15.37
CA LEU E 339 57.59 -5.43 16.35
C LEU E 339 56.64 -4.28 16.03
N LYS E 340 56.44 -3.42 17.03
CA LYS E 340 55.71 -2.17 16.85
C LYS E 340 56.64 -1.01 16.52
N GLU E 341 57.85 -1.03 17.05
CA GLU E 341 58.85 0.00 16.79
C GLU E 341 59.86 -0.49 15.75
N ALA E 342 60.43 0.47 15.02
CA ALA E 342 61.42 0.20 14.00
C ALA E 342 62.80 0.70 14.39
N THR E 343 62.89 1.93 14.90
CA THR E 343 64.13 2.49 15.42
C THR E 343 63.87 3.17 16.75
N THR E 344 64.83 3.03 17.65
CA THR E 344 64.73 3.58 19.00
C THR E 344 65.99 4.36 19.33
N HIS E 345 65.81 5.48 20.03
CA HIS E 345 66.96 6.18 20.58
C HIS E 345 67.61 5.33 21.65
N VAL E 346 68.94 5.30 21.63
CA VAL E 346 69.74 4.41 22.45
C VAL E 346 70.78 5.25 23.17
N THR E 347 70.96 5.00 24.47
CA THR E 347 71.97 5.68 25.26
C THR E 347 73.21 4.78 25.38
N ALA E 348 74.19 5.24 26.17
CA ALA E 348 75.35 4.41 26.45
C ALA E 348 74.96 3.20 27.30
N VAL E 349 74.03 3.38 28.23
CA VAL E 349 73.54 2.29 29.06
C VAL E 349 72.07 2.55 29.38
N GLY E 350 71.27 1.49 29.41
CA GLY E 350 69.88 1.64 29.80
C GLY E 350 69.10 0.38 29.50
N SER E 351 67.78 0.56 29.35
CA SER E 351 66.89 -0.49 28.90
C SER E 351 65.74 0.13 28.12
N ILE E 352 65.32 -0.56 27.04
CA ILE E 352 64.21 -0.10 26.20
C ILE E 352 63.14 -1.19 26.18
N THR E 353 61.90 -0.81 26.41
CA THR E 353 60.77 -1.72 26.28
C THR E 353 60.16 -1.61 24.89
N LEU E 354 59.79 -2.77 24.34
CA LEU E 354 59.26 -2.89 22.98
C LEU E 354 57.95 -3.65 23.01
N HIS E 355 57.14 -3.43 21.97
CA HIS E 355 55.85 -4.10 21.79
C HIS E 355 55.88 -4.89 20.49
N PHE E 356 55.17 -6.02 20.48
CA PHE E 356 55.21 -6.93 19.34
C PHE E 356 53.95 -7.78 19.32
N SER E 357 53.66 -8.33 18.15
CA SER E 357 52.53 -9.24 17.90
C SER E 357 53.06 -10.53 17.32
N THR E 358 52.51 -11.65 17.78
CA THR E 358 52.95 -12.97 17.35
C THR E 358 51.75 -13.89 17.21
N SER E 359 51.93 -14.97 16.44
CA SER E 359 50.91 -16.01 16.27
C SER E 359 51.27 -17.31 16.97
N SER E 360 52.52 -17.48 17.45
CA SER E 360 52.94 -18.75 18.02
C SER E 360 52.66 -18.79 19.52
N PRO E 361 52.26 -19.93 20.09
CA PRO E 361 52.16 -20.01 21.56
C PRO E 361 53.49 -19.87 22.28
N GLN E 362 54.61 -20.14 21.59
CA GLN E 362 55.94 -19.96 22.15
C GLN E 362 56.66 -18.86 21.39
N ALA E 363 57.14 -17.85 22.11
CA ALA E 363 57.88 -16.74 21.52
C ALA E 363 59.36 -17.01 21.77
N ASN E 364 60.02 -17.60 20.77
CA ASN E 364 61.42 -18.03 20.86
C ASN E 364 62.21 -17.48 19.68
N PHE E 365 62.09 -16.18 19.46
CA PHE E 365 62.57 -15.58 18.22
C PHE E 365 63.82 -14.74 18.45
N ILE E 366 64.33 -14.15 17.37
CA ILE E 366 65.60 -13.42 17.37
C ILE E 366 65.29 -11.96 17.09
N VAL E 367 65.91 -11.07 17.87
CA VAL E 367 65.77 -9.62 17.71
C VAL E 367 67.16 -9.04 17.45
N SER E 368 67.25 -8.14 16.48
CA SER E 368 68.47 -7.39 16.23
C SER E 368 68.28 -5.93 16.59
N LEU E 369 69.31 -5.38 17.22
CA LEU E 369 69.43 -3.95 17.48
C LEU E 369 70.81 -3.53 16.99
N CYS E 370 70.86 -2.46 16.21
CA CYS E 370 72.08 -2.06 15.48
C CYS E 370 72.82 -3.28 14.93
N GLY E 371 72.06 -4.16 14.31
CA GLY E 371 72.58 -5.40 13.74
C GLY E 371 72.61 -6.60 14.67
N LYS E 372 73.12 -6.42 15.88
CA LYS E 372 73.49 -7.59 16.69
C LYS E 372 72.26 -8.20 17.36
N LYS E 373 72.35 -9.51 17.57
CA LYS E 373 71.19 -10.39 17.77
C LYS E 373 71.06 -10.81 19.23
N THR E 374 69.84 -11.22 19.58
CA THR E 374 69.56 -11.80 20.88
C THR E 374 68.30 -12.64 20.79
N THR E 375 68.28 -13.77 21.48
CA THR E 375 67.11 -14.65 21.50
C THR E 375 66.17 -14.24 22.62
N CYS E 376 64.91 -14.00 22.26
CA CYS E 376 63.84 -13.73 23.20
C CYS E 376 62.99 -14.99 23.33
N ASN E 377 62.94 -15.54 24.55
CA ASN E 377 62.37 -16.85 24.83
C ASN E 377 61.32 -16.72 25.92
N ALA E 378 60.11 -17.20 25.64
CA ALA E 378 59.01 -17.12 26.59
C ALA E 378 57.80 -17.88 26.02
N GLU E 379 56.74 -17.96 26.82
CA GLU E 379 55.50 -18.62 26.47
C GLU E 379 54.41 -17.58 26.32
N CYS E 380 53.70 -17.61 25.19
CA CYS E 380 52.59 -16.70 24.92
C CYS E 380 51.27 -17.43 25.14
N LYS E 381 50.40 -16.85 25.96
CA LYS E 381 49.17 -17.49 26.35
C LYS E 381 48.12 -17.36 25.24
N PRO E 382 47.09 -18.20 25.24
CA PRO E 382 46.02 -18.04 24.26
C PRO E 382 45.31 -16.72 24.47
N PRO E 383 44.76 -16.12 23.40
CA PRO E 383 44.09 -14.82 23.56
C PRO E 383 42.87 -14.92 24.46
N ALA E 384 42.74 -13.96 25.36
CA ALA E 384 41.58 -13.94 26.25
C ALA E 384 40.31 -13.61 25.48
N ASP E 385 40.36 -12.62 24.60
CA ASP E 385 39.22 -12.27 23.76
C ASP E 385 39.12 -13.23 22.58
N HIS E 386 37.91 -13.31 22.02
CA HIS E 386 37.65 -14.15 20.86
C HIS E 386 37.78 -13.39 19.55
N ILE E 387 38.16 -12.11 19.58
CA ILE E 387 38.21 -11.27 18.38
C ILE E 387 39.26 -10.18 18.56
N ILE E 388 39.54 -9.51 17.46
CA ILE E 388 39.75 -8.07 17.45
C ILE E 388 39.28 -7.57 16.09
N GLY E 389 38.71 -6.37 16.08
CA GLY E 389 38.32 -5.75 14.83
C GLY E 389 39.51 -5.19 14.07
N GLU E 390 40.51 -6.04 13.83
CA GLU E 390 41.78 -5.64 13.27
C GLU E 390 42.38 -6.91 12.67
N PRO E 391 42.86 -6.89 11.44
CA PRO E 391 43.38 -8.13 10.83
C PRO E 391 44.61 -8.64 11.54
N HIS E 392 44.77 -9.96 11.53
CA HIS E 392 45.96 -10.58 12.07
C HIS E 392 47.18 -10.08 11.32
N LYS E 393 48.08 -9.39 12.04
CA LYS E 393 49.26 -8.80 11.43
C LYS E 393 50.29 -9.85 11.03
N VAL E 394 50.12 -11.10 11.44
CA VAL E 394 51.07 -12.17 11.13
C VAL E 394 50.27 -13.44 10.84
N ASP E 395 50.78 -14.22 9.90
CA ASP E 395 50.13 -15.49 9.54
C ASP E 395 50.35 -16.53 10.63
N PRO F 11 -6.01 20.48 -26.83
CA PRO F 11 -7.08 19.95 -25.99
C PRO F 11 -7.95 18.94 -26.74
N TYR F 12 -7.33 17.83 -27.12
CA TYR F 12 -8.10 16.71 -27.64
C TYR F 12 -8.82 16.00 -26.49
N LEU F 13 -9.77 15.14 -26.85
CA LEU F 13 -10.52 14.34 -25.88
C LEU F 13 -10.32 12.88 -26.21
N GLY F 14 -9.90 12.11 -25.20
CA GLY F 14 -9.53 10.72 -25.38
C GLY F 14 -10.57 9.76 -24.86
N PHE F 15 -10.48 8.53 -25.36
CA PHE F 15 -11.40 7.45 -25.02
C PHE F 15 -10.96 6.87 -23.69
N CYS F 16 -11.31 7.59 -22.62
CA CYS F 16 -10.95 7.12 -21.31
C CYS F 16 -11.61 5.78 -21.10
N PRO F 17 -10.87 4.74 -20.68
CA PRO F 17 -11.55 3.49 -20.41
C PRO F 17 -12.64 3.67 -19.41
N TYR F 18 -12.52 4.52 -18.37
CA TYR F 18 -13.43 4.55 -17.21
C TYR F 18 -13.89 5.98 -16.92
N CYS F 19 -15.18 6.24 -17.20
CA CYS F 19 -15.82 7.53 -17.00
C CYS F 19 -16.18 7.68 -15.53
N ARG F 20 -17.03 8.65 -15.23
CA ARG F 20 -17.61 8.74 -13.91
C ARG F 20 -18.25 7.40 -13.51
N HIS F 21 -19.09 6.83 -14.37
CA HIS F 21 -20.04 5.86 -13.84
C HIS F 21 -19.53 4.41 -13.89
N SER F 22 -19.45 3.78 -15.06
CA SER F 22 -18.87 2.45 -15.16
C SER F 22 -18.14 2.20 -16.48
N ALA F 23 -18.55 2.92 -17.54
CA ALA F 23 -18.18 2.55 -18.89
C ALA F 23 -16.97 3.33 -19.38
N PRO F 24 -16.37 2.91 -20.49
CA PRO F 24 -15.51 3.82 -21.25
C PRO F 24 -16.30 4.89 -21.97
N CYS F 25 -15.73 6.10 -22.02
CA CYS F 25 -16.37 7.16 -22.79
C CYS F 25 -15.27 7.99 -23.41
N PHE F 26 -15.67 9.11 -24.02
CA PHE F 26 -14.74 10.12 -24.51
C PHE F 26 -14.78 11.33 -23.58
N SER F 27 -13.66 11.62 -22.94
CA SER F 27 -13.53 12.71 -21.99
C SER F 27 -12.30 13.56 -22.33
N PRO F 28 -12.31 14.86 -21.97
CA PRO F 28 -11.13 15.69 -22.28
C PRO F 28 -9.93 15.40 -21.40
N ILE F 29 -10.04 14.49 -20.42
CA ILE F 29 -9.03 14.37 -19.38
C ILE F 29 -8.49 12.95 -19.32
N LYS F 30 -8.59 12.20 -20.41
CA LYS F 30 -8.11 10.83 -20.40
C LYS F 30 -6.62 10.80 -20.10
N ILE F 31 -6.24 10.11 -19.03
CA ILE F 31 -4.84 9.73 -18.88
C ILE F 31 -4.49 8.75 -19.99
N GLU F 32 -3.27 8.84 -20.52
CA GLU F 32 -2.79 7.75 -21.37
C GLU F 32 -1.60 6.99 -20.78
N ASN F 33 -0.80 7.62 -19.94
CA ASN F 33 0.38 6.95 -19.40
C ASN F 33 0.86 7.68 -18.15
N VAL F 34 1.55 6.92 -17.29
CA VAL F 34 1.92 7.38 -15.96
C VAL F 34 3.34 6.93 -15.65
N TRP F 35 4.05 7.74 -14.87
CA TRP F 35 5.38 7.41 -14.37
C TRP F 35 5.38 7.49 -12.85
N ASP F 36 6.07 6.54 -12.21
CA ASP F 36 6.07 6.44 -10.76
C ASP F 36 7.46 6.11 -10.20
N GLU F 37 8.52 6.41 -10.94
CA GLU F 37 9.86 5.99 -10.55
C GLU F 37 10.47 6.86 -9.45
N SER F 38 9.99 8.09 -9.27
CA SER F 38 10.63 9.03 -8.34
C SER F 38 10.67 8.46 -6.92
N ASP F 39 11.82 8.61 -6.28
CA ASP F 39 12.07 7.95 -5.00
C ASP F 39 11.14 8.45 -3.89
N ASP F 40 10.63 9.67 -3.99
CA ASP F 40 9.73 10.19 -2.96
C ASP F 40 8.28 9.77 -3.17
N GLY F 41 7.99 9.02 -4.23
CA GLY F 41 6.63 8.69 -4.58
C GLY F 41 5.91 9.75 -5.38
N SER F 42 6.59 10.80 -5.82
CA SER F 42 5.95 11.79 -6.68
C SER F 42 5.59 11.14 -8.02
N ILE F 43 4.41 11.50 -8.53
CA ILE F 43 3.80 10.85 -9.68
C ILE F 43 3.55 11.90 -10.76
N ARG F 44 4.01 11.60 -11.98
CA ARG F 44 3.81 12.46 -13.13
C ARG F 44 2.72 11.84 -14.01
N ILE F 45 1.71 12.64 -14.36
CA ILE F 45 0.54 12.20 -15.10
C ILE F 45 0.43 13.00 -16.38
N GLN F 46 -0.06 12.34 -17.43
CA GLN F 46 -0.33 12.99 -18.71
C GLN F 46 -1.74 12.66 -19.19
N VAL F 47 -2.55 13.72 -19.32
CA VAL F 47 -3.92 13.65 -19.80
C VAL F 47 -4.00 14.45 -21.11
N SER F 48 -5.12 14.28 -21.80
CA SER F 48 -5.35 15.01 -23.04
C SER F 48 -5.62 16.50 -22.79
N ALA F 49 -5.96 16.88 -21.57
CA ALA F 49 -6.12 18.29 -21.23
C ALA F 49 -4.76 18.94 -21.02
N GLN F 50 -4.77 20.26 -20.95
CA GLN F 50 -3.59 21.02 -20.59
C GLN F 50 -3.93 21.94 -19.42
N PHE F 51 -2.89 22.54 -18.82
CA PHE F 51 -3.05 23.30 -17.58
C PHE F 51 -2.08 24.48 -17.56
N GLY F 52 -2.47 25.53 -16.83
CA GLY F 52 -1.65 26.72 -16.70
C GLY F 52 -1.70 27.67 -17.87
N TYR F 53 -2.60 27.45 -18.82
CA TYR F 53 -2.75 28.32 -19.99
C TYR F 53 -4.17 28.88 -20.03
N ASN F 54 -4.28 30.12 -20.51
CA ASN F 54 -5.58 30.75 -20.66
C ASN F 54 -6.17 30.37 -22.02
N GLN F 55 -7.29 31.01 -22.39
CA GLN F 55 -8.07 30.56 -23.54
C GLN F 55 -7.24 30.56 -24.83
N ALA F 56 -6.47 31.62 -25.07
CA ALA F 56 -5.63 31.68 -26.25
C ALA F 56 -4.37 30.83 -26.11
N GLY F 57 -4.10 30.29 -24.92
CA GLY F 57 -2.90 29.52 -24.66
C GLY F 57 -1.84 30.24 -23.86
N THR F 58 -2.00 31.55 -23.62
CA THR F 58 -1.02 32.28 -22.84
C THR F 58 -1.01 31.79 -21.40
N ALA F 59 0.17 31.82 -20.78
CA ALA F 59 0.35 31.22 -19.47
C ALA F 59 -0.51 31.91 -18.42
N ASP F 60 -1.37 31.13 -17.77
CA ASP F 60 -2.16 31.60 -16.63
C ASP F 60 -2.30 30.43 -15.67
N VAL F 61 -1.58 30.48 -14.55
CA VAL F 61 -1.51 29.34 -13.63
C VAL F 61 -2.90 29.01 -13.08
N THR F 62 -3.69 30.05 -12.77
CA THR F 62 -4.92 29.82 -12.03
C THR F 62 -6.02 29.16 -12.86
N LYS F 63 -5.84 29.02 -14.18
CA LYS F 63 -6.87 28.45 -15.03
C LYS F 63 -6.27 27.47 -16.04
N PHE F 64 -7.16 26.68 -16.63
CA PHE F 64 -6.80 25.74 -17.70
C PHE F 64 -7.91 25.72 -18.73
N ARG F 65 -7.56 25.26 -19.93
CA ARG F 65 -8.52 25.07 -21.02
C ARG F 65 -8.53 23.61 -21.45
N TYR F 66 -9.66 23.21 -22.03
CA TYR F 66 -9.94 21.81 -22.33
C TYR F 66 -10.98 21.76 -23.45
N MET F 67 -11.39 20.54 -23.79
CA MET F 67 -12.26 20.29 -24.94
C MET F 67 -13.73 20.48 -24.59
N SER F 68 -14.52 20.83 -25.59
CA SER F 68 -15.94 21.12 -25.41
C SER F 68 -16.80 19.91 -25.73
N PHE F 69 -17.89 19.77 -24.97
CA PHE F 69 -18.92 18.75 -25.21
C PHE F 69 -20.05 19.27 -26.09
N ASP F 70 -19.74 19.77 -27.28
CA ASP F 70 -20.79 20.27 -28.16
C ASP F 70 -20.38 20.11 -29.61
N HIS F 71 -21.35 20.33 -30.49
CA HIS F 71 -21.14 20.12 -31.92
C HIS F 71 -20.35 21.25 -32.55
N ASP F 72 -20.23 22.39 -31.88
CA ASP F 72 -19.24 23.39 -32.27
C ASP F 72 -17.85 23.00 -31.82
N HIS F 73 -17.76 22.21 -30.75
CA HIS F 73 -16.52 21.66 -30.19
C HIS F 73 -15.38 22.67 -30.20
N ASP F 74 -15.62 23.78 -29.51
CA ASP F 74 -14.61 24.79 -29.28
C ASP F 74 -13.78 24.39 -28.05
N ILE F 75 -12.99 25.32 -27.54
CA ILE F 75 -12.14 25.09 -26.37
C ILE F 75 -12.73 25.89 -25.21
N LYS F 76 -13.07 25.20 -24.12
CA LYS F 76 -13.65 25.81 -22.92
C LYS F 76 -12.59 25.87 -21.83
N GLU F 77 -12.98 26.37 -20.65
CA GLU F 77 -12.03 26.68 -19.59
C GLU F 77 -12.64 26.41 -18.22
N ASP F 78 -11.75 26.25 -17.25
CA ASP F 78 -12.11 26.21 -15.83
C ASP F 78 -10.87 26.54 -15.01
N SER F 79 -10.98 26.39 -13.69
CA SER F 79 -9.93 26.79 -12.77
C SER F 79 -9.22 25.58 -12.18
N MET F 80 -8.08 25.83 -11.53
CA MET F 80 -7.33 24.76 -10.89
C MET F 80 -8.09 24.20 -9.70
N ASP F 81 -8.84 25.03 -9.00
CA ASP F 81 -9.43 24.63 -7.72
C ASP F 81 -10.45 23.51 -7.86
N LYS F 82 -10.91 23.21 -9.08
CA LYS F 82 -11.93 22.20 -9.31
C LYS F 82 -11.38 20.93 -9.95
N ILE F 83 -10.05 20.78 -10.03
CA ILE F 83 -9.42 19.53 -10.44
C ILE F 83 -9.02 18.77 -9.18
N ALA F 84 -9.08 17.44 -9.26
CA ALA F 84 -8.72 16.60 -8.13
C ALA F 84 -8.05 15.33 -8.63
N ILE F 85 -7.09 14.86 -7.86
CA ILE F 85 -6.31 13.66 -8.15
C ILE F 85 -6.48 12.71 -6.98
N SER F 86 -6.76 11.43 -7.27
CA SER F 86 -6.98 10.47 -6.19
C SER F 86 -6.66 9.06 -6.66
N THR F 87 -5.97 8.30 -5.80
CA THR F 87 -5.64 6.91 -6.08
C THR F 87 -6.36 5.96 -5.13
N SER F 88 -6.15 6.13 -3.83
CA SER F 88 -6.94 5.50 -2.78
C SER F 88 -7.60 6.52 -1.88
N GLY F 89 -6.86 7.57 -1.53
CA GLY F 89 -7.43 8.79 -0.98
C GLY F 89 -7.09 9.95 -1.90
N PRO F 90 -7.47 11.17 -1.50
CA PRO F 90 -7.14 12.33 -2.32
C PRO F 90 -5.63 12.54 -2.41
N CYS F 91 -5.19 13.01 -3.57
CA CYS F 91 -3.78 13.29 -3.84
C CYS F 91 -3.53 14.79 -3.83
N ARG F 92 -2.38 15.19 -3.33
CA ARG F 92 -2.01 16.61 -3.27
C ARG F 92 -1.26 16.99 -4.54
N ARG F 93 -1.84 17.90 -5.31
CA ARG F 93 -1.17 18.39 -6.51
C ARG F 93 0.10 19.14 -6.13
N LEU F 94 1.18 18.83 -6.84
CA LEU F 94 2.48 19.47 -6.63
C LEU F 94 2.90 20.39 -7.74
N GLY F 95 2.44 20.15 -8.97
CA GLY F 95 2.77 21.04 -10.06
C GLY F 95 1.96 20.71 -11.30
N HIS F 96 1.92 21.66 -12.22
CA HIS F 96 1.24 21.47 -13.49
C HIS F 96 1.88 22.37 -14.54
N LYS F 97 2.01 21.83 -15.75
CA LYS F 97 2.63 22.58 -16.86
C LYS F 97 1.99 22.06 -18.14
N GLY F 98 1.10 22.87 -18.71
CA GLY F 98 0.42 22.50 -19.95
C GLY F 98 -0.15 21.10 -19.89
N TYR F 99 0.35 20.23 -20.77
CA TYR F 99 -0.16 18.86 -20.90
C TYR F 99 0.08 17.99 -19.67
N PHE F 100 0.92 18.40 -18.72
CA PHE F 100 1.41 17.49 -17.69
C PHE F 100 0.99 17.94 -16.29
N LEU F 101 0.78 16.94 -15.43
CA LEU F 101 0.51 17.13 -14.01
C LEU F 101 1.54 16.38 -13.19
N LEU F 102 1.74 16.82 -11.95
CA LEU F 102 2.56 16.09 -11.00
C LEU F 102 1.93 16.25 -9.62
N ALA F 103 1.81 15.13 -8.90
CA ALA F 103 1.20 15.13 -7.59
C ALA F 103 1.76 13.98 -6.75
N GLN F 104 1.65 14.13 -5.42
CA GLN F 104 1.92 13.05 -4.50
C GLN F 104 0.63 12.33 -4.18
N CYS F 105 0.68 11.00 -4.18
CA CYS F 105 -0.50 10.17 -4.01
C CYS F 105 -0.28 9.12 -2.93
N PRO F 106 -1.34 8.70 -2.22
CA PRO F 106 -1.20 7.54 -1.35
C PRO F 106 -1.14 6.26 -2.19
N PRO F 107 -0.66 5.16 -1.62
CA PRO F 107 -0.58 3.92 -2.40
C PRO F 107 -1.96 3.44 -2.84
N GLY F 108 -2.00 2.86 -4.04
CA GLY F 108 -3.24 2.37 -4.58
C GLY F 108 -3.01 1.51 -5.80
N ASP F 109 -4.10 1.08 -6.42
CA ASP F 109 -4.06 0.24 -7.60
C ASP F 109 -4.40 0.99 -8.89
N SER F 110 -5.01 2.16 -8.81
CA SER F 110 -5.35 2.93 -10.00
C SER F 110 -5.32 4.42 -9.65
N VAL F 111 -5.20 5.24 -10.69
CA VAL F 111 -5.11 6.69 -10.57
C VAL F 111 -6.36 7.29 -11.22
N THR F 112 -6.91 8.33 -10.59
CA THR F 112 -8.13 8.97 -11.05
C THR F 112 -7.91 10.48 -11.09
N VAL F 113 -8.24 11.08 -12.24
CA VAL F 113 -8.32 12.53 -12.41
C VAL F 113 -9.80 12.87 -12.50
N SER F 114 -10.20 13.96 -11.85
CA SER F 114 -11.61 14.36 -11.85
C SER F 114 -11.74 15.87 -11.91
N ILE F 115 -12.57 16.34 -12.83
CA ILE F 115 -12.99 17.74 -12.89
C ILE F 115 -14.40 17.82 -12.30
N THR F 116 -14.60 18.79 -11.40
CA THR F 116 -15.86 19.06 -10.74
C THR F 116 -16.32 20.43 -11.20
N SER F 117 -16.95 20.50 -12.37
CA SER F 117 -17.53 21.75 -12.86
C SER F 117 -18.92 21.88 -12.25
N GLY F 118 -18.94 22.26 -10.98
CA GLY F 118 -20.17 22.21 -10.22
C GLY F 118 -20.65 20.77 -10.12
N ALA F 119 -21.89 20.54 -10.55
CA ALA F 119 -22.42 19.18 -10.62
C ALA F 119 -21.92 18.42 -11.84
N SER F 120 -21.32 19.10 -12.81
CA SER F 120 -20.80 18.45 -14.02
C SER F 120 -19.52 17.72 -13.62
N GLU F 121 -19.62 16.42 -13.39
CA GLU F 121 -18.51 15.60 -12.95
C GLU F 121 -17.95 14.82 -14.13
N ASN F 122 -16.67 15.00 -14.42
CA ASN F 122 -16.00 14.26 -15.48
C ASN F 122 -14.70 13.70 -14.95
N SER F 123 -14.59 12.38 -14.92
CA SER F 123 -13.43 11.71 -14.35
C SER F 123 -12.89 10.66 -15.31
N CYS F 124 -11.58 10.45 -15.24
CA CYS F 124 -10.94 9.33 -15.91
C CYS F 124 -10.09 8.55 -14.90
N THR F 125 -10.19 7.22 -14.97
CA THR F 125 -9.46 6.33 -14.08
C THR F 125 -8.70 5.31 -14.91
N VAL F 126 -7.43 5.09 -14.56
CA VAL F 126 -6.59 4.12 -15.26
C VAL F 126 -5.79 3.32 -14.25
N GLU F 127 -5.65 2.02 -14.50
CA GLU F 127 -4.93 1.14 -13.60
C GLU F 127 -3.46 1.53 -13.52
N LYS F 128 -2.91 1.52 -12.31
CA LYS F 128 -1.46 1.60 -12.12
C LYS F 128 -1.17 1.18 -10.68
N LYS F 129 -0.44 0.09 -10.51
CA LYS F 129 -0.07 -0.39 -9.18
C LYS F 129 1.03 0.53 -8.63
N ILE F 130 0.60 1.64 -8.03
CA ILE F 130 1.51 2.53 -7.35
C ILE F 130 1.77 1.96 -5.96
N ARG F 131 3.02 1.63 -5.68
CA ARG F 131 3.44 1.04 -4.42
C ARG F 131 4.31 2.03 -3.66
N ARG F 132 4.04 2.16 -2.36
CA ARG F 132 4.89 2.99 -1.51
C ARG F 132 6.31 2.46 -1.56
N LYS F 133 7.22 3.24 -2.14
CA LYS F 133 8.61 2.88 -2.26
C LYS F 133 9.45 3.69 -1.29
N PHE F 134 10.68 3.22 -1.09
CA PHE F 134 11.60 3.84 -0.15
C PHE F 134 13.02 3.67 -0.68
N VAL F 135 13.95 4.37 -0.04
CA VAL F 135 15.36 4.36 -0.41
C VAL F 135 16.17 3.97 0.81
N GLY F 136 17.18 3.14 0.60
CA GLY F 136 18.05 2.64 1.64
C GLY F 136 17.93 1.15 1.80
N ARG F 137 18.42 0.66 2.93
CA ARG F 137 18.42 -0.77 3.25
C ARG F 137 17.41 -1.10 4.36
N GLU F 138 16.48 -0.19 4.65
CA GLU F 138 15.44 -0.42 5.63
C GLU F 138 14.19 0.31 5.19
N GLU F 139 13.04 -0.37 5.29
CA GLU F 139 11.77 0.28 5.02
C GLU F 139 11.47 1.29 6.12
N TYR F 140 10.67 2.30 5.76
CA TYR F 140 10.25 3.32 6.70
C TYR F 140 9.00 3.99 6.14
N LEU F 141 8.12 4.42 7.03
CA LEU F 141 6.93 5.12 6.57
C LEU F 141 7.30 6.47 5.95
N PHE F 142 8.08 7.28 6.65
CA PHE F 142 8.39 8.66 6.27
C PHE F 142 9.90 8.89 6.36
N PRO F 143 10.41 9.91 5.67
CA PRO F 143 11.80 10.33 5.90
C PRO F 143 11.99 10.80 7.33
N PRO F 144 12.80 10.14 8.14
CA PRO F 144 12.96 10.55 9.54
C PRO F 144 13.68 11.88 9.65
N VAL F 145 13.49 12.53 10.79
CA VAL F 145 14.16 13.80 11.06
C VAL F 145 15.68 13.60 11.09
N HIS F 146 16.14 12.56 11.75
CA HIS F 146 17.57 12.28 11.92
C HIS F 146 17.93 11.05 11.12
N GLY F 147 19.06 11.12 10.43
CA GLY F 147 19.52 9.97 9.66
C GLY F 147 20.61 10.36 8.69
N LYS F 148 21.08 9.35 7.97
CA LYS F 148 22.14 9.56 6.99
C LYS F 148 21.56 10.24 5.75
N LEU F 149 22.42 10.97 5.04
CA LEU F 149 22.04 11.67 3.82
C LEU F 149 22.58 10.91 2.63
N VAL F 150 21.68 10.29 1.86
CA VAL F 150 22.06 9.36 0.79
C VAL F 150 21.53 9.86 -0.55
N LYS F 151 22.06 9.31 -1.64
CA LYS F 151 21.71 9.74 -2.98
C LYS F 151 20.31 9.25 -3.36
N CYS F 152 19.52 10.13 -3.96
CA CYS F 152 18.20 9.77 -4.49
C CYS F 152 17.99 10.48 -5.81
N HIS F 153 16.85 10.16 -6.43
CA HIS F 153 16.37 10.86 -7.62
C HIS F 153 14.89 11.11 -7.45
N VAL F 154 14.51 12.39 -7.41
CA VAL F 154 13.12 12.80 -7.24
C VAL F 154 12.72 13.68 -8.42
N TYR F 155 11.44 13.65 -8.77
CA TYR F 155 10.95 14.54 -9.80
C TYR F 155 11.05 15.98 -9.32
N ASP F 156 11.65 16.83 -10.15
CA ASP F 156 11.81 18.24 -9.79
C ASP F 156 10.45 18.92 -9.80
N HIS F 157 10.13 19.60 -8.70
CA HIS F 157 8.89 20.36 -8.64
C HIS F 157 8.90 21.59 -9.54
N LEU F 158 10.07 21.99 -10.04
CA LEU F 158 10.16 23.20 -10.85
C LEU F 158 9.44 22.99 -12.17
N LYS F 159 8.63 23.99 -12.55
CA LYS F 159 7.79 23.87 -13.73
C LYS F 159 8.60 23.87 -15.02
N GLU F 160 9.77 24.52 -15.03
CA GLU F 160 10.51 24.81 -16.24
C GLU F 160 11.66 23.82 -16.48
N THR F 161 11.61 22.64 -15.87
CA THR F 161 12.55 21.57 -16.19
C THR F 161 12.07 20.81 -17.41
N SER F 162 12.87 19.83 -17.83
CA SER F 162 12.53 19.02 -19.01
C SER F 162 13.15 17.64 -18.87
N ALA F 163 12.29 16.62 -18.81
CA ALA F 163 12.72 15.23 -18.83
C ALA F 163 12.78 14.66 -20.25
N GLY F 164 12.46 15.46 -21.26
CA GLY F 164 12.48 15.01 -22.64
C GLY F 164 11.52 15.88 -23.46
N TYR F 165 10.95 15.27 -24.51
CA TYR F 165 10.00 15.98 -25.35
C TYR F 165 8.92 15.02 -25.85
N ILE F 166 7.77 15.60 -26.22
CA ILE F 166 6.67 14.87 -26.85
C ILE F 166 6.34 15.54 -28.17
N THR F 167 6.03 14.71 -29.16
CA THR F 167 5.83 15.15 -30.54
C THR F 167 4.35 15.39 -30.80
N MET F 168 4.05 16.50 -31.46
CA MET F 168 2.68 16.88 -31.82
C MET F 168 2.58 17.13 -33.31
N HIS F 169 1.39 16.86 -33.84
CA HIS F 169 1.10 16.89 -35.27
C HIS F 169 -0.21 17.64 -35.49
N ARG F 170 -0.58 17.84 -36.75
CA ARG F 170 -1.86 18.47 -37.04
C ARG F 170 -3.00 17.54 -36.64
N PRO F 171 -4.13 18.06 -36.14
CA PRO F 171 -5.28 17.19 -35.91
C PRO F 171 -5.85 16.68 -37.22
N GLY F 172 -6.34 15.45 -37.20
CA GLY F 172 -6.96 14.84 -38.35
C GLY F 172 -8.43 15.19 -38.45
N PRO F 173 -9.18 14.45 -39.27
CA PRO F 173 -10.59 14.82 -39.48
C PRO F 173 -11.47 14.39 -38.32
N HIS F 174 -12.38 15.28 -37.92
CA HIS F 174 -13.31 15.06 -36.82
C HIS F 174 -14.73 15.23 -37.36
N ALA F 175 -15.33 14.12 -37.79
CA ALA F 175 -16.67 14.17 -38.32
C ALA F 175 -17.68 14.49 -37.22
N TYR F 176 -18.85 15.00 -37.64
CA TYR F 176 -19.95 15.28 -36.74
C TYR F 176 -21.26 15.00 -37.46
N LYS F 177 -22.31 14.78 -36.66
CA LYS F 177 -23.63 14.47 -37.19
C LYS F 177 -24.60 15.64 -37.10
N SER F 178 -24.37 16.61 -36.22
CA SER F 178 -25.12 17.86 -36.30
C SER F 178 -24.85 18.56 -37.63
N TYR F 179 -23.64 18.42 -38.16
CA TYR F 179 -23.30 19.02 -39.45
C TYR F 179 -24.16 18.44 -40.56
N LEU F 180 -24.56 17.18 -40.44
CA LEU F 180 -25.36 16.48 -41.45
C LEU F 180 -26.82 16.44 -41.03
N GLU F 181 -27.71 16.25 -42.00
CA GLU F 181 -29.11 16.02 -41.70
C GLU F 181 -29.79 15.36 -42.90
N GLU F 182 -30.87 14.65 -42.60
CA GLU F 182 -31.72 14.01 -43.61
C GLU F 182 -33.04 14.75 -43.66
N ALA F 183 -33.53 14.98 -44.88
CA ALA F 183 -34.82 15.64 -45.08
C ALA F 183 -35.40 15.18 -46.41
N SER F 184 -36.57 14.56 -46.36
CA SER F 184 -37.28 14.10 -47.56
C SER F 184 -36.39 13.20 -48.41
N GLY F 185 -35.63 12.32 -47.74
CA GLY F 185 -34.76 11.41 -48.45
C GLY F 185 -33.58 12.06 -49.13
N GLU F 186 -33.22 13.28 -48.72
CA GLU F 186 -32.06 13.98 -49.26
C GLU F 186 -31.17 14.44 -48.11
N VAL F 187 -29.86 14.32 -48.32
CA VAL F 187 -28.87 14.65 -47.30
C VAL F 187 -28.41 16.08 -47.53
N TYR F 188 -28.57 16.93 -46.51
CA TYR F 188 -28.03 18.28 -46.53
C TYR F 188 -27.00 18.41 -45.41
N ILE F 189 -26.12 19.42 -45.57
CA ILE F 189 -25.13 19.77 -44.57
C ILE F 189 -25.58 21.09 -43.95
N LYS F 190 -25.25 21.29 -42.67
CA LYS F 190 -25.57 22.54 -41.96
C LYS F 190 -24.35 22.98 -41.15
N PRO F 191 -23.39 23.65 -41.78
CA PRO F 191 -22.22 24.11 -41.03
C PRO F 191 -22.61 25.16 -40.03
N PRO F 192 -21.88 25.28 -38.91
CA PRO F 192 -22.07 26.43 -38.03
C PRO F 192 -21.64 27.72 -38.72
N SER F 193 -21.93 28.83 -38.06
CA SER F 193 -21.83 30.13 -38.70
C SER F 193 -20.40 30.47 -39.11
N GLY F 194 -20.23 30.83 -40.38
CA GLY F 194 -19.00 31.44 -40.86
C GLY F 194 -17.80 30.53 -40.94
N LYS F 195 -17.95 29.24 -40.65
CA LYS F 195 -16.83 28.30 -40.63
C LYS F 195 -16.90 27.44 -41.89
N ASN F 196 -15.88 27.57 -42.73
CA ASN F 196 -15.78 26.81 -43.97
C ASN F 196 -15.57 25.33 -43.66
N VAL F 197 -16.61 24.51 -43.88
CA VAL F 197 -16.62 23.13 -43.41
C VAL F 197 -16.43 22.19 -44.59
N THR F 198 -15.38 21.38 -44.54
CA THR F 198 -15.10 20.41 -45.59
C THR F 198 -16.04 19.21 -45.45
N TYR F 199 -16.49 18.71 -46.59
CA TYR F 199 -17.42 17.58 -46.64
C TYR F 199 -17.01 16.66 -47.78
N GLU F 200 -17.39 15.40 -47.66
CA GLU F 200 -17.11 14.41 -48.70
C GLU F 200 -18.03 13.21 -48.53
N CYS F 201 -18.28 12.52 -49.65
CA CYS F 201 -18.90 11.19 -49.64
C CYS F 201 -19.03 10.58 -51.02
N LYS F 202 -19.31 9.28 -51.02
CA LYS F 202 -19.77 8.53 -52.19
C LYS F 202 -21.27 8.29 -52.02
N CYS F 203 -22.06 8.91 -52.90
CA CYS F 203 -23.50 8.69 -52.93
C CYS F 203 -23.84 8.10 -54.29
N GLY F 204 -23.08 7.07 -54.68
CA GLY F 204 -22.91 6.70 -56.06
C GLY F 204 -21.46 6.96 -56.42
N ASP F 205 -21.22 8.02 -57.20
CA ASP F 205 -19.86 8.47 -57.45
C ASP F 205 -19.40 9.41 -56.34
N TYR F 206 -18.08 9.60 -56.26
CA TYR F 206 -17.46 10.35 -55.19
C TYR F 206 -17.65 11.86 -55.37
N SER F 207 -17.63 12.58 -54.25
CA SER F 207 -17.79 14.03 -54.25
C SER F 207 -17.14 14.59 -53.00
N THR F 208 -16.56 15.79 -53.15
CA THR F 208 -15.89 16.48 -52.04
C THR F 208 -16.01 17.98 -52.26
N GLY F 209 -15.89 18.72 -51.16
CA GLY F 209 -15.77 20.16 -51.26
C GLY F 209 -15.82 20.78 -49.89
N ILE F 210 -16.12 22.08 -49.88
CA ILE F 210 -16.35 22.83 -48.66
C ILE F 210 -17.66 23.58 -48.81
N VAL F 211 -18.48 23.53 -47.77
CA VAL F 211 -19.66 24.36 -47.65
C VAL F 211 -19.55 25.13 -46.34
N SER F 212 -19.78 26.44 -46.42
CA SER F 212 -19.87 27.31 -45.25
C SER F 212 -21.31 27.54 -44.83
N THR F 213 -22.29 27.10 -45.62
CA THR F 213 -23.70 27.31 -45.35
C THR F 213 -24.46 26.05 -45.72
N ARG F 214 -25.75 26.05 -45.39
CA ARG F 214 -26.60 24.89 -45.64
C ARG F 214 -26.64 24.56 -47.13
N THR F 215 -26.18 23.36 -47.48
CA THR F 215 -26.02 22.94 -48.87
C THR F 215 -26.65 21.56 -49.05
N LYS F 216 -27.19 21.33 -50.25
CA LYS F 216 -27.86 20.08 -50.57
C LYS F 216 -26.91 19.17 -51.34
N MET F 217 -27.17 17.87 -51.27
CA MET F 217 -26.40 16.86 -51.98
C MET F 217 -27.31 16.03 -52.86
N ASN F 218 -26.77 15.63 -54.02
CA ASN F 218 -27.52 14.89 -55.03
C ASN F 218 -27.10 13.42 -55.01
N GLY F 219 -28.08 12.55 -55.21
CA GLY F 219 -27.84 11.12 -55.18
C GLY F 219 -27.68 10.53 -53.79
N CYS F 220 -27.73 11.36 -52.74
CA CYS F 220 -27.53 10.91 -51.37
C CYS F 220 -28.87 10.54 -50.76
N THR F 221 -29.00 9.28 -50.36
CA THR F 221 -30.26 8.74 -49.85
C THR F 221 -30.25 8.48 -48.35
N LYS F 222 -29.08 8.34 -47.73
CA LYS F 222 -28.96 8.03 -46.30
C LYS F 222 -28.03 9.02 -45.64
N ALA F 223 -28.38 9.42 -44.41
CA ALA F 223 -27.55 10.38 -43.68
C ALA F 223 -26.18 9.81 -43.34
N LYS F 224 -26.08 8.49 -43.19
CA LYS F 224 -24.81 7.85 -42.85
C LYS F 224 -23.82 7.87 -43.98
N GLN F 225 -24.22 8.29 -45.19
CA GLN F 225 -23.36 8.18 -46.35
C GLN F 225 -22.21 9.20 -46.37
N CYS F 226 -22.33 10.31 -45.65
CA CYS F 226 -21.38 11.41 -45.82
C CYS F 226 -20.78 11.89 -44.51
N ILE F 227 -19.74 12.73 -44.67
CA ILE F 227 -18.98 13.27 -43.55
C ILE F 227 -18.75 14.75 -43.79
N ALA F 228 -18.82 15.53 -42.71
CA ALA F 228 -18.48 16.95 -42.73
C ALA F 228 -17.74 17.30 -41.44
N TYR F 229 -16.84 18.28 -41.55
CA TYR F 229 -16.00 18.70 -40.43
C TYR F 229 -15.24 19.96 -40.85
N LYS F 230 -15.00 20.85 -39.87
CA LYS F 230 -14.34 22.10 -40.19
C LYS F 230 -12.82 21.94 -40.20
N SER F 231 -12.18 22.69 -41.10
CA SER F 231 -10.73 22.61 -41.31
C SER F 231 -10.03 23.40 -40.22
N ASP F 232 -9.60 22.71 -39.16
CA ASP F 232 -8.86 23.31 -38.05
C ASP F 232 -7.40 22.88 -38.16
N GLN F 233 -6.64 23.65 -38.93
CA GLN F 233 -5.19 23.46 -39.03
C GLN F 233 -4.41 24.41 -38.13
N THR F 234 -5.09 25.25 -37.35
CA THR F 234 -4.45 26.22 -36.48
C THR F 234 -4.09 25.66 -35.10
N LYS F 235 -4.04 24.34 -34.93
CA LYS F 235 -3.73 23.71 -33.65
C LYS F 235 -2.87 22.47 -33.89
N TRP F 236 -2.11 22.10 -32.87
CA TRP F 236 -1.30 20.89 -32.85
C TRP F 236 -1.75 19.98 -31.71
N VAL F 237 -1.84 18.69 -32.00
CA VAL F 237 -2.39 17.71 -31.08
C VAL F 237 -1.35 16.61 -30.88
N PHE F 238 -1.32 16.07 -29.66
CA PHE F 238 -0.40 14.99 -29.32
C PHE F 238 -0.68 13.77 -30.20
N ASN F 239 0.36 12.98 -30.43
CA ASN F 239 0.22 11.74 -31.19
C ASN F 239 -0.52 10.69 -30.35
N SER F 240 -1.79 10.95 -30.05
CA SER F 240 -2.56 10.06 -29.20
C SER F 240 -3.05 8.85 -29.99
N PRO F 241 -3.23 7.70 -29.34
CA PRO F 241 -3.73 6.52 -30.05
C PRO F 241 -5.24 6.49 -30.23
N ASP F 242 -5.95 7.54 -29.82
CA ASP F 242 -7.41 7.58 -29.84
C ASP F 242 -7.95 8.43 -30.99
N LEU F 243 -7.07 9.03 -31.79
CA LEU F 243 -7.45 10.02 -32.79
C LEU F 243 -7.01 9.56 -34.17
N ILE F 244 -7.86 9.80 -35.16
CA ILE F 244 -7.50 9.52 -36.56
C ILE F 244 -6.69 10.71 -37.04
N ARG F 245 -5.44 10.46 -37.38
CA ARG F 245 -4.49 11.52 -37.70
C ARG F 245 -4.77 12.13 -39.06
N HIS F 246 -4.14 13.27 -39.31
CA HIS F 246 -4.15 13.90 -40.62
C HIS F 246 -3.47 12.99 -41.64
N THR F 247 -3.68 13.29 -42.92
CA THR F 247 -3.08 12.48 -43.97
C THR F 247 -1.55 12.58 -43.93
N ASP F 248 -1.03 13.76 -43.62
CA ASP F 248 0.41 13.98 -43.47
C ASP F 248 0.71 14.06 -41.98
N HIS F 249 1.19 12.95 -41.40
CA HIS F 249 1.55 12.90 -39.99
C HIS F 249 3.01 13.23 -39.75
N SER F 250 3.45 14.35 -40.29
CA SER F 250 4.80 14.79 -40.03
C SER F 250 4.88 15.35 -38.61
N VAL F 251 6.04 15.17 -37.98
CA VAL F 251 6.27 15.82 -36.69
C VAL F 251 6.34 17.32 -36.91
N GLN F 252 5.54 18.07 -36.15
CA GLN F 252 5.43 19.51 -36.34
C GLN F 252 5.59 20.30 -35.03
N GLY F 253 5.65 19.64 -33.88
CA GLY F 253 5.93 20.34 -32.65
C GLY F 253 6.57 19.41 -31.65
N LYS F 254 7.40 19.97 -30.77
CA LYS F 254 7.99 19.24 -29.66
C LYS F 254 7.84 20.07 -28.40
N LEU F 255 7.13 19.52 -27.42
CA LEU F 255 6.94 20.20 -26.14
C LEU F 255 7.64 19.41 -25.03
N HIS F 256 8.29 20.15 -24.13
CA HIS F 256 9.14 19.55 -23.12
C HIS F 256 8.36 18.72 -22.11
N ILE F 257 9.00 17.69 -21.58
CA ILE F 257 8.36 16.86 -20.55
C ILE F 257 8.77 17.42 -19.20
N PRO F 258 7.91 18.22 -18.53
CA PRO F 258 8.36 18.91 -17.30
C PRO F 258 8.67 17.97 -16.16
N PHE F 259 9.16 18.54 -15.05
CA PHE F 259 9.47 17.78 -13.84
C PHE F 259 10.49 16.69 -14.13
N ARG F 260 11.68 17.11 -14.54
CA ARG F 260 12.76 16.17 -14.78
C ARG F 260 13.10 15.44 -13.50
N LEU F 261 13.41 14.16 -13.64
CA LEU F 261 13.83 13.36 -12.50
C LEU F 261 15.25 13.72 -12.12
N THR F 262 15.40 14.65 -11.16
CA THR F 262 16.72 15.18 -10.81
C THR F 262 17.31 14.42 -9.63
N PRO F 263 18.64 14.25 -9.57
CA PRO F 263 19.23 13.66 -8.37
C PRO F 263 19.37 14.67 -7.23
N THR F 264 19.28 14.16 -6.01
CA THR F 264 19.39 14.99 -4.81
C THR F 264 19.74 14.07 -3.64
N VAL F 265 19.58 14.60 -2.42
CA VAL F 265 19.87 13.87 -1.18
C VAL F 265 18.56 13.58 -0.47
N CYS F 266 18.54 12.47 0.28
CA CYS F 266 17.42 12.09 1.13
C CYS F 266 17.93 11.79 2.53
N PRO F 267 17.10 12.05 3.56
CA PRO F 267 17.39 11.49 4.88
C PRO F 267 16.82 10.09 5.03
N VAL F 268 17.64 9.20 5.60
CA VAL F 268 17.26 7.79 5.79
C VAL F 268 17.57 7.38 7.22
N PRO F 269 16.74 6.56 7.87
CA PRO F 269 16.99 6.22 9.28
C PRO F 269 18.25 5.40 9.45
N LEU F 270 18.75 5.41 10.69
CA LEU F 270 19.82 4.52 11.12
C LEU F 270 19.22 3.54 12.13
N ALA F 271 19.32 2.25 11.82
CA ALA F 271 18.71 1.23 12.66
C ALA F 271 19.44 1.13 13.99
N HIS F 272 18.82 0.41 14.93
CA HIS F 272 19.46 0.16 16.21
C HIS F 272 20.75 -0.62 16.01
N THR F 273 21.84 -0.11 16.58
CA THR F 273 23.11 -0.80 16.49
C THR F 273 23.01 -2.14 17.21
N PRO F 274 23.36 -3.26 16.57
CA PRO F 274 23.16 -4.56 17.22
C PRO F 274 24.11 -4.74 18.39
N THR F 275 23.86 -5.79 19.17
CA THR F 275 24.71 -6.15 20.29
C THR F 275 25.46 -7.43 19.95
N VAL F 276 26.78 -7.40 20.04
CA VAL F 276 27.62 -8.53 19.70
C VAL F 276 27.80 -9.40 20.94
N THR F 277 27.44 -10.69 20.84
CA THR F 277 27.67 -11.67 21.89
C THR F 277 28.53 -12.78 21.30
N LYS F 278 29.64 -13.09 21.95
CA LYS F 278 30.78 -13.63 21.24
C LYS F 278 31.19 -15.01 21.73
N TRP F 279 31.87 -15.76 20.86
CA TRP F 279 32.31 -17.09 21.21
C TRP F 279 33.38 -17.54 20.22
N PHE F 280 33.90 -18.75 20.46
CA PHE F 280 35.09 -19.26 19.78
C PHE F 280 34.88 -19.25 18.27
N LYS F 281 35.61 -18.37 17.58
CA LYS F 281 35.47 -18.17 16.15
C LYS F 281 34.02 -17.89 15.75
N GLY F 282 33.44 -16.84 16.32
CA GLY F 282 32.19 -16.37 15.79
C GLY F 282 31.43 -15.46 16.72
N ILE F 283 30.33 -14.94 16.16
CA ILE F 283 29.55 -13.86 16.74
C ILE F 283 28.09 -14.28 16.79
N THR F 284 27.34 -13.59 17.65
CA THR F 284 25.89 -13.71 17.73
C THR F 284 25.37 -12.29 17.83
N LEU F 285 24.82 -11.78 16.73
CA LEU F 285 24.31 -10.42 16.69
C LEU F 285 22.88 -10.41 17.19
N HIS F 286 22.61 -9.59 18.19
CA HIS F 286 21.25 -9.33 18.68
C HIS F 286 20.74 -8.08 17.99
N LEU F 287 19.61 -8.22 17.29
CA LEU F 287 19.08 -7.20 16.40
C LEU F 287 17.69 -6.79 16.85
N THR F 288 17.42 -5.49 16.77
CA THR F 288 16.09 -4.93 16.97
C THR F 288 15.78 -3.98 15.81
N ALA F 289 14.61 -4.13 15.21
CA ALA F 289 14.22 -3.29 14.08
C ALA F 289 12.70 -3.31 13.99
N THR F 290 12.08 -2.16 14.24
CA THR F 290 10.62 -2.06 14.17
C THR F 290 10.09 -2.31 12.76
N ARG F 291 10.94 -2.18 11.75
CA ARG F 291 10.55 -2.24 10.35
C ARG F 291 11.45 -3.22 9.61
N PRO F 292 10.99 -3.81 8.48
CA PRO F 292 11.91 -4.61 7.65
C PRO F 292 13.21 -3.90 7.34
N THR F 293 14.31 -4.45 7.86
CA THR F 293 15.64 -3.89 7.66
C THR F 293 16.58 -4.99 7.18
N LEU F 294 17.49 -4.61 6.29
CA LEU F 294 18.33 -5.56 5.55
C LEU F 294 19.67 -5.71 6.26
N LEU F 295 20.03 -6.95 6.58
CA LEU F 295 21.35 -7.30 7.09
C LEU F 295 22.07 -8.12 6.02
N THR F 296 23.30 -7.71 5.69
CA THR F 296 24.07 -8.37 4.64
C THR F 296 25.49 -8.60 5.12
N THR F 297 25.94 -9.86 5.08
CA THR F 297 27.27 -10.22 5.55
C THR F 297 27.98 -11.06 4.50
N ARG F 298 29.32 -11.07 4.59
CA ARG F 298 30.15 -11.81 3.64
C ARG F 298 31.51 -12.09 4.27
N LYS F 299 32.06 -13.26 3.95
CA LYS F 299 33.38 -13.65 4.43
C LYS F 299 34.48 -12.99 3.60
N LEU F 300 35.65 -12.86 4.21
CA LEU F 300 36.76 -12.08 3.68
C LEU F 300 37.87 -12.96 3.11
N GLY F 301 37.55 -14.21 2.78
CA GLY F 301 38.52 -15.12 2.21
C GLY F 301 38.31 -15.33 0.73
N LEU F 302 38.70 -16.51 0.23
CA LEU F 302 38.46 -16.84 -1.17
C LEU F 302 36.97 -16.90 -1.47
N ARG F 303 36.19 -17.54 -0.59
CA ARG F 303 34.77 -17.75 -0.79
C ARG F 303 34.00 -16.69 -0.02
N ALA F 304 33.17 -15.92 -0.73
CA ALA F 304 32.41 -14.87 -0.09
C ALA F 304 31.37 -15.45 0.86
N ASP F 305 30.58 -16.41 0.39
CA ASP F 305 29.50 -17.00 1.18
C ASP F 305 28.54 -15.91 1.69
N ALA F 306 28.36 -14.87 0.89
CA ALA F 306 27.57 -13.73 1.34
C ALA F 306 26.11 -14.10 1.47
N THR F 307 25.45 -13.56 2.49
CA THR F 307 24.02 -13.71 2.66
C THR F 307 23.41 -12.36 2.97
N ALA F 308 22.17 -12.18 2.52
CA ALA F 308 21.41 -10.95 2.72
C ALA F 308 19.98 -11.32 3.09
N GLU F 309 19.42 -10.63 4.09
CA GLU F 309 18.06 -10.96 4.51
C GLU F 309 17.43 -9.79 5.25
N TRP F 310 16.11 -9.70 5.13
CA TRP F 310 15.32 -8.67 5.80
C TRP F 310 14.74 -9.24 7.08
N ILE F 311 14.86 -8.47 8.17
CA ILE F 311 14.31 -8.86 9.47
C ILE F 311 13.37 -7.79 9.98
N THR F 312 12.38 -8.24 10.75
CA THR F 312 11.49 -7.39 11.53
C THR F 312 11.56 -7.83 12.98
N GLY F 313 10.97 -7.00 13.86
CA GLY F 313 10.95 -7.34 15.27
C GLY F 313 12.36 -7.40 15.84
N THR F 314 12.54 -8.28 16.82
CA THR F 314 13.82 -8.49 17.47
C THR F 314 14.21 -9.96 17.35
N THR F 315 15.49 -10.21 17.08
CA THR F 315 15.96 -11.57 16.87
C THR F 315 17.46 -11.64 17.13
N SER F 316 18.06 -12.80 16.84
CA SER F 316 19.49 -12.98 16.99
C SER F 316 19.99 -13.93 15.91
N ARG F 317 21.19 -13.67 15.41
CA ARG F 317 21.80 -14.45 14.34
C ARG F 317 23.22 -14.85 14.70
N ASN F 318 23.51 -16.14 14.58
CA ASN F 318 24.86 -16.66 14.79
C ASN F 318 25.62 -16.69 13.47
N PHE F 319 26.85 -16.18 13.47
CA PHE F 319 27.70 -16.13 12.28
C PHE F 319 29.09 -16.63 12.64
N SER F 320 29.56 -17.64 11.92
CA SER F 320 30.91 -18.13 12.09
C SER F 320 31.90 -17.15 11.47
N VAL F 321 32.97 -16.84 12.21
CA VAL F 321 34.02 -15.92 11.76
C VAL F 321 35.32 -16.70 11.70
N GLY F 322 35.95 -16.68 10.52
CA GLY F 322 37.24 -17.32 10.35
C GLY F 322 38.40 -16.35 10.57
N ARG F 323 39.61 -16.88 10.42
CA ARG F 323 40.80 -16.05 10.56
C ARG F 323 40.82 -14.94 9.51
N GLU F 324 40.44 -15.28 8.27
CA GLU F 324 40.34 -14.29 7.20
C GLU F 324 39.40 -13.14 7.58
N GLY F 325 38.41 -13.40 8.42
CA GLY F 325 37.52 -12.39 8.95
C GLY F 325 36.13 -12.46 8.35
N LEU F 326 35.24 -11.62 8.90
CA LEU F 326 33.86 -11.51 8.45
C LEU F 326 33.47 -10.03 8.36
N GLU F 327 32.57 -9.70 7.42
CA GLU F 327 32.10 -8.33 7.20
C GLU F 327 30.59 -8.35 7.29
N TYR F 328 30.03 -7.34 7.94
CA TYR F 328 28.58 -7.22 8.00
C TYR F 328 28.17 -5.76 7.87
N VAL F 329 27.01 -5.57 7.22
CA VAL F 329 26.38 -4.27 7.05
C VAL F 329 24.96 -4.41 7.59
N TRP F 330 24.63 -3.58 8.59
CA TRP F 330 23.33 -3.58 9.24
C TRP F 330 22.59 -2.32 8.81
N GLY F 331 21.52 -2.49 8.04
CA GLY F 331 20.75 -1.34 7.59
C GLY F 331 21.62 -0.39 6.82
N ASN F 332 21.49 0.90 7.13
CA ASN F 332 22.29 1.94 6.49
C ASN F 332 23.61 2.19 7.20
N HIS F 333 23.90 1.50 8.28
CA HIS F 333 25.17 1.67 8.97
C HIS F 333 26.32 1.21 8.08
N GLU F 334 27.50 1.78 8.32
CA GLU F 334 28.65 1.48 7.47
C GLU F 334 29.10 0.03 7.69
N PRO F 335 29.81 -0.56 6.74
CA PRO F 335 30.30 -1.93 6.93
C PRO F 335 31.24 -2.04 8.11
N VAL F 336 31.21 -3.20 8.76
CA VAL F 336 32.02 -3.48 9.93
C VAL F 336 32.74 -4.79 9.71
N ARG F 337 34.03 -4.82 10.05
CA ARG F 337 34.92 -5.95 9.79
C ARG F 337 35.39 -6.57 11.10
N VAL F 338 35.66 -7.87 11.06
CA VAL F 338 36.08 -8.63 12.22
C VAL F 338 37.06 -9.71 11.76
N TRP F 339 37.88 -10.19 12.70
CA TRP F 339 38.85 -11.23 12.42
C TRP F 339 38.98 -12.13 13.64
N ALA F 340 38.73 -13.43 13.44
CA ALA F 340 38.76 -14.38 14.55
C ALA F 340 40.18 -14.62 15.02
N GLN F 341 40.29 -15.08 16.27
CA GLN F 341 41.58 -15.40 16.89
C GLN F 341 41.90 -16.88 16.72
N GLU G 1 -32.05 22.57 -64.11
CA GLU G 1 -31.04 22.58 -65.19
C GLU G 1 -29.77 23.30 -64.75
N VAL G 2 -28.62 22.75 -65.13
CA VAL G 2 -27.34 23.35 -64.77
C VAL G 2 -27.11 24.57 -65.64
N GLN G 3 -26.83 25.71 -65.01
CA GLN G 3 -26.66 26.95 -65.74
C GLN G 3 -25.56 27.80 -65.10
N LEU G 4 -24.71 28.39 -65.94
CA LEU G 4 -23.65 29.31 -65.55
C LEU G 4 -23.86 30.66 -66.24
N VAL G 5 -23.90 31.75 -65.46
CA VAL G 5 -24.08 33.12 -65.97
C VAL G 5 -22.82 33.90 -65.68
N GLU G 6 -22.20 34.46 -66.71
CA GLU G 6 -21.04 35.32 -66.55
C GLU G 6 -21.44 36.79 -66.60
N SER G 7 -20.68 37.62 -65.89
CA SER G 7 -20.93 39.05 -65.84
C SER G 7 -19.64 39.76 -65.44
N GLY G 8 -19.63 41.08 -65.62
CA GLY G 8 -18.55 41.93 -65.17
C GLY G 8 -17.59 42.40 -66.25
N GLY G 9 -17.73 41.92 -67.48
CA GLY G 9 -16.84 42.33 -68.56
C GLY G 9 -17.29 43.63 -69.21
N GLY G 10 -16.59 43.97 -70.29
CA GLY G 10 -16.87 45.17 -71.04
C GLY G 10 -15.58 45.84 -71.47
N LEU G 11 -15.67 47.15 -71.70
CA LEU G 11 -14.52 47.94 -72.10
C LEU G 11 -13.62 48.22 -70.91
N ALA G 12 -12.30 48.26 -71.16
CA ALA G 12 -11.34 48.58 -70.13
C ALA G 12 -10.08 49.15 -70.75
N LYS G 13 -9.30 49.84 -69.93
CA LYS G 13 -8.02 50.44 -70.31
C LYS G 13 -6.89 49.46 -70.02
N PRO G 14 -5.84 49.40 -70.85
CA PRO G 14 -4.65 48.64 -70.44
C PRO G 14 -4.07 49.20 -69.15
N GLY G 15 -3.63 48.29 -68.28
CA GLY G 15 -3.19 48.65 -66.95
C GLY G 15 -4.30 48.77 -65.93
N GLY G 16 -5.55 48.60 -66.34
CA GLY G 16 -6.68 48.69 -65.44
C GLY G 16 -6.97 47.36 -64.76
N SER G 17 -8.18 47.28 -64.21
CA SER G 17 -8.61 46.08 -63.50
C SER G 17 -10.11 45.92 -63.64
N LEU G 18 -10.57 44.67 -63.53
CA LEU G 18 -12.01 44.39 -63.57
C LEU G 18 -12.27 43.07 -62.86
N ARG G 19 -13.45 42.95 -62.29
CA ARG G 19 -13.86 41.72 -61.61
C ARG G 19 -14.98 41.06 -62.40
N LEU G 20 -14.70 39.85 -62.91
CA LEU G 20 -15.72 39.02 -63.52
C LEU G 20 -16.34 38.12 -62.46
N SER G 21 -17.62 37.81 -62.66
CA SER G 21 -18.38 36.94 -61.75
C SER G 21 -19.09 35.88 -62.57
N CYS G 22 -19.31 34.73 -61.94
CA CYS G 22 -19.97 33.60 -62.57
C CYS G 22 -20.91 32.96 -61.57
N ALA G 23 -22.21 33.11 -61.81
CA ALA G 23 -23.24 32.53 -60.96
C ALA G 23 -23.63 31.16 -61.50
N ALA G 24 -23.63 30.16 -60.62
CA ALA G 24 -23.89 28.78 -60.99
C ALA G 24 -25.18 28.29 -60.34
N SER G 25 -25.90 27.43 -61.04
CA SER G 25 -27.16 26.89 -60.56
C SER G 25 -27.37 25.52 -61.16
N GLY G 26 -28.28 24.76 -60.54
CA GLY G 26 -28.70 23.47 -61.05
C GLY G 26 -27.86 22.28 -60.63
N PHE G 27 -26.92 22.46 -59.71
CA PHE G 27 -26.07 21.37 -59.26
C PHE G 27 -25.42 21.77 -57.95
N THR G 28 -24.76 20.80 -57.32
CA THR G 28 -24.01 21.04 -56.09
C THR G 28 -22.74 21.79 -56.45
N PHE G 29 -22.78 23.11 -56.33
CA PHE G 29 -21.64 23.95 -56.73
C PHE G 29 -20.40 23.60 -55.94
N SER G 30 -20.55 23.34 -54.65
CA SER G 30 -19.41 23.08 -53.79
C SER G 30 -18.71 21.77 -54.13
N SER G 31 -19.33 20.90 -54.92
CA SER G 31 -18.79 19.58 -55.19
C SER G 31 -17.86 19.53 -56.40
N TYR G 32 -17.61 20.66 -57.05
CA TYR G 32 -16.88 20.68 -58.31
C TYR G 32 -15.89 21.83 -58.35
N ALA G 33 -14.84 21.64 -59.14
CA ALA G 33 -13.87 22.69 -59.39
C ALA G 33 -14.31 23.53 -60.58
N MET G 34 -14.32 24.85 -60.39
CA MET G 34 -14.73 25.78 -61.43
C MET G 34 -13.51 26.23 -62.23
N HIS G 35 -13.72 26.42 -63.53
CA HIS G 35 -12.64 26.81 -64.43
C HIS G 35 -13.02 28.09 -65.17
N TRP G 36 -12.01 28.92 -65.42
CA TRP G 36 -12.10 30.07 -66.31
C TRP G 36 -11.26 29.78 -67.55
N VAL G 37 -11.88 29.88 -68.71
CA VAL G 37 -11.22 29.71 -70.00
C VAL G 37 -11.47 31.00 -70.78
N ARG G 38 -10.63 31.26 -71.79
CA ARG G 38 -10.81 32.44 -72.61
C ARG G 38 -10.51 32.14 -74.07
N GLN G 39 -11.10 32.96 -74.94
CA GLN G 39 -10.93 32.83 -76.39
C GLN G 39 -10.96 34.23 -76.97
N ALA G 40 -9.87 34.66 -77.60
CA ALA G 40 -9.85 35.96 -78.25
C ALA G 40 -10.52 35.86 -79.61
N PRO G 41 -10.96 36.98 -80.17
CA PRO G 41 -11.63 36.94 -81.49
C PRO G 41 -10.73 36.31 -82.56
N GLY G 42 -11.14 35.16 -83.06
CA GLY G 42 -10.46 34.49 -84.15
C GLY G 42 -9.50 33.39 -83.75
N LYS G 43 -9.16 33.25 -82.47
CA LYS G 43 -8.26 32.22 -82.00
C LYS G 43 -9.04 31.13 -81.27
N GLY G 44 -8.32 30.11 -80.83
CA GLY G 44 -8.92 29.01 -80.11
C GLY G 44 -9.05 29.28 -78.62
N LEU G 45 -9.56 28.28 -77.91
CA LEU G 45 -9.71 28.40 -76.46
C LEU G 45 -8.36 28.49 -75.79
N GLU G 46 -8.32 29.20 -74.66
CA GLU G 46 -7.13 29.30 -73.83
C GLU G 46 -7.55 29.15 -72.37
N TRP G 47 -7.24 28.00 -71.79
CA TRP G 47 -7.51 27.79 -70.37
C TRP G 47 -6.77 28.84 -69.55
N VAL G 48 -7.51 29.53 -68.68
CA VAL G 48 -6.95 30.59 -67.84
C VAL G 48 -6.63 30.07 -66.45
N SER G 49 -7.65 29.59 -65.73
CA SER G 49 -7.46 29.25 -64.32
C SER G 49 -8.49 28.23 -63.87
N VAL G 50 -8.25 27.70 -62.68
CA VAL G 50 -9.19 26.81 -62.01
C VAL G 50 -9.09 27.07 -60.52
N ILE G 51 -10.25 27.01 -59.85
CA ILE G 51 -10.31 26.94 -58.39
C ILE G 51 -10.98 25.62 -58.04
N SER G 52 -10.34 24.85 -57.16
CA SER G 52 -10.90 23.58 -56.74
C SER G 52 -12.08 23.82 -55.80
N SER G 53 -12.80 22.74 -55.51
CA SER G 53 -13.72 22.78 -54.39
C SER G 53 -13.00 22.98 -53.06
N HIS G 54 -11.69 22.70 -53.03
CA HIS G 54 -10.86 22.93 -51.85
C HIS G 54 -10.20 24.30 -51.85
N TYR G 55 -10.68 25.23 -52.68
CA TYR G 55 -10.13 26.57 -52.85
C TYR G 55 -8.68 26.53 -53.33
N SER G 56 -8.21 25.38 -53.82
CA SER G 56 -6.89 25.28 -54.40
C SER G 56 -6.91 25.87 -55.80
N THR G 57 -6.01 26.81 -56.06
CA THR G 57 -6.08 27.65 -57.24
C THR G 57 -4.86 27.43 -58.14
N TYR G 58 -5.12 27.12 -59.42
CA TYR G 58 -4.07 26.97 -60.41
C TYR G 58 -4.37 27.92 -61.56
N TYR G 59 -3.31 28.41 -62.22
CA TYR G 59 -3.43 29.41 -63.27
C TYR G 59 -2.58 29.01 -64.46
N ALA G 60 -2.92 29.56 -65.62
CA ALA G 60 -2.04 29.48 -66.77
C ALA G 60 -0.82 30.36 -66.54
N ASP G 61 0.28 30.02 -67.22
CA ASP G 61 1.52 30.75 -66.99
C ASP G 61 1.42 32.20 -67.42
N SER G 62 0.60 32.49 -68.43
CA SER G 62 0.49 33.85 -68.96
C SER G 62 -0.26 34.81 -68.02
N VAL G 63 -0.93 34.29 -66.99
CA VAL G 63 -1.81 35.09 -66.15
C VAL G 63 -1.30 35.21 -64.72
N LYS G 64 -0.02 34.91 -64.48
CA LYS G 64 0.51 34.92 -63.12
C LYS G 64 0.72 36.36 -62.64
N GLY G 65 0.43 36.59 -61.36
CA GLY G 65 0.63 37.88 -60.73
C GLY G 65 -0.42 38.91 -61.05
N ARG G 66 -1.39 38.61 -61.90
CA ARG G 66 -2.42 39.55 -62.33
C ARG G 66 -3.83 39.01 -62.16
N PHE G 67 -4.04 37.72 -62.38
CA PHE G 67 -5.37 37.10 -62.30
C PHE G 67 -5.50 36.36 -60.98
N THR G 68 -6.66 36.53 -60.34
CA THR G 68 -6.93 35.90 -59.04
C THR G 68 -8.35 35.32 -59.11
N ILE G 69 -8.44 34.00 -59.11
CA ILE G 69 -9.73 33.31 -59.07
C ILE G 69 -10.10 33.03 -57.61
N SER G 70 -11.37 33.24 -57.29
CA SER G 70 -11.90 32.98 -55.96
C SER G 70 -13.30 32.41 -56.14
N ARG G 71 -13.84 31.84 -55.06
CA ARG G 71 -15.19 31.29 -55.12
C ARG G 71 -15.90 31.51 -53.79
N ASP G 72 -17.22 31.63 -53.86
CA ASP G 72 -18.09 31.62 -52.70
C ASP G 72 -19.08 30.47 -52.89
N ASN G 73 -18.93 29.44 -52.05
CA ASN G 73 -19.83 28.30 -52.11
C ASN G 73 -21.20 28.63 -51.55
N SER G 74 -21.26 29.59 -50.62
CA SER G 74 -22.55 29.99 -50.07
C SER G 74 -23.47 30.52 -51.15
N LYS G 75 -22.95 31.40 -52.02
CA LYS G 75 -23.74 31.96 -53.10
C LYS G 75 -23.38 31.39 -54.46
N ASN G 76 -22.76 30.22 -54.48
CA ASN G 76 -22.71 29.39 -55.68
C ASN G 76 -22.06 30.14 -56.84
N THR G 77 -21.00 30.88 -56.54
CA THR G 77 -20.36 31.73 -57.55
C THR G 77 -18.84 31.55 -57.55
N VAL G 78 -18.26 31.77 -58.71
CA VAL G 78 -16.81 31.84 -58.88
C VAL G 78 -16.48 33.16 -59.57
N SER G 79 -15.58 33.93 -58.98
CA SER G 79 -15.20 35.24 -59.50
C SER G 79 -13.74 35.22 -59.90
N LEU G 80 -13.40 36.12 -60.83
CA LEU G 80 -12.03 36.30 -61.28
C LEU G 80 -11.72 37.78 -61.25
N GLN G 81 -10.84 38.19 -60.33
CA GLN G 81 -10.27 39.52 -60.37
C GLN G 81 -9.19 39.51 -61.43
N VAL G 82 -9.15 40.56 -62.26
CA VAL G 82 -8.13 40.76 -63.28
C VAL G 82 -7.47 42.10 -63.02
N ASN G 83 -6.14 42.10 -62.94
CA ASN G 83 -5.32 43.29 -62.74
C ASN G 83 -4.37 43.47 -63.91
N SER G 84 -3.85 44.67 -64.04
CA SER G 84 -2.82 45.02 -65.03
C SER G 84 -3.22 44.55 -66.42
N LEU G 85 -4.36 45.07 -66.88
CA LEU G 85 -4.93 44.65 -68.14
C LEU G 85 -4.00 45.02 -69.30
N ARG G 86 -4.03 44.20 -70.36
CA ARG G 86 -3.31 44.48 -71.59
C ARG G 86 -4.19 44.12 -72.77
N ALA G 87 -3.71 44.46 -73.97
CA ALA G 87 -4.54 44.30 -75.16
C ALA G 87 -4.88 42.83 -75.42
N GLU G 88 -3.90 41.94 -75.28
CA GLU G 88 -4.15 40.52 -75.56
C GLU G 88 -5.15 39.91 -74.59
N ASP G 89 -5.38 40.52 -73.43
CA ASP G 89 -6.43 40.05 -72.53
C ASP G 89 -7.83 40.19 -73.13
N THR G 90 -7.97 40.97 -74.21
CA THR G 90 -9.25 41.08 -74.89
C THR G 90 -9.69 39.71 -75.39
N ALA G 91 -10.82 39.23 -74.88
CA ALA G 91 -11.31 37.90 -75.22
C ALA G 91 -12.66 37.69 -74.56
N VAL G 92 -13.38 36.68 -75.04
CA VAL G 92 -14.58 36.21 -74.37
C VAL G 92 -14.18 35.14 -73.37
N TYR G 93 -14.56 35.34 -72.11
CA TYR G 93 -14.19 34.45 -71.02
C TYR G 93 -15.38 33.56 -70.69
N TYR G 94 -15.14 32.26 -70.67
CA TYR G 94 -16.16 31.24 -70.42
C TYR G 94 -15.95 30.64 -69.03
N CYS G 95 -17.04 30.56 -68.26
CA CYS G 95 -17.06 29.85 -67.00
C CYS G 95 -17.44 28.40 -67.27
N ALA G 96 -16.60 27.47 -66.81
CA ALA G 96 -16.71 26.06 -67.20
C ALA G 96 -16.81 25.18 -65.96
N LYS G 97 -17.72 24.20 -66.03
CA LYS G 97 -17.87 23.16 -65.02
C LYS G 97 -17.50 21.81 -65.62
N VAL G 98 -16.60 21.12 -64.91
CA VAL G 98 -16.24 19.75 -65.25
C VAL G 98 -17.42 18.83 -65.03
N GLY G 99 -17.64 17.91 -65.97
CA GLY G 99 -18.63 16.87 -65.75
C GLY G 99 -18.26 15.99 -64.58
N ARG G 100 -16.97 15.78 -64.36
CA ARG G 100 -16.47 15.02 -63.22
C ARG G 100 -15.26 15.73 -62.63
N SER G 101 -15.21 15.78 -61.31
CA SER G 101 -14.08 16.32 -60.57
C SER G 101 -13.38 15.14 -59.87
N GLY G 102 -12.45 14.51 -60.60
CA GLY G 102 -11.67 13.42 -60.04
C GLY G 102 -12.31 12.05 -60.23
N TYR G 103 -11.64 11.05 -59.67
CA TYR G 103 -12.09 9.67 -59.74
C TYR G 103 -11.52 8.93 -58.55
N CYS G 104 -11.67 7.60 -58.52
CA CYS G 104 -10.90 6.80 -57.57
C CYS G 104 -10.59 5.38 -57.97
N THR G 105 -9.59 4.87 -57.26
CA THR G 105 -8.88 3.62 -57.38
C THR G 105 -8.87 3.00 -55.98
N ALA G 106 -8.02 1.99 -55.77
CA ALA G 106 -7.98 1.36 -54.46
C ALA G 106 -7.31 2.23 -53.41
N SER G 107 -6.50 3.21 -53.80
CA SER G 107 -5.77 4.05 -52.85
C SER G 107 -6.57 5.26 -52.37
N GLY G 108 -7.78 5.47 -52.87
CA GLY G 108 -8.63 6.57 -52.47
C GLY G 108 -9.11 7.36 -53.67
N CYS G 109 -9.86 8.42 -53.39
CA CYS G 109 -10.48 9.24 -54.42
C CYS G 109 -9.82 10.62 -54.40
N ASN G 110 -9.62 11.19 -55.60
CA ASN G 110 -8.76 12.35 -55.79
C ASN G 110 -9.55 13.53 -56.34
N ALA G 111 -8.89 14.68 -56.32
CA ALA G 111 -9.44 16.02 -56.53
C ALA G 111 -9.31 16.50 -57.98
N LEU G 112 -9.25 17.82 -58.16
CA LEU G 112 -9.52 18.60 -59.37
C LEU G 112 -9.25 17.96 -60.72
N LEU G 113 -8.10 17.28 -60.89
CA LEU G 113 -7.71 16.74 -62.19
C LEU G 113 -8.87 16.00 -62.85
N PHE G 114 -9.29 16.49 -64.01
CA PHE G 114 -10.58 16.16 -64.61
C PHE G 114 -10.38 15.45 -65.95
N ASP G 115 -11.51 15.08 -66.56
CA ASP G 115 -11.54 14.42 -67.85
C ASP G 115 -12.23 15.23 -68.94
N TRP G 116 -13.23 16.05 -68.59
CA TRP G 116 -13.90 16.86 -69.59
C TRP G 116 -14.68 17.97 -68.91
N PHE G 117 -14.91 19.04 -69.67
CA PHE G 117 -15.81 20.12 -69.27
C PHE G 117 -17.21 19.81 -69.80
N ASP G 118 -18.15 19.58 -68.90
CA ASP G 118 -19.51 19.25 -69.30
C ASP G 118 -20.38 20.48 -69.54
N VAL G 119 -20.17 21.57 -68.80
CA VAL G 119 -21.02 22.75 -68.93
C VAL G 119 -20.16 23.97 -69.18
N TRP G 120 -20.62 24.84 -70.08
CA TRP G 120 -20.01 26.13 -70.35
C TRP G 120 -21.08 27.21 -70.25
N GLY G 121 -20.72 28.36 -69.68
CA GLY G 121 -21.59 29.50 -69.70
C GLY G 121 -21.55 30.18 -71.06
N PRO G 122 -22.50 31.09 -71.32
CA PRO G 122 -22.48 31.81 -72.61
C PRO G 122 -21.24 32.66 -72.80
N GLY G 123 -20.58 33.05 -71.72
CA GLY G 123 -19.36 33.83 -71.80
C GLY G 123 -19.61 35.33 -71.70
N VAL G 124 -18.57 36.04 -71.26
CA VAL G 124 -18.62 37.50 -71.16
C VAL G 124 -17.39 38.08 -71.86
N LEU G 125 -17.62 39.09 -72.68
CA LEU G 125 -16.54 39.69 -73.46
C LEU G 125 -15.85 40.79 -72.65
N VAL G 126 -14.51 40.75 -72.64
CA VAL G 126 -13.68 41.81 -72.11
C VAL G 126 -12.86 42.37 -73.26
N THR G 127 -12.82 43.69 -73.38
CA THR G 127 -12.15 44.36 -74.48
C THR G 127 -11.23 45.42 -73.89
N VAL G 128 -9.92 45.21 -74.03
CA VAL G 128 -8.91 46.13 -73.51
C VAL G 128 -8.41 46.95 -74.69
N SER G 129 -8.61 48.26 -74.62
CA SER G 129 -8.19 49.15 -75.69
C SER G 129 -7.89 50.53 -75.11
N SER G 130 -7.14 51.31 -75.87
CA SER G 130 -6.77 52.66 -75.46
C SER G 130 -7.81 53.68 -75.94
N ASP H 1 4.45 20.71 -71.18
CA ASP H 1 3.01 20.82 -71.59
C ASP H 1 2.71 19.87 -72.74
N VAL H 2 1.59 19.15 -72.62
CA VAL H 2 1.19 18.23 -73.67
C VAL H 2 0.76 19.02 -74.89
N VAL H 3 1.40 18.73 -76.03
CA VAL H 3 1.07 19.35 -77.30
C VAL H 3 0.08 18.46 -78.03
N MET H 4 -1.02 19.05 -78.49
CA MET H 4 -2.10 18.32 -79.12
C MET H 4 -2.26 18.80 -80.55
N THR H 5 -2.26 17.86 -81.50
CA THR H 5 -2.32 18.18 -82.92
C THR H 5 -3.49 17.47 -83.58
N GLN H 6 -4.28 18.23 -84.33
CA GLN H 6 -5.37 17.69 -85.13
C GLN H 6 -5.00 17.74 -86.61
N SER H 7 -5.60 16.84 -87.38
CA SER H 7 -5.39 16.84 -88.81
C SER H 7 -6.62 16.28 -89.53
N PRO H 8 -6.98 16.83 -90.70
CA PRO H 8 -6.43 18.02 -91.36
C PRO H 8 -7.02 19.29 -90.74
N LEU H 9 -6.44 20.46 -91.00
CA LEU H 9 -7.00 21.69 -90.45
C LEU H 9 -8.34 22.00 -91.10
N SER H 10 -8.54 21.59 -92.34
CA SER H 10 -9.80 21.79 -93.07
C SER H 10 -10.27 20.46 -93.64
N LEU H 11 -11.54 20.15 -93.42
CA LEU H 11 -12.18 18.95 -93.98
C LEU H 11 -13.47 19.35 -94.67
N PRO H 12 -13.41 19.76 -95.94
CA PRO H 12 -14.63 19.80 -96.75
C PRO H 12 -15.25 18.42 -96.86
N VAL H 13 -16.57 18.36 -96.72
CA VAL H 13 -17.30 17.10 -96.60
C VAL H 13 -18.56 17.18 -97.45
N THR H 14 -19.06 16.02 -97.85
CA THR H 14 -20.33 15.89 -98.55
C THR H 14 -21.34 15.18 -97.65
N PRO H 15 -22.59 15.66 -97.54
CA PRO H 15 -23.56 14.97 -96.67
C PRO H 15 -23.82 13.56 -97.13
N GLY H 16 -23.99 12.66 -96.16
CA GLY H 16 -24.28 11.27 -96.43
C GLY H 16 -23.07 10.36 -96.43
N GLN H 17 -21.83 10.92 -96.51
CA GLN H 17 -20.62 10.12 -96.57
C GLN H 17 -19.84 10.22 -95.26
N PRO H 18 -19.04 9.22 -94.89
CA PRO H 18 -18.25 9.33 -93.67
C PRO H 18 -17.16 10.37 -93.77
N ALA H 19 -16.68 10.79 -92.60
CA ALA H 19 -15.50 11.64 -92.51
C ALA H 19 -14.78 11.32 -91.20
N SER H 20 -13.50 11.68 -91.14
CA SER H 20 -12.68 11.37 -89.98
C SER H 20 -11.72 12.52 -89.67
N ILE H 21 -11.43 12.68 -88.39
CA ILE H 21 -10.45 13.65 -87.90
C ILE H 21 -9.43 12.88 -87.07
N SER H 22 -8.14 13.10 -87.35
CA SER H 22 -7.05 12.43 -86.66
C SER H 22 -6.46 13.37 -85.62
N CYS H 23 -5.92 12.79 -84.55
CA CYS H 23 -5.74 13.50 -83.30
C CYS H 23 -4.56 12.86 -82.54
N ARG H 24 -3.47 13.62 -82.35
CA ARG H 24 -2.21 13.13 -81.81
C ARG H 24 -1.81 13.90 -80.57
N SER H 25 -1.32 13.18 -79.56
CA SER H 25 -0.77 13.76 -78.35
C SER H 25 0.74 13.56 -78.31
N SER H 26 1.42 14.50 -77.64
CA SER H 26 2.85 14.35 -77.40
C SER H 26 3.15 13.38 -76.27
N GLN H 27 2.16 13.04 -75.45
CA GLN H 27 2.35 12.18 -74.30
C GLN H 27 1.13 11.28 -74.13
N SER H 28 1.29 10.24 -73.30
CA SER H 28 0.20 9.33 -72.99
C SER H 28 -0.80 9.99 -72.06
N LEU H 29 -2.07 9.62 -72.22
CA LEU H 29 -3.18 10.24 -71.49
C LEU H 29 -3.92 9.25 -70.60
N VAL H 30 -3.33 8.09 -70.34
CA VAL H 30 -3.98 7.09 -69.50
C VAL H 30 -3.82 7.47 -68.03
N HIS H 31 -4.87 7.23 -67.25
CA HIS H 31 -4.85 7.46 -65.82
C HIS H 31 -4.38 6.19 -65.10
N SER H 32 -4.24 6.29 -63.77
CA SER H 32 -3.99 5.09 -62.97
C SER H 32 -5.17 4.12 -63.05
N ASN H 33 -6.37 4.61 -63.31
CA ASN H 33 -7.54 3.76 -63.49
C ASN H 33 -7.58 3.07 -64.84
N GLY H 34 -6.71 3.45 -65.77
CA GLY H 34 -6.72 2.92 -67.11
C GLY H 34 -7.54 3.72 -68.10
N ASN H 35 -8.41 4.62 -67.61
CA ASN H 35 -9.17 5.47 -68.50
C ASN H 35 -8.26 6.55 -69.11
N THR H 36 -8.50 6.84 -70.39
CA THR H 36 -7.72 7.82 -71.12
C THR H 36 -8.49 9.12 -71.22
N SER H 37 -7.86 10.22 -70.78
CA SER H 37 -8.52 11.52 -70.75
C SER H 37 -8.36 12.22 -72.10
N LEU H 38 -9.18 11.76 -73.05
CA LEU H 38 -9.37 12.43 -74.34
C LEU H 38 -10.85 12.70 -74.51
N SER H 39 -11.17 13.88 -75.01
CA SER H 39 -12.55 14.27 -75.23
C SER H 39 -12.66 15.07 -76.51
N TRP H 40 -13.70 14.75 -77.28
CA TRP H 40 -14.02 15.44 -78.51
C TRP H 40 -15.21 16.36 -78.31
N TYR H 41 -15.03 17.62 -78.70
CA TYR H 41 -16.06 18.65 -78.59
C TYR H 41 -16.35 19.21 -79.99
N GLN H 42 -17.61 19.61 -80.18
CA GLN H 42 -18.03 20.34 -81.36
C GLN H 42 -18.39 21.77 -80.95
N GLN H 43 -18.02 22.73 -81.79
CA GLN H 43 -18.35 24.14 -81.58
C GLN H 43 -18.93 24.70 -82.86
N LYS H 44 -20.15 25.22 -82.77
CA LYS H 44 -20.79 25.92 -83.88
C LYS H 44 -20.51 27.41 -83.76
N ALA H 45 -20.68 28.11 -84.87
CA ALA H 45 -20.41 29.54 -84.89
C ALA H 45 -21.32 30.26 -83.90
N GLY H 46 -20.72 31.05 -83.00
CA GLY H 46 -21.46 31.78 -82.01
C GLY H 46 -21.94 30.97 -80.83
N HIS H 47 -21.52 29.71 -80.70
CA HIS H 47 -21.94 28.84 -79.61
C HIS H 47 -20.73 28.32 -78.85
N PRO H 48 -20.81 28.16 -77.52
CA PRO H 48 -19.71 27.54 -76.79
C PRO H 48 -19.60 26.04 -77.17
N PRO H 49 -18.41 25.47 -77.02
CA PRO H 49 -18.24 24.08 -77.48
C PRO H 49 -19.09 23.10 -76.67
N ARG H 50 -19.53 22.04 -77.34
CA ARG H 50 -20.35 21.00 -76.75
C ARG H 50 -19.60 19.67 -76.80
N LEU H 51 -19.61 18.96 -75.69
CA LEU H 51 -18.96 17.66 -75.62
C LEU H 51 -19.64 16.68 -76.56
N LEU H 52 -18.83 15.96 -77.34
CA LEU H 52 -19.29 14.84 -78.15
C LEU H 52 -18.88 13.51 -77.55
N ILE H 53 -17.60 13.36 -77.23
CA ILE H 53 -17.05 12.10 -76.74
C ILE H 53 -16.16 12.39 -75.54
N TYR H 54 -16.17 11.47 -74.59
CA TYR H 54 -15.22 11.42 -73.49
C TYR H 54 -14.76 9.98 -73.37
N GLN H 55 -13.57 9.75 -72.82
CA GLN H 55 -13.16 8.38 -72.52
C GLN H 55 -13.21 7.54 -73.79
N VAL H 56 -12.19 7.65 -74.63
CA VAL H 56 -12.27 7.86 -76.08
C VAL H 56 -13.45 7.16 -76.75
N SER H 57 -13.88 6.00 -76.26
CA SER H 57 -14.96 5.27 -76.91
C SER H 57 -16.36 5.64 -76.42
N ASN H 58 -16.48 6.39 -75.31
CA ASN H 58 -17.79 6.64 -74.71
C ASN H 58 -18.44 7.88 -75.31
N ARG H 59 -19.66 7.72 -75.82
CA ARG H 59 -20.40 8.80 -76.45
C ARG H 59 -21.27 9.51 -75.41
N TYR H 60 -21.24 10.85 -75.44
CA TYR H 60 -22.03 11.62 -74.48
C TYR H 60 -23.52 11.53 -74.81
N SER H 61 -24.34 11.66 -73.76
CA SER H 61 -25.78 11.56 -73.92
C SER H 61 -26.31 12.63 -74.87
N GLY H 62 -27.19 12.24 -75.77
CA GLY H 62 -27.77 13.13 -76.75
C GLY H 62 -26.97 13.26 -78.03
N VAL H 63 -25.71 12.81 -78.03
CA VAL H 63 -24.91 12.81 -79.26
C VAL H 63 -25.50 11.79 -80.23
N PRO H 64 -25.70 12.12 -81.51
CA PRO H 64 -26.26 11.12 -82.42
C PRO H 64 -25.29 9.97 -82.62
N ASP H 65 -25.84 8.80 -82.95
CA ASP H 65 -25.04 7.58 -83.03
C ASP H 65 -23.98 7.64 -84.12
N ARG H 66 -24.14 8.52 -85.11
CA ARG H 66 -23.18 8.62 -86.20
C ARG H 66 -21.79 9.03 -85.74
N PHE H 67 -21.66 9.66 -84.57
CA PHE H 67 -20.35 10.02 -84.03
C PHE H 67 -19.74 8.82 -83.30
N SER H 68 -18.45 8.63 -83.48
CA SER H 68 -17.73 7.57 -82.78
C SER H 68 -16.29 8.00 -82.55
N GLY H 69 -15.68 7.44 -81.50
CA GLY H 69 -14.30 7.73 -81.16
C GLY H 69 -13.47 6.47 -81.02
N THR H 70 -12.26 6.48 -81.57
CA THR H 70 -11.39 5.31 -81.52
C THR H 70 -9.96 5.77 -81.29
N GLY H 71 -9.11 4.84 -80.89
CA GLY H 71 -7.69 5.07 -80.76
C GLY H 71 -7.12 4.57 -79.45
N ALA H 72 -5.82 4.75 -79.32
CA ALA H 72 -5.10 4.33 -78.13
C ALA H 72 -3.75 5.03 -78.10
N GLY H 73 -3.09 4.97 -76.95
CA GLY H 73 -1.79 5.58 -76.78
C GLY H 73 -1.84 7.06 -77.01
N THR H 74 -1.30 7.51 -78.15
CA THR H 74 -1.38 8.90 -78.58
C THR H 74 -2.15 9.07 -79.89
N ASP H 75 -2.47 7.98 -80.59
CA ASP H 75 -3.10 8.03 -81.90
C ASP H 75 -4.60 7.83 -81.75
N PHE H 76 -5.39 8.82 -82.18
CA PHE H 76 -6.81 8.81 -81.93
C PHE H 76 -7.54 9.41 -83.12
N THR H 77 -8.84 9.10 -83.21
CA THR H 77 -9.65 9.49 -84.35
C THR H 77 -11.10 9.67 -83.91
N LEU H 78 -11.74 10.70 -84.47
CA LEU H 78 -13.19 10.86 -84.44
C LEU H 78 -13.72 10.54 -85.81
N THR H 79 -14.67 9.61 -85.88
CA THR H 79 -15.31 9.21 -87.13
C THR H 79 -16.77 9.59 -87.09
N ILE H 80 -17.20 10.36 -88.09
CA ILE H 80 -18.61 10.62 -88.33
C ILE H 80 -19.03 9.68 -89.45
N SER H 81 -20.02 8.82 -89.18
CA SER H 81 -20.36 7.76 -90.11
C SER H 81 -21.17 8.27 -91.29
N ARG H 82 -22.09 9.21 -91.03
CA ARG H 82 -22.94 9.74 -92.08
C ARG H 82 -23.10 11.21 -91.75
N VAL H 83 -22.46 12.07 -92.54
CA VAL H 83 -22.43 13.49 -92.24
C VAL H 83 -23.78 14.13 -92.54
N GLU H 84 -24.20 15.03 -91.65
CA GLU H 84 -25.39 15.85 -91.81
C GLU H 84 -25.01 17.31 -91.95
N THR H 85 -26.00 18.12 -92.29
CA THR H 85 -25.74 19.55 -92.49
C THR H 85 -25.42 20.24 -91.17
N GLU H 86 -26.06 19.83 -90.08
CA GLU H 86 -25.80 20.43 -88.78
C GLU H 86 -24.43 20.08 -88.23
N ASP H 87 -23.74 19.08 -88.80
CA ASP H 87 -22.42 18.68 -88.32
C ASP H 87 -21.33 19.68 -88.66
N VAL H 88 -21.62 20.70 -89.48
CA VAL H 88 -20.62 21.70 -89.81
C VAL H 88 -20.20 22.43 -88.54
N GLY H 89 -18.94 22.82 -88.47
CA GLY H 89 -18.42 23.54 -87.33
C GLY H 89 -16.96 23.18 -87.08
N VAL H 90 -16.47 23.55 -85.89
CA VAL H 90 -15.07 23.30 -85.54
C VAL H 90 -15.03 22.21 -84.47
N TYR H 91 -14.26 21.16 -84.74
CA TYR H 91 -14.13 20.00 -83.85
C TYR H 91 -12.78 20.08 -83.15
N TYR H 92 -12.79 19.93 -81.83
CA TYR H 92 -11.59 20.04 -81.01
C TYR H 92 -11.44 18.76 -80.20
N CYS H 93 -10.22 18.22 -80.15
CA CYS H 93 -9.90 17.17 -79.18
C CYS H 93 -8.99 17.72 -78.09
N GLY H 94 -9.42 17.53 -76.84
CA GLY H 94 -8.68 18.04 -75.70
C GLY H 94 -8.48 16.97 -74.66
N GLN H 95 -7.66 17.31 -73.67
CA GLN H 95 -7.21 16.36 -72.66
C GLN H 95 -7.23 17.00 -71.28
N GLY H 96 -7.21 16.16 -70.26
CA GLY H 96 -7.23 16.61 -68.89
C GLY H 96 -6.38 15.80 -67.93
N ALA H 97 -5.64 14.81 -68.43
CA ALA H 97 -4.81 13.99 -67.57
C ALA H 97 -3.48 14.64 -67.21
N HIS H 98 -3.12 15.76 -67.85
CA HIS H 98 -1.90 16.49 -67.52
C HIS H 98 -2.22 17.96 -67.38
N LEU H 99 -1.56 18.61 -66.42
CA LEU H 99 -1.75 20.05 -66.18
C LEU H 99 -0.67 20.83 -66.92
N PRO H 100 -1.00 21.89 -67.67
CA PRO H 100 -2.34 22.45 -67.94
C PRO H 100 -3.14 21.59 -68.92
N PRO H 101 -4.47 21.58 -68.88
CA PRO H 101 -5.22 20.87 -69.92
C PRO H 101 -4.94 21.44 -71.30
N ALA H 102 -4.87 20.56 -72.30
CA ALA H 102 -4.51 20.92 -73.65
C ALA H 102 -5.65 20.60 -74.61
N PHE H 103 -5.67 21.33 -75.72
CA PHE H 103 -6.70 21.19 -76.74
C PHE H 103 -6.03 21.13 -78.11
N GLY H 104 -6.61 20.32 -78.99
CA GLY H 104 -6.17 20.32 -80.37
C GLY H 104 -6.54 21.63 -81.04
N GLN H 105 -5.72 22.02 -82.03
CA GLN H 105 -5.92 23.30 -82.69
C GLN H 105 -7.29 23.41 -83.36
N GLY H 106 -7.91 22.27 -83.66
CA GLY H 106 -9.27 22.27 -84.17
C GLY H 106 -9.34 22.11 -85.67
N THR H 107 -10.37 21.41 -86.16
CA THR H 107 -10.60 21.25 -87.59
C THR H 107 -11.97 21.78 -87.95
N LYS H 108 -12.01 22.59 -89.01
CA LYS H 108 -13.27 23.13 -89.53
C LYS H 108 -13.84 22.14 -90.55
N VAL H 109 -15.03 21.63 -90.27
CA VAL H 109 -15.75 20.72 -91.17
C VAL H 109 -16.88 21.51 -91.81
N GLU H 110 -16.91 21.52 -93.14
CA GLU H 110 -17.82 22.32 -93.94
C GLU H 110 -18.29 21.49 -95.12
N ILE H 111 -19.42 21.90 -95.70
CA ILE H 111 -20.02 21.17 -96.80
C ILE H 111 -19.34 21.58 -98.10
N LYS H 112 -18.82 20.59 -98.84
CA LYS H 112 -18.20 20.83 -100.14
C LYS H 112 -19.24 21.41 -101.10
N GLU I 1 32.80 60.21 23.48
CA GLU I 1 33.48 60.10 24.79
C GLU I 1 32.51 59.65 25.89
N VAL I 2 32.98 58.73 26.73
CA VAL I 2 32.16 58.24 27.84
C VAL I 2 32.01 59.35 28.88
N GLN I 3 30.78 59.60 29.31
CA GLN I 3 30.48 60.70 30.22
C GLN I 3 29.32 60.31 31.11
N LEU I 4 29.42 60.66 32.40
CA LEU I 4 28.35 60.52 33.39
C LEU I 4 28.07 61.87 34.06
N VAL I 5 26.83 62.37 33.95
CA VAL I 5 26.41 63.60 34.65
C VAL I 5 25.50 63.19 35.80
N GLU I 6 25.79 63.69 37.00
CA GLU I 6 24.93 63.50 38.16
C GLU I 6 24.11 64.76 38.44
N SER I 7 22.93 64.56 39.02
CA SER I 7 22.04 65.67 39.32
C SER I 7 21.06 65.23 40.41
N GLY I 8 20.38 66.22 41.00
CA GLY I 8 19.33 65.97 41.98
C GLY I 8 19.70 66.24 43.41
N GLY I 9 20.97 66.49 43.72
CA GLY I 9 21.40 66.73 45.08
C GLY I 9 21.14 68.16 45.52
N GLY I 10 21.61 68.46 46.73
CA GLY I 10 21.46 69.78 47.32
C GLY I 10 21.19 69.67 48.79
N LEU I 11 20.57 70.71 49.34
CA LEU I 11 20.22 70.74 50.76
C LEU I 11 18.98 69.89 51.02
N ALA I 12 18.94 69.26 52.19
CA ALA I 12 17.79 68.46 52.58
C ALA I 12 17.72 68.38 54.10
N LYS I 13 16.53 68.03 54.60
CA LYS I 13 16.26 67.87 56.02
C LYS I 13 16.47 66.41 56.43
N PRO I 14 16.95 66.11 57.63
CA PRO I 14 16.93 64.71 58.10
C PRO I 14 15.51 64.19 58.13
N GLY I 15 15.34 62.93 57.73
CA GLY I 15 14.04 62.32 57.59
C GLY I 15 13.36 62.60 56.26
N GLY I 16 13.97 63.40 55.39
CA GLY I 16 13.39 63.71 54.10
C GLY I 16 13.78 62.69 53.05
N SER I 17 13.59 63.08 51.79
CA SER I 17 13.89 62.21 50.66
C SER I 17 14.32 63.06 49.48
N LEU I 18 15.08 62.44 48.58
CA LEU I 18 15.49 63.11 47.35
C LEU I 18 15.84 62.05 46.31
N ARG I 19 15.66 62.40 45.05
CA ARG I 19 15.96 61.52 43.93
C ARG I 19 17.18 62.05 43.19
N LEU I 20 18.21 61.22 43.08
CA LEU I 20 19.38 61.55 42.28
C LEU I 20 19.31 60.83 40.95
N SER I 21 19.84 61.48 39.92
CA SER I 21 19.85 60.93 38.57
C SER I 21 21.27 60.98 38.03
N CYS I 22 21.60 59.99 37.20
CA CYS I 22 22.88 59.92 36.50
C CYS I 22 22.62 59.57 35.06
N ALA I 23 22.83 60.53 34.17
CA ALA I 23 22.68 60.30 32.74
C ALA I 23 24.04 59.99 32.14
N ALA I 24 24.07 58.95 31.31
CA ALA I 24 25.31 58.40 30.76
C ALA I 24 25.31 58.52 29.24
N SER I 25 26.52 58.63 28.68
CA SER I 25 26.68 58.74 27.25
C SER I 25 28.04 58.20 26.86
N GLY I 26 28.21 57.94 25.56
CA GLY I 26 29.48 57.52 25.01
C GLY I 26 29.76 56.04 25.04
N PHE I 27 28.79 55.21 25.43
CA PHE I 27 28.99 53.77 25.47
C PHE I 27 27.62 53.11 25.50
N THR I 28 27.62 51.79 25.31
CA THR I 28 26.37 51.02 25.38
C THR I 28 25.95 50.98 26.84
N PHE I 29 24.98 51.81 27.20
CA PHE I 29 24.57 51.95 28.59
C PHE I 29 23.99 50.65 29.13
N SER I 30 23.19 49.95 28.33
CA SER I 30 22.54 48.72 28.77
C SER I 30 23.53 47.60 29.06
N SER I 31 24.77 47.73 28.63
CA SER I 31 25.73 46.63 28.66
C SER I 31 26.53 46.53 29.95
N TYR I 32 26.32 47.42 30.91
CA TYR I 32 27.20 47.51 32.07
C TYR I 32 26.40 47.69 33.35
N ALA I 33 26.98 47.24 34.45
CA ALA I 33 26.44 47.49 35.79
C ALA I 33 26.83 48.89 36.24
N MET I 34 25.84 49.65 36.73
CA MET I 34 26.06 51.01 37.19
C MET I 34 26.14 51.02 38.71
N HIS I 35 27.05 51.85 39.24
CA HIS I 35 27.31 51.91 40.67
C HIS I 35 27.12 53.33 41.18
N TRP I 36 26.62 53.43 42.41
CA TRP I 36 26.63 54.67 43.18
C TRP I 36 27.61 54.48 44.33
N VAL I 37 28.57 55.41 44.44
CA VAL I 37 29.57 55.42 45.49
C VAL I 37 29.43 56.76 46.20
N ARG I 38 29.91 56.84 47.44
CA ARG I 38 29.82 58.08 48.20
C ARG I 38 31.11 58.39 48.94
N GLN I 39 31.32 59.69 49.12
CA GLN I 39 32.45 60.18 49.89
C GLN I 39 31.96 61.40 50.64
N ALA I 40 31.86 61.34 51.94
CA ALA I 40 31.47 62.54 52.64
C ALA I 40 32.74 63.36 52.93
N PRO I 41 32.59 64.67 53.26
CA PRO I 41 33.76 65.56 53.36
C PRO I 41 34.84 65.13 54.33
N GLY I 42 36.06 64.93 53.83
CA GLY I 42 37.21 64.63 54.65
C GLY I 42 37.49 63.16 54.88
N LYS I 43 36.55 62.28 54.52
CA LYS I 43 36.71 60.84 54.65
C LYS I 43 37.03 60.22 53.30
N GLY I 44 37.32 58.93 53.31
CA GLY I 44 37.43 58.18 52.08
C GLY I 44 36.07 57.95 51.48
N LEU I 45 36.08 57.35 50.29
CA LEU I 45 34.82 57.05 49.61
C LEU I 45 34.03 56.02 50.40
N GLU I 46 32.90 55.62 49.85
CA GLU I 46 32.08 54.55 50.43
C GLU I 46 31.15 54.03 49.34
N TRP I 47 31.36 52.80 48.91
CA TRP I 47 30.45 52.19 47.95
C TRP I 47 29.06 52.10 48.55
N VAL I 48 28.07 52.55 47.78
CA VAL I 48 26.68 52.59 48.22
C VAL I 48 25.87 51.46 47.61
N SER I 49 25.78 51.41 46.29
CA SER I 49 24.89 50.46 45.65
C SER I 49 25.32 50.19 44.21
N VAL I 50 24.72 49.16 43.62
CA VAL I 50 24.93 48.82 42.22
C VAL I 50 23.62 48.26 41.67
N ILE I 51 23.35 48.56 40.41
CA ILE I 51 22.29 47.91 39.65
C ILE I 51 22.94 47.25 38.44
N SER I 52 22.64 45.97 38.25
CA SER I 52 23.20 45.24 37.13
C SER I 52 22.50 45.63 35.83
N SER I 53 23.06 45.16 34.71
CA SER I 53 22.36 45.29 33.44
C SER I 53 21.09 44.45 33.40
N HIS I 54 20.96 43.48 34.32
CA HIS I 54 19.75 42.68 34.47
C HIS I 54 18.81 43.24 35.53
N TYR I 55 19.00 44.50 35.94
CA TYR I 55 18.24 45.16 36.99
C TYR I 55 18.44 44.52 38.35
N SER I 56 19.46 43.69 38.52
CA SER I 56 19.76 43.12 39.83
C SER I 56 20.44 44.17 40.69
N THR I 57 19.88 44.42 41.88
CA THR I 57 20.27 45.54 42.72
C THR I 57 20.90 45.02 44.01
N TYR I 58 22.10 45.52 44.30
CA TYR I 58 22.80 45.22 45.55
C TYR I 58 23.13 46.55 46.23
N TYR I 59 23.20 46.52 47.56
CA TYR I 59 23.39 47.74 48.34
C TYR I 59 24.38 47.49 49.46
N ALA I 60 24.97 48.57 49.97
CA ALA I 60 25.76 48.50 51.19
C ALA I 60 24.83 48.29 52.38
N ASP I 61 25.39 47.73 53.46
CA ASP I 61 24.58 47.41 54.63
C ASP I 61 23.99 48.67 55.25
N SER I 62 24.73 49.79 55.23
CA SER I 62 24.29 51.01 55.89
C SER I 62 23.10 51.67 55.21
N VAL I 63 22.74 51.24 54.00
CA VAL I 63 21.73 51.93 53.19
C VAL I 63 20.49 51.07 52.96
N LYS I 64 20.30 50.02 53.76
CA LYS I 64 19.16 49.13 53.54
C LYS I 64 17.87 49.77 54.02
N GLY I 65 16.80 49.53 53.27
CA GLY I 65 15.48 50.01 53.63
C GLY I 65 15.21 51.47 53.33
N ARG I 66 16.21 52.21 52.85
CA ARG I 66 16.10 53.64 52.59
C ARG I 66 16.52 54.04 51.18
N PHE I 67 17.55 53.41 50.63
CA PHE I 67 18.06 53.70 49.31
C PHE I 67 17.54 52.67 48.32
N THR I 68 17.07 53.12 47.17
CA THR I 68 16.63 52.24 46.09
C THR I 68 17.26 52.71 44.79
N ILE I 69 18.06 51.86 44.18
CA ILE I 69 18.67 52.14 42.89
C ILE I 69 17.79 51.57 41.80
N SER I 70 17.60 52.35 40.74
CA SER I 70 16.81 51.94 39.58
C SER I 70 17.52 52.44 38.33
N ARG I 71 17.05 51.99 37.19
CA ARG I 71 17.70 52.31 35.93
C ARG I 71 16.69 52.27 34.81
N ASP I 72 16.87 53.16 33.82
CA ASP I 72 16.18 53.05 32.54
C ASP I 72 17.23 53.02 31.45
N ASN I 73 17.24 51.93 30.68
CA ASN I 73 18.18 51.78 29.58
C ASN I 73 17.77 52.59 28.37
N SER I 74 16.48 52.86 28.21
CA SER I 74 16.00 53.56 27.02
C SER I 74 16.55 54.99 26.95
N LYS I 75 16.47 55.72 28.06
CA LYS I 75 16.99 57.07 28.13
C LYS I 75 18.40 57.12 28.72
N ASN I 76 18.99 55.96 28.99
CA ASN I 76 20.39 55.86 29.42
C ASN I 76 20.62 56.60 30.75
N THR I 77 19.93 56.15 31.80
CA THR I 77 20.09 56.76 33.12
C THR I 77 20.01 55.72 34.22
N VAL I 78 20.71 56.00 35.33
CA VAL I 78 20.58 55.26 36.57
C VAL I 78 20.26 56.26 37.68
N SER I 79 19.19 55.99 38.43
CA SER I 79 18.72 56.88 39.47
C SER I 79 18.81 56.20 40.83
N LEU I 80 18.89 57.02 41.88
CA LEU I 80 18.94 56.57 43.26
C LEU I 80 17.93 57.38 44.05
N GLN I 81 16.83 56.75 44.45
CA GLN I 81 15.88 57.38 45.36
C GLN I 81 16.37 57.15 46.79
N VAL I 82 16.44 58.24 47.55
CA VAL I 82 16.96 58.23 48.92
C VAL I 82 15.83 58.66 49.84
N ASN I 83 15.59 57.86 50.88
CA ASN I 83 14.53 58.11 51.85
C ASN I 83 15.13 58.14 53.25
N SER I 84 14.38 58.72 54.18
CA SER I 84 14.77 58.78 55.59
C SER I 84 16.19 59.34 55.75
N LEU I 85 16.37 60.56 55.24
CA LEU I 85 17.70 61.16 55.24
C LEU I 85 18.20 61.39 56.66
N ARG I 86 19.52 61.37 56.81
CA ARG I 86 20.15 61.63 58.10
C ARG I 86 21.49 62.31 57.85
N ALA I 87 22.12 62.77 58.95
CA ALA I 87 23.24 63.70 58.83
C ALA I 87 24.42 63.08 58.07
N GLU I 88 24.79 61.84 58.40
CA GLU I 88 25.98 61.27 57.77
C GLU I 88 25.73 60.87 56.32
N ASP I 89 24.49 60.93 55.83
CA ASP I 89 24.27 60.81 54.40
C ASP I 89 24.84 61.99 53.62
N THR I 90 25.19 63.09 54.29
CA THR I 90 25.82 64.23 53.64
C THR I 90 27.13 63.79 53.00
N ALA I 91 27.21 63.90 51.67
CA ALA I 91 28.39 63.47 50.95
C ALA I 91 28.29 63.86 49.49
N VAL I 92 29.39 63.74 48.76
CA VAL I 92 29.37 63.76 47.31
C VAL I 92 29.15 62.33 46.82
N TYR I 93 28.12 62.15 46.01
CA TYR I 93 27.77 60.86 45.44
C TYR I 93 28.26 60.82 44.00
N TYR I 94 29.00 59.77 43.68
CA TYR I 94 29.63 59.57 42.38
C TYR I 94 28.94 58.41 41.66
N CYS I 95 28.52 58.68 40.43
CA CYS I 95 28.03 57.65 39.52
C CYS I 95 29.22 57.03 38.79
N ALA I 96 29.34 55.70 38.85
CA ALA I 96 30.54 55.00 38.43
C ALA I 96 30.21 53.87 37.47
N LYS I 97 30.97 53.79 36.39
CA LYS I 97 30.87 52.72 35.40
C LYS I 97 32.12 51.84 35.48
N VAL I 98 31.88 50.53 35.61
CA VAL I 98 32.94 49.55 35.53
C VAL I 98 33.52 49.52 34.12
N GLY I 99 34.84 49.44 34.04
CA GLY I 99 35.47 49.21 32.74
C GLY I 99 35.09 47.87 32.17
N ARG I 100 34.87 46.88 33.03
CA ARG I 100 34.43 45.55 32.63
C ARG I 100 33.36 45.06 33.58
N SER I 101 32.29 44.50 33.00
CA SER I 101 31.21 43.87 33.75
C SER I 101 31.32 42.36 33.52
N GLY I 102 32.12 41.70 34.36
CA GLY I 102 32.27 40.26 34.31
C GLY I 102 33.38 39.80 33.38
N TYR I 103 33.52 38.49 33.28
CA TYR I 103 34.51 37.86 32.41
C TYR I 103 33.92 36.55 31.93
N CYS I 104 34.68 35.84 31.10
CA CYS I 104 34.23 34.56 30.57
C CYS I 104 35.26 33.47 30.82
N THR I 105 34.74 32.29 31.16
CA THR I 105 35.51 31.08 31.41
C THR I 105 34.89 29.93 30.61
N ALA I 106 35.41 28.72 30.82
CA ALA I 106 34.89 27.57 30.09
C ALA I 106 33.51 27.14 30.56
N SER I 107 33.11 27.51 31.77
CA SER I 107 31.75 27.26 32.25
C SER I 107 30.75 28.34 31.82
N GLY I 108 31.19 29.38 31.13
CA GLY I 108 30.33 30.44 30.64
C GLY I 108 30.88 31.81 30.98
N CYS I 109 30.04 32.83 30.72
CA CYS I 109 30.40 34.22 30.93
C CYS I 109 29.46 34.82 31.96
N ASN I 110 30.02 35.59 32.91
CA ASN I 110 29.29 35.97 34.11
C ASN I 110 29.08 37.49 34.19
N ALA I 111 28.23 37.85 35.15
CA ALA I 111 27.63 39.16 35.34
C ALA I 111 28.41 40.06 36.32
N LEU I 112 27.68 40.99 36.96
CA LEU I 112 28.14 42.21 37.61
C LEU I 112 29.52 42.22 38.25
N LEU I 113 29.90 41.16 38.98
CA LEU I 113 31.17 41.14 39.71
C LEU I 113 32.33 41.61 38.83
N PHE I 114 32.96 42.70 39.24
CA PHE I 114 33.82 43.50 38.38
C PHE I 114 35.26 43.48 38.90
N ASP I 115 36.13 44.15 38.14
CA ASP I 115 37.54 44.29 38.48
C ASP I 115 37.96 45.73 38.74
N TRP I 116 37.34 46.72 38.10
CA TRP I 116 37.70 48.10 38.32
C TRP I 116 36.60 49.02 37.83
N PHE I 117 36.58 50.23 38.39
CA PHE I 117 35.74 51.32 37.89
C PHE I 117 36.56 52.17 36.93
N ASP I 118 36.13 52.20 35.66
CA ASP I 118 36.85 52.97 34.65
C ASP I 118 36.37 54.41 34.56
N VAL I 119 35.08 54.67 34.73
CA VAL I 119 34.53 56.02 34.54
C VAL I 119 33.86 56.46 35.83
N TRP I 120 34.12 57.71 36.23
CA TRP I 120 33.45 58.37 37.33
C TRP I 120 32.87 59.68 36.84
N GLY I 121 31.66 60.00 37.28
CA GLY I 121 31.09 61.30 37.02
C GLY I 121 31.77 62.36 37.87
N PRO I 122 31.45 63.63 37.65
CA PRO I 122 31.95 64.67 38.58
C PRO I 122 31.36 64.58 39.97
N GLY I 123 30.22 63.92 40.14
CA GLY I 123 29.62 63.75 41.45
C GLY I 123 28.72 64.91 41.82
N VAL I 124 27.74 64.61 42.68
CA VAL I 124 26.76 65.60 43.11
C VAL I 124 26.73 65.61 44.64
N LEU I 125 26.68 66.81 45.21
CA LEU I 125 26.70 66.97 46.66
C LEU I 125 25.30 66.91 47.24
N VAL I 126 25.16 66.14 48.32
CA VAL I 126 23.96 66.12 49.14
C VAL I 126 24.37 66.55 50.54
N THR I 127 23.60 67.48 51.11
CA THR I 127 23.89 68.02 52.44
C THR I 127 22.62 67.92 53.29
N VAL I 128 22.66 67.05 54.30
CA VAL I 128 21.54 66.84 55.20
C VAL I 128 21.84 67.63 56.47
N SER I 129 21.00 68.61 56.77
CA SER I 129 21.19 69.46 57.94
C SER I 129 19.85 69.97 58.42
N SER I 130 19.81 70.38 59.68
CA SER I 130 18.59 70.91 60.28
C SER I 130 18.49 72.41 60.08
N ASP J 1 33.15 40.86 55.28
CA ASP J 1 33.64 41.94 54.38
C ASP J 1 35.16 41.97 54.34
N VAL J 2 35.72 42.08 53.14
CA VAL J 2 37.17 42.16 52.99
C VAL J 2 37.64 43.49 53.56
N VAL J 3 38.61 43.43 54.47
CA VAL J 3 39.24 44.62 55.04
C VAL J 3 40.51 44.90 54.28
N MET J 4 40.67 46.14 53.84
CA MET J 4 41.81 46.56 53.03
C MET J 4 42.59 47.62 53.79
N THR J 5 43.90 47.40 53.93
CA THR J 5 44.76 48.28 54.72
C THR J 5 45.91 48.77 53.86
N GLN J 6 46.16 50.08 53.92
CA GLN J 6 47.26 50.72 53.22
C GLN J 6 48.28 51.24 54.20
N SER J 7 49.53 51.32 53.75
CA SER J 7 50.60 51.86 54.58
C SER J 7 51.69 52.46 53.69
N PRO J 8 52.33 53.57 54.12
CA PRO J 8 52.05 54.41 55.29
C PRO J 8 50.82 55.27 55.04
N LEU J 9 50.16 55.78 56.08
CA LEU J 9 49.05 56.70 55.85
C LEU J 9 49.53 58.01 55.23
N SER J 10 50.74 58.44 55.59
CA SER J 10 51.37 59.62 55.02
C SER J 10 52.70 59.22 54.40
N LEU J 11 52.93 59.65 53.16
CA LEU J 11 54.15 59.33 52.42
C LEU J 11 54.72 60.61 51.82
N PRO J 12 55.41 61.41 52.62
CA PRO J 12 56.20 62.51 52.04
C PRO J 12 57.25 61.96 51.09
N VAL J 13 57.38 62.62 49.93
CA VAL J 13 58.25 62.17 48.86
C VAL J 13 59.08 63.35 48.35
N THR J 14 60.09 63.03 47.55
CA THR J 14 60.94 64.00 46.88
C THR J 14 60.91 63.75 45.39
N PRO J 15 60.74 64.76 44.52
CA PRO J 15 60.79 64.50 43.09
C PRO J 15 62.12 63.91 42.64
N GLY J 16 62.03 62.95 41.73
CA GLY J 16 63.19 62.29 41.18
C GLY J 16 63.53 60.95 41.82
N GLN J 17 62.97 60.65 43.05
CA GLN J 17 63.31 59.43 43.76
C GLN J 17 62.14 58.45 43.77
N PRO J 18 62.37 57.14 43.89
CA PRO J 18 61.24 56.22 43.96
C PRO J 18 60.48 56.32 45.28
N ALA J 19 59.26 55.80 45.25
CA ALA J 19 58.46 55.64 46.46
C ALA J 19 57.54 54.44 46.26
N SER J 20 57.01 53.93 47.37
CA SER J 20 56.17 52.75 47.33
C SER J 20 55.04 52.86 48.33
N ILE J 21 53.91 52.24 47.99
CA ILE J 21 52.73 52.19 48.84
C ILE J 21 52.34 50.72 48.99
N SER J 22 52.18 50.27 50.24
CA SER J 22 51.95 48.87 50.57
C SER J 22 50.48 48.65 50.90
N CYS J 23 49.97 47.46 50.55
CA CYS J 23 48.54 47.17 50.57
C CYS J 23 48.31 45.72 50.95
N ARG J 24 47.46 45.51 51.96
CA ARG J 24 47.17 44.19 52.50
C ARG J 24 45.66 43.97 52.48
N SER J 25 45.26 42.77 52.07
CA SER J 25 43.87 42.32 52.14
C SER J 25 43.71 41.31 53.26
N SER J 26 42.47 41.24 53.78
CA SER J 26 42.14 40.20 54.75
C SER J 26 41.87 38.85 54.08
N GLN J 27 41.66 38.83 52.76
CA GLN J 27 41.32 37.62 52.04
C GLN J 27 41.99 37.64 50.68
N SER J 28 42.05 36.47 50.05
CA SER J 28 42.56 36.36 48.69
C SER J 28 41.56 36.99 47.71
N LEU J 29 42.11 37.52 46.60
CA LEU J 29 41.31 38.24 45.61
C LEU J 29 41.42 37.62 44.22
N VAL J 30 41.83 36.36 44.12
CA VAL J 30 41.95 35.70 42.83
C VAL J 30 40.57 35.21 42.38
N HIS J 31 40.32 35.30 41.08
CA HIS J 31 39.09 34.81 40.48
C HIS J 31 39.26 33.35 40.05
N SER J 32 38.18 32.76 39.55
CA SER J 32 38.28 31.44 38.93
C SER J 32 39.15 31.48 37.68
N ASN J 33 39.23 32.63 37.01
CA ASN J 33 40.09 32.80 35.85
C ASN J 33 41.57 32.92 36.22
N GLY J 34 41.89 33.07 37.50
CA GLY J 34 43.24 33.33 37.94
C GLY J 34 43.61 34.79 38.01
N ASN J 35 42.83 35.66 37.38
CA ASN J 35 43.06 37.10 37.48
C ASN J 35 42.70 37.57 38.88
N THR J 36 43.52 38.48 39.41
CA THR J 36 43.35 38.99 40.76
C THR J 36 42.75 40.40 40.68
N SER J 37 41.65 40.62 41.38
CA SER J 37 40.92 41.89 41.33
C SER J 37 41.45 42.85 42.39
N LEU J 38 42.62 43.41 42.10
CA LEU J 38 43.16 44.55 42.81
C LEU J 38 43.45 45.66 41.81
N SER J 39 43.09 46.88 42.19
CA SER J 39 43.28 48.04 41.34
C SER J 39 43.78 49.22 42.16
N TRP J 40 44.65 50.03 41.56
CA TRP J 40 45.21 51.22 42.16
C TRP J 40 44.66 52.45 41.46
N TYR J 41 44.14 53.39 42.26
CA TYR J 41 43.60 54.65 41.78
C TYR J 41 44.33 55.81 42.44
N GLN J 42 44.46 56.91 41.71
CA GLN J 42 44.92 58.18 42.24
C GLN J 42 43.77 59.16 42.25
N GLN J 43 43.68 59.94 43.32
CA GLN J 43 42.68 61.00 43.44
C GLN J 43 43.40 62.30 43.76
N LYS J 44 43.13 63.32 42.94
CA LYS J 44 43.62 64.67 43.16
C LYS J 44 42.55 65.48 43.90
N ALA J 45 43.00 66.55 44.56
CA ALA J 45 42.08 67.39 45.31
C ALA J 45 41.02 67.98 44.37
N GLY J 46 39.76 67.73 44.69
CA GLY J 46 38.66 68.24 43.89
C GLY J 46 38.38 67.45 42.62
N HIS J 47 38.99 66.29 42.45
CA HIS J 47 38.81 65.46 41.26
C HIS J 47 38.37 64.06 41.64
N PRO J 48 37.62 63.35 40.79
CA PRO J 48 37.29 61.97 41.08
C PRO J 48 38.54 61.08 40.99
N PRO J 49 38.55 59.94 41.69
CA PRO J 49 39.69 59.04 41.55
C PRO J 49 39.84 58.54 40.11
N ARG J 50 41.09 58.39 39.68
CA ARG J 50 41.42 57.92 38.34
C ARG J 50 42.20 56.62 38.47
N LEU J 51 41.73 55.59 37.76
CA LEU J 51 42.40 54.29 37.76
C LEU J 51 43.83 54.42 37.24
N LEU J 52 44.76 53.79 37.96
CA LEU J 52 46.14 53.64 37.52
C LEU J 52 46.44 52.21 37.09
N ILE J 53 46.17 51.26 37.96
CA ILE J 53 46.56 49.87 37.77
C ILE J 53 45.32 49.02 37.98
N TYR J 54 45.22 47.95 37.20
CA TYR J 54 44.22 46.92 37.38
C TYR J 54 44.90 45.59 37.15
N GLN J 55 44.40 44.52 37.78
CA GLN J 55 44.97 43.20 37.51
C GLN J 55 46.47 43.23 37.81
N VAL J 56 46.82 43.10 39.09
CA VAL J 56 47.81 43.94 39.79
C VAL J 56 48.94 44.48 38.94
N SER J 57 49.37 43.75 37.92
CA SER J 57 50.53 44.18 37.12
C SER J 57 50.16 45.02 35.90
N ASN J 58 48.91 45.03 35.47
CA ASN J 58 48.56 45.68 34.20
C ASN J 58 48.34 47.17 34.42
N ARG J 59 48.98 47.98 33.58
CA ARG J 59 48.90 49.43 33.65
C ARG J 59 47.79 49.94 32.75
N TYR J 60 47.00 50.89 33.25
CA TYR J 60 45.92 51.47 32.46
C TYR J 60 46.48 52.42 31.39
N SER J 61 45.73 52.56 30.30
CA SER J 61 46.18 53.37 29.17
C SER J 61 46.30 54.84 29.56
N GLY J 62 47.37 55.48 29.09
CA GLY J 62 47.65 56.86 29.40
C GLY J 62 48.37 57.08 30.71
N VAL J 63 48.45 56.05 31.55
CA VAL J 63 49.16 56.14 32.81
C VAL J 63 50.66 56.20 32.52
N PRO J 64 51.44 57.06 33.19
CA PRO J 64 52.89 57.07 32.94
C PRO J 64 53.55 55.74 33.31
N ASP J 65 54.62 55.42 32.59
CA ASP J 65 55.33 54.16 32.81
C ASP J 65 55.95 54.09 34.20
N ARG J 66 56.21 55.23 34.84
CA ARG J 66 56.82 55.25 36.16
C ARG J 66 55.95 54.58 37.24
N PHE J 67 54.64 54.43 37.00
CA PHE J 67 53.78 53.67 37.90
C PHE J 67 53.92 52.18 37.58
N SER J 68 53.98 51.36 38.63
CA SER J 68 54.00 49.92 38.45
C SER J 68 53.31 49.26 39.64
N GLY J 69 52.77 48.06 39.40
CA GLY J 69 52.10 47.30 40.43
C GLY J 69 52.64 45.89 40.56
N THR J 70 52.86 45.44 41.80
CA THR J 70 53.40 44.11 42.07
C THR J 70 52.66 43.51 43.26
N GLY J 71 52.78 42.21 43.41
CA GLY J 71 52.26 41.51 44.57
C GLY J 71 51.54 40.23 44.21
N ALA J 72 51.09 39.54 45.26
CA ALA J 72 50.35 38.29 45.10
C ALA J 72 49.67 37.98 46.42
N GLY J 73 48.75 37.01 46.37
CA GLY J 73 48.03 36.60 47.55
C GLY J 73 47.25 37.73 48.17
N THR J 74 47.72 38.24 49.30
CA THR J 74 47.13 39.39 49.96
C THR J 74 48.08 40.58 50.04
N ASP J 75 49.35 40.42 49.67
CA ASP J 75 50.38 41.44 49.84
C ASP J 75 50.68 42.07 48.49
N PHE J 76 50.52 43.39 48.39
CA PHE J 76 50.66 44.08 47.12
C PHE J 76 51.32 45.44 47.34
N THR J 77 51.90 45.97 46.27
CA THR J 77 52.66 47.21 46.33
C THR J 77 52.47 48.00 45.03
N LEU J 78 52.35 49.31 45.15
CA LEU J 78 52.41 50.24 44.02
C LEU J 78 53.71 51.01 44.14
N THR J 79 54.52 50.97 43.07
CA THR J 79 55.82 51.62 43.05
C THR J 79 55.79 52.76 42.05
N ILE J 80 56.15 53.95 42.51
CA ILE J 80 56.51 55.07 41.65
C ILE J 80 58.03 55.02 41.48
N SER J 81 58.47 54.88 40.24
CA SER J 81 59.91 54.78 40.00
C SER J 81 60.59 56.13 40.09
N ARG J 82 59.92 57.21 39.67
CA ARG J 82 60.52 58.54 39.66
C ARG J 82 59.41 59.55 39.93
N VAL J 83 59.31 59.98 41.19
CA VAL J 83 58.21 60.84 41.62
C VAL J 83 58.23 62.15 40.86
N GLU J 84 57.06 62.62 40.48
CA GLU J 84 56.87 63.92 39.87
C GLU J 84 55.97 64.79 40.75
N THR J 85 55.94 66.08 40.43
CA THR J 85 55.13 67.01 41.21
C THR J 85 53.64 66.70 41.08
N GLU J 86 53.19 66.32 39.89
CA GLU J 86 51.79 66.00 39.69
C GLU J 86 51.36 64.71 40.38
N ASP J 87 52.31 63.89 40.82
CA ASP J 87 51.99 62.61 41.45
C ASP J 87 51.45 62.75 42.87
N VAL J 88 51.51 63.95 43.45
CA VAL J 88 50.94 64.14 44.79
C VAL J 88 49.43 63.93 44.73
N GLY J 89 48.87 63.45 45.83
CA GLY J 89 47.47 63.14 45.92
C GLY J 89 47.26 61.89 46.76
N VAL J 90 46.01 61.42 46.80
CA VAL J 90 45.65 60.29 47.65
C VAL J 90 45.50 59.04 46.78
N TYR J 91 46.27 58.00 47.12
CA TYR J 91 46.29 56.75 46.36
C TYR J 91 45.54 55.67 47.13
N TYR J 92 44.63 54.96 46.42
CA TYR J 92 43.76 53.94 47.01
C TYR J 92 43.89 52.61 46.27
N CYS J 93 43.99 51.48 47.01
CA CYS J 93 43.76 50.14 46.45
C CYS J 93 42.36 49.70 46.73
N GLY J 94 41.79 49.08 45.74
CA GLY J 94 40.47 48.55 45.85
C GLY J 94 40.38 47.20 45.21
N GLN J 95 39.32 46.52 45.57
CA GLN J 95 39.06 45.17 45.13
C GLN J 95 37.61 45.08 44.69
N GLY J 96 37.35 44.07 43.85
CA GLY J 96 36.01 43.84 43.36
C GLY J 96 35.64 42.37 43.27
N ALA J 97 36.54 41.48 43.71
CA ALA J 97 36.24 40.05 43.67
C ALA J 97 35.33 39.59 44.79
N HIS J 98 35.03 40.45 45.77
CA HIS J 98 34.17 40.11 46.88
C HIS J 98 33.18 41.24 47.13
N LEU J 99 31.95 40.86 47.43
CA LEU J 99 30.84 41.77 47.68
C LEU J 99 30.70 42.03 49.17
N PRO J 100 30.58 43.29 49.64
CA PRO J 100 30.71 44.57 48.90
C PRO J 100 32.15 44.84 48.48
N PRO J 101 32.40 45.60 47.41
CA PRO J 101 33.78 45.97 47.09
C PRO J 101 34.41 46.77 48.23
N ALA J 102 35.69 46.49 48.48
CA ALA J 102 36.44 47.10 49.58
C ALA J 102 37.67 47.81 49.03
N PHE J 103 38.00 48.94 49.66
CA PHE J 103 39.09 49.78 49.23
C PHE J 103 39.96 50.15 50.43
N GLY J 104 41.25 50.33 50.16
CA GLY J 104 42.17 50.74 51.21
C GLY J 104 41.90 52.16 51.65
N GLN J 105 42.25 52.45 52.91
CA GLN J 105 41.93 53.75 53.49
C GLN J 105 42.63 54.90 52.77
N GLY J 106 43.70 54.63 52.03
CA GLY J 106 44.33 55.62 51.20
C GLY J 106 45.60 56.20 51.81
N THR J 107 46.56 56.55 50.96
CA THR J 107 47.81 57.19 51.39
C THR J 107 47.98 58.52 50.69
N LYS J 108 48.25 59.56 51.46
CA LYS J 108 48.49 60.89 50.93
C LYS J 108 49.98 61.03 50.57
N VAL J 109 50.26 61.39 49.33
CA VAL J 109 51.61 61.58 48.83
C VAL J 109 51.80 63.07 48.59
N GLU J 110 52.83 63.64 49.23
CA GLU J 110 53.09 65.07 49.21
C GLU J 110 54.59 65.31 49.11
N ILE J 111 54.99 66.43 48.54
CA ILE J 111 56.40 66.73 48.33
C ILE J 111 57.01 67.22 49.64
N LYS J 112 58.09 66.56 50.05
CA LYS J 112 58.81 66.95 51.26
C LYS J 112 59.38 68.36 51.09
#